data_1HF9
#
_entry.id   1HF9
#
_cell.length_a   1.000
_cell.length_b   1.000
_cell.length_c   1.000
_cell.angle_alpha   90.00
_cell.angle_beta   90.00
_cell.angle_gamma   90.00
#
_symmetry.space_group_name_H-M   'P 1'
#
_entity_poly.entity_id   1
_entity_poly.type   'polypeptide(L)'
_entity_poly.pdbx_seq_one_letter_code
;ALKKHHENEISHHAKEIERLQKEIERHKQSIKKLKQSEDDD
;
_entity_poly.pdbx_strand_id   A,B
#
# COMPACT_ATOMS: atom_id res chain seq x y z
N ALA A 1 -29.39 -14.17 -9.12
CA ALA A 1 -28.04 -14.19 -8.51
C ALA A 1 -27.13 -15.19 -9.22
N LEU A 2 -26.61 -14.77 -10.37
CA LEU A 2 -25.72 -15.63 -11.16
C LEU A 2 -24.34 -15.01 -11.26
N LYS A 3 -24.28 -13.76 -11.70
CA LYS A 3 -23.01 -13.06 -11.85
C LYS A 3 -23.02 -11.75 -11.04
N LYS A 4 -23.83 -11.72 -10.00
CA LYS A 4 -23.93 -10.53 -9.15
C LYS A 4 -22.86 -10.56 -8.06
N HIS A 5 -22.41 -11.76 -7.70
CA HIS A 5 -21.39 -11.92 -6.67
C HIS A 5 -20.08 -11.26 -7.09
N HIS A 6 -19.86 -11.20 -8.39
CA HIS A 6 -18.64 -10.59 -8.92
C HIS A 6 -18.54 -9.12 -8.52
N GLU A 7 -19.67 -8.43 -8.51
CA GLU A 7 -19.72 -7.03 -8.12
C GLU A 7 -19.31 -6.85 -6.67
N ASN A 8 -19.52 -7.90 -5.87
CA ASN A 8 -19.18 -7.87 -4.45
C ASN A 8 -17.67 -7.92 -4.27
N GLU A 9 -17.04 -8.94 -4.83
CA GLU A 9 -15.60 -9.10 -4.73
C GLU A 9 -14.88 -7.93 -5.41
N ILE A 10 -15.58 -7.29 -6.34
CA ILE A 10 -15.03 -6.16 -7.07
C ILE A 10 -14.97 -4.92 -6.17
N SER A 11 -16.07 -4.68 -5.45
CA SER A 11 -16.14 -3.53 -4.55
C SER A 11 -15.12 -3.65 -3.43
N HIS A 12 -14.82 -4.88 -3.03
CA HIS A 12 -13.85 -5.13 -1.97
C HIS A 12 -12.43 -4.83 -2.46
N HIS A 13 -12.10 -5.28 -3.68
CA HIS A 13 -10.79 -5.05 -4.24
C HIS A 13 -10.55 -3.55 -4.43
N ALA A 14 -11.65 -2.81 -4.61
CA ALA A 14 -11.57 -1.36 -4.80
C ALA A 14 -11.12 -0.68 -3.52
N LYS A 15 -11.83 -0.95 -2.44
CA LYS A 15 -11.49 -0.37 -1.15
C LYS A 15 -10.16 -0.93 -0.63
N GLU A 16 -9.69 -2.01 -1.25
CA GLU A 16 -8.45 -2.64 -0.85
C GLU A 16 -7.25 -1.96 -1.51
N ILE A 17 -7.42 -1.53 -2.77
CA ILE A 17 -6.34 -0.87 -3.48
C ILE A 17 -6.23 0.59 -3.04
N GLU A 18 -7.36 1.18 -2.67
CA GLU A 18 -7.38 2.56 -2.21
C GLU A 18 -6.96 2.63 -0.74
N ARG A 19 -7.41 1.66 0.04
CA ARG A 19 -7.06 1.62 1.46
C ARG A 19 -5.62 1.17 1.64
N LEU A 20 -5.13 0.39 0.68
CA LEU A 20 -3.77 -0.10 0.74
C LEU A 20 -2.79 1.03 0.40
N GLN A 21 -3.16 1.84 -0.59
CA GLN A 21 -2.33 2.96 -1.00
C GLN A 21 -2.18 3.96 0.14
N LYS A 22 -3.29 4.24 0.83
CA LYS A 22 -3.27 5.18 1.94
C LYS A 22 -2.39 4.66 3.08
N GLU A 23 -2.44 3.35 3.30
CA GLU A 23 -1.65 2.73 4.35
C GLU A 23 -0.15 2.86 4.08
N ILE A 24 0.23 2.72 2.81
CA ILE A 24 1.63 2.83 2.43
C ILE A 24 2.15 4.23 2.71
N GLU A 25 1.32 5.23 2.42
CA GLU A 25 1.68 6.63 2.62
C GLU A 25 2.01 6.87 4.10
N ARG A 26 1.18 6.33 4.98
CA ARG A 26 1.39 6.48 6.41
C ARG A 26 2.76 5.99 6.81
N HIS A 27 3.11 4.79 6.34
CA HIS A 27 4.42 4.20 6.63
C HIS A 27 5.52 5.03 6.00
N LYS A 28 5.18 5.75 4.94
CA LYS A 28 6.15 6.59 4.24
C LYS A 28 6.42 7.88 5.02
N GLN A 29 5.44 8.30 5.82
CA GLN A 29 5.57 9.50 6.62
C GLN A 29 6.41 9.25 7.87
N SER A 30 6.29 8.04 8.42
CA SER A 30 7.03 7.67 9.61
C SER A 30 8.49 7.39 9.27
N ILE A 31 8.72 6.81 8.09
CA ILE A 31 10.07 6.49 7.64
C ILE A 31 10.79 7.74 7.14
N LYS A 32 10.01 8.70 6.62
CA LYS A 32 10.57 9.94 6.12
C LYS A 32 10.88 10.90 7.26
N LYS A 33 10.08 10.83 8.32
CA LYS A 33 10.28 11.69 9.48
C LYS A 33 11.40 11.16 10.36
N LEU A 34 11.52 9.84 10.42
CA LEU A 34 12.55 9.21 11.23
C LEU A 34 13.91 9.27 10.53
N LYS A 35 13.87 9.30 9.19
CA LYS A 35 15.09 9.36 8.39
C LYS A 35 15.63 10.78 8.34
N GLN A 36 14.72 11.76 8.35
CA GLN A 36 15.11 13.16 8.30
C GLN A 36 15.60 13.64 9.67
N SER A 37 15.05 13.04 10.72
CA SER A 37 15.42 13.40 12.08
C SER A 37 16.78 12.79 12.44
N GLU A 38 17.12 11.70 11.78
CA GLU A 38 18.40 11.02 12.02
C GLU A 38 19.55 11.81 11.41
N ASP A 39 19.25 12.58 10.37
CA ASP A 39 20.27 13.39 9.70
C ASP A 39 20.71 14.55 10.58
N ASP A 40 19.83 14.98 11.47
CA ASP A 40 20.13 16.09 12.37
C ASP A 40 20.46 15.58 13.76
N ASP A 41 21.11 16.42 14.56
CA ASP A 41 21.49 16.06 15.92
C ASP A 41 21.92 17.28 16.72
N ALA B 1 25.25 1.66 22.53
CA ALA B 1 23.83 1.46 22.14
C ALA B 1 22.93 2.52 22.78
N LEU B 2 22.95 3.73 22.21
CA LEU B 2 22.14 4.82 22.73
C LEU B 2 21.11 5.27 21.70
N LYS B 3 21.56 5.56 20.49
CA LYS B 3 20.67 5.98 19.42
C LYS B 3 20.80 5.08 18.21
N LYS B 4 21.22 3.84 18.44
CA LYS B 4 21.40 2.87 17.36
C LYS B 4 20.07 2.15 17.06
N HIS B 5 19.21 2.07 18.07
CA HIS B 5 17.92 1.41 17.92
C HIS B 5 17.06 2.12 16.87
N HIS B 6 17.28 3.43 16.72
CA HIS B 6 16.53 4.22 15.75
C HIS B 6 16.74 3.69 14.34
N GLU B 7 17.96 3.27 14.04
CA GLU B 7 18.30 2.73 12.72
C GLU B 7 17.53 1.44 12.46
N ASN B 8 17.15 0.75 13.53
CA ASN B 8 16.42 -0.50 13.41
C ASN B 8 14.98 -0.23 12.99
N GLU B 9 14.29 0.60 13.76
CA GLU B 9 12.90 0.95 13.46
C GLU B 9 12.82 1.67 12.11
N ILE B 10 13.92 2.28 11.71
CA ILE B 10 13.98 3.01 10.45
C ILE B 10 14.02 2.03 9.27
N SER B 11 14.85 0.99 9.40
CA SER B 11 14.97 -0.01 8.35
C SER B 11 13.66 -0.76 8.15
N HIS B 12 12.90 -0.91 9.24
CA HIS B 12 11.63 -1.60 9.18
C HIS B 12 10.58 -0.75 8.44
N HIS B 13 10.54 0.53 8.75
CA HIS B 13 9.60 1.43 8.11
C HIS B 13 9.89 1.51 6.61
N ALA B 14 11.14 1.28 6.25
CA ALA B 14 11.55 1.33 4.85
C ALA B 14 10.94 0.16 4.08
N LYS B 15 11.17 -1.04 4.57
CA LYS B 15 10.63 -2.24 3.94
C LYS B 15 9.10 -2.27 4.06
N GLU B 16 8.56 -1.42 4.94
CA GLU B 16 7.12 -1.37 5.14
C GLU B 16 6.45 -0.47 4.11
N ILE B 17 7.12 0.62 3.74
CA ILE B 17 6.57 1.55 2.76
C ILE B 17 6.75 0.99 1.35
N GLU B 18 7.83 0.24 1.15
CA GLU B 18 8.10 -0.36 -0.14
C GLU B 18 7.29 -1.64 -0.32
N ARG B 19 7.16 -2.40 0.76
CA ARG B 19 6.41 -3.64 0.71
C ARG B 19 4.91 -3.34 0.68
N LEU B 20 4.53 -2.22 1.27
CA LEU B 20 3.14 -1.81 1.29
C LEU B 20 2.70 -1.34 -0.09
N GLN B 21 3.58 -0.58 -0.76
CA GLN B 21 3.28 -0.08 -2.09
C GLN B 21 3.09 -1.22 -3.07
N LYS B 22 3.95 -2.23 -2.98
CA LYS B 22 3.87 -3.39 -3.86
C LYS B 22 2.56 -4.15 -3.62
N GLU B 23 2.15 -4.23 -2.36
CA GLU B 23 0.92 -4.93 -2.00
C GLU B 23 -0.30 -4.24 -2.59
N ILE B 24 -0.28 -2.91 -2.60
CA ILE B 24 -1.41 -2.15 -3.15
C ILE B 24 -1.55 -2.41 -4.65
N GLU B 25 -0.41 -2.49 -5.34
CA GLU B 25 -0.40 -2.75 -6.77
C GLU B 25 -1.08 -4.07 -7.08
N ARG B 26 -0.76 -5.10 -6.29
CA ARG B 26 -1.36 -6.42 -6.48
C ARG B 26 -2.88 -6.33 -6.44
N HIS B 27 -3.39 -5.65 -5.41
CA HIS B 27 -4.83 -5.48 -5.26
C HIS B 27 -5.39 -4.65 -6.41
N LYS B 28 -4.54 -3.82 -7.01
CA LYS B 28 -4.95 -2.97 -8.12
C LYS B 28 -5.06 -3.77 -9.40
N GLN B 29 -4.30 -4.87 -9.48
CA GLN B 29 -4.32 -5.73 -10.66
C GLN B 29 -5.55 -6.63 -10.65
N SER B 30 -5.95 -7.06 -9.46
CA SER B 30 -7.11 -7.93 -9.33
C SER B 30 -8.41 -7.15 -9.53
N ILE B 31 -8.41 -5.90 -9.07
CA ILE B 31 -9.59 -5.04 -9.20
C ILE B 31 -9.71 -4.50 -10.62
N LYS B 32 -8.56 -4.35 -11.29
CA LYS B 32 -8.54 -3.83 -12.65
C LYS B 32 -8.91 -4.94 -13.65
N LYS B 33 -8.54 -6.17 -13.31
CA LYS B 33 -8.83 -7.32 -14.17
C LYS B 33 -10.27 -7.76 -14.01
N LEU B 34 -10.79 -7.64 -12.79
CA LEU B 34 -12.17 -8.02 -12.49
C LEU B 34 -13.15 -6.96 -12.99
N LYS B 35 -12.69 -5.71 -13.02
CA LYS B 35 -13.52 -4.61 -13.48
C LYS B 35 -13.58 -4.56 -15.00
N GLN B 36 -12.47 -4.94 -15.64
CA GLN B 36 -12.40 -4.95 -17.10
C GLN B 36 -13.13 -6.15 -17.68
N SER B 37 -13.13 -7.25 -16.92
CA SER B 37 -13.80 -8.47 -17.36
C SER B 37 -15.31 -8.34 -17.21
N GLU B 38 -15.73 -7.49 -16.28
CA GLU B 38 -17.16 -7.28 -16.03
C GLU B 38 -17.77 -6.45 -17.16
N ASP B 39 -16.96 -5.63 -17.81
CA ASP B 39 -17.43 -4.79 -18.90
C ASP B 39 -17.76 -5.63 -20.13
N ASP B 40 -17.11 -6.78 -20.26
CA ASP B 40 -17.34 -7.68 -21.38
C ASP B 40 -18.23 -8.84 -20.98
N ASP B 41 -18.82 -9.50 -21.97
CA ASP B 41 -19.69 -10.64 -21.72
C ASP B 41 -19.97 -11.41 -23.01
N ALA A 1 -27.25 -15.32 -17.26
CA ALA A 1 -26.15 -14.40 -17.67
C ALA A 1 -26.31 -13.05 -17.00
N LEU A 2 -25.98 -12.97 -15.72
CA LEU A 2 -26.08 -11.73 -14.96
C LEU A 2 -24.85 -11.51 -14.09
N LYS A 3 -24.67 -12.39 -13.11
CA LYS A 3 -23.52 -12.29 -12.20
C LYS A 3 -23.44 -10.91 -11.58
N LYS A 4 -24.51 -10.51 -10.89
CA LYS A 4 -24.55 -9.21 -10.24
C LYS A 4 -23.66 -9.19 -9.00
N HIS A 5 -23.58 -10.32 -8.32
CA HIS A 5 -22.76 -10.44 -7.12
C HIS A 5 -21.30 -10.11 -7.42
N HIS A 6 -20.88 -10.38 -8.65
CA HIS A 6 -19.51 -10.11 -9.06
C HIS A 6 -19.18 -8.62 -8.94
N GLU A 7 -20.16 -7.78 -9.25
CA GLU A 7 -19.98 -6.33 -9.17
C GLU A 7 -19.75 -5.90 -7.73
N ASN A 8 -20.26 -6.69 -6.79
CA ASN A 8 -20.11 -6.40 -5.37
C ASN A 8 -18.67 -6.66 -4.93
N GLU A 9 -18.20 -7.88 -5.15
CA GLU A 9 -16.83 -8.25 -4.78
C GLU A 9 -15.83 -7.38 -5.54
N ILE A 10 -16.26 -6.85 -6.68
CA ILE A 10 -15.41 -6.01 -7.51
C ILE A 10 -15.21 -4.64 -6.83
N SER A 11 -16.32 -4.03 -6.40
CA SER A 11 -16.27 -2.73 -5.74
C SER A 11 -15.50 -2.83 -4.43
N HIS A 12 -15.50 -4.02 -3.84
CA HIS A 12 -14.80 -4.25 -2.58
C HIS A 12 -13.28 -4.22 -2.80
N HIS A 13 -12.84 -4.89 -3.86
CA HIS A 13 -11.41 -4.93 -4.17
C HIS A 13 -10.91 -3.53 -4.50
N ALA A 14 -11.79 -2.71 -5.05
CA ALA A 14 -11.45 -1.34 -5.42
C ALA A 14 -11.12 -0.52 -4.17
N LYS A 15 -12.02 -0.56 -3.20
CA LYS A 15 -11.81 0.16 -1.95
C LYS A 15 -10.61 -0.41 -1.19
N GLU A 16 -10.26 -1.65 -1.51
CA GLU A 16 -9.13 -2.32 -0.86
C GLU A 16 -7.80 -1.82 -1.43
N ILE A 17 -7.78 -1.53 -2.72
CA ILE A 17 -6.56 -1.05 -3.37
C ILE A 17 -6.26 0.40 -2.96
N GLU A 18 -7.31 1.18 -2.78
CA GLU A 18 -7.18 2.58 -2.39
C GLU A 18 -6.81 2.69 -0.91
N ARG A 19 -7.42 1.82 -0.10
CA ARG A 19 -7.16 1.82 1.33
C ARG A 19 -5.74 1.33 1.61
N LEU A 20 -5.26 0.41 0.79
CA LEU A 20 -3.92 -0.13 0.96
C LEU A 20 -2.89 0.96 0.67
N GLN A 21 -3.11 1.70 -0.41
CA GLN A 21 -2.21 2.79 -0.80
C GLN A 21 -2.06 3.79 0.33
N LYS A 22 -3.17 4.16 0.95
CA LYS A 22 -3.15 5.12 2.05
C LYS A 22 -2.33 4.58 3.22
N GLU A 23 -2.41 3.26 3.42
CA GLU A 23 -1.66 2.62 4.51
C GLU A 23 -0.16 2.71 4.28
N ILE A 24 0.25 2.55 3.03
CA ILE A 24 1.68 2.61 2.69
C ILE A 24 2.23 4.01 3.00
N GLU A 25 1.43 5.03 2.68
CA GLU A 25 1.83 6.41 2.93
C GLU A 25 2.06 6.63 4.41
N ARG A 26 1.18 6.07 5.23
CA ARG A 26 1.30 6.21 6.68
C ARG A 26 2.66 5.70 7.14
N HIS A 27 3.07 4.56 6.61
CA HIS A 27 4.36 3.99 6.96
C HIS A 27 5.49 4.89 6.46
N LYS A 28 5.22 5.62 5.38
CA LYS A 28 6.18 6.54 4.80
C LYS A 28 6.34 7.79 5.66
N GLN A 29 5.31 8.09 6.44
CA GLN A 29 5.33 9.26 7.31
C GLN A 29 6.11 8.97 8.59
N SER A 30 6.01 7.73 9.06
CA SER A 30 6.71 7.33 10.29
C SER A 30 8.19 7.10 9.99
N ILE A 31 8.48 6.56 8.81
CA ILE A 31 9.85 6.30 8.42
C ILE A 31 10.54 7.58 7.97
N LYS A 32 9.77 8.48 7.36
CA LYS A 32 10.32 9.75 6.90
C LYS A 32 10.49 10.71 8.07
N LYS A 33 9.64 10.56 9.08
CA LYS A 33 9.71 11.42 10.26
C LYS A 33 10.90 11.02 11.13
N LEU A 34 11.18 9.72 11.19
CA LEU A 34 12.30 9.22 11.98
C LEU A 34 13.62 9.66 11.36
N LYS A 35 13.70 9.58 10.03
CA LYS A 35 14.92 9.98 9.34
C LYS A 35 15.20 11.46 9.56
N GLN A 36 14.16 12.28 9.51
CA GLN A 36 14.29 13.71 9.71
C GLN A 36 14.75 14.02 11.13
N SER A 37 14.29 13.20 12.08
CA SER A 37 14.66 13.40 13.49
C SER A 37 16.12 13.10 13.71
N GLU A 38 16.69 12.23 12.87
CA GLU A 38 18.09 11.86 12.99
C GLU A 38 18.99 13.03 12.60
N ASP A 39 18.52 13.87 11.69
CA ASP A 39 19.28 15.02 11.24
C ASP A 39 19.39 16.06 12.35
N ASP A 40 18.43 16.06 13.25
CA ASP A 40 18.41 17.00 14.37
C ASP A 40 19.30 16.52 15.51
N ASP A 41 19.22 17.21 16.64
CA ASP A 41 20.00 16.84 17.81
C ASP A 41 19.32 15.74 18.61
N ALA B 1 25.55 10.14 22.80
CA ALA B 1 24.95 10.73 21.57
C ALA B 1 25.28 9.91 20.34
N LEU B 2 24.60 8.77 20.19
CA LEU B 2 24.82 7.88 19.06
C LEU B 2 23.49 7.40 18.48
N LYS B 3 22.76 6.62 19.27
CA LYS B 3 21.48 6.09 18.84
C LYS B 3 21.60 5.35 17.52
N LYS B 4 22.47 4.34 17.49
CA LYS B 4 22.68 3.56 16.28
C LYS B 4 21.50 2.65 16.00
N HIS B 5 20.87 2.16 17.06
CA HIS B 5 19.72 1.28 16.94
C HIS B 5 18.60 1.95 16.16
N HIS B 6 18.53 3.27 16.26
CA HIS B 6 17.50 4.04 15.56
C HIS B 6 17.60 3.84 14.05
N GLU B 7 18.84 3.75 13.55
CA GLU B 7 19.07 3.56 12.13
C GLU B 7 18.53 2.21 11.67
N ASN B 8 18.46 1.26 12.61
CA ASN B 8 17.96 -0.07 12.30
C ASN B 8 16.45 -0.04 12.10
N GLU B 9 15.73 0.46 13.12
CA GLU B 9 14.28 0.56 13.04
C GLU B 9 13.87 1.47 11.88
N ILE B 10 14.77 2.36 11.49
CA ILE B 10 14.52 3.29 10.40
C ILE B 10 14.53 2.55 9.06
N SER B 11 15.57 1.74 8.84
CA SER B 11 15.69 0.99 7.61
C SER B 11 14.55 -0.02 7.48
N HIS B 12 14.01 -0.44 8.62
CA HIS B 12 12.92 -1.42 8.63
C HIS B 12 11.64 -0.76 8.14
N HIS B 13 11.36 0.46 8.61
CA HIS B 13 10.17 1.17 8.19
C HIS B 13 10.23 1.48 6.70
N ALA B 14 11.44 1.64 6.19
CA ALA B 14 11.64 1.93 4.77
C ALA B 14 11.19 0.75 3.92
N LYS B 15 11.68 -0.43 4.25
CA LYS B 15 11.32 -1.64 3.53
C LYS B 15 9.84 -1.94 3.70
N GLU B 16 9.25 -1.38 4.76
CA GLU B 16 7.83 -1.60 5.05
C GLU B 16 6.96 -0.74 4.14
N ILE B 17 7.41 0.48 3.85
CA ILE B 17 6.66 1.38 2.98
C ILE B 17 6.69 0.91 1.53
N GLU B 18 7.82 0.34 1.13
CA GLU B 18 7.98 -0.15 -0.24
C GLU B 18 7.22 -1.46 -0.42
N ARG B 19 7.24 -2.30 0.59
CA ARG B 19 6.55 -3.58 0.54
C ARG B 19 5.03 -3.37 0.57
N LEU B 20 4.60 -2.32 1.26
CA LEU B 20 3.19 -2.00 1.35
C LEU B 20 2.66 -1.51 0.00
N GLN B 21 3.47 -0.72 -0.69
CA GLN B 21 3.10 -0.19 -1.99
C GLN B 21 2.89 -1.33 -2.99
N LYS B 22 3.79 -2.31 -2.96
CA LYS B 22 3.71 -3.45 -3.86
C LYS B 22 2.44 -4.26 -3.57
N GLU B 23 2.06 -4.34 -2.30
CA GLU B 23 0.87 -5.08 -1.90
C GLU B 23 -0.39 -4.43 -2.45
N ILE B 24 -0.42 -3.10 -2.44
CA ILE B 24 -1.57 -2.36 -2.95
C ILE B 24 -1.76 -2.65 -4.45
N GLU B 25 -0.65 -2.70 -5.17
CA GLU B 25 -0.69 -2.97 -6.60
C GLU B 25 -1.30 -4.34 -6.87
N ARG B 26 -0.93 -5.31 -6.04
CA ARG B 26 -1.44 -6.67 -6.18
C ARG B 26 -2.97 -6.64 -6.13
N HIS B 27 -3.51 -5.90 -5.18
CA HIS B 27 -4.96 -5.78 -5.04
C HIS B 27 -5.55 -5.08 -6.26
N LYS B 28 -4.75 -4.23 -6.89
CA LYS B 28 -5.17 -3.49 -8.06
C LYS B 28 -5.22 -4.41 -9.28
N GLN B 29 -4.44 -5.49 -9.24
CA GLN B 29 -4.39 -6.45 -10.34
C GLN B 29 -5.58 -7.40 -10.28
N SER B 30 -6.00 -7.73 -9.07
CA SER B 30 -7.14 -8.62 -8.88
C SER B 30 -8.45 -7.90 -9.13
N ILE B 31 -8.50 -6.63 -8.74
CA ILE B 31 -9.69 -5.82 -8.93
C ILE B 31 -9.80 -5.34 -10.37
N LYS B 32 -8.66 -5.10 -10.99
CA LYS B 32 -8.62 -4.64 -12.38
C LYS B 32 -8.87 -5.81 -13.33
N LYS B 33 -8.47 -7.01 -12.90
CA LYS B 33 -8.65 -8.21 -13.70
C LYS B 33 -10.11 -8.63 -13.69
N LEU B 34 -10.76 -8.48 -12.54
CA LEU B 34 -12.17 -8.83 -12.41
C LEU B 34 -13.04 -7.89 -13.23
N LYS B 35 -12.71 -6.60 -13.19
CA LYS B 35 -13.45 -5.60 -13.94
C LYS B 35 -13.34 -5.84 -15.43
N GLN B 36 -12.17 -6.27 -15.87
CA GLN B 36 -11.93 -6.55 -17.29
C GLN B 36 -12.69 -7.80 -17.73
N SER B 37 -12.83 -8.75 -16.81
CA SER B 37 -13.53 -10.00 -17.11
C SER B 37 -15.03 -9.74 -17.28
N GLU B 38 -15.53 -8.70 -16.63
CA GLU B 38 -16.94 -8.36 -16.73
C GLU B 38 -17.29 -7.86 -18.12
N ASP B 39 -16.33 -7.23 -18.79
CA ASP B 39 -16.54 -6.72 -20.13
C ASP B 39 -16.68 -7.86 -21.14
N ASP B 40 -16.10 -9.01 -20.81
CA ASP B 40 -16.15 -10.18 -21.68
C ASP B 40 -17.46 -10.94 -21.48
N ASP B 41 -17.54 -12.13 -22.08
CA ASP B 41 -18.73 -12.96 -21.96
C ASP B 41 -18.69 -13.79 -20.68
N ALA A 1 -27.18 -19.88 -9.62
CA ALA A 1 -25.72 -19.59 -9.63
C ALA A 1 -25.47 -18.10 -9.89
N LEU A 2 -26.15 -17.25 -9.12
CA LEU A 2 -26.00 -15.81 -9.27
C LEU A 2 -24.53 -15.41 -9.13
N LYS A 3 -24.12 -14.42 -9.93
CA LYS A 3 -22.74 -13.95 -9.89
C LYS A 3 -22.62 -12.71 -9.01
N LYS A 4 -23.51 -12.60 -8.03
CA LYS A 4 -23.51 -11.46 -7.11
C LYS A 4 -22.25 -11.46 -6.24
N HIS A 5 -21.75 -12.66 -5.94
CA HIS A 5 -20.55 -12.81 -5.13
C HIS A 5 -19.36 -12.11 -5.77
N HIS A 6 -19.35 -12.08 -7.10
CA HIS A 6 -18.27 -11.44 -7.84
C HIS A 6 -18.26 -9.93 -7.59
N GLU A 7 -19.38 -9.29 -7.87
CA GLU A 7 -19.49 -7.85 -7.66
C GLU A 7 -19.05 -7.46 -6.26
N ASN A 8 -19.15 -8.41 -5.33
CA ASN A 8 -18.74 -8.17 -3.95
C ASN A 8 -17.24 -8.05 -3.85
N GLU A 9 -16.53 -9.10 -4.26
CA GLU A 9 -15.08 -9.11 -4.23
C GLU A 9 -14.53 -7.93 -5.03
N ILE A 10 -15.34 -7.41 -5.95
CA ILE A 10 -14.94 -6.29 -6.79
C ILE A 10 -14.87 -5.00 -5.96
N SER A 11 -15.94 -4.70 -5.23
CA SER A 11 -15.99 -3.50 -4.41
C SER A 11 -14.93 -3.55 -3.30
N HIS A 12 -14.56 -4.76 -2.90
CA HIS A 12 -13.56 -4.93 -1.85
C HIS A 12 -12.17 -4.64 -2.39
N HIS A 13 -11.86 -5.13 -3.60
CA HIS A 13 -10.56 -4.90 -4.21
C HIS A 13 -10.38 -3.41 -4.51
N ALA A 14 -11.50 -2.71 -4.69
CA ALA A 14 -11.46 -1.28 -4.99
C ALA A 14 -11.02 -0.50 -3.76
N LYS A 15 -11.72 -0.72 -2.65
CA LYS A 15 -11.40 -0.05 -1.41
C LYS A 15 -10.07 -0.56 -0.84
N GLU A 16 -9.61 -1.69 -1.37
CA GLU A 16 -8.35 -2.29 -0.92
C GLU A 16 -7.17 -1.67 -1.65
N ILE A 17 -7.36 -1.32 -2.91
CA ILE A 17 -6.30 -0.71 -3.70
C ILE A 17 -6.14 0.76 -3.33
N GLU A 18 -7.25 1.42 -3.02
CA GLU A 18 -7.22 2.82 -2.63
C GLU A 18 -6.79 2.96 -1.17
N ARG A 19 -7.26 2.04 -0.34
CA ARG A 19 -6.92 2.06 1.07
C ARG A 19 -5.48 1.59 1.28
N LEU A 20 -5.00 0.77 0.35
CA LEU A 20 -3.63 0.26 0.42
C LEU A 20 -2.65 1.36 0.07
N GLN A 21 -2.99 2.14 -0.96
CA GLN A 21 -2.14 3.24 -1.40
C GLN A 21 -1.97 4.27 -0.29
N LYS A 22 -3.08 4.61 0.37
CA LYS A 22 -3.05 5.58 1.45
C LYS A 22 -2.23 5.07 2.62
N GLU A 23 -2.30 3.76 2.86
CA GLU A 23 -1.55 3.13 3.95
C GLU A 23 -0.05 3.21 3.70
N ILE A 24 0.35 3.08 2.44
CA ILE A 24 1.77 3.13 2.08
C ILE A 24 2.32 4.53 2.35
N GLU A 25 1.53 5.55 2.01
CA GLU A 25 1.93 6.94 2.22
C GLU A 25 2.20 7.20 3.69
N ARG A 26 1.32 6.70 4.55
CA ARG A 26 1.48 6.87 5.99
C ARG A 26 2.84 6.34 6.44
N HIS A 27 3.16 5.12 6.01
CA HIS A 27 4.44 4.51 6.37
C HIS A 27 5.60 5.31 5.79
N LYS A 28 5.33 6.05 4.71
CA LYS A 28 6.34 6.87 4.06
C LYS A 28 6.63 8.13 4.88
N GLN A 29 5.61 8.60 5.58
CA GLN A 29 5.75 9.81 6.40
C GLN A 29 6.53 9.50 7.67
N SER A 30 6.34 8.30 8.20
CA SER A 30 7.03 7.88 9.42
C SER A 30 8.49 7.56 9.14
N ILE A 31 8.75 6.91 8.00
CA ILE A 31 10.10 6.56 7.62
C ILE A 31 10.87 7.78 7.13
N LYS A 32 10.13 8.77 6.62
CA LYS A 32 10.74 10.00 6.13
C LYS A 32 11.11 10.92 7.29
N LYS A 33 10.26 10.93 8.31
CA LYS A 33 10.50 11.78 9.48
C LYS A 33 11.55 11.14 10.39
N LEU A 34 11.64 9.83 10.35
CA LEU A 34 12.59 9.10 11.18
C LEU A 34 13.98 9.13 10.55
N LYS A 35 14.03 9.19 9.22
CA LYS A 35 15.29 9.24 8.50
C LYS A 35 15.90 10.63 8.56
N GLN A 36 15.04 11.65 8.52
CA GLN A 36 15.49 13.03 8.58
C GLN A 36 15.86 13.43 10.00
N SER A 37 15.19 12.81 10.97
CA SER A 37 15.44 13.09 12.38
C SER A 37 16.72 12.39 12.85
N GLU A 38 17.05 11.29 12.19
CA GLU A 38 18.24 10.53 12.53
C GLU A 38 19.50 11.26 12.06
N ASP A 39 19.37 12.02 10.99
CA ASP A 39 20.49 12.78 10.43
C ASP A 39 20.87 13.94 11.34
N ASP A 40 19.90 14.41 12.12
CA ASP A 40 20.14 15.53 13.02
C ASP A 40 20.71 15.04 14.35
N ASP A 41 20.23 13.89 14.81
CA ASP A 41 20.69 13.31 16.06
C ASP A 41 20.20 14.13 17.25
N ALA B 1 21.74 3.43 27.25
CA ALA B 1 20.51 3.83 26.51
C ALA B 1 20.80 3.98 25.02
N LEU B 2 21.42 2.96 24.44
CA LEU B 2 21.75 2.98 23.02
C LEU B 2 20.51 3.22 22.17
N LYS B 3 20.67 4.00 21.10
CA LYS B 3 19.56 4.30 20.21
C LYS B 3 19.54 3.36 19.02
N LYS B 4 20.07 2.16 19.21
CA LYS B 4 20.11 1.15 18.15
C LYS B 4 18.69 0.71 17.77
N HIS B 5 17.80 0.70 18.75
CA HIS B 5 16.42 0.29 18.53
C HIS B 5 15.75 1.18 17.47
N HIS B 6 16.16 2.44 17.43
CA HIS B 6 15.60 3.39 16.47
C HIS B 6 15.96 2.99 15.04
N GLU B 7 17.25 2.85 14.76
CA GLU B 7 17.71 2.45 13.43
C GLU B 7 16.98 1.21 12.96
N ASN B 8 16.50 0.41 13.91
CA ASN B 8 15.78 -0.81 13.57
C ASN B 8 14.41 -0.48 13.00
N GLU B 9 13.60 0.23 13.76
CA GLU B 9 12.28 0.64 13.31
C GLU B 9 12.37 1.42 12.01
N ILE B 10 13.55 1.99 11.75
CA ILE B 10 13.79 2.77 10.55
C ILE B 10 13.83 1.87 9.31
N SER B 11 14.66 0.83 9.38
CA SER B 11 14.79 -0.11 8.27
C SER B 11 13.49 -0.84 8.00
N HIS B 12 12.67 -0.97 9.04
CA HIS B 12 11.38 -1.66 8.91
C HIS B 12 10.38 -0.76 8.18
N HIS B 13 10.34 0.52 8.53
CA HIS B 13 9.43 1.46 7.89
C HIS B 13 9.79 1.63 6.42
N ALA B 14 11.06 1.39 6.11
CA ALA B 14 11.54 1.52 4.73
C ALA B 14 10.99 0.39 3.88
N LYS B 15 11.21 -0.84 4.32
CA LYS B 15 10.72 -2.01 3.60
C LYS B 15 9.19 -2.08 3.68
N GLU B 16 8.61 -1.33 4.60
CA GLU B 16 7.17 -1.32 4.78
C GLU B 16 6.51 -0.35 3.80
N ILE B 17 7.17 0.76 3.51
CA ILE B 17 6.65 1.75 2.58
C ILE B 17 6.81 1.27 1.15
N GLU B 18 7.91 0.59 0.88
CA GLU B 18 8.18 0.06 -0.45
C GLU B 18 7.37 -1.21 -0.70
N ARG B 19 7.27 -2.03 0.33
CA ARG B 19 6.51 -3.28 0.24
C ARG B 19 5.02 -2.99 0.23
N LEU B 20 4.63 -1.89 0.84
CA LEU B 20 3.22 -1.50 0.90
C LEU B 20 2.77 -1.00 -0.46
N GLN B 21 3.63 -0.21 -1.11
CA GLN B 21 3.31 0.33 -2.42
C GLN B 21 3.12 -0.80 -3.44
N LYS B 22 4.02 -1.78 -3.40
CA LYS B 22 3.94 -2.91 -4.32
C LYS B 22 2.68 -3.72 -4.07
N GLU B 23 2.28 -3.81 -2.80
CA GLU B 23 1.08 -4.55 -2.43
C GLU B 23 -0.17 -3.89 -2.97
N ILE B 24 -0.18 -2.56 -2.99
CA ILE B 24 -1.33 -1.82 -3.49
C ILE B 24 -1.51 -2.07 -4.99
N GLU B 25 -0.39 -2.09 -5.72
CA GLU B 25 -0.41 -2.33 -7.15
C GLU B 25 -1.04 -3.67 -7.46
N ARG B 26 -0.66 -4.69 -6.70
CA ARG B 26 -1.20 -6.03 -6.88
C ARG B 26 -2.73 -6.00 -6.81
N HIS B 27 -3.24 -5.36 -5.75
CA HIS B 27 -4.69 -5.26 -5.57
C HIS B 27 -5.32 -4.46 -6.71
N LYS B 28 -4.52 -3.60 -7.34
CA LYS B 28 -4.99 -2.78 -8.44
C LYS B 28 -5.14 -3.61 -9.71
N GLN B 29 -4.29 -4.63 -9.84
CA GLN B 29 -4.33 -5.51 -11.00
C GLN B 29 -5.52 -6.45 -10.94
N SER B 30 -5.87 -6.87 -9.73
CA SER B 30 -6.99 -7.78 -9.53
C SER B 30 -8.31 -7.04 -9.70
N ILE B 31 -8.39 -5.82 -9.17
CA ILE B 31 -9.59 -5.01 -9.27
C ILE B 31 -9.77 -4.47 -10.68
N LYS B 32 -8.66 -4.31 -11.40
CA LYS B 32 -8.69 -3.80 -12.76
C LYS B 32 -9.11 -4.90 -13.74
N LYS B 33 -8.67 -6.12 -13.47
CA LYS B 33 -9.01 -7.25 -14.32
C LYS B 33 -10.42 -7.75 -14.03
N LEU B 34 -10.88 -7.54 -12.81
CA LEU B 34 -12.22 -7.95 -12.40
C LEU B 34 -13.26 -6.95 -12.88
N LYS B 35 -12.87 -5.69 -12.97
CA LYS B 35 -13.77 -4.64 -13.43
C LYS B 35 -13.93 -4.67 -14.94
N GLN B 36 -12.84 -5.01 -15.63
CA GLN B 36 -12.86 -5.08 -17.09
C GLN B 36 -13.52 -6.37 -17.56
N SER B 37 -13.40 -7.42 -16.74
CA SER B 37 -13.99 -8.72 -17.07
C SER B 37 -15.49 -8.70 -16.80
N GLU B 38 -15.91 -7.86 -15.87
CA GLU B 38 -17.32 -7.75 -15.51
C GLU B 38 -18.10 -7.00 -16.60
N ASP B 39 -17.41 -6.13 -17.31
CA ASP B 39 -18.03 -5.34 -18.38
C ASP B 39 -18.32 -6.24 -19.60
N ASP B 40 -17.55 -7.31 -19.73
CA ASP B 40 -17.72 -8.23 -20.85
C ASP B 40 -18.80 -9.27 -20.54
N ASP B 41 -18.85 -9.70 -19.29
CA ASP B 41 -19.82 -10.69 -18.86
C ASP B 41 -19.52 -12.05 -19.47
N ALA A 1 -25.36 -19.38 -13.09
CA ALA A 1 -24.68 -18.73 -11.93
C ALA A 1 -25.21 -17.31 -11.72
N LEU A 2 -25.06 -16.81 -10.49
CA LEU A 2 -25.53 -15.47 -10.15
C LEU A 2 -24.38 -14.45 -10.25
N LYS A 3 -23.16 -14.92 -10.02
CA LYS A 3 -21.98 -14.07 -10.09
C LYS A 3 -22.19 -12.81 -9.24
N LYS A 4 -23.05 -12.90 -8.24
CA LYS A 4 -23.33 -11.77 -7.36
C LYS A 4 -22.18 -11.56 -6.38
N HIS A 5 -21.66 -12.65 -5.84
CA HIS A 5 -20.57 -12.57 -4.88
C HIS A 5 -19.35 -11.90 -5.50
N HIS A 6 -19.26 -11.95 -6.83
CA HIS A 6 -18.15 -11.34 -7.54
C HIS A 6 -18.15 -9.83 -7.35
N GLU A 7 -19.34 -9.23 -7.33
CA GLU A 7 -19.46 -7.79 -7.14
C GLU A 7 -18.97 -7.39 -5.76
N ASN A 8 -19.04 -8.33 -4.82
CA ASN A 8 -18.60 -8.07 -3.45
C ASN A 8 -17.08 -7.99 -3.38
N GLU A 9 -16.41 -9.03 -3.85
CA GLU A 9 -14.96 -9.07 -3.86
C GLU A 9 -14.40 -7.96 -4.74
N ILE A 10 -15.20 -7.51 -5.69
CA ILE A 10 -14.81 -6.45 -6.61
C ILE A 10 -14.77 -5.10 -5.88
N SER A 11 -15.83 -4.83 -5.11
CA SER A 11 -15.92 -3.59 -4.36
C SER A 11 -14.85 -3.54 -3.26
N HIS A 12 -14.42 -4.71 -2.82
CA HIS A 12 -13.40 -4.79 -1.77
C HIS A 12 -12.01 -4.51 -2.36
N HIS A 13 -11.74 -5.04 -3.55
CA HIS A 13 -10.46 -4.81 -4.19
C HIS A 13 -10.30 -3.35 -4.56
N ALA A 14 -11.42 -2.68 -4.80
CA ALA A 14 -11.42 -1.27 -5.15
C ALA A 14 -11.01 -0.43 -3.95
N LYS A 15 -11.75 -0.57 -2.86
CA LYS A 15 -11.45 0.17 -1.64
C LYS A 15 -10.15 -0.35 -1.01
N GLU A 16 -9.68 -1.50 -1.49
CA GLU A 16 -8.45 -2.10 -0.96
C GLU A 16 -7.24 -1.53 -1.69
N ILE A 17 -7.40 -1.19 -2.96
CA ILE A 17 -6.30 -0.63 -3.74
C ILE A 17 -6.08 0.84 -3.39
N GLU A 18 -7.18 1.54 -3.15
CA GLU A 18 -7.12 2.96 -2.79
C GLU A 18 -6.70 3.10 -1.33
N ARG A 19 -7.20 2.21 -0.48
CA ARG A 19 -6.87 2.24 0.93
C ARG A 19 -5.45 1.77 1.17
N LEU A 20 -4.96 0.89 0.29
CA LEU A 20 -3.61 0.37 0.41
C LEU A 20 -2.60 1.46 0.04
N GLN A 21 -2.95 2.24 -0.98
CA GLN A 21 -2.08 3.32 -1.44
C GLN A 21 -1.90 4.36 -0.33
N LYS A 22 -3.00 4.75 0.28
CA LYS A 22 -2.95 5.73 1.37
C LYS A 22 -2.15 5.19 2.54
N GLU A 23 -2.24 3.89 2.76
CA GLU A 23 -1.52 3.24 3.86
C GLU A 23 -0.01 3.29 3.63
N ILE A 24 0.40 3.16 2.38
CA ILE A 24 1.82 3.20 2.03
C ILE A 24 2.39 4.59 2.33
N GLU A 25 1.62 5.61 1.99
CA GLU A 25 2.04 6.99 2.22
C GLU A 25 2.29 7.23 3.70
N ARG A 26 1.40 6.71 4.54
CA ARG A 26 1.54 6.86 5.98
C ARG A 26 2.89 6.34 6.44
N HIS A 27 3.20 5.11 6.03
CA HIS A 27 4.46 4.50 6.38
C HIS A 27 5.63 5.30 5.82
N LYS A 28 5.35 6.04 4.74
CA LYS A 28 6.37 6.87 4.10
C LYS A 28 6.66 8.11 4.95
N GLN A 29 5.65 8.57 5.68
CA GLN A 29 5.79 9.75 6.52
C GLN A 29 6.57 9.41 7.79
N SER A 30 6.41 8.17 8.26
CA SER A 30 7.10 7.72 9.47
C SER A 30 8.57 7.42 9.18
N ILE A 31 8.82 6.82 8.01
CA ILE A 31 10.18 6.48 7.61
C ILE A 31 10.94 7.72 7.17
N LYS A 32 10.21 8.70 6.64
CA LYS A 32 10.81 9.95 6.17
C LYS A 32 11.09 10.88 7.35
N LYS A 33 10.23 10.85 8.35
CA LYS A 33 10.39 11.69 9.54
C LYS A 33 11.44 11.10 10.47
N LEU A 34 11.56 9.78 10.45
CA LEU A 34 12.53 9.09 11.30
C LEU A 34 13.92 9.18 10.72
N LYS A 35 13.99 9.22 9.39
CA LYS A 35 15.27 9.31 8.70
C LYS A 35 15.84 10.72 8.80
N GLN A 36 14.95 11.71 8.74
CA GLN A 36 15.35 13.11 8.82
C GLN A 36 15.76 13.46 10.25
N SER A 37 15.09 12.85 11.21
CA SER A 37 15.37 13.09 12.62
C SER A 37 16.74 12.51 12.99
N GLU A 38 17.13 11.46 12.31
CA GLU A 38 18.42 10.81 12.57
C GLU A 38 19.57 11.74 12.19
N ASP A 39 19.31 12.63 11.25
CA ASP A 39 20.33 13.58 10.79
C ASP A 39 20.69 14.56 11.91
N ASP A 40 19.75 14.77 12.82
CA ASP A 40 19.96 15.69 13.94
C ASP A 40 19.96 17.14 13.46
N ASP A 41 19.59 18.05 14.36
CA ASP A 41 19.53 19.47 14.03
C ASP A 41 20.77 20.19 14.55
N ALA B 1 21.32 7.19 26.13
CA ALA B 1 20.54 6.22 25.33
C ALA B 1 21.36 5.70 24.16
N LEU B 2 20.99 4.53 23.65
CA LEU B 2 21.69 3.92 22.53
C LEU B 2 20.99 4.24 21.21
N LYS B 3 19.68 4.42 21.27
CA LYS B 3 18.90 4.74 20.09
C LYS B 3 19.17 3.74 18.98
N LYS B 4 19.62 2.54 19.35
CA LYS B 4 19.92 1.50 18.38
C LYS B 4 18.65 0.87 17.82
N HIS B 5 17.69 0.62 18.71
CA HIS B 5 16.42 0.03 18.32
C HIS B 5 15.71 0.91 17.28
N HIS B 6 16.03 2.20 17.28
CA HIS B 6 15.44 3.13 16.34
C HIS B 6 15.81 2.78 14.91
N GLU B 7 17.05 2.34 14.72
CA GLU B 7 17.53 1.97 13.39
C GLU B 7 16.78 0.75 12.88
N ASN B 8 16.25 -0.06 13.80
CA ASN B 8 15.51 -1.25 13.44
C ASN B 8 14.14 -0.88 12.88
N GLU B 9 13.37 -0.12 13.67
CA GLU B 9 12.05 0.32 13.25
C GLU B 9 12.15 1.19 12.01
N ILE B 10 13.31 1.81 11.82
CA ILE B 10 13.55 2.67 10.66
C ILE B 10 13.68 1.83 9.40
N SER B 11 14.49 0.77 9.46
CA SER B 11 14.69 -0.11 8.33
C SER B 11 13.41 -0.83 7.96
N HIS B 12 12.52 -0.99 8.94
CA HIS B 12 11.26 -1.68 8.73
C HIS B 12 10.26 -0.76 8.02
N HIS B 13 10.23 0.52 8.41
CA HIS B 13 9.33 1.47 7.79
C HIS B 13 9.74 1.71 6.34
N ALA B 14 11.03 1.53 6.06
CA ALA B 14 11.54 1.72 4.71
C ALA B 14 11.06 0.60 3.80
N LYS B 15 11.34 -0.63 4.19
CA LYS B 15 10.92 -1.79 3.42
C LYS B 15 9.40 -1.96 3.50
N GLU B 16 8.78 -1.25 4.44
CA GLU B 16 7.33 -1.32 4.62
C GLU B 16 6.61 -0.35 3.70
N ILE B 17 7.26 0.77 3.40
CA ILE B 17 6.67 1.77 2.51
C ILE B 17 6.80 1.33 1.06
N GLU B 18 7.93 0.71 0.73
CA GLU B 18 8.16 0.23 -0.63
C GLU B 18 7.38 -1.05 -0.87
N ARG B 19 7.30 -1.90 0.15
CA ARG B 19 6.57 -3.15 0.04
C ARG B 19 5.07 -2.91 0.04
N LEU B 20 4.64 -1.84 0.72
CA LEU B 20 3.23 -1.49 0.78
C LEU B 20 2.76 -0.97 -0.57
N GLN B 21 3.62 -0.18 -1.22
CA GLN B 21 3.30 0.38 -2.52
C GLN B 21 3.08 -0.73 -3.55
N LYS B 22 4.01 -1.69 -3.58
CA LYS B 22 3.92 -2.81 -4.50
C LYS B 22 2.67 -3.63 -4.22
N GLU B 23 2.30 -3.72 -2.95
CA GLU B 23 1.12 -4.48 -2.54
C GLU B 23 -0.16 -3.82 -3.07
N ILE B 24 -0.18 -2.49 -3.10
CA ILE B 24 -1.35 -1.76 -3.58
C ILE B 24 -1.55 -2.03 -5.07
N GLU B 25 -0.44 -2.05 -5.80
CA GLU B 25 -0.48 -2.30 -7.25
C GLU B 25 -1.10 -3.66 -7.53
N ARG B 26 -0.71 -4.66 -6.74
CA ARG B 26 -1.24 -6.01 -6.90
C ARG B 26 -2.76 -5.99 -6.82
N HIS B 27 -3.28 -5.36 -5.76
CA HIS B 27 -4.72 -5.26 -5.58
C HIS B 27 -5.35 -4.47 -6.71
N LYS B 28 -4.56 -3.62 -7.35
CA LYS B 28 -5.03 -2.81 -8.46
C LYS B 28 -5.18 -3.66 -9.71
N GLN B 29 -4.37 -4.70 -9.83
CA GLN B 29 -4.42 -5.59 -10.97
C GLN B 29 -5.61 -6.54 -10.87
N SER B 30 -5.96 -6.90 -9.64
CA SER B 30 -7.10 -7.79 -9.41
C SER B 30 -8.43 -7.06 -9.58
N ILE B 31 -8.47 -5.80 -9.13
CA ILE B 31 -9.67 -4.99 -9.23
C ILE B 31 -9.85 -4.48 -10.66
N LYS B 32 -8.74 -4.31 -11.36
CA LYS B 32 -8.79 -3.82 -12.75
C LYS B 32 -9.14 -4.96 -13.70
N LYS B 33 -8.68 -6.17 -13.37
CA LYS B 33 -8.95 -7.33 -14.21
C LYS B 33 -10.36 -7.86 -13.96
N LEU B 34 -10.85 -7.66 -12.74
CA LEU B 34 -12.19 -8.10 -12.38
C LEU B 34 -13.24 -7.14 -12.91
N LYS B 35 -12.87 -5.86 -13.00
CA LYS B 35 -13.79 -4.85 -13.50
C LYS B 35 -13.91 -4.93 -15.01
N GLN B 36 -12.80 -5.25 -15.68
CA GLN B 36 -12.79 -5.37 -17.13
C GLN B 36 -13.49 -6.65 -17.56
N SER B 37 -13.37 -7.69 -16.75
CA SER B 37 -14.00 -8.96 -17.05
C SER B 37 -15.52 -8.86 -16.94
N GLU B 38 -15.97 -7.98 -16.05
CA GLU B 38 -17.40 -7.78 -15.84
C GLU B 38 -18.05 -7.18 -17.09
N ASP B 39 -17.26 -6.45 -17.88
CA ASP B 39 -17.76 -5.84 -19.10
C ASP B 39 -18.14 -6.90 -20.13
N ASP B 40 -17.52 -8.07 -20.02
CA ASP B 40 -17.80 -9.17 -20.94
C ASP B 40 -17.22 -8.88 -22.32
N ASP B 41 -16.88 -9.93 -23.05
CA ASP B 41 -16.32 -9.79 -24.39
C ASP B 41 -17.40 -10.01 -25.46
N ALA A 1 -28.16 -14.80 -7.55
CA ALA A 1 -27.82 -14.65 -8.98
C ALA A 1 -26.69 -15.59 -9.38
N LEU A 2 -26.04 -15.30 -10.51
CA LEU A 2 -24.94 -16.12 -11.00
C LEU A 2 -23.66 -15.29 -11.12
N LYS A 3 -23.80 -14.08 -11.62
CA LYS A 3 -22.66 -13.19 -11.80
C LYS A 3 -22.81 -11.94 -10.94
N LYS A 4 -23.55 -12.06 -9.84
CA LYS A 4 -23.76 -10.94 -8.94
C LYS A 4 -22.67 -10.88 -7.86
N HIS A 5 -22.22 -12.05 -7.42
CA HIS A 5 -21.19 -12.13 -6.40
C HIS A 5 -19.92 -11.43 -6.86
N HIS A 6 -19.74 -11.35 -8.18
CA HIS A 6 -18.57 -10.70 -8.75
C HIS A 6 -18.51 -9.23 -8.35
N GLU A 7 -19.67 -8.58 -8.33
CA GLU A 7 -19.75 -7.18 -7.96
C GLU A 7 -19.30 -6.97 -6.52
N ASN A 8 -19.44 -8.01 -5.71
CA ASN A 8 -19.05 -7.95 -4.31
C ASN A 8 -17.53 -7.95 -4.18
N GLU A 9 -16.90 -8.98 -4.74
CA GLU A 9 -15.44 -9.09 -4.70
C GLU A 9 -14.80 -7.92 -5.44
N ILE A 10 -15.57 -7.28 -6.32
CA ILE A 10 -15.08 -6.15 -7.09
C ILE A 10 -15.01 -4.90 -6.21
N SER A 11 -16.08 -4.65 -5.45
CA SER A 11 -16.14 -3.49 -4.57
C SER A 11 -15.14 -3.64 -3.43
N HIS A 12 -14.80 -4.88 -3.10
CA HIS A 12 -13.86 -5.15 -2.02
C HIS A 12 -12.42 -4.86 -2.48
N HIS A 13 -12.08 -5.33 -3.68
CA HIS A 13 -10.74 -5.10 -4.22
C HIS A 13 -10.51 -3.61 -4.41
N ALA A 14 -11.58 -2.88 -4.71
CA ALA A 14 -11.50 -1.44 -4.91
C ALA A 14 -11.10 -0.74 -3.62
N LYS A 15 -11.85 -0.99 -2.56
CA LYS A 15 -11.57 -0.42 -1.25
C LYS A 15 -10.25 -0.95 -0.69
N GLU A 16 -9.78 -2.07 -1.27
CA GLU A 16 -8.54 -2.69 -0.81
C GLU A 16 -7.33 -2.01 -1.43
N ILE A 17 -7.47 -1.52 -2.67
CA ILE A 17 -6.37 -0.85 -3.35
C ILE A 17 -6.24 0.59 -2.85
N GLU A 18 -7.37 1.20 -2.52
CA GLU A 18 -7.38 2.57 -2.01
C GLU A 18 -6.98 2.60 -0.56
N ARG A 19 -7.41 1.58 0.20
CA ARG A 19 -7.09 1.51 1.61
C ARG A 19 -5.64 1.09 1.81
N LEU A 20 -5.13 0.24 0.91
CA LEU A 20 -3.76 -0.21 1.00
C LEU A 20 -2.81 0.92 0.62
N GLN A 21 -3.22 1.75 -0.33
CA GLN A 21 -2.41 2.87 -0.78
C GLN A 21 -2.23 3.87 0.36
N LYS A 22 -3.32 4.18 1.05
CA LYS A 22 -3.28 5.12 2.17
C LYS A 22 -2.38 4.59 3.28
N GLU A 23 -2.43 3.27 3.50
CA GLU A 23 -1.63 2.64 4.53
C GLU A 23 -0.14 2.79 4.24
N ILE A 24 0.23 2.63 2.97
CA ILE A 24 1.63 2.75 2.58
C ILE A 24 2.15 4.17 2.86
N GLU A 25 1.28 5.15 2.61
CA GLU A 25 1.63 6.54 2.84
C GLU A 25 1.99 6.77 4.30
N ARG A 26 1.19 6.21 5.19
CA ARG A 26 1.44 6.34 6.63
C ARG A 26 2.85 5.87 6.96
N HIS A 27 3.20 4.68 6.48
CA HIS A 27 4.52 4.11 6.71
C HIS A 27 5.59 4.99 6.07
N LYS A 28 5.19 5.72 5.03
CA LYS A 28 6.11 6.61 4.33
C LYS A 28 6.38 7.87 5.14
N GLN A 29 5.42 8.23 5.98
CA GLN A 29 5.54 9.42 6.82
C GLN A 29 6.46 9.14 8.01
N SER A 30 6.41 7.92 8.51
CA SER A 30 7.23 7.52 9.65
C SER A 30 8.68 7.30 9.22
N ILE A 31 8.86 6.70 8.05
CA ILE A 31 10.18 6.43 7.52
C ILE A 31 10.80 7.69 6.93
N LYS A 32 9.95 8.60 6.48
CA LYS A 32 10.40 9.86 5.90
C LYS A 32 10.72 10.88 6.99
N LYS A 33 10.03 10.76 8.12
CA LYS A 33 10.23 11.66 9.24
C LYS A 33 11.45 11.23 10.06
N LEU A 34 11.67 9.92 10.13
CA LEU A 34 12.79 9.38 10.88
C LEU A 34 14.07 9.49 10.08
N LYS A 35 13.95 9.41 8.76
CA LYS A 35 15.10 9.51 7.87
C LYS A 35 15.50 10.97 7.66
N GLN A 36 14.53 11.86 7.71
CA GLN A 36 14.78 13.28 7.53
C GLN A 36 15.29 13.90 8.82
N SER A 37 14.89 13.34 9.95
CA SER A 37 15.31 13.83 11.26
C SER A 37 16.71 13.34 11.60
N GLU A 38 17.07 12.19 11.06
CA GLU A 38 18.39 11.61 11.30
C GLU A 38 19.45 12.30 10.47
N ASP A 39 19.04 12.86 9.34
CA ASP A 39 19.97 13.57 8.44
C ASP A 39 20.28 14.97 8.97
N ASP A 40 19.35 15.51 9.76
CA ASP A 40 19.53 16.84 10.32
C ASP A 40 19.63 17.90 9.24
N ASP A 41 18.55 18.07 8.49
CA ASP A 41 18.51 19.05 7.40
C ASP A 41 19.71 18.87 6.47
N ALA B 1 23.47 0.57 22.75
CA ALA B 1 23.66 2.02 22.48
C ALA B 1 22.49 2.84 23.01
N LEU B 2 22.36 4.06 22.51
CA LEU B 2 21.28 4.94 22.94
C LEU B 2 20.40 5.35 21.76
N LYS B 3 21.05 5.64 20.63
CA LYS B 3 20.33 6.04 19.42
C LYS B 3 20.56 5.04 18.29
N LYS B 4 20.84 3.78 18.67
CA LYS B 4 21.08 2.74 17.68
C LYS B 4 19.77 2.04 17.31
N HIS B 5 18.88 1.88 18.28
CA HIS B 5 17.60 1.23 18.06
C HIS B 5 16.80 1.97 16.98
N HIS B 6 17.08 3.26 16.83
CA HIS B 6 16.39 4.07 15.83
C HIS B 6 16.65 3.55 14.43
N GLU B 7 17.87 3.10 14.18
CA GLU B 7 18.24 2.57 12.88
C GLU B 7 17.44 1.31 12.57
N ASN B 8 17.01 0.62 13.62
CA ASN B 8 16.22 -0.60 13.45
C ASN B 8 14.82 -0.27 12.98
N GLU B 9 14.12 0.56 13.74
CA GLU B 9 12.76 0.97 13.39
C GLU B 9 12.77 1.72 12.06
N ILE B 10 13.91 2.26 11.68
CA ILE B 10 14.05 3.00 10.44
C ILE B 10 14.08 2.04 9.25
N SER B 11 14.87 0.98 9.37
CA SER B 11 14.99 -0.01 8.31
C SER B 11 13.68 -0.78 8.15
N HIS B 12 12.91 -0.86 9.23
CA HIS B 12 11.65 -1.57 9.21
C HIS B 12 10.58 -0.74 8.47
N HIS B 13 10.51 0.55 8.78
CA HIS B 13 9.55 1.43 8.13
C HIS B 13 9.84 1.50 6.64
N ALA B 14 11.11 1.35 6.28
CA ALA B 14 11.52 1.40 4.88
C ALA B 14 10.94 0.22 4.12
N LYS B 15 11.22 -0.98 4.61
CA LYS B 15 10.71 -2.20 3.99
C LYS B 15 9.19 -2.26 4.12
N GLU B 16 8.63 -1.45 5.01
CA GLU B 16 7.18 -1.43 5.23
C GLU B 16 6.49 -0.56 4.19
N ILE B 17 7.15 0.51 3.76
CA ILE B 17 6.57 1.40 2.76
C ILE B 17 6.71 0.80 1.36
N GLU B 18 7.81 0.08 1.14
CA GLU B 18 8.06 -0.55 -0.14
C GLU B 18 7.24 -1.84 -0.27
N ARG B 19 7.09 -2.55 0.84
CA ARG B 19 6.32 -3.79 0.84
C ARG B 19 4.84 -3.50 0.78
N LEU B 20 4.42 -2.40 1.40
CA LEU B 20 3.01 -2.02 1.40
C LEU B 20 2.61 -1.52 0.02
N GLN B 21 3.53 -0.82 -0.64
CA GLN B 21 3.27 -0.31 -1.98
C GLN B 21 3.04 -1.45 -2.97
N LYS B 22 3.89 -2.46 -2.90
CA LYS B 22 3.77 -3.62 -3.79
C LYS B 22 2.46 -4.34 -3.54
N GLU B 23 2.05 -4.41 -2.28
CA GLU B 23 0.82 -5.08 -1.90
C GLU B 23 -0.40 -4.38 -2.52
N ILE B 24 -0.38 -3.05 -2.51
CA ILE B 24 -1.48 -2.28 -3.08
C ILE B 24 -1.61 -2.56 -4.57
N GLU B 25 -0.46 -2.70 -5.24
CA GLU B 25 -0.44 -2.98 -6.67
C GLU B 25 -1.17 -4.28 -6.97
N ARG B 26 -0.90 -5.31 -6.17
CA ARG B 26 -1.55 -6.60 -6.34
C ARG B 26 -3.06 -6.45 -6.33
N HIS B 27 -3.56 -5.74 -5.32
CA HIS B 27 -4.99 -5.51 -5.20
C HIS B 27 -5.50 -4.69 -6.38
N LYS B 28 -4.60 -3.90 -6.97
CA LYS B 28 -4.95 -3.06 -8.12
C LYS B 28 -5.07 -3.91 -9.38
N GLN B 29 -4.38 -5.04 -9.40
CA GLN B 29 -4.40 -5.93 -10.55
C GLN B 29 -5.69 -6.75 -10.55
N SER B 30 -6.16 -7.10 -9.36
CA SER B 30 -7.39 -7.88 -9.23
C SER B 30 -8.62 -7.01 -9.49
N ILE B 31 -8.59 -5.79 -8.98
CA ILE B 31 -9.70 -4.86 -9.15
C ILE B 31 -9.69 -4.27 -10.57
N LYS B 32 -8.52 -4.20 -11.16
CA LYS B 32 -8.37 -3.65 -12.52
C LYS B 32 -8.69 -4.72 -13.56
N LYS B 33 -8.45 -5.98 -13.21
CA LYS B 33 -8.73 -7.08 -14.11
C LYS B 33 -10.20 -7.47 -14.07
N LEU B 34 -10.81 -7.32 -12.91
CA LEU B 34 -12.23 -7.64 -12.73
C LEU B 34 -13.10 -6.50 -13.26
N LYS B 35 -12.59 -5.27 -13.16
CA LYS B 35 -13.33 -4.11 -13.62
C LYS B 35 -13.20 -3.97 -15.14
N GLN B 36 -12.07 -4.40 -15.68
CA GLN B 36 -11.83 -4.32 -17.11
C GLN B 36 -12.52 -5.46 -17.84
N SER B 37 -12.68 -6.59 -17.15
CA SER B 37 -13.32 -7.76 -17.73
C SER B 37 -14.84 -7.62 -17.70
N GLU B 38 -15.34 -6.86 -16.72
CA GLU B 38 -16.77 -6.64 -16.58
C GLU B 38 -17.27 -5.61 -17.59
N ASP B 39 -16.36 -4.73 -18.02
CA ASP B 39 -16.70 -3.69 -18.99
C ASP B 39 -16.75 -4.26 -20.40
N ASP B 40 -16.01 -5.35 -20.62
CA ASP B 40 -15.95 -5.98 -21.93
C ASP B 40 -15.39 -5.04 -22.99
N ASP B 41 -14.13 -4.68 -22.82
CA ASP B 41 -13.46 -3.77 -23.76
C ASP B 41 -14.30 -2.52 -23.99
N ALA A 1 -28.98 -14.12 -10.88
CA ALA A 1 -27.57 -13.71 -11.04
C ALA A 1 -26.63 -14.59 -10.23
N LEU A 2 -26.02 -15.56 -10.90
CA LEU A 2 -25.10 -16.48 -10.23
C LEU A 2 -23.73 -15.83 -10.04
N LYS A 3 -23.41 -14.87 -10.91
CA LYS A 3 -22.13 -14.18 -10.83
C LYS A 3 -22.26 -12.87 -10.04
N LYS A 4 -23.25 -12.83 -9.15
CA LYS A 4 -23.48 -11.65 -8.32
C LYS A 4 -22.36 -11.47 -7.30
N HIS A 5 -21.89 -12.58 -6.75
CA HIS A 5 -20.83 -12.55 -5.75
C HIS A 5 -19.61 -11.81 -6.28
N HIS A 6 -19.42 -11.84 -7.60
CA HIS A 6 -18.30 -11.17 -8.24
C HIS A 6 -18.31 -9.67 -7.93
N GLU A 7 -19.49 -9.07 -8.03
CA GLU A 7 -19.63 -7.64 -7.77
C GLU A 7 -19.16 -7.31 -6.35
N ASN A 8 -19.25 -8.30 -5.46
CA ASN A 8 -18.84 -8.12 -4.07
C ASN A 8 -17.33 -8.03 -3.98
N GLU A 9 -16.65 -9.08 -4.44
CA GLU A 9 -15.20 -9.10 -4.44
C GLU A 9 -14.64 -7.91 -5.20
N ILE A 10 -15.46 -7.34 -6.09
CA ILE A 10 -15.06 -6.19 -6.88
C ILE A 10 -14.94 -4.94 -6.00
N SER A 11 -16.00 -4.65 -5.25
CA SER A 11 -16.03 -3.49 -4.38
C SER A 11 -14.97 -3.60 -3.28
N HIS A 12 -14.57 -4.84 -2.97
CA HIS A 12 -13.58 -5.08 -1.95
C HIS A 12 -12.18 -4.76 -2.48
N HIS A 13 -11.88 -5.21 -3.69
CA HIS A 13 -10.58 -4.94 -4.29
C HIS A 13 -10.40 -3.44 -4.52
N ALA A 14 -11.52 -2.74 -4.68
CA ALA A 14 -11.49 -1.31 -4.91
C ALA A 14 -11.06 -0.58 -3.65
N LYS A 15 -11.77 -0.83 -2.56
CA LYS A 15 -11.44 -0.22 -1.28
C LYS A 15 -10.10 -0.75 -0.75
N GLU A 16 -9.63 -1.85 -1.33
CA GLU A 16 -8.37 -2.45 -0.92
C GLU A 16 -7.19 -1.78 -1.61
N ILE A 17 -7.38 -1.37 -2.86
CA ILE A 17 -6.31 -0.71 -3.61
C ILE A 17 -6.19 0.74 -3.17
N GLU A 18 -7.31 1.36 -2.83
CA GLU A 18 -7.32 2.74 -2.39
C GLU A 18 -6.89 2.83 -0.92
N ARG A 19 -7.35 1.87 -0.12
CA ARG A 19 -7.01 1.83 1.30
C ARG A 19 -5.56 1.39 1.48
N LEU A 20 -5.07 0.58 0.55
CA LEU A 20 -3.70 0.09 0.61
C LEU A 20 -2.73 1.22 0.26
N GLN A 21 -3.10 2.03 -0.72
CA GLN A 21 -2.28 3.15 -1.14
C GLN A 21 -2.10 4.15 0.00
N LYS A 22 -3.20 4.46 0.68
CA LYS A 22 -3.15 5.41 1.80
C LYS A 22 -2.28 4.86 2.93
N GLU A 23 -2.35 3.55 3.13
CA GLU A 23 -1.59 2.89 4.18
C GLU A 23 -0.08 3.00 3.91
N ILE A 24 0.30 2.89 2.65
CA ILE A 24 1.70 2.98 2.27
C ILE A 24 2.24 4.37 2.56
N GLU A 25 1.42 5.38 2.28
CA GLU A 25 1.79 6.78 2.50
C GLU A 25 2.13 7.00 3.98
N ARG A 26 1.31 6.45 4.86
CA ARG A 26 1.52 6.59 6.29
C ARG A 26 2.89 6.06 6.67
N HIS A 27 3.20 4.85 6.22
CA HIS A 27 4.49 4.24 6.49
C HIS A 27 5.61 5.06 5.88
N LYS A 28 5.30 5.81 4.83
CA LYS A 28 6.28 6.65 4.15
C LYS A 28 6.54 7.92 4.94
N GLN A 29 5.56 8.34 5.74
CA GLN A 29 5.69 9.54 6.55
C GLN A 29 6.56 9.28 7.77
N SER A 30 6.44 8.08 8.34
CA SER A 30 7.22 7.71 9.51
C SER A 30 8.68 7.45 9.12
N ILE A 31 8.89 6.80 7.98
CA ILE A 31 10.23 6.49 7.51
C ILE A 31 10.93 7.75 7.01
N LYS A 32 10.14 8.72 6.55
CA LYS A 32 10.70 9.97 6.04
C LYS A 32 11.07 10.91 7.18
N LYS A 33 10.27 10.90 8.24
CA LYS A 33 10.53 11.74 9.40
C LYS A 33 11.64 11.16 10.26
N LEU A 34 11.79 9.84 10.21
CA LEU A 34 12.82 9.15 10.98
C LEU A 34 14.18 9.27 10.29
N LYS A 35 14.16 9.28 8.96
CA LYS A 35 15.39 9.39 8.19
C LYS A 35 15.92 10.82 8.23
N GLN A 36 15.01 11.79 8.26
CA GLN A 36 15.40 13.19 8.31
C GLN A 36 15.85 13.59 9.71
N SER A 37 15.24 12.96 10.72
CA SER A 37 15.58 13.25 12.10
C SER A 37 16.90 12.59 12.48
N GLU A 38 17.23 11.49 11.81
CA GLU A 38 18.46 10.77 12.08
C GLU A 38 19.66 11.51 11.51
N ASP A 39 19.41 12.30 10.47
CA ASP A 39 20.47 13.07 9.82
C ASP A 39 20.93 14.22 10.73
N ASP A 40 20.02 14.71 11.57
CA ASP A 40 20.33 15.80 12.47
C ASP A 40 20.48 15.29 13.91
N ASP A 41 20.41 16.20 14.87
CA ASP A 41 20.53 15.85 16.27
C ASP A 41 19.81 16.86 17.16
N ALA B 1 25.44 3.44 22.33
CA ALA B 1 24.34 3.97 21.49
C ALA B 1 22.98 3.57 22.04
N LEU B 2 22.35 4.50 22.77
CA LEU B 2 21.04 4.23 23.35
C LEU B 2 19.94 4.38 22.31
N LYS B 3 20.19 5.19 21.29
CA LYS B 3 19.22 5.41 20.23
C LYS B 3 19.48 4.48 19.05
N LYS B 4 20.09 3.33 19.33
CA LYS B 4 20.39 2.36 18.29
C LYS B 4 19.12 1.68 17.79
N HIS B 5 18.19 1.43 18.71
CA HIS B 5 16.93 0.78 18.36
C HIS B 5 16.22 1.56 17.27
N HIS B 6 16.45 2.87 17.22
CA HIS B 6 15.83 3.73 16.23
C HIS B 6 16.18 3.27 14.81
N GLU B 7 17.45 2.95 14.60
CA GLU B 7 17.91 2.49 13.29
C GLU B 7 17.16 1.25 12.86
N ASN B 8 16.66 0.49 13.84
CA ASN B 8 15.91 -0.73 13.55
C ASN B 8 14.54 -0.37 12.99
N GLU B 9 13.76 0.37 13.77
CA GLU B 9 12.45 0.79 13.34
C GLU B 9 12.53 1.55 12.01
N ILE B 10 13.72 2.08 11.72
CA ILE B 10 13.95 2.82 10.50
C ILE B 10 13.93 1.89 9.28
N SER B 11 14.75 0.83 9.35
CA SER B 11 14.82 -0.14 8.27
C SER B 11 13.49 -0.85 8.07
N HIS B 12 12.67 -0.89 9.12
CA HIS B 12 11.38 -1.54 9.05
C HIS B 12 10.37 -0.66 8.30
N HIS B 13 10.36 0.63 8.61
CA HIS B 13 9.44 1.55 7.94
C HIS B 13 9.79 1.65 6.46
N ALA B 14 11.06 1.40 6.14
CA ALA B 14 11.53 1.47 4.76
C ALA B 14 10.96 0.30 3.95
N LYS B 15 11.19 -0.91 4.45
CA LYS B 15 10.67 -2.10 3.78
C LYS B 15 9.15 -2.16 3.87
N GLU B 16 8.58 -1.35 4.76
CA GLU B 16 7.13 -1.31 4.94
C GLU B 16 6.48 -0.38 3.92
N ILE B 17 7.16 0.70 3.57
CA ILE B 17 6.62 1.65 2.60
C ILE B 17 6.79 1.11 1.18
N GLU B 18 7.89 0.39 0.96
CA GLU B 18 8.16 -0.19 -0.34
C GLU B 18 7.33 -1.46 -0.54
N ARG B 19 7.21 -2.24 0.53
CA ARG B 19 6.44 -3.49 0.48
C ARG B 19 4.95 -3.18 0.45
N LEU B 20 4.57 -2.06 1.05
CA LEU B 20 3.17 -1.66 1.07
C LEU B 20 2.74 -1.17 -0.30
N GLN B 21 3.63 -0.45 -0.98
CA GLN B 21 3.33 0.07 -2.30
C GLN B 21 3.11 -1.07 -3.29
N LYS B 22 3.98 -2.07 -3.23
CA LYS B 22 3.87 -3.23 -4.11
C LYS B 22 2.57 -3.99 -3.85
N GLU B 23 2.19 -4.06 -2.58
CA GLU B 23 0.97 -4.75 -2.19
C GLU B 23 -0.26 -4.08 -2.77
N ILE B 24 -0.26 -2.75 -2.79
CA ILE B 24 -1.39 -1.99 -3.33
C ILE B 24 -1.54 -2.27 -4.82
N GLU B 25 -0.42 -2.35 -5.52
CA GLU B 25 -0.42 -2.63 -6.95
C GLU B 25 -1.12 -3.94 -7.25
N ARG B 26 -0.80 -4.97 -6.46
CA ARG B 26 -1.40 -6.28 -6.63
C ARG B 26 -2.93 -6.18 -6.56
N HIS B 27 -3.42 -5.52 -5.52
CA HIS B 27 -4.86 -5.33 -5.33
C HIS B 27 -5.44 -4.51 -6.48
N LYS B 28 -4.59 -3.70 -7.11
CA LYS B 28 -5.02 -2.86 -8.22
C LYS B 28 -5.13 -3.69 -9.50
N GLN B 29 -4.37 -4.77 -9.57
CA GLN B 29 -4.39 -5.64 -10.74
C GLN B 29 -5.63 -6.51 -10.74
N SER B 30 -6.06 -6.95 -9.56
CA SER B 30 -7.24 -7.79 -9.43
C SER B 30 -8.51 -6.98 -9.66
N ILE B 31 -8.52 -5.76 -9.12
CA ILE B 31 -9.67 -4.87 -9.26
C ILE B 31 -9.79 -4.33 -10.68
N LYS B 32 -8.66 -4.23 -11.36
CA LYS B 32 -8.62 -3.74 -12.73
C LYS B 32 -9.05 -4.81 -13.71
N LYS B 33 -8.67 -6.05 -13.43
CA LYS B 33 -9.01 -7.17 -14.30
C LYS B 33 -10.46 -7.61 -14.07
N LEU B 34 -10.96 -7.36 -12.88
CA LEU B 34 -12.33 -7.71 -12.53
C LEU B 34 -13.31 -6.68 -13.08
N LYS B 35 -12.87 -5.42 -13.12
CA LYS B 35 -13.71 -4.34 -13.62
C LYS B 35 -13.79 -4.38 -15.13
N GLN B 36 -12.70 -4.79 -15.77
CA GLN B 36 -12.65 -4.87 -17.22
C GLN B 36 -13.37 -6.12 -17.72
N SER B 37 -13.33 -7.18 -16.91
CA SER B 37 -13.98 -8.44 -17.27
C SER B 37 -15.49 -8.33 -17.06
N GLU B 38 -15.89 -7.48 -16.12
CA GLU B 38 -17.31 -7.29 -15.83
C GLU B 38 -17.99 -6.48 -16.92
N ASP B 39 -17.20 -5.64 -17.61
CA ASP B 39 -17.73 -4.82 -18.68
C ASP B 39 -18.09 -5.67 -19.90
N ASP B 40 -17.39 -6.78 -20.06
CA ASP B 40 -17.64 -7.69 -21.18
C ASP B 40 -18.36 -8.94 -20.72
N ASP B 41 -18.33 -9.98 -21.55
CA ASP B 41 -19.00 -11.24 -21.23
C ASP B 41 -18.32 -12.40 -21.95
N ALA A 1 -23.07 -19.57 -1.89
CA ALA A 1 -24.49 -19.68 -2.29
C ALA A 1 -24.72 -19.10 -3.68
N LEU A 2 -24.70 -17.77 -3.77
CA LEU A 2 -24.89 -17.09 -5.04
C LEU A 2 -23.58 -16.50 -5.56
N LYS A 3 -23.61 -15.95 -6.77
CA LYS A 3 -22.42 -15.36 -7.38
C LYS A 3 -22.40 -13.85 -7.15
N LYS A 4 -23.07 -13.39 -6.09
CA LYS A 4 -23.11 -11.97 -5.77
C LYS A 4 -21.90 -11.56 -4.95
N HIS A 5 -21.39 -12.50 -4.15
CA HIS A 5 -20.23 -12.24 -3.31
C HIS A 5 -19.05 -11.73 -4.14
N HIS A 6 -19.05 -12.06 -5.43
CA HIS A 6 -17.99 -11.63 -6.33
C HIS A 6 -17.98 -10.12 -6.49
N GLU A 7 -19.11 -9.57 -6.94
CA GLU A 7 -19.23 -8.13 -7.13
C GLU A 7 -18.82 -7.38 -5.86
N ASN A 8 -18.95 -8.05 -4.72
CA ASN A 8 -18.60 -7.45 -3.44
C ASN A 8 -17.08 -7.32 -3.32
N GLU A 9 -16.39 -8.45 -3.43
CA GLU A 9 -14.93 -8.45 -3.35
C GLU A 9 -14.35 -7.51 -4.41
N ILE A 10 -15.14 -7.24 -5.46
CA ILE A 10 -14.71 -6.37 -6.53
C ILE A 10 -14.63 -4.91 -6.05
N SER A 11 -15.73 -4.42 -5.48
CA SER A 11 -15.78 -3.06 -4.98
C SER A 11 -14.81 -2.88 -3.82
N HIS A 12 -14.50 -3.97 -3.14
CA HIS A 12 -13.58 -3.92 -2.01
C HIS A 12 -12.14 -3.78 -2.50
N HIS A 13 -11.82 -4.46 -3.61
CA HIS A 13 -10.48 -4.38 -4.17
C HIS A 13 -10.21 -2.97 -4.66
N ALA A 14 -11.27 -2.30 -5.14
CA ALA A 14 -11.15 -0.94 -5.64
C ALA A 14 -10.76 0.00 -4.52
N LYS A 15 -11.57 0.02 -3.47
CA LYS A 15 -11.29 0.86 -2.31
C LYS A 15 -9.97 0.44 -1.66
N GLU A 16 -9.52 -0.76 -1.97
CA GLU A 16 -8.27 -1.29 -1.41
C GLU A 16 -7.06 -0.72 -2.17
N ILE A 17 -7.21 -0.52 -3.47
CA ILE A 17 -6.13 0.03 -4.28
C ILE A 17 -5.92 1.51 -3.98
N GLU A 18 -7.01 2.21 -3.70
CA GLU A 18 -6.94 3.63 -3.38
C GLU A 18 -6.41 3.84 -1.97
N ARG A 19 -6.93 3.05 -1.03
CA ARG A 19 -6.50 3.14 0.35
C ARG A 19 -5.07 2.63 0.51
N LEU A 20 -4.65 1.77 -0.42
CA LEU A 20 -3.31 1.22 -0.38
C LEU A 20 -2.30 2.29 -0.76
N GLN A 21 -2.62 3.06 -1.79
CA GLN A 21 -1.74 4.13 -2.25
C GLN A 21 -1.53 5.14 -1.14
N LYS A 22 -2.62 5.61 -0.54
CA LYS A 22 -2.56 6.58 0.54
C LYS A 22 -1.84 5.98 1.75
N GLU A 23 -1.88 4.66 1.86
CA GLU A 23 -1.21 3.96 2.96
C GLU A 23 0.29 3.94 2.77
N ILE A 24 0.73 3.90 1.51
CA ILE A 24 2.15 3.87 1.21
C ILE A 24 2.79 5.22 1.54
N GLU A 25 2.08 6.30 1.19
CA GLU A 25 2.56 7.65 1.46
C GLU A 25 2.67 7.88 2.97
N ARG A 26 1.66 7.44 3.70
CA ARG A 26 1.64 7.59 5.14
C ARG A 26 2.85 6.90 5.76
N HIS A 27 3.21 5.76 5.19
CA HIS A 27 4.36 5.00 5.68
C HIS A 27 5.65 5.76 5.39
N LYS A 28 5.63 6.55 4.32
CA LYS A 28 6.80 7.33 3.92
C LYS A 28 7.01 8.50 4.88
N GLN A 29 5.93 8.98 5.47
CA GLN A 29 6.00 10.09 6.42
C GLN A 29 6.50 9.62 7.78
N SER A 30 6.11 8.40 8.16
CA SER A 30 6.54 7.83 9.43
C SER A 30 7.99 7.38 9.38
N ILE A 31 8.42 6.92 8.21
CA ILE A 31 9.79 6.45 8.03
C ILE A 31 10.75 7.63 7.91
N LYS A 32 10.27 8.73 7.35
CA LYS A 32 11.07 9.92 7.17
C LYS A 32 11.23 10.67 8.50
N LYS A 33 10.16 10.67 9.30
CA LYS A 33 10.16 11.33 10.59
C LYS A 33 10.97 10.53 11.61
N LEU A 34 10.93 9.21 11.48
CA LEU A 34 11.65 8.33 12.38
C LEU A 34 13.14 8.36 12.09
N LYS A 35 13.48 8.55 10.81
CA LYS A 35 14.88 8.61 10.40
C LYS A 35 15.53 9.91 10.88
N GLN A 36 14.79 11.00 10.78
CA GLN A 36 15.29 12.30 11.21
C GLN A 36 15.31 12.40 12.73
N SER A 37 14.41 11.67 13.38
CA SER A 37 14.32 11.67 14.83
C SER A 37 15.42 10.82 15.44
N GLU A 38 15.90 9.85 14.68
CA GLU A 38 16.97 8.97 15.15
C GLU A 38 18.30 9.69 15.18
N ASP A 39 18.44 10.70 14.31
CA ASP A 39 19.68 11.46 14.23
C ASP A 39 19.85 12.34 15.47
N ASP A 40 18.74 12.71 16.08
CA ASP A 40 18.77 13.55 17.27
C ASP A 40 19.46 14.88 16.98
N ASP A 41 19.15 15.89 17.79
CA ASP A 41 19.74 17.21 17.62
C ASP A 41 19.60 17.69 16.18
N ALA B 1 15.68 -2.73 25.79
CA ALA B 1 17.06 -2.75 26.33
C ALA B 1 17.87 -1.56 25.83
N LEU B 2 18.26 -1.62 24.57
CA LEU B 2 19.04 -0.55 23.95
C LEU B 2 18.19 0.26 22.98
N LYS B 3 18.76 1.33 22.45
CA LYS B 3 18.06 2.18 21.50
C LYS B 3 18.40 1.81 20.06
N LYS B 4 18.81 0.56 19.86
CA LYS B 4 19.17 0.08 18.54
C LYS B 4 17.94 -0.40 17.78
N HIS B 5 16.95 -0.90 18.52
CA HIS B 5 15.71 -1.39 17.92
C HIS B 5 15.06 -0.31 17.05
N HIS B 6 15.38 0.95 17.33
CA HIS B 6 14.82 2.06 16.59
C HIS B 6 15.31 2.04 15.15
N GLU B 7 16.63 2.07 14.97
CA GLU B 7 17.22 2.06 13.64
C GLU B 7 16.67 0.89 12.82
N ASN B 8 16.23 -0.16 13.52
CA ASN B 8 15.69 -1.33 12.86
C ASN B 8 14.32 -1.02 12.26
N GLU B 9 13.40 -0.58 13.11
CA GLU B 9 12.06 -0.22 12.65
C GLU B 9 12.14 0.85 11.57
N ILE B 10 13.26 1.57 11.53
CA ILE B 10 13.47 2.62 10.55
C ILE B 10 13.68 2.02 9.16
N SER B 11 14.62 1.11 9.04
CA SER B 11 14.92 0.45 7.78
C SER B 11 13.73 -0.39 7.32
N HIS B 12 12.92 -0.82 8.27
CA HIS B 12 11.74 -1.63 7.96
C HIS B 12 10.64 -0.75 7.36
N HIS B 13 10.50 0.47 7.89
CA HIS B 13 9.49 1.38 7.38
C HIS B 13 9.81 1.77 5.95
N ALA B 14 11.11 1.83 5.64
CA ALA B 14 11.57 2.19 4.30
C ALA B 14 11.14 1.13 3.30
N LYS B 15 11.54 -0.11 3.56
CA LYS B 15 11.18 -1.22 2.69
C LYS B 15 9.66 -1.41 2.68
N GLU B 16 8.99 -0.84 3.68
CA GLU B 16 7.54 -0.94 3.79
C GLU B 16 6.85 0.06 2.86
N ILE B 17 7.46 1.24 2.69
CA ILE B 17 6.89 2.26 1.83
C ILE B 17 7.04 1.87 0.36
N GLU B 18 8.14 1.20 0.04
CA GLU B 18 8.41 0.77 -1.33
C GLU B 18 7.54 -0.44 -1.67
N ARG B 19 7.47 -1.40 -0.75
CA ARG B 19 6.67 -2.59 -0.94
C ARG B 19 5.18 -2.25 -0.90
N LEU B 20 4.85 -1.15 -0.24
CA LEU B 20 3.47 -0.72 -0.15
C LEU B 20 2.99 -0.18 -1.49
N GLN B 21 3.85 0.60 -2.13
CA GLN B 21 3.52 1.17 -3.44
C GLN B 21 3.27 0.05 -4.45
N LYS B 22 4.20 -0.89 -4.52
CA LYS B 22 4.07 -2.02 -5.45
C LYS B 22 2.87 -2.88 -5.08
N GLU B 23 2.48 -2.83 -3.81
CA GLU B 23 1.33 -3.60 -3.33
C GLU B 23 0.02 -2.98 -3.78
N ILE B 24 0.01 -1.65 -3.91
CA ILE B 24 -1.19 -0.95 -4.34
C ILE B 24 -1.47 -1.24 -5.82
N GLU B 25 -0.40 -1.23 -6.62
CA GLU B 25 -0.53 -1.50 -8.04
C GLU B 25 -1.02 -2.92 -8.27
N ARG B 26 -0.47 -3.87 -7.53
CA ARG B 26 -0.86 -5.27 -7.64
C ARG B 26 -2.35 -5.42 -7.35
N HIS B 27 -2.84 -4.64 -6.39
CA HIS B 27 -4.26 -4.68 -6.03
C HIS B 27 -5.11 -4.11 -7.15
N LYS B 28 -4.52 -3.19 -7.92
CA LYS B 28 -5.22 -2.56 -9.04
C LYS B 28 -5.38 -3.54 -10.18
N GLN B 29 -4.44 -4.48 -10.29
CA GLN B 29 -4.47 -5.48 -11.35
C GLN B 29 -5.49 -6.57 -11.04
N SER B 30 -5.62 -6.90 -9.76
CA SER B 30 -6.57 -7.93 -9.33
C SER B 30 -8.00 -7.40 -9.36
N ILE B 31 -8.15 -6.12 -9.07
CA ILE B 31 -9.47 -5.48 -9.07
C ILE B 31 -9.95 -5.22 -10.49
N LYS B 32 -9.01 -4.97 -11.39
CA LYS B 32 -9.34 -4.69 -12.78
C LYS B 32 -9.68 -5.99 -13.51
N LYS B 33 -8.97 -7.06 -13.16
CA LYS B 33 -9.19 -8.37 -13.77
C LYS B 33 -10.47 -9.01 -13.25
N LEU B 34 -10.77 -8.74 -11.98
CA LEU B 34 -11.97 -9.29 -11.35
C LEU B 34 -13.21 -8.58 -11.86
N LYS B 35 -13.06 -7.29 -12.17
CA LYS B 35 -14.18 -6.49 -12.67
C LYS B 35 -14.54 -6.89 -14.10
N GLN B 36 -13.52 -7.15 -14.91
CA GLN B 36 -13.72 -7.55 -16.29
C GLN B 36 -14.18 -9.00 -16.37
N SER B 37 -13.79 -9.79 -15.38
CA SER B 37 -14.16 -11.21 -15.33
C SER B 37 -15.60 -11.37 -14.86
N GLU B 38 -16.09 -10.39 -14.09
CA GLU B 38 -17.45 -10.43 -13.58
C GLU B 38 -18.46 -10.13 -14.69
N ASP B 39 -18.02 -9.39 -15.70
CA ASP B 39 -18.87 -9.04 -16.83
C ASP B 39 -19.17 -10.26 -17.69
N ASP B 40 -18.25 -11.21 -17.68
CA ASP B 40 -18.40 -12.44 -18.47
C ASP B 40 -18.54 -12.11 -19.95
N ASP B 41 -18.22 -13.09 -20.80
CA ASP B 41 -18.31 -12.90 -22.24
C ASP B 41 -17.59 -11.62 -22.68
N ALA A 1 -24.81 -20.80 -5.52
CA ALA A 1 -23.58 -19.99 -5.66
C ALA A 1 -23.64 -19.10 -6.90
N LEU A 2 -24.46 -18.06 -6.82
CA LEU A 2 -24.62 -17.13 -7.94
C LEU A 2 -23.32 -16.40 -8.23
N LYS A 3 -23.34 -15.53 -9.23
CA LYS A 3 -22.16 -14.76 -9.62
C LYS A 3 -22.16 -13.40 -8.95
N LYS A 4 -22.83 -13.29 -7.81
CA LYS A 4 -22.91 -12.04 -7.07
C LYS A 4 -21.66 -11.84 -6.22
N HIS A 5 -21.11 -12.94 -5.70
CA HIS A 5 -19.91 -12.89 -4.88
C HIS A 5 -18.81 -12.09 -5.57
N HIS A 6 -18.87 -12.03 -6.89
CA HIS A 6 -17.88 -11.29 -7.66
C HIS A 6 -17.95 -9.79 -7.35
N GLU A 7 -19.15 -9.24 -7.38
CA GLU A 7 -19.35 -7.83 -7.09
C GLU A 7 -18.78 -7.47 -5.72
N ASN A 8 -18.73 -8.45 -4.84
CA ASN A 8 -18.20 -8.25 -3.49
C ASN A 8 -16.69 -8.05 -3.54
N GLU A 9 -15.99 -9.04 -4.07
CA GLU A 9 -14.54 -8.97 -4.19
C GLU A 9 -14.14 -7.74 -5.00
N ILE A 10 -15.08 -7.22 -5.79
CA ILE A 10 -14.84 -6.06 -6.62
C ILE A 10 -14.72 -4.80 -5.75
N SER A 11 -15.71 -4.59 -4.89
CA SER A 11 -15.73 -3.43 -4.01
C SER A 11 -14.61 -3.49 -2.99
N HIS A 12 -14.10 -4.70 -2.74
CA HIS A 12 -13.02 -4.88 -1.79
C HIS A 12 -11.67 -4.53 -2.42
N HIS A 13 -11.48 -4.91 -3.68
CA HIS A 13 -10.23 -4.60 -4.38
C HIS A 13 -10.14 -3.10 -4.67
N ALA A 14 -11.30 -2.45 -4.74
CA ALA A 14 -11.34 -1.01 -5.01
C ALA A 14 -10.94 -0.23 -3.78
N LYS A 15 -11.59 -0.53 -2.65
CA LYS A 15 -11.27 0.14 -1.40
C LYS A 15 -9.94 -0.37 -0.85
N GLU A 16 -9.46 -1.48 -1.38
CA GLU A 16 -8.20 -2.05 -0.94
C GLU A 16 -7.03 -1.44 -1.71
N ILE A 17 -7.25 -1.10 -2.97
CA ILE A 17 -6.20 -0.50 -3.78
C ILE A 17 -6.03 0.97 -3.42
N GLU A 18 -7.14 1.63 -3.11
CA GLU A 18 -7.11 3.04 -2.74
C GLU A 18 -6.66 3.19 -1.30
N ARG A 19 -7.12 2.28 -0.43
CA ARG A 19 -6.76 2.31 0.97
C ARG A 19 -5.32 1.85 1.16
N LEU A 20 -4.85 1.02 0.24
CA LEU A 20 -3.48 0.52 0.30
C LEU A 20 -2.50 1.62 -0.06
N GLN A 21 -2.85 2.38 -1.10
CA GLN A 21 -2.02 3.48 -1.55
C GLN A 21 -1.84 4.52 -0.45
N LYS A 22 -2.93 4.88 0.20
CA LYS A 22 -2.89 5.86 1.29
C LYS A 22 -2.07 5.32 2.46
N GLU A 23 -2.13 4.01 2.66
CA GLU A 23 -1.41 3.37 3.75
C GLU A 23 0.10 3.43 3.51
N ILE A 24 0.50 3.33 2.24
CA ILE A 24 1.92 3.38 1.90
C ILE A 24 2.48 4.78 2.18
N GLU A 25 1.70 5.80 1.85
CA GLU A 25 2.10 7.18 2.07
C GLU A 25 2.37 7.43 3.56
N ARG A 26 1.47 6.93 4.40
CA ARG A 26 1.61 7.09 5.84
C ARG A 26 2.96 6.54 6.30
N HIS A 27 3.28 5.33 5.87
CA HIS A 27 4.54 4.69 6.23
C HIS A 27 5.71 5.46 5.62
N LYS A 28 5.44 6.20 4.55
CA LYS A 28 6.47 6.98 3.87
C LYS A 28 6.83 8.21 4.70
N GLN A 29 5.85 8.75 5.42
CA GLN A 29 6.08 9.92 6.25
C GLN A 29 6.80 9.54 7.54
N SER A 30 6.54 8.33 8.03
CA SER A 30 7.17 7.85 9.25
C SER A 30 8.62 7.46 8.99
N ILE A 31 8.88 6.92 7.80
CA ILE A 31 10.23 6.51 7.43
C ILE A 31 11.11 7.71 7.14
N LYS A 32 10.52 8.76 6.58
CA LYS A 32 11.26 9.97 6.25
C LYS A 32 11.51 10.80 7.50
N LYS A 33 10.55 10.75 8.43
CA LYS A 33 10.67 11.49 9.69
C LYS A 33 11.67 10.81 10.61
N LEU A 34 11.76 9.49 10.51
CA LEU A 34 12.68 8.73 11.34
C LEU A 34 14.12 8.98 10.90
N LYS A 35 14.33 9.01 9.59
CA LYS A 35 15.67 9.25 9.04
C LYS A 35 16.16 10.64 9.40
N GLN A 36 15.26 11.61 9.35
CA GLN A 36 15.60 12.99 9.68
C GLN A 36 15.77 13.18 11.18
N SER A 37 15.09 12.33 11.95
CA SER A 37 15.16 12.40 13.41
C SER A 37 16.44 11.75 13.93
N GLU A 38 16.98 10.81 13.14
CA GLU A 38 18.20 10.11 13.52
C GLU A 38 19.42 11.00 13.29
N ASP A 39 19.31 11.94 12.36
CA ASP A 39 20.39 12.85 12.06
C ASP A 39 20.59 13.87 13.16
N ASP A 40 19.51 14.18 13.88
CA ASP A 40 19.56 15.13 14.98
C ASP A 40 20.23 16.43 14.53
N ASP A 41 19.44 17.34 13.98
CA ASP A 41 19.95 18.62 13.50
C ASP A 41 19.09 19.77 14.02
N ALA B 1 18.05 0.33 27.44
CA ALA B 1 17.21 0.74 26.29
C ALA B 1 17.92 1.79 25.44
N LEU B 2 18.95 1.36 24.71
CA LEU B 2 19.71 2.27 23.86
C LEU B 2 18.84 2.84 22.75
N LYS B 3 19.43 3.69 21.91
CA LYS B 3 18.70 4.31 20.81
C LYS B 3 18.89 3.52 19.52
N LYS B 4 19.18 2.23 19.66
CA LYS B 4 19.38 1.36 18.50
C LYS B 4 18.05 0.89 17.94
N HIS B 5 17.07 0.70 18.81
CA HIS B 5 15.74 0.26 18.41
C HIS B 5 15.20 1.14 17.29
N HIS B 6 15.68 2.38 17.22
CA HIS B 6 15.25 3.32 16.19
C HIS B 6 15.65 2.82 14.81
N GLU B 7 16.91 2.42 14.67
CA GLU B 7 17.41 1.94 13.39
C GLU B 7 16.57 0.76 12.90
N ASN B 8 15.94 0.05 13.82
CA ASN B 8 15.11 -1.09 13.48
C ASN B 8 13.82 -0.62 12.82
N GLU B 9 13.07 0.20 13.54
CA GLU B 9 11.82 0.74 13.02
C GLU B 9 12.07 1.48 11.70
N ILE B 10 13.31 1.91 11.50
CA ILE B 10 13.69 2.62 10.30
C ILE B 10 13.68 1.68 9.08
N SER B 11 14.39 0.57 9.21
CA SER B 11 14.47 -0.41 8.13
C SER B 11 13.12 -1.04 7.85
N HIS B 12 12.23 -0.99 8.84
CA HIS B 12 10.90 -1.57 8.69
C HIS B 12 9.98 -0.61 7.92
N HIS B 13 10.09 0.68 8.20
CA HIS B 13 9.27 1.68 7.50
C HIS B 13 9.71 1.81 6.05
N ALA B 14 10.97 1.46 5.79
CA ALA B 14 11.52 1.54 4.44
C ALA B 14 11.00 0.40 3.59
N LYS B 15 11.14 -0.82 4.10
CA LYS B 15 10.66 -1.99 3.39
C LYS B 15 9.14 -2.07 3.46
N GLU B 16 8.54 -1.29 4.35
CA GLU B 16 7.10 -1.28 4.51
C GLU B 16 6.46 -0.28 3.55
N ILE B 17 7.15 0.82 3.27
CA ILE B 17 6.64 1.83 2.36
C ILE B 17 6.80 1.38 0.91
N GLU B 18 7.90 0.68 0.65
CA GLU B 18 8.17 0.17 -0.69
C GLU B 18 7.36 -1.09 -0.96
N ARG B 19 7.24 -1.93 0.07
CA ARG B 19 6.48 -3.17 -0.06
C ARG B 19 4.99 -2.88 -0.07
N LEU B 20 4.59 -1.77 0.57
CA LEU B 20 3.20 -1.38 0.61
C LEU B 20 2.76 -0.86 -0.75
N GLN B 21 3.62 -0.08 -1.38
CA GLN B 21 3.33 0.48 -2.70
C GLN B 21 3.12 -0.64 -3.71
N LYS B 22 4.02 -1.62 -3.70
CA LYS B 22 3.92 -2.74 -4.63
C LYS B 22 2.66 -3.55 -4.36
N GLU B 23 2.27 -3.61 -3.09
CA GLU B 23 1.07 -4.36 -2.70
C GLU B 23 -0.19 -3.70 -3.23
N ILE B 24 -0.17 -2.37 -3.29
CA ILE B 24 -1.33 -1.62 -3.78
C ILE B 24 -1.53 -1.88 -5.27
N GLU B 25 -0.42 -1.91 -6.01
CA GLU B 25 -0.45 -2.16 -7.44
C GLU B 25 -1.08 -3.52 -7.74
N ARG B 26 -0.68 -4.53 -6.96
CA ARG B 26 -1.21 -5.87 -7.15
C ARG B 26 -2.73 -5.85 -7.04
N HIS B 27 -3.24 -5.22 -5.98
CA HIS B 27 -4.68 -5.12 -5.77
C HIS B 27 -5.33 -4.29 -6.88
N LYS B 28 -4.52 -3.42 -7.51
CA LYS B 28 -5.01 -2.57 -8.59
C LYS B 28 -5.24 -3.38 -9.85
N GLN B 29 -4.43 -4.41 -10.05
CA GLN B 29 -4.55 -5.27 -11.22
C GLN B 29 -5.72 -6.24 -11.06
N SER B 30 -5.98 -6.64 -9.83
CA SER B 30 -7.07 -7.57 -9.54
C SER B 30 -8.42 -6.85 -9.64
N ILE B 31 -8.44 -5.59 -9.23
CA ILE B 31 -9.66 -4.79 -9.26
C ILE B 31 -10.02 -4.39 -10.69
N LYS B 32 -9.00 -4.15 -11.51
CA LYS B 32 -9.20 -3.77 -12.90
C LYS B 32 -9.59 -4.99 -13.74
N LYS B 33 -9.02 -6.14 -13.38
CA LYS B 33 -9.31 -7.38 -14.09
C LYS B 33 -10.70 -7.88 -13.75
N LEU B 34 -11.13 -7.61 -12.52
CA LEU B 34 -12.45 -8.03 -12.07
C LEU B 34 -13.54 -7.22 -12.76
N LYS B 35 -13.31 -5.92 -12.89
CA LYS B 35 -14.28 -5.04 -13.54
C LYS B 35 -14.43 -5.39 -15.02
N GLN B 36 -13.31 -5.73 -15.66
CA GLN B 36 -13.32 -6.09 -17.06
C GLN B 36 -13.88 -7.49 -17.27
N SER B 37 -13.77 -8.32 -16.24
CA SER B 37 -14.27 -9.69 -16.30
C SER B 37 -15.78 -9.73 -16.07
N GLU B 38 -16.29 -8.72 -15.37
CA GLU B 38 -17.72 -8.64 -15.08
C GLU B 38 -18.49 -8.17 -16.31
N ASP B 39 -17.82 -7.44 -17.19
CA ASP B 39 -18.44 -6.92 -18.40
C ASP B 39 -18.66 -8.05 -19.40
N ASP B 40 -17.83 -9.07 -19.34
CA ASP B 40 -17.93 -10.20 -20.25
C ASP B 40 -18.02 -9.73 -21.70
N ASP B 41 -16.86 -9.54 -22.33
CA ASP B 41 -16.80 -9.09 -23.71
C ASP B 41 -15.86 -9.96 -24.53
N ALA A 1 -30.64 -8.43 -10.28
CA ALA A 1 -29.36 -7.86 -10.82
C ALA A 1 -28.54 -8.94 -11.52
N LEU A 2 -27.90 -8.58 -12.62
CA LEU A 2 -27.09 -9.51 -13.38
C LEU A 2 -25.62 -9.37 -13.01
N LYS A 3 -24.92 -10.50 -12.91
CA LYS A 3 -23.51 -10.49 -12.57
C LYS A 3 -23.26 -9.73 -11.28
N LYS A 4 -24.23 -9.78 -10.36
CA LYS A 4 -24.12 -9.09 -9.09
C LYS A 4 -22.94 -9.62 -8.28
N HIS A 5 -22.71 -10.93 -8.37
CA HIS A 5 -21.61 -11.56 -7.65
C HIS A 5 -20.28 -10.92 -8.01
N HIS A 6 -20.06 -10.72 -9.30
CA HIS A 6 -18.82 -10.11 -9.78
C HIS A 6 -18.67 -8.70 -9.21
N GLU A 7 -19.73 -7.91 -9.29
CA GLU A 7 -19.72 -6.55 -8.78
C GLU A 7 -19.33 -6.53 -7.31
N ASN A 8 -19.59 -7.64 -6.62
CA ASN A 8 -19.27 -7.75 -5.21
C ASN A 8 -17.77 -7.86 -5.01
N GLU A 9 -17.17 -8.87 -5.62
CA GLU A 9 -15.73 -9.07 -5.53
C GLU A 9 -14.98 -7.84 -6.04
N ILE A 10 -15.66 -7.05 -6.86
CA ILE A 10 -15.06 -5.84 -7.43
C ILE A 10 -14.95 -4.76 -6.36
N SER A 11 -16.05 -4.49 -5.66
CA SER A 11 -16.07 -3.48 -4.61
C SER A 11 -15.10 -3.84 -3.48
N HIS A 12 -14.89 -5.15 -3.29
CA HIS A 12 -13.99 -5.61 -2.25
C HIS A 12 -12.54 -5.30 -2.62
N HIS A 13 -12.16 -5.60 -3.86
CA HIS A 13 -10.80 -5.32 -4.32
C HIS A 13 -10.54 -3.82 -4.30
N ALA A 14 -11.61 -3.03 -4.44
CA ALA A 14 -11.49 -1.58 -4.44
C ALA A 14 -11.04 -1.09 -3.07
N LYS A 15 -11.73 -1.52 -2.03
CA LYS A 15 -11.38 -1.13 -0.66
C LYS A 15 -10.01 -1.71 -0.28
N GLU A 16 -9.60 -2.76 -1.00
CA GLU A 16 -8.31 -3.40 -0.74
C GLU A 16 -7.16 -2.54 -1.25
N ILE A 17 -7.30 -1.99 -2.44
CA ILE A 17 -6.26 -1.16 -3.02
C ILE A 17 -6.16 0.18 -2.28
N GLU A 18 -7.31 0.72 -1.89
CA GLU A 18 -7.34 1.99 -1.17
C GLU A 18 -6.83 1.81 0.26
N ARG A 19 -7.03 0.61 0.80
CA ARG A 19 -6.59 0.30 2.16
C ARG A 19 -5.08 0.17 2.22
N LEU A 20 -4.49 -0.48 1.22
CA LEU A 20 -3.06 -0.68 1.17
C LEU A 20 -2.35 0.64 0.86
N GLN A 21 -3.05 1.55 0.18
CA GLN A 21 -2.49 2.83 -0.17
C GLN A 21 -2.44 3.74 1.06
N LYS A 22 -3.44 3.61 1.93
CA LYS A 22 -3.49 4.40 3.14
C LYS A 22 -2.44 3.92 4.13
N GLU A 23 -2.16 2.62 4.08
CA GLU A 23 -1.16 2.03 4.97
C GLU A 23 0.24 2.48 4.59
N ILE A 24 0.58 2.38 3.30
CA ILE A 24 1.90 2.80 2.85
C ILE A 24 2.07 4.30 3.03
N GLU A 25 0.95 5.02 3.02
CA GLU A 25 0.98 6.47 3.20
C GLU A 25 1.48 6.83 4.60
N ARG A 26 0.93 6.17 5.61
CA ARG A 26 1.33 6.42 6.99
C ARG A 26 2.77 5.98 7.23
N HIS A 27 3.14 4.85 6.62
CA HIS A 27 4.49 4.32 6.76
C HIS A 27 5.50 5.16 5.98
N LYS A 28 5.00 5.93 5.02
CA LYS A 28 5.87 6.78 4.21
C LYS A 28 6.23 8.05 4.97
N GLN A 29 5.28 8.57 5.74
CA GLN A 29 5.50 9.77 6.53
C GLN A 29 6.36 9.46 7.75
N SER A 30 6.27 8.23 8.22
CA SER A 30 7.03 7.80 9.39
C SER A 30 8.48 7.50 9.01
N ILE A 31 8.66 6.84 7.87
CA ILE A 31 9.99 6.50 7.39
C ILE A 31 10.70 7.72 6.81
N LYS A 32 9.92 8.67 6.32
CA LYS A 32 10.46 9.89 5.75
C LYS A 32 10.78 10.90 6.84
N LYS A 33 9.99 10.88 7.91
CA LYS A 33 10.21 11.77 9.04
C LYS A 33 11.37 11.30 9.88
N LEU A 34 11.55 9.99 9.95
CA LEU A 34 12.64 9.40 10.73
C LEU A 34 13.97 9.60 10.01
N LYS A 35 13.96 9.45 8.70
CA LYS A 35 15.17 9.62 7.90
C LYS A 35 15.60 11.09 7.87
N GLN A 36 14.62 11.98 7.86
CA GLN A 36 14.88 13.41 7.84
C GLN A 36 15.38 13.87 9.21
N SER A 37 14.95 13.17 10.25
CA SER A 37 15.35 13.49 11.61
C SER A 37 16.83 13.22 11.82
N GLU A 38 17.35 12.25 11.07
CA GLU A 38 18.76 11.88 11.17
C GLU A 38 19.65 13.06 10.76
N ASP A 39 19.15 13.88 9.84
CA ASP A 39 19.89 15.04 9.37
C ASP A 39 19.93 16.14 10.44
N ASP A 40 18.95 16.13 11.33
CA ASP A 40 18.88 17.10 12.40
C ASP A 40 18.51 18.49 11.86
N ASP A 41 17.30 18.93 12.14
CA ASP A 41 16.82 20.23 11.68
C ASP A 41 17.04 20.38 10.18
N ALA B 1 28.42 1.72 17.44
CA ALA B 1 27.61 2.54 16.50
C ALA B 1 26.78 3.57 17.26
N LEU B 2 26.65 4.76 16.69
CA LEU B 2 25.88 5.83 17.31
C LEU B 2 24.48 5.90 16.72
N LYS B 3 23.49 6.14 17.57
CA LYS B 3 22.10 6.23 17.13
C LYS B 3 21.70 4.99 16.35
N LYS B 4 22.27 3.84 16.72
CA LYS B 4 21.98 2.59 16.05
C LYS B 4 20.50 2.23 16.20
N HIS B 5 19.94 2.53 17.37
CA HIS B 5 18.53 2.24 17.63
C HIS B 5 17.64 2.89 16.59
N HIS B 6 17.89 4.16 16.31
CA HIS B 6 17.11 4.91 15.34
C HIS B 6 17.20 4.26 13.96
N GLU B 7 18.42 3.92 13.55
CA GLU B 7 18.65 3.29 12.26
C GLU B 7 17.84 2.01 12.14
N ASN B 8 17.53 1.40 13.29
CA ASN B 8 16.76 0.17 13.32
C ASN B 8 15.31 0.44 12.95
N GLU B 9 14.67 1.31 13.72
CA GLU B 9 13.28 1.67 13.46
C GLU B 9 13.13 2.24 12.05
N ILE B 10 14.23 2.73 11.50
CA ILE B 10 14.22 3.30 10.15
C ILE B 10 14.11 2.19 9.10
N SER B 11 14.95 1.18 9.21
CA SER B 11 14.94 0.06 8.28
C SER B 11 13.60 -0.68 8.33
N HIS B 12 12.97 -0.66 9.50
CA HIS B 12 11.70 -1.33 9.68
C HIS B 12 10.60 -0.59 8.92
N HIS B 13 10.55 0.74 9.07
CA HIS B 13 9.55 1.54 8.37
C HIS B 13 9.75 1.42 6.86
N ALA B 14 10.99 1.15 6.45
CA ALA B 14 11.31 1.02 5.04
C ALA B 14 10.61 -0.20 4.45
N LYS B 15 10.78 -1.34 5.10
CA LYS B 15 10.15 -2.58 4.64
C LYS B 15 8.63 -2.47 4.76
N GLU B 16 8.17 -1.56 5.62
CA GLU B 16 6.75 -1.36 5.83
C GLU B 16 6.11 -0.63 4.64
N ILE B 17 6.78 0.40 4.14
CA ILE B 17 6.26 1.17 3.01
C ILE B 17 6.33 0.34 1.73
N GLU B 18 7.41 -0.43 1.58
CA GLU B 18 7.58 -1.27 0.40
C GLU B 18 6.62 -2.45 0.43
N ARG B 19 6.27 -2.89 1.64
CA ARG B 19 5.37 -4.01 1.81
C ARG B 19 3.94 -3.62 1.48
N LEU B 20 3.54 -2.42 1.89
CA LEU B 20 2.19 -1.93 1.62
C LEU B 20 2.04 -1.58 0.14
N GLN B 21 3.15 -1.24 -0.50
CA GLN B 21 3.14 -0.89 -1.91
C GLN B 21 2.97 -2.15 -2.77
N LYS B 22 3.56 -3.25 -2.31
CA LYS B 22 3.46 -4.51 -3.03
C LYS B 22 2.06 -5.08 -2.88
N GLU B 23 1.43 -4.81 -1.75
CA GLU B 23 0.09 -5.29 -1.47
C GLU B 23 -0.94 -4.56 -2.35
N ILE B 24 -0.87 -3.23 -2.39
CA ILE B 24 -1.80 -2.46 -3.20
C ILE B 24 -1.56 -2.76 -4.68
N GLU B 25 -0.33 -3.16 -5.02
CA GLU B 25 0.01 -3.49 -6.39
C GLU B 25 -0.78 -4.71 -6.86
N ARG B 26 -0.79 -5.75 -6.05
CA ARG B 26 -1.51 -6.98 -6.39
C ARG B 26 -3.02 -6.72 -6.42
N HIS B 27 -3.49 -5.92 -5.48
CA HIS B 27 -4.91 -5.60 -5.39
C HIS B 27 -5.33 -4.65 -6.52
N LYS B 28 -4.35 -3.97 -7.11
CA LYS B 28 -4.63 -3.05 -8.21
C LYS B 28 -4.83 -3.80 -9.51
N GLN B 29 -4.06 -4.88 -9.69
CA GLN B 29 -4.16 -5.68 -10.89
C GLN B 29 -5.40 -6.56 -10.85
N SER B 30 -5.83 -6.91 -9.64
CA SER B 30 -7.01 -7.74 -9.46
C SER B 30 -8.28 -6.92 -9.63
N ILE B 31 -8.28 -5.71 -9.08
CA ILE B 31 -9.44 -4.82 -9.18
C ILE B 31 -9.54 -4.21 -10.58
N LYS B 32 -8.39 -4.08 -11.24
CA LYS B 32 -8.35 -3.52 -12.58
C LYS B 32 -8.69 -4.58 -13.61
N LYS B 33 -8.32 -5.81 -13.32
CA LYS B 33 -8.60 -6.93 -14.23
C LYS B 33 -10.06 -7.33 -14.13
N LEU B 34 -10.63 -7.19 -12.94
CA LEU B 34 -12.03 -7.55 -12.71
C LEU B 34 -12.95 -6.50 -13.33
N LYS B 35 -12.58 -5.23 -13.20
CA LYS B 35 -13.36 -4.14 -13.75
C LYS B 35 -13.31 -4.16 -15.29
N GLN B 36 -12.15 -4.53 -15.82
CA GLN B 36 -11.98 -4.60 -17.27
C GLN B 36 -12.72 -5.81 -17.84
N SER B 37 -12.86 -6.84 -17.02
CA SER B 37 -13.56 -8.06 -17.43
C SER B 37 -15.04 -7.78 -17.63
N GLU B 38 -15.56 -6.81 -16.89
CA GLU B 38 -16.97 -6.45 -16.98
C GLU B 38 -17.30 -5.94 -18.39
N ASP B 39 -16.32 -5.30 -19.02
CA ASP B 39 -16.49 -4.78 -20.36
C ASP B 39 -16.56 -5.89 -21.40
N ASP B 40 -15.95 -7.04 -21.06
CA ASP B 40 -15.93 -8.18 -21.95
C ASP B 40 -15.03 -7.92 -23.16
N ASP B 41 -13.89 -8.61 -23.19
CA ASP B 41 -12.94 -8.45 -24.28
C ASP B 41 -12.61 -6.99 -24.52
N ALA A 1 -30.27 -17.71 -11.29
CA ALA A 1 -28.95 -17.36 -11.87
C ALA A 1 -28.53 -15.95 -11.47
N LEU A 2 -28.10 -15.78 -10.23
CA LEU A 2 -27.67 -14.48 -9.72
C LEU A 2 -26.17 -14.45 -9.49
N LYS A 3 -25.44 -13.87 -10.44
CA LYS A 3 -23.99 -13.78 -10.33
C LYS A 3 -23.57 -12.40 -9.83
N LYS A 4 -24.19 -11.96 -8.74
CA LYS A 4 -23.88 -10.66 -8.16
C LYS A 4 -22.85 -10.80 -7.04
N HIS A 5 -22.04 -11.85 -7.12
CA HIS A 5 -21.00 -12.10 -6.12
C HIS A 5 -19.70 -11.41 -6.50
N HIS A 6 -19.44 -11.33 -7.80
CA HIS A 6 -18.23 -10.70 -8.30
C HIS A 6 -18.21 -9.22 -7.94
N GLU A 7 -19.37 -8.57 -8.02
CA GLU A 7 -19.47 -7.15 -7.70
C GLU A 7 -19.16 -6.92 -6.22
N ASN A 8 -19.30 -7.97 -5.41
CA ASN A 8 -19.02 -7.87 -3.98
C ASN A 8 -17.52 -7.86 -3.74
N GLU A 9 -16.85 -8.93 -4.17
CA GLU A 9 -15.40 -9.03 -4.03
C GLU A 9 -14.71 -7.97 -4.89
N ILE A 10 -15.47 -7.38 -5.80
CA ILE A 10 -14.95 -6.36 -6.69
C ILE A 10 -14.94 -4.99 -5.98
N SER A 11 -16.01 -4.70 -5.26
CA SER A 11 -16.11 -3.44 -4.53
C SER A 11 -15.08 -3.42 -3.40
N HIS A 12 -14.75 -4.59 -2.90
CA HIS A 12 -13.78 -4.71 -1.82
C HIS A 12 -12.36 -4.45 -2.36
N HIS A 13 -12.02 -5.09 -3.47
CA HIS A 13 -10.70 -4.89 -4.07
C HIS A 13 -10.49 -3.43 -4.43
N ALA A 14 -11.59 -2.73 -4.73
CA ALA A 14 -11.52 -1.34 -5.10
C ALA A 14 -11.08 -0.49 -3.91
N LYS A 15 -11.81 -0.61 -2.80
CA LYS A 15 -11.47 0.13 -1.60
C LYS A 15 -10.15 -0.39 -1.00
N GLU A 16 -9.71 -1.56 -1.48
CA GLU A 16 -8.47 -2.15 -0.99
C GLU A 16 -7.26 -1.56 -1.70
N ILE A 17 -7.41 -1.24 -2.98
CA ILE A 17 -6.31 -0.67 -3.75
C ILE A 17 -6.12 0.80 -3.39
N GLU A 18 -7.24 1.48 -3.11
CA GLU A 18 -7.19 2.89 -2.74
C GLU A 18 -6.74 3.04 -1.29
N ARG A 19 -7.22 2.15 -0.43
CA ARG A 19 -6.86 2.19 0.97
C ARG A 19 -5.43 1.71 1.18
N LEU A 20 -4.96 0.86 0.28
CA LEU A 20 -3.60 0.35 0.35
C LEU A 20 -2.61 1.44 -0.01
N GLN A 21 -2.95 2.22 -1.04
CA GLN A 21 -2.09 3.31 -1.48
C GLN A 21 -1.91 4.34 -0.38
N LYS A 22 -3.02 4.73 0.24
CA LYS A 22 -2.98 5.71 1.32
C LYS A 22 -2.20 5.17 2.51
N GLU A 23 -2.26 3.85 2.70
CA GLU A 23 -1.56 3.21 3.80
C GLU A 23 -0.05 3.26 3.58
N ILE A 24 0.38 3.14 2.33
CA ILE A 24 1.80 3.18 2.01
C ILE A 24 2.37 4.57 2.30
N GLU A 25 1.61 5.60 1.95
CA GLU A 25 2.03 6.98 2.19
C GLU A 25 2.26 7.22 3.67
N ARG A 26 1.34 6.72 4.50
CA ARG A 26 1.44 6.87 5.95
C ARG A 26 2.77 6.32 6.44
N HIS A 27 3.09 5.11 6.01
CA HIS A 27 4.35 4.47 6.40
C HIS A 27 5.54 5.27 5.90
N LYS A 28 5.33 6.03 4.82
CA LYS A 28 6.40 6.85 4.25
C LYS A 28 6.67 8.07 5.12
N GLN A 29 5.62 8.58 5.75
CA GLN A 29 5.75 9.75 6.62
C GLN A 29 6.44 9.39 7.92
N SER A 30 6.21 8.16 8.39
CA SER A 30 6.82 7.69 9.62
C SER A 30 8.30 7.37 9.42
N ILE A 31 8.63 6.76 8.30
CA ILE A 31 10.00 6.40 8.00
C ILE A 31 10.81 7.62 7.55
N LYS A 32 10.10 8.62 7.03
CA LYS A 32 10.75 9.84 6.58
C LYS A 32 11.02 10.78 7.76
N LYS A 33 10.14 10.72 8.76
CA LYS A 33 10.29 11.55 9.94
C LYS A 33 11.33 10.96 10.88
N LEU A 34 11.44 9.64 10.89
CA LEU A 34 12.41 8.95 11.73
C LEU A 34 13.81 9.05 11.14
N LYS A 35 13.89 9.04 9.82
CA LYS A 35 15.17 9.13 9.13
C LYS A 35 15.72 10.56 9.19
N GLN A 36 14.82 11.53 9.16
CA GLN A 36 15.21 12.93 9.21
C GLN A 36 15.49 13.37 10.64
N SER A 37 14.86 12.68 11.59
CA SER A 37 15.05 12.99 13.00
C SER A 37 16.31 12.32 13.54
N GLU A 38 16.70 11.22 12.92
CA GLU A 38 17.90 10.49 13.33
C GLU A 38 19.15 11.17 12.81
N ASP A 39 19.00 11.90 11.71
CA ASP A 39 20.13 12.61 11.11
C ASP A 39 20.49 13.85 11.92
N ASP A 40 19.51 14.39 12.63
CA ASP A 40 19.72 15.58 13.45
C ASP A 40 18.61 15.75 14.47
N ASP A 41 18.81 15.19 15.66
CA ASP A 41 17.81 15.27 16.73
C ASP A 41 17.38 16.72 16.95
N ALA B 1 25.68 3.86 26.13
CA ALA B 1 24.77 4.76 25.37
C ALA B 1 24.69 4.35 23.90
N LEU B 2 23.96 3.27 23.64
CA LEU B 2 23.80 2.77 22.27
C LEU B 2 22.37 2.98 21.77
N LYS B 3 22.18 4.03 20.98
CA LYS B 3 20.86 4.34 20.44
C LYS B 3 20.73 3.84 19.01
N LYS B 4 21.08 2.57 18.80
CA LYS B 4 20.99 1.97 17.48
C LYS B 4 19.68 1.22 17.30
N HIS B 5 18.66 1.65 18.05
CA HIS B 5 17.34 1.02 17.98
C HIS B 5 16.49 1.70 16.91
N HIS B 6 16.68 3.00 16.73
CA HIS B 6 15.93 3.75 15.74
C HIS B 6 16.22 3.26 14.34
N GLU B 7 17.49 2.94 14.08
CA GLU B 7 17.90 2.44 12.77
C GLU B 7 17.21 1.11 12.46
N ASN B 8 16.81 0.40 13.50
CA ASN B 8 16.13 -0.89 13.34
C ASN B 8 14.70 -0.67 12.87
N GLU B 9 13.92 0.05 13.67
CA GLU B 9 12.54 0.35 13.32
C GLU B 9 12.48 1.25 12.09
N ILE B 10 13.63 1.84 11.75
CA ILE B 10 13.74 2.74 10.60
C ILE B 10 13.89 1.93 9.32
N SER B 11 14.71 0.88 9.39
CA SER B 11 14.94 0.01 8.23
C SER B 11 13.68 -0.77 7.91
N HIS B 12 12.87 -1.04 8.94
CA HIS B 12 11.64 -1.77 8.77
C HIS B 12 10.58 -0.90 8.08
N HIS B 13 10.41 0.33 8.56
CA HIS B 13 9.45 1.24 7.96
C HIS B 13 9.81 1.50 6.51
N ALA B 14 11.10 1.42 6.20
CA ALA B 14 11.57 1.64 4.84
C ALA B 14 11.06 0.56 3.91
N LYS B 15 11.35 -0.69 4.25
CA LYS B 15 10.89 -1.82 3.46
C LYS B 15 9.37 -1.96 3.54
N GLU B 16 8.77 -1.27 4.50
CA GLU B 16 7.32 -1.31 4.68
C GLU B 16 6.61 -0.34 3.73
N ILE B 17 7.25 0.79 3.45
CA ILE B 17 6.67 1.78 2.54
C ILE B 17 6.83 1.33 1.11
N GLU B 18 7.93 0.67 0.81
CA GLU B 18 8.20 0.18 -0.54
C GLU B 18 7.39 -1.08 -0.80
N ARG B 19 7.29 -1.95 0.21
CA ARG B 19 6.54 -3.19 0.09
C ARG B 19 5.05 -2.91 0.09
N LEU B 20 4.65 -1.82 0.74
CA LEU B 20 3.24 -1.45 0.80
C LEU B 20 2.78 -0.93 -0.55
N GLN B 21 3.64 -0.14 -1.20
CA GLN B 21 3.32 0.42 -2.50
C GLN B 21 3.11 -0.69 -3.52
N LYS B 22 4.04 -1.65 -3.55
CA LYS B 22 3.95 -2.77 -4.47
C LYS B 22 2.71 -3.61 -4.18
N GLU B 23 2.33 -3.66 -2.90
CA GLU B 23 1.16 -4.42 -2.49
C GLU B 23 -0.12 -3.79 -3.01
N ILE B 24 -0.14 -2.46 -3.07
CA ILE B 24 -1.32 -1.75 -3.55
C ILE B 24 -1.52 -2.02 -5.05
N GLU B 25 -0.42 -2.02 -5.79
CA GLU B 25 -0.46 -2.28 -7.23
C GLU B 25 -1.06 -3.65 -7.50
N ARG B 26 -0.63 -4.65 -6.73
CA ARG B 26 -1.14 -6.00 -6.89
C ARG B 26 -2.66 -6.02 -6.78
N HIS B 27 -3.17 -5.38 -5.73
CA HIS B 27 -4.61 -5.31 -5.51
C HIS B 27 -5.29 -4.57 -6.67
N LYS B 28 -4.52 -3.69 -7.31
CA LYS B 28 -5.05 -2.92 -8.43
C LYS B 28 -5.20 -3.79 -9.67
N GLN B 29 -4.36 -4.81 -9.78
CA GLN B 29 -4.40 -5.73 -10.91
C GLN B 29 -5.58 -6.69 -10.79
N SER B 30 -5.89 -7.07 -9.55
CA SER B 30 -6.99 -7.98 -9.28
C SER B 30 -8.34 -7.29 -9.47
N ILE B 31 -8.42 -6.05 -9.02
CA ILE B 31 -9.66 -5.26 -9.13
C ILE B 31 -9.87 -4.81 -10.58
N LYS B 32 -8.78 -4.64 -11.32
CA LYS B 32 -8.86 -4.21 -12.71
C LYS B 32 -9.20 -5.38 -13.62
N LYS B 33 -8.75 -6.57 -13.24
CA LYS B 33 -9.02 -7.77 -14.03
C LYS B 33 -10.43 -8.29 -13.77
N LEU B 34 -10.93 -8.06 -12.55
CA LEU B 34 -12.25 -8.52 -12.17
C LEU B 34 -13.31 -7.56 -12.70
N LYS B 35 -12.96 -6.28 -12.80
CA LYS B 35 -13.88 -5.27 -13.30
C LYS B 35 -13.97 -5.32 -14.82
N GLN B 36 -12.87 -5.68 -15.46
CA GLN B 36 -12.82 -5.77 -16.92
C GLN B 36 -13.41 -7.10 -17.38
N SER B 37 -13.32 -8.10 -16.53
CA SER B 37 -13.84 -9.42 -16.86
C SER B 37 -15.35 -9.50 -16.60
N GLU B 38 -15.83 -8.67 -15.68
CA GLU B 38 -17.24 -8.63 -15.35
C GLU B 38 -18.02 -7.84 -16.41
N ASP B 39 -17.34 -6.93 -17.08
CA ASP B 39 -17.96 -6.11 -18.10
C ASP B 39 -18.17 -6.91 -19.38
N ASP B 40 -17.35 -7.93 -19.58
CA ASP B 40 -17.44 -8.78 -20.76
C ASP B 40 -16.70 -10.10 -20.55
N ASP B 41 -17.42 -11.10 -20.08
CA ASP B 41 -16.83 -12.42 -19.83
C ASP B 41 -16.09 -12.91 -21.06
N ALA A 1 -27.99 -19.28 -5.02
CA ALA A 1 -28.25 -19.56 -6.45
C ALA A 1 -27.46 -18.61 -7.34
N LEU A 2 -27.94 -17.37 -7.47
CA LEU A 2 -27.26 -16.37 -8.29
C LEU A 2 -25.83 -16.17 -7.85
N LYS A 3 -25.08 -15.36 -8.58
CA LYS A 3 -23.69 -15.08 -8.26
C LYS A 3 -23.58 -13.94 -7.26
N LYS A 4 -23.61 -12.72 -7.77
CA LYS A 4 -23.52 -11.53 -6.93
C LYS A 4 -22.34 -11.62 -5.97
N HIS A 5 -21.33 -12.41 -6.35
CA HIS A 5 -20.15 -12.59 -5.54
C HIS A 5 -18.98 -11.80 -6.10
N HIS A 6 -18.97 -11.63 -7.42
CA HIS A 6 -17.91 -10.88 -8.09
C HIS A 6 -18.07 -9.39 -7.85
N GLU A 7 -19.31 -8.92 -7.82
CA GLU A 7 -19.59 -7.51 -7.61
C GLU A 7 -19.11 -7.09 -6.22
N ASN A 8 -19.19 -8.00 -5.27
CA ASN A 8 -18.75 -7.72 -3.91
C ASN A 8 -17.24 -7.59 -3.86
N GLU A 9 -16.55 -8.64 -4.31
CA GLU A 9 -15.09 -8.63 -4.35
C GLU A 9 -14.59 -7.46 -5.19
N ILE A 10 -15.45 -6.94 -6.06
CA ILE A 10 -15.10 -5.83 -6.92
C ILE A 10 -14.97 -4.53 -6.11
N SER A 11 -16.01 -4.23 -5.33
CA SER A 11 -16.02 -3.03 -4.51
C SER A 11 -14.93 -3.09 -3.44
N HIS A 12 -14.53 -4.30 -3.07
CA HIS A 12 -13.50 -4.49 -2.06
C HIS A 12 -12.11 -4.20 -2.66
N HIS A 13 -11.87 -4.68 -3.87
CA HIS A 13 -10.57 -4.45 -4.51
C HIS A 13 -10.41 -2.97 -4.84
N ALA A 14 -11.54 -2.27 -4.99
CA ALA A 14 -11.51 -0.85 -5.30
C ALA A 14 -11.04 -0.06 -4.09
N LYS A 15 -11.71 -0.26 -2.96
CA LYS A 15 -11.33 0.41 -1.73
C LYS A 15 -9.99 -0.12 -1.22
N GLU A 16 -9.54 -1.24 -1.81
CA GLU A 16 -8.28 -1.85 -1.41
C GLU A 16 -7.11 -1.19 -2.12
N ILE A 17 -7.29 -0.85 -3.39
CA ILE A 17 -6.23 -0.19 -4.15
C ILE A 17 -6.07 1.26 -3.73
N GLU A 18 -7.19 1.89 -3.37
CA GLU A 18 -7.18 3.28 -2.93
C GLU A 18 -6.67 3.38 -1.50
N ARG A 19 -7.11 2.45 -0.65
CA ARG A 19 -6.68 2.44 0.75
C ARG A 19 -5.23 1.97 0.86
N LEU A 20 -4.79 1.19 -0.11
CA LEU A 20 -3.42 0.69 -0.13
C LEU A 20 -2.46 1.82 -0.48
N GLN A 21 -2.86 2.66 -1.42
CA GLN A 21 -2.04 3.78 -1.84
C GLN A 21 -1.83 4.75 -0.68
N LYS A 22 -2.91 5.12 -0.02
CA LYS A 22 -2.85 6.04 1.12
C LYS A 22 -2.05 5.40 2.26
N GLU A 23 -2.09 4.08 2.33
CA GLU A 23 -1.39 3.34 3.37
C GLU A 23 0.12 3.43 3.15
N ILE A 24 0.54 3.41 1.89
CA ILE A 24 1.95 3.49 1.56
C ILE A 24 2.52 4.85 1.97
N GLU A 25 1.74 5.89 1.69
CA GLU A 25 2.14 7.26 2.04
C GLU A 25 2.40 7.38 3.53
N ARG A 26 1.49 6.80 4.32
CA ARG A 26 1.61 6.84 5.77
C ARG A 26 2.96 6.26 6.21
N HIS A 27 3.29 5.10 5.66
CA HIS A 27 4.56 4.44 5.99
C HIS A 27 5.72 5.30 5.53
N LYS A 28 5.49 6.13 4.52
CA LYS A 28 6.53 7.01 3.99
C LYS A 28 6.84 8.14 4.95
N GLN A 29 5.80 8.62 5.64
CA GLN A 29 5.96 9.70 6.60
C GLN A 29 6.65 9.22 7.87
N SER A 30 6.43 7.96 8.22
CA SER A 30 7.02 7.37 9.41
C SER A 30 8.52 7.11 9.18
N ILE A 31 8.87 6.70 7.97
CA ILE A 31 10.25 6.41 7.62
C ILE A 31 11.07 7.69 7.53
N LYS A 32 10.45 8.76 7.06
CA LYS A 32 11.13 10.05 6.94
C LYS A 32 11.28 10.71 8.31
N LYS A 33 10.28 10.51 9.17
CA LYS A 33 10.30 11.09 10.50
C LYS A 33 11.28 10.33 11.40
N LEU A 34 11.47 9.05 11.10
CA LEU A 34 12.38 8.21 11.87
C LEU A 34 13.83 8.58 11.57
N LYS A 35 14.13 8.80 10.29
CA LYS A 35 15.48 9.16 9.87
C LYS A 35 15.85 10.54 10.41
N GLN A 36 14.89 11.45 10.42
CA GLN A 36 15.12 12.81 10.91
C GLN A 36 15.22 12.82 12.43
N SER A 37 14.61 11.83 13.08
CA SER A 37 14.63 11.74 14.52
C SER A 37 15.97 11.21 15.02
N GLU A 38 16.56 10.30 14.25
CA GLU A 38 17.84 9.72 14.61
C GLU A 38 18.96 10.75 14.49
N ASP A 39 18.74 11.75 13.63
CA ASP A 39 19.73 12.81 13.44
C ASP A 39 19.76 13.76 14.63
N ASP A 40 18.64 13.84 15.34
CA ASP A 40 18.54 14.71 16.50
C ASP A 40 18.53 16.18 16.09
N ASP A 41 18.25 17.06 17.04
CA ASP A 41 18.21 18.49 16.77
C ASP A 41 19.45 19.19 17.31
N ALA B 1 21.20 -1.25 27.01
CA ALA B 1 21.81 0.06 27.33
C ALA B 1 21.65 1.04 26.16
N LEU B 2 22.49 0.88 25.14
CA LEU B 2 22.43 1.74 23.97
C LEU B 2 21.05 1.71 23.33
N LYS B 3 20.84 2.54 22.31
CA LYS B 3 19.57 2.61 21.62
C LYS B 3 19.49 1.56 20.51
N LYS B 4 20.04 1.91 19.35
CA LYS B 4 20.04 0.99 18.21
C LYS B 4 18.64 0.44 17.95
N HIS B 5 17.62 1.19 18.37
CA HIS B 5 16.25 0.78 18.18
C HIS B 5 15.60 1.57 17.05
N HIS B 6 16.05 2.80 16.87
CA HIS B 6 15.52 3.67 15.82
C HIS B 6 16.03 3.22 14.45
N GLU B 7 17.28 2.79 14.39
CA GLU B 7 17.88 2.33 13.15
C GLU B 7 17.14 1.11 12.61
N ASN B 8 16.64 0.29 13.53
CA ASN B 8 15.90 -0.91 13.15
C ASN B 8 14.55 -0.53 12.56
N GLU B 9 13.76 0.23 13.33
CA GLU B 9 12.47 0.68 12.86
C GLU B 9 12.62 1.49 11.58
N ILE B 10 13.83 2.00 11.34
CA ILE B 10 14.11 2.80 10.16
C ILE B 10 14.12 1.92 8.90
N SER B 11 14.89 0.84 8.95
CA SER B 11 14.99 -0.08 7.83
C SER B 11 13.66 -0.76 7.56
N HIS B 12 12.82 -0.85 8.60
CA HIS B 12 11.53 -1.50 8.46
C HIS B 12 10.54 -0.56 7.74
N HIS B 13 10.56 0.72 8.10
CA HIS B 13 9.67 1.68 7.46
C HIS B 13 10.06 1.86 6.00
N ALA B 14 11.33 1.61 5.69
CA ALA B 14 11.82 1.75 4.33
C ALA B 14 11.24 0.64 3.46
N LYS B 15 11.43 -0.60 3.87
CA LYS B 15 10.90 -1.73 3.14
C LYS B 15 9.37 -1.75 3.24
N GLU B 16 8.83 -0.95 4.14
CA GLU B 16 7.38 -0.88 4.34
C GLU B 16 6.74 0.07 3.32
N ILE B 17 7.41 1.18 3.03
CA ILE B 17 6.87 2.14 2.07
C ILE B 17 7.02 1.61 0.65
N GLU B 18 8.11 0.88 0.41
CA GLU B 18 8.36 0.30 -0.91
C GLU B 18 7.48 -0.92 -1.14
N ARG B 19 7.34 -1.75 -0.10
CA ARG B 19 6.51 -2.94 -0.20
C ARG B 19 5.03 -2.58 -0.21
N LEU B 20 4.71 -1.43 0.37
CA LEU B 20 3.33 -0.96 0.42
C LEU B 20 2.91 -0.47 -0.96
N GLN B 21 3.81 0.20 -1.65
CA GLN B 21 3.53 0.71 -2.98
C GLN B 21 3.25 -0.44 -3.94
N LYS B 22 4.14 -1.42 -3.95
CA LYS B 22 3.98 -2.58 -4.81
C LYS B 22 2.72 -3.36 -4.44
N GLU B 23 2.35 -3.29 -3.17
CA GLU B 23 1.17 -3.99 -2.67
C GLU B 23 -0.10 -3.35 -3.24
N ILE B 24 -0.08 -2.03 -3.37
CA ILE B 24 -1.23 -1.31 -3.90
C ILE B 24 -1.47 -1.68 -5.36
N GLU B 25 -0.37 -1.77 -6.11
CA GLU B 25 -0.44 -2.13 -7.52
C GLU B 25 -1.11 -3.49 -7.70
N ARG B 26 -0.71 -4.45 -6.85
CA ARG B 26 -1.26 -5.79 -6.90
C ARG B 26 -2.79 -5.74 -6.77
N HIS B 27 -3.26 -4.99 -5.77
CA HIS B 27 -4.69 -4.86 -5.55
C HIS B 27 -5.36 -4.17 -6.73
N LYS B 28 -4.59 -3.38 -7.46
CA LYS B 28 -5.10 -2.66 -8.63
C LYS B 28 -5.34 -3.63 -9.79
N GLN B 29 -4.48 -4.64 -9.90
CA GLN B 29 -4.62 -5.62 -10.97
C GLN B 29 -5.78 -6.56 -10.70
N SER B 30 -6.06 -6.82 -9.43
CA SER B 30 -7.14 -7.70 -9.04
C SER B 30 -8.50 -7.02 -9.26
N ILE B 31 -8.54 -5.72 -9.01
CA ILE B 31 -9.77 -4.95 -9.17
C ILE B 31 -10.11 -4.77 -10.65
N LYS B 32 -9.09 -4.63 -11.48
CA LYS B 32 -9.29 -4.47 -12.92
C LYS B 32 -9.66 -5.80 -13.57
N LYS B 33 -9.09 -6.88 -13.04
CA LYS B 33 -9.35 -8.21 -13.58
C LYS B 33 -10.74 -8.69 -13.15
N LEU B 34 -11.20 -8.20 -12.00
CA LEU B 34 -12.50 -8.57 -11.48
C LEU B 34 -13.61 -7.90 -12.30
N LYS B 35 -13.41 -6.63 -12.62
CA LYS B 35 -14.39 -5.88 -13.39
C LYS B 35 -14.50 -6.43 -14.81
N GLN B 36 -13.36 -6.83 -15.37
CA GLN B 36 -13.32 -7.38 -16.72
C GLN B 36 -13.90 -8.79 -16.74
N SER B 37 -13.83 -9.47 -15.60
CA SER B 37 -14.33 -10.83 -15.48
C SER B 37 -15.86 -10.84 -15.40
N GLU B 38 -16.42 -9.84 -14.73
CA GLU B 38 -17.86 -9.74 -14.58
C GLU B 38 -18.52 -9.41 -15.91
N ASP B 39 -17.77 -8.78 -16.81
CA ASP B 39 -18.28 -8.42 -18.12
C ASP B 39 -18.41 -9.65 -19.01
N ASP B 40 -17.60 -10.67 -18.73
CA ASP B 40 -17.62 -11.90 -19.51
C ASP B 40 -17.04 -11.68 -20.90
N ASP B 41 -16.84 -12.76 -21.63
CA ASP B 41 -16.29 -12.68 -22.98
C ASP B 41 -17.38 -12.91 -24.03
N ALA A 1 -26.47 -13.27 -18.17
CA ALA A 1 -26.18 -12.01 -18.91
C ALA A 1 -25.65 -10.94 -17.97
N LEU A 2 -26.56 -10.33 -17.19
CA LEU A 2 -26.18 -9.29 -16.25
C LEU A 2 -25.94 -9.86 -14.86
N LYS A 3 -24.75 -10.42 -14.67
CA LYS A 3 -24.39 -11.02 -13.39
C LYS A 3 -24.63 -10.03 -12.24
N LYS A 4 -23.86 -8.94 -12.24
CA LYS A 4 -23.97 -7.90 -11.22
C LYS A 4 -23.13 -8.24 -9.99
N HIS A 5 -23.26 -9.47 -9.49
CA HIS A 5 -22.51 -9.92 -8.33
C HIS A 5 -21.03 -9.59 -8.48
N HIS A 6 -20.54 -9.61 -9.71
CA HIS A 6 -19.15 -9.31 -9.97
C HIS A 6 -18.82 -7.88 -9.54
N GLU A 7 -19.59 -6.92 -10.05
CA GLU A 7 -19.38 -5.52 -9.70
C GLU A 7 -19.37 -5.34 -8.18
N ASN A 8 -20.00 -6.28 -7.47
CA ASN A 8 -20.05 -6.23 -6.01
C ASN A 8 -18.67 -6.49 -5.42
N GLU A 9 -18.14 -7.68 -5.69
CA GLU A 9 -16.80 -8.04 -5.19
C GLU A 9 -15.73 -7.20 -5.87
N ILE A 10 -16.12 -6.48 -6.92
CA ILE A 10 -15.20 -5.64 -7.67
C ILE A 10 -15.12 -4.26 -7.03
N SER A 11 -16.23 -3.83 -6.43
CA SER A 11 -16.29 -2.54 -5.75
C SER A 11 -15.58 -2.64 -4.41
N HIS A 12 -15.63 -3.84 -3.82
CA HIS A 12 -14.99 -4.08 -2.55
C HIS A 12 -13.46 -4.11 -2.72
N HIS A 13 -12.99 -4.90 -3.69
CA HIS A 13 -11.57 -4.99 -3.95
C HIS A 13 -11.01 -3.61 -4.28
N ALA A 14 -11.81 -2.80 -4.99
CA ALA A 14 -11.40 -1.46 -5.36
C ALA A 14 -11.08 -0.64 -4.12
N LYS A 15 -12.01 -0.61 -3.19
CA LYS A 15 -11.81 0.12 -1.94
C LYS A 15 -10.62 -0.44 -1.18
N GLU A 16 -10.25 -1.69 -1.49
CA GLU A 16 -9.12 -2.34 -0.84
C GLU A 16 -7.79 -1.81 -1.38
N ILE A 17 -7.73 -1.57 -2.69
CA ILE A 17 -6.51 -1.07 -3.31
C ILE A 17 -6.24 0.38 -2.89
N GLU A 18 -7.32 1.15 -2.72
CA GLU A 18 -7.21 2.55 -2.30
C GLU A 18 -6.81 2.66 -0.84
N ARG A 19 -7.40 1.81 -0.01
CA ARG A 19 -7.10 1.81 1.42
C ARG A 19 -5.69 1.31 1.67
N LEU A 20 -5.22 0.42 0.80
CA LEU A 20 -3.87 -0.12 0.93
C LEU A 20 -2.84 0.95 0.62
N GLN A 21 -3.12 1.76 -0.38
CA GLN A 21 -2.22 2.84 -0.77
C GLN A 21 -2.04 3.83 0.38
N LYS A 22 -3.16 4.23 0.98
CA LYS A 22 -3.12 5.16 2.10
C LYS A 22 -2.32 4.59 3.26
N GLU A 23 -2.40 3.28 3.44
CA GLU A 23 -1.68 2.61 4.51
C GLU A 23 -0.16 2.68 4.29
N ILE A 24 0.25 2.54 3.04
CA ILE A 24 1.68 2.60 2.72
C ILE A 24 2.23 3.98 3.07
N GLU A 25 1.46 5.01 2.77
CA GLU A 25 1.87 6.39 3.06
C GLU A 25 2.05 6.58 4.56
N ARG A 26 1.15 5.99 5.35
CA ARG A 26 1.23 6.10 6.80
C ARG A 26 2.58 5.58 7.29
N HIS A 27 3.02 4.46 6.72
CA HIS A 27 4.30 3.88 7.10
C HIS A 27 5.44 4.78 6.65
N LYS A 28 5.19 5.54 5.59
CA LYS A 28 6.19 6.47 5.06
C LYS A 28 6.34 7.69 5.97
N GLN A 29 5.28 8.00 6.71
CA GLN A 29 5.29 9.13 7.62
C GLN A 29 6.06 8.79 8.89
N SER A 30 5.89 7.56 9.37
CA SER A 30 6.57 7.12 10.58
C SER A 30 8.06 6.89 10.31
N ILE A 31 8.37 6.40 9.11
CA ILE A 31 9.76 6.15 8.72
C ILE A 31 10.48 7.44 8.39
N LYS A 32 9.74 8.40 7.83
CA LYS A 32 10.31 9.69 7.47
C LYS A 32 10.48 10.57 8.70
N LYS A 33 9.65 10.34 9.70
CA LYS A 33 9.72 11.11 10.94
C LYS A 33 10.88 10.64 11.81
N LEU A 34 11.13 9.33 11.78
CA LEU A 34 12.22 8.76 12.56
C LEU A 34 13.57 9.12 11.95
N LYS A 35 13.64 9.14 10.63
CA LYS A 35 14.87 9.48 9.92
C LYS A 35 15.19 10.96 10.08
N GLN A 36 14.15 11.78 10.12
CA GLN A 36 14.32 13.23 10.26
C GLN A 36 14.81 13.57 11.68
N SER A 37 14.37 12.79 12.65
CA SER A 37 14.75 13.02 14.05
C SER A 37 16.23 12.73 14.24
N GLU A 38 16.77 11.81 13.45
CA GLU A 38 18.18 11.45 13.54
C GLU A 38 19.07 12.61 13.12
N ASP A 39 18.55 13.47 12.25
CA ASP A 39 19.30 14.62 11.77
C ASP A 39 19.17 15.80 12.73
N ASP A 40 18.07 15.83 13.48
CA ASP A 40 17.81 16.89 14.44
C ASP A 40 17.50 18.21 13.72
N ASP A 41 18.54 18.94 13.35
CA ASP A 41 18.37 20.21 12.66
C ASP A 41 18.00 19.99 11.19
N ALA B 1 25.72 10.98 20.61
CA ALA B 1 26.06 11.63 19.31
C ALA B 1 25.61 10.77 18.14
N LEU B 2 26.35 9.71 17.86
CA LEU B 2 26.03 8.81 16.77
C LEU B 2 25.20 7.63 17.26
N LYS B 3 23.90 7.85 17.43
CA LYS B 3 23.00 6.81 17.89
C LYS B 3 23.14 5.55 17.05
N LYS B 4 22.77 5.64 15.78
CA LYS B 4 22.85 4.51 14.83
C LYS B 4 21.60 3.64 14.92
N HIS B 5 21.21 3.26 16.14
CA HIS B 5 20.04 2.43 16.34
C HIS B 5 18.84 2.96 15.56
N HIS B 6 18.78 4.28 15.41
CA HIS B 6 17.70 4.92 14.67
C HIS B 6 17.69 4.43 13.23
N GLU B 7 18.81 4.58 12.55
CA GLU B 7 18.93 4.15 11.17
C GLU B 7 18.50 2.69 11.02
N ASN B 8 18.57 1.93 12.12
CA ASN B 8 18.17 0.53 12.10
C ASN B 8 16.66 0.39 11.94
N GLU B 9 15.91 0.95 12.89
CA GLU B 9 14.45 0.91 12.82
C GLU B 9 13.93 1.78 11.68
N ILE B 10 14.82 2.58 11.10
CA ILE B 10 14.49 3.47 10.00
C ILE B 10 14.62 2.72 8.67
N SER B 11 15.55 1.78 8.62
CA SER B 11 15.77 0.97 7.44
C SER B 11 14.69 -0.09 7.33
N HIS B 12 14.19 -0.52 8.49
CA HIS B 12 13.14 -1.52 8.53
C HIS B 12 11.81 -0.90 8.08
N HIS B 13 11.46 0.25 8.67
CA HIS B 13 10.23 0.93 8.29
C HIS B 13 10.24 1.25 6.81
N ALA B 14 11.41 1.60 6.29
CA ALA B 14 11.56 1.92 4.88
C ALA B 14 11.12 0.74 4.02
N LYS B 15 11.67 -0.43 4.30
CA LYS B 15 11.32 -1.64 3.57
C LYS B 15 9.83 -1.94 3.74
N GLU B 16 9.24 -1.39 4.81
CA GLU B 16 7.82 -1.61 5.08
C GLU B 16 6.94 -0.77 4.16
N ILE B 17 7.38 0.46 3.87
CA ILE B 17 6.62 1.35 3.01
C ILE B 17 6.66 0.88 1.56
N GLU B 18 7.80 0.31 1.17
CA GLU B 18 7.97 -0.20 -0.19
C GLU B 18 7.19 -1.49 -0.39
N ARG B 19 7.23 -2.36 0.61
CA ARG B 19 6.52 -3.63 0.53
C ARG B 19 5.02 -3.41 0.56
N LEU B 20 4.59 -2.36 1.26
CA LEU B 20 3.18 -2.04 1.35
C LEU B 20 2.66 -1.60 -0.01
N GLN B 21 3.43 -0.75 -0.68
CA GLN B 21 3.06 -0.25 -2.00
C GLN B 21 2.84 -1.41 -2.97
N LYS B 22 3.77 -2.35 -2.99
CA LYS B 22 3.67 -3.51 -3.87
C LYS B 22 2.41 -4.31 -3.56
N GLU B 23 2.03 -4.33 -2.29
CA GLU B 23 0.85 -5.06 -1.85
C GLU B 23 -0.42 -4.43 -2.41
N ILE B 24 -0.46 -3.09 -2.44
CA ILE B 24 -1.62 -2.38 -2.95
C ILE B 24 -1.83 -2.71 -4.44
N GLU B 25 -0.73 -2.78 -5.18
CA GLU B 25 -0.78 -3.09 -6.59
C GLU B 25 -1.37 -4.48 -6.82
N ARG B 26 -0.96 -5.42 -5.96
CA ARG B 26 -1.46 -6.79 -6.06
C ARG B 26 -2.98 -6.80 -5.98
N HIS B 27 -3.53 -6.00 -5.07
CA HIS B 27 -4.98 -5.91 -4.91
C HIS B 27 -5.60 -5.27 -6.14
N LYS B 28 -4.82 -4.41 -6.80
CA LYS B 28 -5.29 -3.71 -8.00
C LYS B 28 -5.35 -4.68 -9.19
N GLN B 29 -4.53 -5.72 -9.14
CA GLN B 29 -4.49 -6.72 -10.20
C GLN B 29 -5.69 -7.66 -10.10
N SER B 30 -6.05 -8.03 -8.87
CA SER B 30 -7.17 -8.93 -8.64
C SER B 30 -8.49 -8.20 -8.90
N ILE B 31 -8.54 -6.92 -8.55
CA ILE B 31 -9.75 -6.12 -8.75
C ILE B 31 -9.91 -5.73 -10.22
N LYS B 32 -8.79 -5.54 -10.90
CA LYS B 32 -8.82 -5.16 -12.31
C LYS B 32 -9.10 -6.38 -13.18
N LYS B 33 -8.74 -7.56 -12.69
CA LYS B 33 -8.95 -8.80 -13.42
C LYS B 33 -10.42 -9.22 -13.32
N LEU B 34 -11.03 -8.99 -12.16
CA LEU B 34 -12.42 -9.33 -11.94
C LEU B 34 -13.34 -8.40 -12.72
N LYS B 35 -12.97 -7.13 -12.78
CA LYS B 35 -13.77 -6.13 -13.50
C LYS B 35 -13.67 -6.35 -15.01
N GLN B 36 -12.50 -6.79 -15.46
CA GLN B 36 -12.29 -7.05 -16.88
C GLN B 36 -13.06 -8.28 -17.34
N SER B 37 -13.19 -9.25 -16.44
CA SER B 37 -13.91 -10.48 -16.76
C SER B 37 -15.40 -10.21 -16.94
N GLU B 38 -15.91 -9.19 -16.25
CA GLU B 38 -17.31 -8.82 -16.35
C GLU B 38 -17.65 -8.30 -17.73
N ASP B 39 -16.66 -7.72 -18.40
CA ASP B 39 -16.85 -7.17 -19.74
C ASP B 39 -16.68 -8.26 -20.80
N ASP B 40 -15.92 -9.29 -20.46
CA ASP B 40 -15.67 -10.39 -21.38
C ASP B 40 -14.78 -9.96 -22.54
N ASP B 41 -15.39 -9.38 -23.58
CA ASP B 41 -14.65 -8.92 -24.74
C ASP B 41 -13.92 -7.61 -24.44
N ALA A 1 -30.53 -16.00 -12.81
CA ALA A 1 -29.21 -16.44 -12.32
C ALA A 1 -28.11 -15.48 -12.79
N LEU A 2 -28.37 -14.18 -12.63
CA LEU A 2 -27.41 -13.16 -13.03
C LEU A 2 -26.12 -13.28 -12.22
N LYS A 3 -25.20 -12.34 -12.43
CA LYS A 3 -23.93 -12.34 -11.72
C LYS A 3 -23.76 -11.04 -10.93
N LYS A 4 -24.53 -10.89 -9.86
CA LYS A 4 -24.46 -9.70 -9.02
C LYS A 4 -23.35 -9.82 -7.98
N HIS A 5 -23.20 -11.02 -7.43
CA HIS A 5 -22.19 -11.28 -6.42
C HIS A 5 -20.81 -10.80 -6.91
N HIS A 6 -20.59 -10.89 -8.21
CA HIS A 6 -19.32 -10.47 -8.80
C HIS A 6 -19.10 -8.98 -8.60
N GLU A 7 -20.06 -8.17 -9.06
CA GLU A 7 -19.97 -6.73 -8.93
C GLU A 7 -19.67 -6.33 -7.48
N ASN A 8 -20.03 -7.20 -6.54
CA ASN A 8 -19.79 -6.94 -5.13
C ASN A 8 -18.31 -7.05 -4.82
N GLU A 9 -17.74 -8.23 -5.08
CA GLU A 9 -16.33 -8.46 -4.85
C GLU A 9 -15.49 -7.42 -5.60
N ILE A 10 -16.08 -6.83 -6.63
CA ILE A 10 -15.39 -5.83 -7.43
C ILE A 10 -15.23 -4.53 -6.64
N SER A 11 -16.33 -4.01 -6.11
CA SER A 11 -16.30 -2.77 -5.34
C SER A 11 -15.44 -2.93 -4.10
N HIS A 12 -15.29 -4.17 -3.64
CA HIS A 12 -14.49 -4.45 -2.45
C HIS A 12 -13.00 -4.36 -2.78
N HIS A 13 -12.58 -4.97 -3.89
CA HIS A 13 -11.19 -4.94 -4.29
C HIS A 13 -10.76 -3.50 -4.57
N ALA A 14 -11.71 -2.68 -4.98
CA ALA A 14 -11.43 -1.27 -5.28
C ALA A 14 -11.08 -0.52 -4.01
N LYS A 15 -11.97 -0.58 -3.03
CA LYS A 15 -11.73 0.08 -1.75
C LYS A 15 -10.50 -0.52 -1.08
N GLU A 16 -10.12 -1.73 -1.50
CA GLU A 16 -8.97 -2.41 -0.94
C GLU A 16 -7.67 -1.85 -1.52
N ILE A 17 -7.68 -1.54 -2.81
CA ILE A 17 -6.48 -1.00 -3.46
C ILE A 17 -6.23 0.45 -3.04
N GLU A 18 -7.31 1.19 -2.81
CA GLU A 18 -7.19 2.59 -2.40
C GLU A 18 -6.84 2.68 -0.93
N ARG A 19 -7.37 1.76 -0.13
CA ARG A 19 -7.11 1.73 1.30
C ARG A 19 -5.68 1.27 1.58
N LEU A 20 -5.19 0.37 0.72
CA LEU A 20 -3.84 -0.14 0.87
C LEU A 20 -2.82 0.93 0.54
N GLN A 21 -3.10 1.71 -0.50
CA GLN A 21 -2.21 2.78 -0.92
C GLN A 21 -2.08 3.83 0.17
N LYS A 22 -3.20 4.17 0.80
CA LYS A 22 -3.21 5.15 1.87
C LYS A 22 -2.39 4.67 3.06
N GLU A 23 -2.45 3.37 3.31
CA GLU A 23 -1.71 2.77 4.43
C GLU A 23 -0.21 2.86 4.19
N ILE A 24 0.21 2.65 2.94
CA ILE A 24 1.62 2.71 2.60
C ILE A 24 2.16 4.12 2.86
N GLU A 25 1.37 5.13 2.53
CA GLU A 25 1.74 6.52 2.74
C GLU A 25 1.97 6.78 4.22
N ARG A 26 1.09 6.24 5.06
CA ARG A 26 1.20 6.42 6.50
C ARG A 26 2.58 5.95 6.97
N HIS A 27 3.02 4.81 6.46
CA HIS A 27 4.31 4.27 6.82
C HIS A 27 5.41 5.19 6.29
N LYS A 28 5.11 5.86 5.19
CA LYS A 28 6.06 6.79 4.58
C LYS A 28 6.28 8.01 5.46
N GLN A 29 5.27 8.31 6.27
CA GLN A 29 5.34 9.46 7.18
C GLN A 29 6.18 9.13 8.41
N SER A 30 6.05 7.89 8.90
CA SER A 30 6.80 7.45 10.07
C SER A 30 8.27 7.23 9.74
N ILE A 31 8.55 6.83 8.50
CA ILE A 31 9.92 6.58 8.06
C ILE A 31 10.60 7.89 7.65
N LYS A 32 9.79 8.85 7.19
CA LYS A 32 10.32 10.14 6.78
C LYS A 32 10.53 11.05 7.99
N LYS A 33 9.77 10.80 9.05
CA LYS A 33 9.90 11.59 10.27
C LYS A 33 11.04 11.08 11.13
N LEU A 34 11.22 9.76 11.15
CA LEU A 34 12.28 9.14 11.92
C LEU A 34 13.63 9.29 11.20
N LYS A 35 13.58 9.38 9.88
CA LYS A 35 14.78 9.53 9.07
C LYS A 35 15.23 10.98 9.05
N GLN A 36 14.27 11.90 9.08
CA GLN A 36 14.57 13.32 9.07
C GLN A 36 15.03 13.80 10.44
N SER A 37 14.56 13.11 11.47
CA SER A 37 14.92 13.45 12.85
C SER A 37 16.33 12.97 13.18
N GLU A 38 16.76 11.92 12.49
CA GLU A 38 18.09 11.35 12.71
C GLU A 38 19.16 12.26 12.12
N ASP A 39 18.82 13.00 11.07
CA ASP A 39 19.75 13.91 10.42
C ASP A 39 19.99 15.14 11.28
N ASP A 40 19.02 15.47 12.11
CA ASP A 40 19.12 16.64 12.99
C ASP A 40 17.95 16.70 13.96
N ASP A 41 18.15 17.41 15.07
CA ASP A 41 17.10 17.55 16.08
C ASP A 41 15.78 17.99 15.45
N ALA B 1 26.90 5.04 24.57
CA ALA B 1 25.42 5.02 24.57
C ALA B 1 24.86 5.67 23.31
N LEU B 2 25.41 5.30 22.17
CA LEU B 2 24.97 5.85 20.89
C LEU B 2 23.52 5.46 20.61
N LYS B 3 23.04 5.83 19.42
CA LYS B 3 21.67 5.51 19.02
C LYS B 3 21.65 4.68 17.76
N LYS B 4 22.05 3.42 17.88
CA LYS B 4 22.07 2.51 16.74
C LYS B 4 20.70 1.86 16.52
N HIS B 5 20.05 1.51 17.63
CA HIS B 5 18.73 0.89 17.57
C HIS B 5 17.79 1.69 16.68
N HIS B 6 17.97 3.01 16.67
CA HIS B 6 17.14 3.88 15.86
C HIS B 6 17.32 3.59 14.37
N GLU B 7 18.56 3.65 13.91
CA GLU B 7 18.86 3.40 12.51
C GLU B 7 18.25 2.07 12.06
N ASN B 8 18.03 1.17 13.01
CA ASN B 8 17.45 -0.13 12.71
C ASN B 8 15.98 0.02 12.36
N GLU B 9 15.20 0.57 13.29
CA GLU B 9 13.78 0.79 13.07
C GLU B 9 13.56 1.62 11.82
N ILE B 10 14.59 2.37 11.42
CA ILE B 10 14.52 3.21 10.24
C ILE B 10 14.50 2.36 8.97
N SER B 11 15.49 1.49 8.84
CA SER B 11 15.58 0.61 7.67
C SER B 11 14.36 -0.30 7.57
N HIS B 12 13.72 -0.55 8.70
CA HIS B 12 12.54 -1.41 8.73
C HIS B 12 11.33 -0.66 8.17
N HIS B 13 11.12 0.58 8.61
CA HIS B 13 10.00 1.37 8.13
C HIS B 13 10.12 1.60 6.63
N ALA B 14 11.35 1.61 6.13
CA ALA B 14 11.61 1.82 4.71
C ALA B 14 11.11 0.63 3.91
N LYS B 15 11.59 -0.55 4.26
CA LYS B 15 11.16 -1.77 3.58
C LYS B 15 9.67 -1.99 3.77
N GLU B 16 9.11 -1.34 4.79
CA GLU B 16 7.69 -1.46 5.08
C GLU B 16 6.85 -0.59 4.15
N ILE B 17 7.36 0.59 3.81
CA ILE B 17 6.64 1.50 2.92
C ILE B 17 6.70 1.00 1.48
N GLU B 18 7.82 0.40 1.11
CA GLU B 18 8.01 -0.12 -0.24
C GLU B 18 7.25 -1.43 -0.42
N ARG B 19 7.21 -2.23 0.64
CA ARG B 19 6.52 -3.51 0.60
C ARG B 19 5.01 -3.31 0.61
N LEU B 20 4.57 -2.24 1.28
CA LEU B 20 3.15 -1.94 1.35
C LEU B 20 2.64 -1.44 0.00
N GLN B 21 3.46 -0.62 -0.66
CA GLN B 21 3.10 -0.08 -1.97
C GLN B 21 2.95 -1.21 -2.98
N LYS B 22 3.87 -2.17 -2.94
CA LYS B 22 3.83 -3.30 -3.85
C LYS B 22 2.57 -4.13 -3.63
N GLU B 23 2.16 -4.25 -2.37
CA GLU B 23 0.97 -5.01 -2.02
C GLU B 23 -0.29 -4.36 -2.58
N ILE B 24 -0.33 -3.03 -2.54
CA ILE B 24 -1.49 -2.30 -3.05
C ILE B 24 -1.64 -2.55 -4.54
N GLU B 25 -0.52 -2.58 -5.25
CA GLU B 25 -0.52 -2.83 -6.69
C GLU B 25 -1.11 -4.20 -7.00
N ARG B 26 -0.74 -5.19 -6.19
CA ARG B 26 -1.24 -6.54 -6.37
C ARG B 26 -2.76 -6.54 -6.35
N HIS B 27 -3.34 -5.79 -5.41
CA HIS B 27 -4.78 -5.69 -5.30
C HIS B 27 -5.33 -4.98 -6.52
N LYS B 28 -4.53 -4.09 -7.09
CA LYS B 28 -4.92 -3.33 -8.27
C LYS B 28 -5.02 -4.25 -9.48
N GLN B 29 -4.29 -5.35 -9.45
CA GLN B 29 -4.30 -6.32 -10.55
C GLN B 29 -5.54 -7.19 -10.47
N SER B 30 -5.93 -7.56 -9.25
CA SER B 30 -7.10 -8.41 -9.05
C SER B 30 -8.40 -7.64 -9.31
N ILE B 31 -8.38 -6.35 -9.03
CA ILE B 31 -9.55 -5.50 -9.23
C ILE B 31 -9.65 -5.06 -10.69
N LYS B 32 -8.50 -4.97 -11.36
CA LYS B 32 -8.46 -4.57 -12.77
C LYS B 32 -8.78 -5.75 -13.66
N LYS B 33 -8.50 -6.96 -13.17
CA LYS B 33 -8.75 -8.17 -13.94
C LYS B 33 -10.21 -8.58 -13.80
N LEU B 34 -10.77 -8.40 -12.61
CA LEU B 34 -12.16 -8.76 -12.35
C LEU B 34 -13.10 -7.70 -12.91
N LYS B 35 -12.61 -6.46 -13.01
CA LYS B 35 -13.41 -5.36 -13.55
C LYS B 35 -13.38 -5.37 -15.06
N GLN B 36 -12.25 -5.79 -15.62
CA GLN B 36 -12.09 -5.85 -17.08
C GLN B 36 -12.80 -7.08 -17.64
N SER B 37 -12.90 -8.12 -16.83
CA SER B 37 -13.56 -9.35 -17.25
C SER B 37 -15.08 -9.21 -17.22
N GLU B 38 -15.56 -8.30 -16.38
CA GLU B 38 -16.99 -8.05 -16.25
C GLU B 38 -17.51 -7.29 -17.47
N ASP B 39 -16.65 -6.48 -18.07
CA ASP B 39 -17.02 -5.69 -19.24
C ASP B 39 -17.14 -6.57 -20.47
N ASP B 40 -16.43 -7.69 -20.47
CA ASP B 40 -16.46 -8.62 -21.59
C ASP B 40 -15.69 -9.90 -21.26
N ASP B 41 -16.01 -10.97 -21.98
CA ASP B 41 -15.34 -12.25 -21.77
C ASP B 41 -13.83 -12.09 -21.78
N ALA A 1 -30.02 -4.31 -16.47
CA ALA A 1 -28.72 -4.86 -16.01
C ALA A 1 -28.83 -6.35 -15.71
N LEU A 2 -27.72 -6.94 -15.30
CA LEU A 2 -27.69 -8.37 -14.98
C LEU A 2 -26.30 -8.78 -14.50
N LYS A 3 -26.27 -9.74 -13.57
CA LYS A 3 -25.00 -10.23 -13.03
C LYS A 3 -24.31 -9.16 -12.19
N LYS A 4 -24.48 -9.26 -10.88
CA LYS A 4 -23.87 -8.30 -9.95
C LYS A 4 -22.82 -8.97 -9.08
N HIS A 5 -22.27 -10.07 -9.58
CA HIS A 5 -21.24 -10.81 -8.84
C HIS A 5 -19.88 -10.12 -8.96
N HIS A 6 -19.60 -9.59 -10.15
CA HIS A 6 -18.35 -8.91 -10.40
C HIS A 6 -18.22 -7.69 -9.51
N GLU A 7 -19.21 -6.81 -9.55
CA GLU A 7 -19.21 -5.61 -8.73
C GLU A 7 -18.99 -5.97 -7.26
N ASN A 8 -19.33 -7.20 -6.90
CA ASN A 8 -19.15 -7.67 -5.53
C ASN A 8 -17.68 -7.80 -5.19
N GLU A 9 -16.99 -8.67 -5.91
CA GLU A 9 -15.56 -8.87 -5.70
C GLU A 9 -14.76 -7.64 -6.14
N ILE A 10 -15.44 -6.71 -6.80
CA ILE A 10 -14.82 -5.49 -7.29
C ILE A 10 -14.92 -4.39 -6.23
N SER A 11 -15.95 -4.50 -5.39
CA SER A 11 -16.15 -3.53 -4.33
C SER A 11 -15.24 -3.87 -3.16
N HIS A 12 -14.96 -5.15 -2.99
CA HIS A 12 -14.10 -5.61 -1.92
C HIS A 12 -12.63 -5.36 -2.30
N HIS A 13 -12.24 -5.76 -3.50
CA HIS A 13 -10.87 -5.54 -3.95
C HIS A 13 -10.62 -4.05 -4.11
N ALA A 14 -11.68 -3.29 -4.37
CA ALA A 14 -11.58 -1.85 -4.54
C ALA A 14 -11.19 -1.18 -3.23
N LYS A 15 -11.89 -1.56 -2.17
CA LYS A 15 -11.61 -1.02 -0.85
C LYS A 15 -10.29 -1.56 -0.30
N GLU A 16 -9.80 -2.65 -0.90
CA GLU A 16 -8.55 -3.26 -0.47
C GLU A 16 -7.35 -2.57 -1.11
N ILE A 17 -7.50 -2.10 -2.34
CA ILE A 17 -6.41 -1.41 -3.03
C ILE A 17 -6.32 0.03 -2.58
N GLU A 18 -7.47 0.61 -2.23
CA GLU A 18 -7.52 1.99 -1.77
C GLU A 18 -7.15 2.07 -0.29
N ARG A 19 -7.58 1.06 0.47
CA ARG A 19 -7.29 1.00 1.89
C ARG A 19 -5.83 0.60 2.12
N LEU A 20 -5.31 -0.23 1.21
CA LEU A 20 -3.94 -0.69 1.31
C LEU A 20 -2.98 0.44 0.96
N GLN A 21 -3.36 1.22 -0.05
CA GLN A 21 -2.54 2.35 -0.49
C GLN A 21 -2.42 3.39 0.62
N LYS A 22 -3.54 3.66 1.30
CA LYS A 22 -3.54 4.63 2.38
C LYS A 22 -2.66 4.16 3.54
N GLU A 23 -2.69 2.86 3.80
CA GLU A 23 -1.89 2.27 4.88
C GLU A 23 -0.40 2.43 4.60
N ILE A 24 -0.01 2.25 3.34
CA ILE A 24 1.39 2.38 2.96
C ILE A 24 1.88 3.81 3.18
N GLU A 25 1.01 4.78 2.88
CA GLU A 25 1.34 6.18 3.06
C GLU A 25 1.66 6.48 4.51
N ARG A 26 0.84 5.95 5.42
CA ARG A 26 1.05 6.14 6.85
C ARG A 26 2.46 5.70 7.25
N HIS A 27 2.83 4.49 6.84
CA HIS A 27 4.15 3.96 7.14
C HIS A 27 5.23 4.77 6.45
N LYS A 28 4.85 5.45 5.37
CA LYS A 28 5.79 6.27 4.61
C LYS A 28 6.05 7.61 5.32
N GLN A 29 5.07 8.04 6.12
CA GLN A 29 5.19 9.29 6.85
C GLN A 29 6.09 9.11 8.07
N SER A 30 5.95 7.97 8.74
CA SER A 30 6.74 7.68 9.93
C SER A 30 8.20 7.42 9.56
N ILE A 31 8.41 6.74 8.43
CA ILE A 31 9.75 6.43 7.96
C ILE A 31 10.42 7.65 7.36
N LYS A 32 9.61 8.56 6.82
CA LYS A 32 10.13 9.78 6.23
C LYS A 32 10.54 10.78 7.30
N LYS A 33 9.87 10.70 8.45
CA LYS A 33 10.16 11.59 9.57
C LYS A 33 11.42 11.14 10.31
N LEU A 34 11.59 9.82 10.41
CA LEU A 34 12.75 9.26 11.09
C LEU A 34 14.01 9.42 10.24
N LYS A 35 13.83 9.39 8.92
CA LYS A 35 14.95 9.55 7.99
C LYS A 35 15.41 11.00 7.92
N GLN A 36 14.45 11.92 7.98
CA GLN A 36 14.76 13.34 7.93
C GLN A 36 15.41 13.81 9.23
N SER A 37 15.06 13.16 10.32
CA SER A 37 15.60 13.50 11.63
C SER A 37 17.05 13.08 11.75
N GLU A 38 17.42 12.02 11.03
CA GLU A 38 18.78 11.51 11.04
C GLU A 38 19.73 12.47 10.35
N ASP A 39 19.19 13.27 9.42
CA ASP A 39 19.99 14.23 8.68
C ASP A 39 19.57 15.66 9.00
N ASP A 40 19.00 15.84 10.20
CA ASP A 40 18.55 17.16 10.64
C ASP A 40 19.47 17.72 11.70
N ASP A 41 19.51 17.06 12.85
CA ASP A 41 20.35 17.49 13.96
C ASP A 41 21.83 17.24 13.65
N ALA B 1 31.02 7.32 13.24
CA ALA B 1 29.54 7.33 13.36
C ALA B 1 29.10 7.18 14.82
N LEU B 2 27.79 7.18 15.04
CA LEU B 2 27.25 7.05 16.39
C LEU B 2 25.73 7.05 16.36
N LYS B 3 25.13 6.29 17.27
CA LYS B 3 23.67 6.21 17.34
C LYS B 3 23.10 5.49 16.13
N LYS B 4 22.80 4.20 16.30
CA LYS B 4 22.25 3.40 15.21
C LYS B 4 20.83 2.95 15.53
N HIS B 5 20.16 3.71 16.39
CA HIS B 5 18.79 3.39 16.78
C HIS B 5 17.80 3.83 15.70
N HIS B 6 18.08 4.98 15.09
CA HIS B 6 17.22 5.51 14.04
C HIS B 6 17.19 4.56 12.86
N GLU B 7 18.36 4.21 12.34
CA GLU B 7 18.45 3.29 11.21
C GLU B 7 17.68 2.01 11.50
N ASN B 8 17.51 1.70 12.79
CA ASN B 8 16.79 0.50 13.20
C ASN B 8 15.31 0.62 12.87
N GLU B 9 14.65 1.62 13.47
CA GLU B 9 13.24 1.86 13.21
C GLU B 9 13.01 2.37 11.79
N ILE B 10 14.11 2.70 11.10
CA ILE B 10 14.06 3.20 9.74
C ILE B 10 14.14 2.04 8.76
N SER B 11 14.78 0.96 9.18
CA SER B 11 14.91 -0.22 8.34
C SER B 11 13.63 -1.03 8.40
N HIS B 12 12.94 -0.96 9.54
CA HIS B 12 11.69 -1.67 9.73
C HIS B 12 10.56 -0.92 9.01
N HIS B 13 10.46 0.39 9.25
CA HIS B 13 9.44 1.19 8.60
C HIS B 13 9.70 1.26 7.10
N ALA B 14 10.95 1.10 6.72
CA ALA B 14 11.34 1.13 5.32
C ALA B 14 10.77 -0.08 4.59
N LYS B 15 10.96 -1.25 5.18
CA LYS B 15 10.46 -2.49 4.60
C LYS B 15 8.93 -2.55 4.71
N GLU B 16 8.36 -1.72 5.58
CA GLU B 16 6.92 -1.69 5.77
C GLU B 16 6.23 -0.81 4.73
N ILE B 17 6.90 0.26 4.31
CA ILE B 17 6.33 1.15 3.30
C ILE B 17 6.53 0.59 1.91
N GLU B 18 7.62 -0.14 1.73
CA GLU B 18 7.93 -0.76 0.44
C GLU B 18 7.16 -2.06 0.28
N ARG B 19 7.01 -2.78 1.38
CA ARG B 19 6.28 -4.04 1.37
C ARG B 19 4.78 -3.79 1.31
N LEU B 20 4.35 -2.68 1.91
CA LEU B 20 2.94 -2.32 1.92
C LEU B 20 2.52 -1.84 0.54
N GLN B 21 3.40 -1.08 -0.11
CA GLN B 21 3.14 -0.55 -1.44
C GLN B 21 2.99 -1.68 -2.44
N LYS B 22 3.86 -2.69 -2.34
CA LYS B 22 3.81 -3.83 -3.24
C LYS B 22 2.51 -4.62 -3.05
N GLU B 23 2.07 -4.72 -1.80
CA GLU B 23 0.85 -5.44 -1.49
C GLU B 23 -0.37 -4.75 -2.11
N ILE B 24 -0.38 -3.43 -2.08
CA ILE B 24 -1.49 -2.67 -2.64
C ILE B 24 -1.58 -2.91 -4.15
N GLU B 25 -0.42 -2.98 -4.80
CA GLU B 25 -0.36 -3.21 -6.23
C GLU B 25 -1.02 -4.53 -6.61
N ARG B 26 -0.72 -5.57 -5.82
CA ARG B 26 -1.30 -6.88 -6.05
C ARG B 26 -2.82 -6.80 -6.07
N HIS B 27 -3.38 -6.18 -5.04
CA HIS B 27 -4.83 -6.01 -4.94
C HIS B 27 -5.35 -5.13 -6.07
N LYS B 28 -4.47 -4.29 -6.62
CA LYS B 28 -4.84 -3.39 -7.70
C LYS B 28 -4.90 -4.15 -9.03
N GLN B 29 -4.15 -5.24 -9.11
CA GLN B 29 -4.12 -6.04 -10.33
C GLN B 29 -5.36 -6.92 -10.42
N SER B 30 -5.78 -7.46 -9.28
CA SER B 30 -6.95 -8.32 -9.24
C SER B 30 -8.23 -7.51 -9.46
N ILE B 31 -8.26 -6.30 -8.90
CA ILE B 31 -9.41 -5.43 -9.03
C ILE B 31 -9.48 -4.80 -10.41
N LYS B 32 -8.31 -4.64 -11.03
CA LYS B 32 -8.23 -4.06 -12.36
C LYS B 32 -8.65 -5.07 -13.42
N LYS B 33 -8.43 -6.35 -13.11
CA LYS B 33 -8.78 -7.42 -14.04
C LYS B 33 -10.28 -7.70 -14.00
N LEU B 34 -10.86 -7.60 -12.79
CA LEU B 34 -12.28 -7.84 -12.61
C LEU B 34 -13.10 -6.68 -13.17
N LYS B 35 -12.54 -5.48 -13.11
CA LYS B 35 -13.21 -4.29 -13.62
C LYS B 35 -13.18 -4.26 -15.15
N GLN B 36 -12.06 -4.70 -15.72
CA GLN B 36 -11.90 -4.72 -17.17
C GLN B 36 -12.76 -5.82 -17.80
N SER B 37 -12.98 -6.89 -17.04
CA SER B 37 -13.78 -8.01 -17.52
C SER B 37 -15.26 -7.64 -17.57
N GLU B 38 -15.67 -6.73 -16.69
CA GLU B 38 -17.05 -6.29 -16.63
C GLU B 38 -17.41 -5.45 -17.86
N ASP B 39 -16.40 -4.82 -18.46
CA ASP B 39 -16.60 -4.00 -19.64
C ASP B 39 -15.90 -4.60 -20.86
N ASP B 40 -15.72 -5.91 -20.83
CA ASP B 40 -15.06 -6.61 -21.93
C ASP B 40 -16.06 -7.42 -22.74
N ASP B 41 -16.65 -8.42 -22.10
CA ASP B 41 -17.64 -9.27 -22.77
C ASP B 41 -18.94 -8.52 -22.99
N ALA A 1 -19.95 -2.29 -23.30
CA ALA A 1 -19.64 -3.26 -22.22
C ALA A 1 -19.98 -2.67 -20.85
N LEU A 2 -20.53 -3.51 -19.98
CA LEU A 2 -20.91 -3.08 -18.64
C LEU A 2 -21.65 -4.19 -17.90
N LYS A 3 -21.04 -4.69 -16.83
CA LYS A 3 -21.64 -5.75 -16.04
C LYS A 3 -21.87 -5.31 -14.60
N LYS A 4 -22.77 -5.99 -13.91
CA LYS A 4 -23.09 -5.65 -12.52
C LYS A 4 -22.32 -6.55 -11.56
N HIS A 5 -22.40 -7.87 -11.78
CA HIS A 5 -21.71 -8.82 -10.93
C HIS A 5 -20.24 -8.44 -10.80
N HIS A 6 -19.63 -8.03 -11.90
CA HIS A 6 -18.23 -7.64 -11.91
C HIS A 6 -18.01 -6.45 -10.99
N GLU A 7 -18.75 -5.37 -11.24
CA GLU A 7 -18.64 -4.16 -10.41
C GLU A 7 -18.81 -4.50 -8.94
N ASN A 8 -19.48 -5.62 -8.66
CA ASN A 8 -19.70 -6.06 -7.28
C ASN A 8 -18.39 -6.50 -6.64
N GLU A 9 -17.77 -7.53 -7.22
CA GLU A 9 -16.49 -8.02 -6.70
C GLU A 9 -15.38 -7.00 -6.95
N ILE A 10 -15.68 -5.99 -7.76
CA ILE A 10 -14.73 -4.94 -8.08
C ILE A 10 -14.80 -3.83 -7.05
N SER A 11 -15.98 -3.66 -6.46
CA SER A 11 -16.17 -2.64 -5.44
C SER A 11 -15.62 -3.13 -4.11
N HIS A 12 -15.67 -4.45 -3.92
CA HIS A 12 -15.15 -5.06 -2.70
C HIS A 12 -13.62 -5.09 -2.73
N HIS A 13 -13.05 -5.55 -3.84
CA HIS A 13 -11.60 -5.59 -3.97
C HIS A 13 -11.04 -4.18 -3.99
N ALA A 14 -11.86 -3.23 -4.45
CA ALA A 14 -11.46 -1.83 -4.50
C ALA A 14 -11.24 -1.29 -3.09
N LYS A 15 -12.21 -1.55 -2.22
CA LYS A 15 -12.12 -1.12 -0.84
C LYS A 15 -10.96 -1.81 -0.14
N GLU A 16 -10.58 -2.99 -0.64
CA GLU A 16 -9.48 -3.75 -0.07
C GLU A 16 -8.13 -3.14 -0.45
N ILE A 17 -8.04 -2.61 -1.66
CA ILE A 17 -6.80 -1.99 -2.13
C ILE A 17 -6.65 -0.58 -1.55
N GLU A 18 -7.76 0.03 -1.18
CA GLU A 18 -7.74 1.37 -0.60
C GLU A 18 -7.41 1.30 0.89
N ARG A 19 -7.89 0.26 1.55
CA ARG A 19 -7.64 0.07 2.97
C ARG A 19 -6.21 -0.38 3.19
N LEU A 20 -5.73 -1.26 2.31
CA LEU A 20 -4.37 -1.77 2.41
C LEU A 20 -3.38 -0.65 2.12
N GLN A 21 -3.70 0.19 1.14
CA GLN A 21 -2.84 1.31 0.78
C GLN A 21 -2.72 2.30 1.94
N LYS A 22 -3.83 2.48 2.65
CA LYS A 22 -3.85 3.40 3.78
C LYS A 22 -2.86 2.95 4.85
N GLU A 23 -2.88 1.65 5.15
CA GLU A 23 -1.98 1.08 6.16
C GLU A 23 -0.52 1.34 5.80
N ILE A 24 -0.17 1.12 4.54
CA ILE A 24 1.20 1.34 4.09
C ILE A 24 1.58 2.80 4.27
N GLU A 25 0.61 3.68 4.06
CA GLU A 25 0.81 5.11 4.20
C GLU A 25 1.27 5.45 5.62
N ARG A 26 0.63 4.82 6.60
CA ARG A 26 1.00 5.04 7.99
C ARG A 26 2.46 4.69 8.22
N HIS A 27 2.86 3.51 7.78
CA HIS A 27 4.23 3.05 7.92
C HIS A 27 5.17 3.98 7.15
N LYS A 28 4.63 4.66 6.14
CA LYS A 28 5.42 5.58 5.33
C LYS A 28 5.63 6.91 6.05
N GLN A 29 4.69 7.26 6.92
CA GLN A 29 4.77 8.49 7.68
C GLN A 29 5.83 8.39 8.77
N SER A 30 5.91 7.22 9.39
CA SER A 30 6.88 6.98 10.45
C SER A 30 8.30 6.89 9.88
N ILE A 31 8.44 6.19 8.78
CA ILE A 31 9.75 6.03 8.13
C ILE A 31 10.18 7.30 7.42
N LYS A 32 9.19 8.12 7.04
CA LYS A 32 9.47 9.38 6.35
C LYS A 32 9.83 10.46 7.36
N LYS A 33 9.34 10.31 8.58
CA LYS A 33 9.61 11.27 9.65
C LYS A 33 11.03 11.10 10.18
N LEU A 34 11.45 9.84 10.33
CA LEU A 34 12.79 9.55 10.81
C LEU A 34 13.83 9.82 9.74
N LYS A 35 13.48 9.55 8.49
CA LYS A 35 14.39 9.77 7.37
C LYS A 35 14.45 11.26 7.02
N GLN A 36 13.37 11.98 7.33
CA GLN A 36 13.30 13.40 7.04
C GLN A 36 14.10 14.19 8.08
N SER A 37 14.15 13.67 9.29
CA SER A 37 14.90 14.33 10.37
C SER A 37 16.39 14.27 10.12
N GLU A 38 16.83 13.20 9.44
CA GLU A 38 18.25 13.03 9.13
C GLU A 38 18.74 14.14 8.20
N ASP A 39 17.86 14.59 7.32
CA ASP A 39 18.20 15.65 6.37
C ASP A 39 16.99 16.52 6.07
N ASP A 40 16.34 17.02 7.12
CA ASP A 40 15.17 17.87 6.98
C ASP A 40 15.43 19.00 5.98
N ASP A 41 14.43 19.30 5.15
CA ASP A 41 14.56 20.35 4.16
C ASP A 41 15.83 20.17 3.32
N ALA B 1 24.68 16.53 8.03
CA ALA B 1 23.77 15.70 8.88
C ALA B 1 23.83 14.23 8.46
N LEU B 2 23.79 13.34 9.44
CA LEU B 2 23.84 11.91 9.17
C LEU B 2 23.95 11.12 10.47
N LYS B 3 22.92 10.34 10.77
CA LYS B 3 22.89 9.53 11.99
C LYS B 3 22.79 8.05 11.65
N LYS B 4 23.18 7.20 12.60
CA LYS B 4 23.13 5.75 12.41
C LYS B 4 21.87 5.17 13.03
N HIS B 5 21.63 5.51 14.29
CA HIS B 5 20.46 5.00 15.00
C HIS B 5 19.19 5.28 14.19
N HIS B 6 19.12 6.45 13.58
CA HIS B 6 17.97 6.82 12.77
C HIS B 6 17.84 5.89 11.58
N GLU B 7 18.90 5.77 10.79
CA GLU B 7 18.89 4.90 9.64
C GLU B 7 18.48 3.48 10.03
N ASN B 8 18.66 3.15 11.31
CA ASN B 8 18.31 1.83 11.81
C ASN B 8 16.79 1.65 11.83
N GLU B 9 16.11 2.49 12.60
CA GLU B 9 14.65 2.44 12.68
C GLU B 9 14.02 2.89 11.36
N ILE B 10 14.85 3.44 10.48
CA ILE B 10 14.39 3.92 9.18
C ILE B 10 14.46 2.79 8.17
N SER B 11 15.39 1.87 8.38
CA SER B 11 15.54 0.72 7.49
C SER B 11 14.48 -0.32 7.81
N HIS B 12 14.07 -0.37 9.07
CA HIS B 12 13.05 -1.31 9.52
C HIS B 12 11.67 -0.83 9.06
N HIS B 13 11.37 0.45 9.30
CA HIS B 13 10.09 1.01 8.88
C HIS B 13 10.00 1.02 7.36
N ALA B 14 11.16 1.11 6.72
CA ALA B 14 11.23 1.12 5.26
C ALA B 14 10.75 -0.21 4.71
N LYS B 15 11.26 -1.30 5.27
CA LYS B 15 10.88 -2.63 4.86
C LYS B 15 9.40 -2.88 5.16
N GLU B 16 8.88 -2.15 6.15
CA GLU B 16 7.48 -2.28 6.53
C GLU B 16 6.56 -1.61 5.52
N ILE B 17 7.01 -0.48 4.97
CA ILE B 17 6.23 0.25 3.99
C ILE B 17 6.31 -0.42 2.61
N GLU B 18 7.39 -1.17 2.39
CA GLU B 18 7.58 -1.85 1.12
C GLU B 18 6.79 -3.16 1.11
N ARG B 19 6.71 -3.81 2.26
CA ARG B 19 5.99 -5.06 2.38
C ARG B 19 4.49 -4.81 2.37
N LEU B 20 4.08 -3.73 3.04
CA LEU B 20 2.67 -3.36 3.09
C LEU B 20 2.18 -2.93 1.71
N GLN B 21 3.04 -2.19 1.00
CA GLN B 21 2.70 -1.72 -0.33
C GLN B 21 2.53 -2.90 -1.29
N LYS B 22 3.36 -3.93 -1.11
CA LYS B 22 3.28 -5.11 -1.96
C LYS B 22 1.93 -5.79 -1.82
N GLU B 23 1.46 -5.92 -0.57
CA GLU B 23 0.18 -6.55 -0.31
C GLU B 23 -0.95 -5.82 -1.02
N ILE B 24 -0.94 -4.49 -0.92
CA ILE B 24 -1.98 -3.68 -1.58
C ILE B 24 -1.95 -3.91 -3.09
N GLU B 25 -0.74 -4.10 -3.62
CA GLU B 25 -0.56 -4.33 -5.04
C GLU B 25 -1.33 -5.57 -5.48
N ARG B 26 -1.24 -6.63 -4.67
CA ARG B 26 -1.94 -7.87 -4.97
C ARG B 26 -3.44 -7.61 -5.09
N HIS B 27 -3.99 -6.94 -4.10
CA HIS B 27 -5.41 -6.62 -4.10
C HIS B 27 -5.75 -5.71 -5.28
N LYS B 28 -4.75 -5.00 -5.79
CA LYS B 28 -4.93 -4.10 -6.92
C LYS B 28 -4.96 -4.87 -8.23
N GLN B 29 -4.30 -6.02 -8.25
CA GLN B 29 -4.24 -6.86 -9.44
C GLN B 29 -5.58 -7.57 -9.65
N SER B 30 -6.18 -8.00 -8.55
CA SER B 30 -7.46 -8.69 -8.60
C SER B 30 -8.59 -7.74 -8.98
N ILE B 31 -8.57 -6.55 -8.37
CA ILE B 31 -9.60 -5.55 -8.64
C ILE B 31 -9.38 -4.89 -10.00
N LYS B 32 -8.13 -4.91 -10.46
CA LYS B 32 -7.78 -4.33 -11.76
C LYS B 32 -8.11 -5.30 -12.88
N LYS B 33 -8.10 -6.59 -12.56
CA LYS B 33 -8.40 -7.62 -13.55
C LYS B 33 -9.90 -7.68 -13.83
N LEU B 34 -10.69 -7.57 -12.76
CA LEU B 34 -12.14 -7.60 -12.89
C LEU B 34 -12.67 -6.31 -13.51
N LYS B 35 -12.03 -5.19 -13.15
CA LYS B 35 -12.43 -3.89 -13.67
C LYS B 35 -11.95 -3.71 -15.10
N GLN B 36 -10.86 -4.39 -15.43
CA GLN B 36 -10.29 -4.31 -16.78
C GLN B 36 -11.11 -5.15 -17.76
N SER B 37 -11.70 -6.23 -17.26
CA SER B 37 -12.50 -7.10 -18.09
C SER B 37 -13.79 -6.42 -18.51
N GLU B 38 -14.29 -5.52 -17.66
CA GLU B 38 -15.52 -4.80 -17.94
C GLU B 38 -15.35 -3.90 -19.16
N ASP B 39 -14.15 -3.37 -19.34
CA ASP B 39 -13.85 -2.50 -20.46
C ASP B 39 -12.40 -2.66 -20.91
N ASP B 40 -12.01 -3.90 -21.16
CA ASP B 40 -10.65 -4.21 -21.60
C ASP B 40 -10.25 -3.31 -22.78
N ASP B 41 -9.00 -2.85 -22.76
CA ASP B 41 -8.49 -1.99 -23.82
C ASP B 41 -9.42 -0.81 -24.05
N ALA A 1 -26.70 -4.92 -20.90
CA ALA A 1 -25.65 -5.95 -20.79
C ALA A 1 -24.60 -5.57 -19.76
N LEU A 2 -24.92 -5.79 -18.48
CA LEU A 2 -24.00 -5.46 -17.40
C LEU A 2 -24.16 -6.45 -16.25
N LYS A 3 -23.04 -7.06 -15.85
CA LYS A 3 -23.04 -8.03 -14.76
C LYS A 3 -23.17 -7.32 -13.42
N LYS A 4 -23.59 -8.08 -12.40
CA LYS A 4 -23.75 -7.52 -11.06
C LYS A 4 -22.75 -8.15 -10.09
N HIS A 5 -22.66 -9.47 -10.12
CA HIS A 5 -21.74 -10.19 -9.24
C HIS A 5 -20.34 -9.61 -9.32
N HIS A 6 -19.98 -9.09 -10.49
CA HIS A 6 -18.67 -8.50 -10.70
C HIS A 6 -18.48 -7.29 -9.80
N GLU A 7 -19.39 -6.32 -9.93
CA GLU A 7 -19.33 -5.12 -9.11
C GLU A 7 -19.20 -5.48 -7.62
N ASN A 8 -19.67 -6.67 -7.27
CA ASN A 8 -19.60 -7.13 -5.89
C ASN A 8 -18.16 -7.38 -5.47
N GLU A 9 -17.50 -8.30 -6.16
CA GLU A 9 -16.10 -8.62 -5.87
C GLU A 9 -15.19 -7.45 -6.26
N ILE A 10 -15.76 -6.48 -6.97
CA ILE A 10 -15.03 -5.31 -7.42
C ILE A 10 -15.09 -4.21 -6.37
N SER A 11 -16.17 -4.22 -5.59
CA SER A 11 -16.35 -3.25 -4.53
C SER A 11 -15.53 -3.64 -3.31
N HIS A 12 -15.36 -4.95 -3.14
CA HIS A 12 -14.57 -5.47 -2.03
C HIS A 12 -13.08 -5.32 -2.33
N HIS A 13 -12.66 -5.75 -3.52
CA HIS A 13 -11.26 -5.63 -3.89
C HIS A 13 -10.88 -4.15 -4.02
N ALA A 14 -11.87 -3.32 -4.33
CA ALA A 14 -11.64 -1.89 -4.47
C ALA A 14 -11.27 -1.28 -3.13
N LYS A 15 -12.06 -1.61 -2.11
CA LYS A 15 -11.80 -1.11 -0.77
C LYS A 15 -10.54 -1.73 -0.20
N GLU A 16 -10.09 -2.84 -0.79
CA GLU A 16 -8.89 -3.53 -0.33
C GLU A 16 -7.63 -2.86 -0.86
N ILE A 17 -7.67 -2.40 -2.11
CA ILE A 17 -6.51 -1.74 -2.71
C ILE A 17 -6.39 -0.31 -2.22
N GLU A 18 -7.53 0.29 -1.90
CA GLU A 18 -7.54 1.67 -1.41
C GLU A 18 -7.21 1.70 0.07
N ARG A 19 -7.66 0.68 0.81
CA ARG A 19 -7.40 0.59 2.24
C ARG A 19 -5.96 0.21 2.49
N LEU A 20 -5.41 -0.63 1.61
CA LEU A 20 -4.03 -1.07 1.74
C LEU A 20 -3.08 0.07 1.41
N GLN A 21 -3.43 0.85 0.39
CA GLN A 21 -2.62 1.98 -0.01
C GLN A 21 -2.52 3.01 1.10
N LYS A 22 -3.64 3.24 1.79
CA LYS A 22 -3.69 4.20 2.88
C LYS A 22 -2.77 3.76 4.02
N GLU A 23 -2.80 2.48 4.33
CA GLU A 23 -1.98 1.92 5.40
C GLU A 23 -0.49 2.10 5.09
N ILE A 24 -0.12 1.91 3.83
CA ILE A 24 1.28 2.05 3.43
C ILE A 24 1.74 3.50 3.62
N GLU A 25 0.82 4.43 3.37
CA GLU A 25 1.11 5.85 3.52
C GLU A 25 1.49 6.17 4.95
N ARG A 26 0.72 5.61 5.90
CA ARG A 26 0.98 5.84 7.31
C ARG A 26 2.41 5.42 7.65
N HIS A 27 2.77 4.21 7.25
CA HIS A 27 4.12 3.70 7.51
C HIS A 27 5.16 4.54 6.78
N LYS A 28 4.73 5.21 5.71
CA LYS A 28 5.61 6.05 4.92
C LYS A 28 5.85 7.39 5.60
N GLN A 29 4.90 7.79 6.44
CA GLN A 29 5.00 9.05 7.17
C GLN A 29 5.97 8.92 8.33
N SER A 30 5.91 7.78 9.02
CA SER A 30 6.78 7.52 10.16
C SER A 30 8.22 7.33 9.69
N ILE A 31 8.40 6.61 8.59
CA ILE A 31 9.72 6.35 8.04
C ILE A 31 10.27 7.58 7.33
N LYS A 32 9.36 8.41 6.83
CA LYS A 32 9.75 9.63 6.13
C LYS A 32 10.12 10.73 7.12
N LYS A 33 9.54 10.65 8.31
CA LYS A 33 9.82 11.63 9.36
C LYS A 33 11.16 11.35 10.03
N LEU A 34 11.46 10.07 10.23
CA LEU A 34 12.71 9.67 10.86
C LEU A 34 13.88 9.84 9.90
N LYS A 35 13.61 9.65 8.61
CA LYS A 35 14.65 9.79 7.59
C LYS A 35 14.92 11.27 7.30
N GLN A 36 13.89 12.08 7.41
CA GLN A 36 14.02 13.52 7.17
C GLN A 36 14.73 14.20 8.32
N SER A 37 14.57 13.66 9.52
CA SER A 37 15.19 14.22 10.71
C SER A 37 16.68 13.94 10.72
N GLU A 38 17.09 12.88 10.05
CA GLU A 38 18.50 12.51 9.97
C GLU A 38 19.27 13.48 9.10
N ASP A 39 18.58 14.08 8.14
CA ASP A 39 19.20 15.05 7.24
C ASP A 39 19.44 16.39 7.93
N ASP A 40 18.46 16.82 8.72
CA ASP A 40 18.56 18.07 9.45
C ASP A 40 17.48 18.17 10.53
N ASP A 41 17.84 18.76 11.66
CA ASP A 41 16.89 18.93 12.76
C ASP A 41 16.34 20.35 12.80
N ALA B 1 29.23 12.57 12.69
CA ALA B 1 27.95 12.89 13.36
C ALA B 1 26.79 12.18 12.68
N LEU B 2 26.61 10.90 13.01
CA LEU B 2 25.54 10.10 12.43
C LEU B 2 25.03 9.08 13.43
N LYS B 3 23.72 9.09 13.67
CA LYS B 3 23.09 8.17 14.61
C LYS B 3 22.99 6.77 14.00
N LYS B 4 22.83 5.77 14.86
CA LYS B 4 22.71 4.39 14.41
C LYS B 4 21.33 3.83 14.71
N HIS B 5 20.87 4.04 15.94
CA HIS B 5 19.55 3.56 16.34
C HIS B 5 18.48 3.98 15.35
N HIS B 6 18.67 5.14 14.73
CA HIS B 6 17.72 5.65 13.75
C HIS B 6 17.63 4.71 12.56
N GLU B 7 18.77 4.46 11.93
CA GLU B 7 18.82 3.56 10.78
C GLU B 7 18.13 2.23 11.10
N ASN B 8 18.09 1.89 12.39
CA ASN B 8 17.46 0.64 12.83
C ASN B 8 15.95 0.71 12.62
N GLU B 9 15.30 1.66 13.28
CA GLU B 9 13.86 1.82 13.14
C GLU B 9 13.50 2.34 11.74
N ILE B 10 14.52 2.74 10.98
CA ILE B 10 14.34 3.25 9.64
C ILE B 10 14.40 2.10 8.63
N SER B 11 15.12 1.05 8.99
CA SER B 11 15.24 -0.12 8.14
C SER B 11 14.00 -0.99 8.27
N HIS B 12 13.41 -0.96 9.46
CA HIS B 12 12.20 -1.73 9.73
C HIS B 12 10.99 -1.02 9.12
N HIS B 13 10.84 0.28 9.38
CA HIS B 13 9.74 1.04 8.81
C HIS B 13 9.87 1.10 7.29
N ALA B 14 11.11 1.00 6.81
CA ALA B 14 11.36 1.05 5.37
C ALA B 14 10.79 -0.19 4.70
N LYS B 15 11.08 -1.34 5.27
CA LYS B 15 10.58 -2.60 4.74
C LYS B 15 9.07 -2.71 4.95
N GLU B 16 8.53 -1.89 5.85
CA GLU B 16 7.10 -1.90 6.13
C GLU B 16 6.32 -1.10 5.09
N ILE B 17 6.88 0.03 4.65
CA ILE B 17 6.22 0.87 3.66
C ILE B 17 6.38 0.27 2.26
N GLU B 18 7.48 -0.44 2.06
CA GLU B 18 7.74 -1.07 0.77
C GLU B 18 6.99 -2.38 0.65
N ARG B 19 6.87 -3.09 1.77
CA ARG B 19 6.16 -4.36 1.79
C ARG B 19 4.66 -4.14 1.72
N LEU B 20 4.20 -3.05 2.32
CA LEU B 20 2.78 -2.71 2.31
C LEU B 20 2.36 -2.26 0.93
N GLN B 21 3.23 -1.48 0.28
CA GLN B 21 2.95 -0.97 -1.06
C GLN B 21 2.82 -2.13 -2.04
N LYS B 22 3.68 -3.13 -1.91
CA LYS B 22 3.66 -4.29 -2.79
C LYS B 22 2.34 -5.05 -2.63
N GLU B 23 1.89 -5.22 -1.40
CA GLU B 23 0.65 -5.92 -1.12
C GLU B 23 -0.54 -5.22 -1.75
N ILE B 24 -0.53 -3.89 -1.70
CA ILE B 24 -1.63 -3.11 -2.29
C ILE B 24 -1.68 -3.33 -3.81
N GLU B 25 -0.50 -3.46 -4.41
CA GLU B 25 -0.39 -3.67 -5.85
C GLU B 25 -1.09 -4.97 -6.24
N ARG B 26 -0.86 -6.02 -5.46
CA ARG B 26 -1.47 -7.32 -5.73
C ARG B 26 -2.99 -7.18 -5.77
N HIS B 27 -3.55 -6.55 -4.74
CA HIS B 27 -4.99 -6.34 -4.68
C HIS B 27 -5.46 -5.44 -5.82
N LYS B 28 -4.53 -4.63 -6.33
CA LYS B 28 -4.84 -3.71 -7.42
C LYS B 28 -4.87 -4.45 -8.75
N GLN B 29 -4.16 -5.57 -8.82
CA GLN B 29 -4.11 -6.37 -10.04
C GLN B 29 -5.39 -7.18 -10.20
N SER B 30 -5.89 -7.71 -9.09
CA SER B 30 -7.11 -8.51 -9.11
C SER B 30 -8.32 -7.62 -9.37
N ILE B 31 -8.34 -6.45 -8.76
CA ILE B 31 -9.44 -5.51 -8.94
C ILE B 31 -9.35 -4.82 -10.30
N LYS B 32 -8.14 -4.68 -10.81
CA LYS B 32 -7.91 -4.05 -12.10
C LYS B 32 -8.23 -5.02 -13.24
N LYS B 33 -8.11 -6.31 -12.96
CA LYS B 33 -8.40 -7.33 -13.96
C LYS B 33 -9.90 -7.54 -14.11
N LEU B 34 -10.61 -7.50 -12.99
CA LEU B 34 -12.05 -7.69 -12.98
C LEU B 34 -12.75 -6.45 -13.54
N LYS B 35 -12.17 -5.28 -13.29
CA LYS B 35 -12.74 -4.03 -13.76
C LYS B 35 -12.47 -3.84 -15.26
N GLN B 36 -11.32 -4.34 -15.71
CA GLN B 36 -10.95 -4.23 -17.11
C GLN B 36 -11.75 -5.20 -17.96
N SER B 37 -12.14 -6.33 -17.38
CA SER B 37 -12.91 -7.34 -18.08
C SER B 37 -14.34 -6.87 -18.30
N GLU B 38 -14.82 -5.99 -17.42
CA GLU B 38 -16.17 -5.46 -17.51
C GLU B 38 -16.30 -4.52 -18.69
N ASP B 39 -15.20 -3.89 -19.07
CA ASP B 39 -15.20 -2.95 -20.20
C ASP B 39 -15.24 -3.70 -21.52
N ASP B 40 -14.48 -4.78 -21.61
CA ASP B 40 -14.43 -5.59 -22.82
C ASP B 40 -13.76 -6.93 -22.57
N ASP B 41 -14.27 -7.97 -23.22
CA ASP B 41 -13.72 -9.32 -23.06
C ASP B 41 -12.81 -9.68 -24.22
N ALA A 1 -25.59 -13.18 -13.06
CA ALA A 1 -26.80 -13.27 -12.19
C ALA A 1 -26.50 -13.99 -10.88
N LEU A 2 -26.31 -15.31 -10.97
CA LEU A 2 -26.01 -16.12 -9.80
C LEU A 2 -24.67 -15.70 -9.18
N LYS A 3 -23.80 -15.14 -9.99
CA LYS A 3 -22.49 -14.69 -9.53
C LYS A 3 -22.53 -13.25 -9.04
N LYS A 4 -23.54 -12.94 -8.22
CA LYS A 4 -23.70 -11.60 -7.68
C LYS A 4 -22.58 -11.27 -6.69
N HIS A 5 -22.15 -12.29 -5.94
CA HIS A 5 -21.09 -12.11 -4.96
C HIS A 5 -19.85 -11.49 -5.61
N HIS A 6 -19.71 -11.69 -6.92
CA HIS A 6 -18.58 -11.16 -7.65
C HIS A 6 -18.52 -9.63 -7.54
N GLU A 7 -19.67 -8.99 -7.74
CA GLU A 7 -19.75 -7.54 -7.66
C GLU A 7 -19.30 -7.05 -6.29
N ASN A 8 -19.45 -7.91 -5.29
CA ASN A 8 -19.05 -7.57 -3.93
C ASN A 8 -17.53 -7.55 -3.81
N GLU A 9 -16.90 -8.69 -4.13
CA GLU A 9 -15.46 -8.79 -4.08
C GLU A 9 -14.82 -7.73 -4.98
N ILE A 10 -15.59 -7.23 -5.94
CA ILE A 10 -15.11 -6.21 -6.86
C ILE A 10 -14.98 -4.86 -6.15
N SER A 11 -16.07 -4.40 -5.53
CA SER A 11 -16.08 -3.14 -4.82
C SER A 11 -15.08 -3.16 -3.66
N HIS A 12 -14.82 -4.36 -3.15
CA HIS A 12 -13.88 -4.53 -2.04
C HIS A 12 -12.45 -4.32 -2.52
N HIS A 13 -12.08 -4.97 -3.63
CA HIS A 13 -10.73 -4.82 -4.16
C HIS A 13 -10.46 -3.36 -4.50
N ALA A 14 -11.50 -2.63 -4.88
CA ALA A 14 -11.38 -1.22 -5.23
C ALA A 14 -10.95 -0.41 -4.03
N LYS A 15 -11.72 -0.51 -2.96
CA LYS A 15 -11.39 0.20 -1.73
C LYS A 15 -10.07 -0.29 -1.15
N GLU A 16 -9.62 -1.46 -1.63
CA GLU A 16 -8.37 -2.03 -1.16
C GLU A 16 -7.17 -1.44 -1.91
N ILE A 17 -7.37 -1.11 -3.19
CA ILE A 17 -6.29 -0.54 -3.97
C ILE A 17 -6.08 0.94 -3.61
N GLU A 18 -7.19 1.63 -3.35
CA GLU A 18 -7.13 3.04 -2.97
C GLU A 18 -6.71 3.18 -1.52
N ARG A 19 -7.21 2.29 -0.67
CA ARG A 19 -6.88 2.31 0.74
C ARG A 19 -5.46 1.82 0.97
N LEU A 20 -4.98 0.98 0.06
CA LEU A 20 -3.62 0.45 0.14
C LEU A 20 -2.62 1.55 -0.18
N GLN A 21 -2.93 2.33 -1.21
CA GLN A 21 -2.05 3.43 -1.63
C GLN A 21 -1.90 4.44 -0.51
N LYS A 22 -3.02 4.83 0.10
CA LYS A 22 -3.00 5.80 1.18
C LYS A 22 -2.21 5.27 2.37
N GLU A 23 -2.28 3.95 2.56
CA GLU A 23 -1.56 3.31 3.67
C GLU A 23 -0.06 3.37 3.45
N ILE A 24 0.38 3.24 2.20
CA ILE A 24 1.80 3.29 1.88
C ILE A 24 2.37 4.66 2.20
N GLU A 25 1.60 5.70 1.86
CA GLU A 25 2.01 7.07 2.10
C GLU A 25 2.21 7.31 3.59
N ARG A 26 1.30 6.77 4.40
CA ARG A 26 1.38 6.91 5.84
C ARG A 26 2.68 6.33 6.36
N HIS A 27 3.09 5.20 5.79
CA HIS A 27 4.33 4.56 6.18
C HIS A 27 5.52 5.42 5.77
N LYS A 28 5.33 6.21 4.71
CA LYS A 28 6.37 7.08 4.20
C LYS A 28 6.59 8.26 5.15
N GLN A 29 5.51 8.69 5.79
CA GLN A 29 5.57 9.81 6.73
C GLN A 29 6.34 9.42 7.99
N SER A 30 6.08 8.21 8.48
CA SER A 30 6.75 7.71 9.68
C SER A 30 8.24 7.48 9.42
N ILE A 31 8.54 6.90 8.27
CA ILE A 31 9.93 6.61 7.90
C ILE A 31 10.69 7.90 7.56
N LYS A 32 9.96 8.92 7.15
CA LYS A 32 10.56 10.20 6.81
C LYS A 32 10.90 11.00 8.07
N LYS A 33 10.06 10.88 9.09
CA LYS A 33 10.28 11.60 10.34
C LYS A 33 11.30 10.87 11.20
N LEU A 34 11.40 9.56 11.01
CA LEU A 34 12.34 8.74 11.77
C LEU A 34 13.74 8.83 11.14
N LYS A 35 13.79 9.05 9.84
CA LYS A 35 15.06 9.16 9.13
C LYS A 35 15.67 10.55 9.32
N GLN A 36 14.80 11.56 9.39
CA GLN A 36 15.25 12.94 9.57
C GLN A 36 15.61 13.20 11.01
N SER A 37 14.94 12.51 11.93
CA SER A 37 15.19 12.67 13.36
C SER A 37 16.45 11.91 13.76
N GLU A 38 16.77 10.85 13.02
CA GLU A 38 17.95 10.05 13.30
C GLU A 38 19.22 10.77 12.85
N ASP A 39 19.07 11.65 11.87
CA ASP A 39 20.20 12.42 11.35
C ASP A 39 20.64 13.47 12.35
N ASP A 40 19.72 13.92 13.19
CA ASP A 40 20.01 14.94 14.19
C ASP A 40 20.24 16.29 13.53
N ASP A 41 19.67 17.34 14.14
CA ASP A 41 19.81 18.69 13.61
C ASP A 41 19.36 19.72 14.64
N ALA B 1 23.32 6.41 20.34
CA ALA B 1 24.12 5.26 20.81
C ALA B 1 23.23 4.18 21.43
N LEU B 2 22.69 4.47 22.61
CA LEU B 2 21.82 3.53 23.31
C LEU B 2 20.55 3.29 22.50
N LYS B 3 20.18 4.26 21.68
CA LYS B 3 18.97 4.14 20.86
C LYS B 3 19.28 3.50 19.52
N LYS B 4 20.03 2.40 19.55
CA LYS B 4 20.40 1.68 18.33
C LYS B 4 19.17 1.03 17.69
N HIS B 5 18.25 0.57 18.53
CA HIS B 5 17.04 -0.08 18.04
C HIS B 5 16.31 0.83 17.05
N HIS B 6 16.54 2.14 17.17
CA HIS B 6 15.89 3.11 16.30
C HIS B 6 16.26 2.84 14.83
N GLU B 7 17.55 2.62 14.59
CA GLU B 7 18.03 2.35 13.23
C GLU B 7 17.33 1.12 12.65
N ASN B 8 16.89 0.23 13.53
CA ASN B 8 16.21 -0.98 13.10
C ASN B 8 14.80 -0.65 12.62
N GLU B 9 14.01 -0.03 13.48
CA GLU B 9 12.66 0.35 13.13
C GLU B 9 12.67 1.26 11.91
N ILE B 10 13.81 1.89 11.66
CA ILE B 10 13.97 2.79 10.53
C ILE B 10 14.02 2.00 9.21
N SER B 11 14.96 1.06 9.14
CA SER B 11 15.11 0.23 7.94
C SER B 11 13.84 -0.57 7.68
N HIS B 12 13.08 -0.83 8.74
CA HIS B 12 11.84 -1.60 8.62
C HIS B 12 10.76 -0.74 7.96
N HIS B 13 10.59 0.49 8.44
CA HIS B 13 9.58 1.37 7.86
C HIS B 13 9.86 1.61 6.39
N ALA B 14 11.15 1.57 6.02
CA ALA B 14 11.55 1.80 4.64
C ALA B 14 11.03 0.67 3.76
N LYS B 15 11.36 -0.56 4.11
CA LYS B 15 10.90 -1.71 3.34
C LYS B 15 9.37 -1.81 3.41
N GLU B 16 8.77 -1.10 4.37
CA GLU B 16 7.32 -1.12 4.53
C GLU B 16 6.66 -0.13 3.58
N ILE B 17 7.33 0.99 3.30
CA ILE B 17 6.78 1.99 2.40
C ILE B 17 6.90 1.53 0.94
N GLU B 18 8.02 0.88 0.63
CA GLU B 18 8.27 0.38 -0.71
C GLU B 18 7.47 -0.90 -0.95
N ARG B 19 7.38 -1.74 0.07
CA ARG B 19 6.64 -2.99 -0.03
C ARG B 19 5.14 -2.72 -0.02
N LEU B 20 4.76 -1.61 0.61
CA LEU B 20 3.36 -1.23 0.69
C LEU B 20 2.87 -0.74 -0.66
N GLN B 21 3.71 0.04 -1.34
CA GLN B 21 3.37 0.57 -2.64
C GLN B 21 3.18 -0.56 -3.65
N LYS B 22 4.11 -1.51 -3.65
CA LYS B 22 4.04 -2.64 -4.55
C LYS B 22 2.80 -3.48 -4.28
N GLU B 23 2.41 -3.54 -3.01
CA GLU B 23 1.25 -4.31 -2.60
C GLU B 23 -0.04 -3.68 -3.14
N ILE B 24 -0.07 -2.36 -3.16
CA ILE B 24 -1.25 -1.64 -3.65
C ILE B 24 -1.45 -1.92 -5.14
N GLU B 25 -0.35 -1.94 -5.89
CA GLU B 25 -0.40 -2.21 -7.31
C GLU B 25 -0.97 -3.59 -7.58
N ARG B 26 -0.55 -4.56 -6.77
CA ARG B 26 -1.04 -5.93 -6.91
C ARG B 26 -2.55 -5.97 -6.76
N HIS B 27 -3.07 -5.17 -5.83
CA HIS B 27 -4.50 -5.10 -5.59
C HIS B 27 -5.20 -4.45 -6.78
N LYS B 28 -4.46 -3.60 -7.49
CA LYS B 28 -4.99 -2.92 -8.67
C LYS B 28 -5.13 -3.88 -9.83
N GLN B 29 -4.24 -4.86 -9.90
CA GLN B 29 -4.25 -5.86 -10.96
C GLN B 29 -5.46 -6.78 -10.80
N SER B 30 -5.73 -7.19 -9.57
CA SER B 30 -6.85 -8.08 -9.30
C SER B 30 -8.18 -7.38 -9.54
N ILE B 31 -8.27 -6.12 -9.10
CA ILE B 31 -9.49 -5.33 -9.27
C ILE B 31 -9.70 -4.95 -10.73
N LYS B 32 -8.60 -4.89 -11.49
CA LYS B 32 -8.67 -4.53 -12.90
C LYS B 32 -9.14 -5.72 -13.74
N LYS B 33 -8.73 -6.91 -13.34
CA LYS B 33 -9.11 -8.13 -14.06
C LYS B 33 -10.53 -8.55 -13.69
N LEU B 34 -10.94 -8.20 -12.48
CA LEU B 34 -12.27 -8.55 -11.99
C LEU B 34 -13.31 -7.56 -12.53
N LYS B 35 -12.88 -6.33 -12.77
CA LYS B 35 -13.77 -5.30 -13.29
C LYS B 35 -13.96 -5.46 -14.79
N GLN B 36 -12.91 -5.89 -15.48
CA GLN B 36 -12.96 -6.09 -16.93
C GLN B 36 -13.67 -7.39 -17.26
N SER B 37 -13.55 -8.37 -16.38
CA SER B 37 -14.18 -9.68 -16.58
C SER B 37 -15.66 -9.61 -16.26
N GLU B 38 -16.03 -8.69 -15.36
CA GLU B 38 -17.43 -8.52 -14.96
C GLU B 38 -18.21 -7.80 -16.06
N ASP B 39 -17.52 -7.02 -16.87
CA ASP B 39 -18.15 -6.28 -17.96
C ASP B 39 -18.55 -7.22 -19.09
N ASP B 40 -17.85 -8.34 -19.20
CA ASP B 40 -18.13 -9.32 -20.24
C ASP B 40 -17.73 -8.78 -21.61
N ASP B 41 -17.10 -9.64 -22.41
CA ASP B 41 -16.67 -9.25 -23.75
C ASP B 41 -16.26 -10.47 -24.57
N ALA A 1 -28.43 -8.19 -14.15
CA ALA A 1 -27.62 -8.07 -12.93
C ALA A 1 -27.83 -9.29 -12.02
N LEU A 2 -27.33 -10.44 -12.46
CA LEU A 2 -27.48 -11.68 -11.69
C LEU A 2 -26.30 -11.87 -10.74
N LYS A 3 -25.24 -12.52 -11.22
CA LYS A 3 -24.06 -12.78 -10.40
C LYS A 3 -23.66 -11.56 -9.57
N LYS A 4 -24.14 -11.51 -8.34
CA LYS A 4 -23.84 -10.39 -7.45
C LYS A 4 -22.75 -10.75 -6.45
N HIS A 5 -21.98 -11.79 -6.77
CA HIS A 5 -20.89 -12.22 -5.90
C HIS A 5 -19.55 -11.72 -6.42
N HIS A 6 -19.45 -11.61 -7.74
CA HIS A 6 -18.23 -11.12 -8.37
C HIS A 6 -18.06 -9.62 -8.17
N GLU A 7 -19.17 -8.88 -8.25
CA GLU A 7 -19.13 -7.44 -8.09
C GLU A 7 -18.81 -7.07 -6.64
N ASN A 8 -19.25 -7.90 -5.71
CA ASN A 8 -19.00 -7.67 -4.29
C ASN A 8 -17.52 -7.86 -3.98
N GLU A 9 -16.94 -8.92 -4.54
CA GLU A 9 -15.53 -9.21 -4.33
C GLU A 9 -14.66 -8.07 -4.85
N ILE A 10 -14.96 -7.61 -6.06
CA ILE A 10 -14.20 -6.52 -6.64
C ILE A 10 -14.45 -5.24 -5.87
N SER A 11 -15.62 -5.13 -5.26
CA SER A 11 -15.95 -3.96 -4.47
C SER A 11 -14.94 -3.78 -3.35
N HIS A 12 -14.60 -4.91 -2.71
CA HIS A 12 -13.62 -4.88 -1.62
C HIS A 12 -12.23 -4.55 -2.20
N HIS A 13 -11.93 -5.11 -3.37
CA HIS A 13 -10.64 -4.86 -4.02
C HIS A 13 -10.49 -3.38 -4.34
N ALA A 14 -11.62 -2.69 -4.51
CA ALA A 14 -11.60 -1.28 -4.82
C ALA A 14 -11.16 -0.50 -3.59
N LYS A 15 -11.84 -0.72 -2.48
CA LYS A 15 -11.50 -0.06 -1.23
C LYS A 15 -10.16 -0.59 -0.70
N GLU A 16 -9.66 -1.68 -1.30
CA GLU A 16 -8.40 -2.27 -0.88
C GLU A 16 -7.22 -1.60 -1.58
N ILE A 17 -7.40 -1.24 -2.85
CA ILE A 17 -6.32 -0.58 -3.60
C ILE A 17 -6.19 0.88 -3.16
N GLU A 18 -7.31 1.48 -2.79
CA GLU A 18 -7.33 2.86 -2.34
C GLU A 18 -6.82 2.96 -0.91
N ARG A 19 -7.23 2.02 -0.07
CA ARG A 19 -6.81 2.00 1.32
C ARG A 19 -5.36 1.55 1.44
N LEU A 20 -4.90 0.78 0.46
CA LEU A 20 -3.54 0.29 0.46
C LEU A 20 -2.58 1.42 0.09
N GLN A 21 -2.99 2.25 -0.86
CA GLN A 21 -2.18 3.38 -1.30
C GLN A 21 -1.99 4.37 -0.15
N LYS A 22 -3.08 4.71 0.52
CA LYS A 22 -3.02 5.63 1.64
C LYS A 22 -2.20 5.04 2.79
N GLU A 23 -2.23 3.72 2.90
CA GLU A 23 -1.49 3.03 3.95
C GLU A 23 0.02 3.13 3.71
N ILE A 24 0.42 3.07 2.45
CA ILE A 24 1.83 3.17 2.11
C ILE A 24 2.37 4.56 2.48
N GLU A 25 1.55 5.58 2.19
CA GLU A 25 1.92 6.96 2.48
C GLU A 25 2.19 7.13 3.97
N ARG A 26 1.33 6.56 4.79
CA ARG A 26 1.48 6.65 6.24
C ARG A 26 2.85 6.12 6.65
N HIS A 27 3.20 4.94 6.17
CA HIS A 27 4.48 4.34 6.47
C HIS A 27 5.62 5.20 5.93
N LYS A 28 5.31 5.97 4.89
CA LYS A 28 6.30 6.85 4.27
C LYS A 28 6.58 8.07 5.15
N GLN A 29 5.58 8.46 5.94
CA GLN A 29 5.73 9.60 6.83
C GLN A 29 6.56 9.24 8.05
N SER A 30 6.39 8.00 8.53
CA SER A 30 7.13 7.52 9.69
C SER A 30 8.60 7.26 9.34
N ILE A 31 8.82 6.70 8.16
CA ILE A 31 10.18 6.40 7.70
C ILE A 31 10.91 7.66 7.27
N LYS A 32 10.15 8.63 6.74
CA LYS A 32 10.73 9.88 6.28
C LYS A 32 10.94 10.84 7.46
N LYS A 33 10.17 10.65 8.53
CA LYS A 33 10.27 11.50 9.70
C LYS A 33 11.38 11.03 10.63
N LEU A 34 11.63 9.73 10.67
CA LEU A 34 12.68 9.19 11.52
C LEU A 34 14.02 9.22 10.80
N LYS A 35 13.96 9.16 9.47
CA LYS A 35 15.17 9.19 8.65
C LYS A 35 15.62 10.63 8.42
N GLN A 36 14.65 11.55 8.43
CA GLN A 36 14.96 12.96 8.22
C GLN A 36 15.31 13.63 9.54
N SER A 37 14.73 13.11 10.62
CA SER A 37 15.00 13.66 11.95
C SER A 37 16.24 13.01 12.56
N GLU A 38 16.55 11.81 12.11
CA GLU A 38 17.73 11.08 12.61
C GLU A 38 18.97 11.46 11.80
N ASP A 39 18.76 11.90 10.56
CA ASP A 39 19.86 12.29 9.70
C ASP A 39 20.21 13.76 9.89
N ASP A 40 19.24 14.54 10.33
CA ASP A 40 19.44 15.97 10.56
C ASP A 40 18.69 16.43 11.80
N ASP A 41 18.92 15.75 12.92
CA ASP A 41 18.28 16.10 14.18
C ASP A 41 18.82 17.41 14.73
N ALA B 1 27.97 5.94 16.60
CA ALA B 1 26.83 5.16 16.05
C ALA B 1 26.05 4.47 17.18
N LEU B 2 25.65 5.26 18.18
CA LEU B 2 24.90 4.73 19.30
C LEU B 2 23.42 4.60 18.93
N LYS B 3 22.59 4.25 19.91
CA LYS B 3 21.15 4.09 19.68
C LYS B 3 20.87 3.34 18.39
N LYS B 4 21.04 2.02 18.42
CA LYS B 4 20.81 1.20 17.25
C LYS B 4 19.39 0.62 17.26
N HIS B 5 18.50 1.29 17.97
CA HIS B 5 17.10 0.85 18.07
C HIS B 5 16.22 1.69 17.15
N HIS B 6 16.59 2.95 16.98
CA HIS B 6 15.83 3.86 16.14
C HIS B 6 16.07 3.56 14.66
N GLU B 7 17.30 3.24 14.32
CA GLU B 7 17.65 2.93 12.93
C GLU B 7 17.00 1.60 12.50
N ASN B 8 16.87 0.69 13.45
CA ASN B 8 16.27 -0.61 13.16
C ASN B 8 14.79 -0.45 12.89
N GLU B 9 14.12 0.36 13.70
CA GLU B 9 12.69 0.61 13.54
C GLU B 9 12.41 1.24 12.18
N ILE B 10 13.19 2.25 11.81
CA ILE B 10 12.99 2.90 10.53
C ILE B 10 13.36 1.95 9.40
N SER B 11 14.26 1.01 9.68
CA SER B 11 14.65 0.02 8.69
C SER B 11 13.43 -0.76 8.22
N HIS B 12 12.59 -1.14 9.18
CA HIS B 12 11.38 -1.88 8.88
C HIS B 12 10.41 -0.97 8.13
N HIS B 13 10.33 0.29 8.54
CA HIS B 13 9.45 1.25 7.89
C HIS B 13 9.84 1.43 6.43
N ALA B 14 11.12 1.19 6.13
CA ALA B 14 11.62 1.32 4.77
C ALA B 14 11.06 0.20 3.91
N LYS B 15 11.26 -1.03 4.35
CA LYS B 15 10.75 -2.19 3.65
C LYS B 15 9.22 -2.24 3.73
N GLU B 16 8.64 -1.40 4.60
CA GLU B 16 7.20 -1.37 4.78
C GLU B 16 6.55 -0.43 3.76
N ILE B 17 7.21 0.68 3.45
CA ILE B 17 6.67 1.63 2.48
C ILE B 17 6.84 1.08 1.06
N GLU B 18 7.92 0.34 0.85
CA GLU B 18 8.19 -0.24 -0.46
C GLU B 18 7.31 -1.46 -0.69
N ARG B 19 7.15 -2.28 0.35
CA ARG B 19 6.32 -3.47 0.26
C ARG B 19 4.85 -3.11 0.23
N LEU B 20 4.51 -1.96 0.81
CA LEU B 20 3.13 -1.50 0.85
C LEU B 20 2.72 -1.00 -0.54
N GLN B 21 3.64 -0.31 -1.22
CA GLN B 21 3.37 0.21 -2.55
C GLN B 21 3.12 -0.93 -3.52
N LYS B 22 3.99 -1.93 -3.49
CA LYS B 22 3.86 -3.09 -4.37
C LYS B 22 2.58 -3.87 -4.04
N GLU B 23 2.19 -3.84 -2.78
CA GLU B 23 1.00 -4.53 -2.33
C GLU B 23 -0.26 -3.88 -2.91
N ILE B 24 -0.24 -2.55 -3.00
CA ILE B 24 -1.39 -1.81 -3.55
C ILE B 24 -1.58 -2.18 -5.03
N GLU B 25 -0.46 -2.25 -5.75
CA GLU B 25 -0.48 -2.58 -7.17
C GLU B 25 -1.14 -3.93 -7.39
N ARG B 26 -0.78 -4.91 -6.56
CA ARG B 26 -1.35 -6.25 -6.67
C ARG B 26 -2.87 -6.18 -6.59
N HIS B 27 -3.37 -5.48 -5.58
CA HIS B 27 -4.81 -5.32 -5.42
C HIS B 27 -5.41 -4.58 -6.60
N LYS B 28 -4.58 -3.76 -7.25
CA LYS B 28 -5.02 -2.99 -8.41
C LYS B 28 -5.20 -3.88 -9.63
N GLN B 29 -4.43 -4.96 -9.68
CA GLN B 29 -4.50 -5.90 -10.79
C GLN B 29 -5.75 -6.77 -10.69
N SER B 30 -6.10 -7.13 -9.45
CA SER B 30 -7.28 -7.96 -9.21
C SER B 30 -8.56 -7.17 -9.44
N ILE B 31 -8.57 -5.93 -8.99
CA ILE B 31 -9.74 -5.06 -9.13
C ILE B 31 -9.89 -4.57 -10.57
N LYS B 32 -8.76 -4.41 -11.26
CA LYS B 32 -8.78 -3.96 -12.64
C LYS B 32 -9.04 -5.11 -13.59
N LYS B 33 -8.75 -6.32 -13.16
CA LYS B 33 -8.95 -7.51 -13.98
C LYS B 33 -10.37 -8.02 -13.87
N LEU B 34 -11.00 -7.83 -12.71
CA LEU B 34 -12.37 -8.27 -12.51
C LEU B 34 -13.34 -7.18 -12.97
N LYS B 35 -12.90 -5.94 -12.92
CA LYS B 35 -13.72 -4.82 -13.35
C LYS B 35 -13.63 -4.64 -14.85
N GLN B 36 -12.50 -5.01 -15.42
CA GLN B 36 -12.29 -4.90 -16.86
C GLN B 36 -12.84 -6.13 -17.58
N SER B 37 -12.80 -7.26 -16.90
CA SER B 37 -13.30 -8.51 -17.47
C SER B 37 -14.79 -8.65 -17.24
N GLU B 38 -15.29 -8.00 -16.20
CA GLU B 38 -16.71 -8.03 -15.87
C GLU B 38 -17.47 -6.95 -16.62
N ASP B 39 -16.77 -5.89 -17.00
CA ASP B 39 -17.37 -4.78 -17.73
C ASP B 39 -17.33 -5.03 -19.23
N ASP B 40 -16.36 -5.83 -19.67
CA ASP B 40 -16.20 -6.15 -21.08
C ASP B 40 -15.78 -7.61 -21.27
N ASP B 41 -16.53 -8.52 -20.67
CA ASP B 41 -16.24 -9.94 -20.77
C ASP B 41 -16.52 -10.46 -22.17
N ALA A 1 -23.33 -0.87 -14.71
CA ALA A 1 -24.57 -1.15 -15.49
C ALA A 1 -24.81 -2.64 -15.61
N LEU A 2 -25.96 -3.09 -15.12
CA LEU A 2 -26.31 -4.50 -15.17
C LEU A 2 -25.24 -5.37 -14.50
N LYS A 3 -25.57 -6.63 -14.24
CA LYS A 3 -24.63 -7.55 -13.61
C LYS A 3 -24.05 -6.95 -12.33
N LYS A 4 -24.60 -7.36 -11.20
CA LYS A 4 -24.13 -6.86 -9.91
C LYS A 4 -23.32 -7.92 -9.17
N HIS A 5 -22.78 -8.87 -9.91
CA HIS A 5 -21.99 -9.94 -9.32
C HIS A 5 -20.50 -9.55 -9.30
N HIS A 6 -19.95 -9.33 -10.48
CA HIS A 6 -18.55 -8.94 -10.60
C HIS A 6 -18.30 -7.59 -9.92
N GLU A 7 -19.31 -6.72 -9.97
CA GLU A 7 -19.23 -5.41 -9.35
C GLU A 7 -19.15 -5.55 -7.83
N ASN A 8 -19.73 -6.63 -7.32
CA ASN A 8 -19.71 -6.90 -5.89
C ASN A 8 -18.30 -7.24 -5.44
N GLU A 9 -17.74 -8.30 -6.02
CA GLU A 9 -16.38 -8.71 -5.69
C GLU A 9 -15.39 -7.62 -6.11
N ILE A 10 -15.84 -6.73 -7.00
CA ILE A 10 -15.01 -5.64 -7.49
C ILE A 10 -15.01 -4.49 -6.47
N SER A 11 -16.10 -4.36 -5.73
CA SER A 11 -16.21 -3.31 -4.72
C SER A 11 -15.35 -3.66 -3.52
N HIS A 12 -15.28 -4.94 -3.19
CA HIS A 12 -14.50 -5.41 -2.06
C HIS A 12 -13.00 -5.25 -2.39
N HIS A 13 -12.59 -5.72 -3.57
CA HIS A 13 -11.19 -5.61 -3.97
C HIS A 13 -10.77 -4.16 -4.01
N ALA A 14 -11.71 -3.28 -4.35
CA ALA A 14 -11.42 -1.85 -4.43
C ALA A 14 -11.04 -1.32 -3.05
N LYS A 15 -11.81 -1.71 -2.04
CA LYS A 15 -11.53 -1.28 -0.68
C LYS A 15 -10.27 -1.96 -0.16
N GLU A 16 -9.84 -3.02 -0.84
CA GLU A 16 -8.65 -3.76 -0.44
C GLU A 16 -7.37 -3.04 -0.89
N ILE A 17 -7.34 -2.55 -2.12
CA ILE A 17 -6.17 -1.85 -2.64
C ILE A 17 -6.10 -0.43 -2.07
N GLU A 18 -7.27 0.14 -1.79
CA GLU A 18 -7.35 1.48 -1.24
C GLU A 18 -7.07 1.46 0.27
N ARG A 19 -7.46 0.37 0.92
CA ARG A 19 -7.25 0.22 2.35
C ARG A 19 -5.79 -0.07 2.65
N LEU A 20 -5.15 -0.90 1.83
CA LEU A 20 -3.75 -1.22 2.02
C LEU A 20 -2.89 -0.02 1.71
N GLN A 21 -3.30 0.77 0.72
CA GLN A 21 -2.57 1.96 0.32
C GLN A 21 -2.54 2.96 1.46
N LYS A 22 -3.67 3.14 2.14
CA LYS A 22 -3.75 4.07 3.26
C LYS A 22 -2.80 3.66 4.37
N GLU A 23 -2.78 2.36 4.68
CA GLU A 23 -1.92 1.83 5.73
C GLU A 23 -0.45 2.12 5.42
N ILE A 24 -0.07 1.97 4.16
CA ILE A 24 1.31 2.23 3.75
C ILE A 24 1.65 3.71 3.93
N GLU A 25 0.64 4.55 3.79
CA GLU A 25 0.82 6.00 3.94
C GLU A 25 1.26 6.31 5.37
N ARG A 26 0.58 5.69 6.33
CA ARG A 26 0.92 5.90 7.74
C ARG A 26 2.37 5.54 7.99
N HIS A 27 2.76 4.35 7.53
CA HIS A 27 4.14 3.89 7.70
C HIS A 27 5.09 4.77 6.89
N LYS A 28 4.55 5.47 5.90
CA LYS A 28 5.36 6.35 5.06
C LYS A 28 5.62 7.67 5.75
N GLN A 29 4.72 8.05 6.64
CA GLN A 29 4.85 9.30 7.39
C GLN A 29 5.88 9.15 8.49
N SER A 30 5.89 8.00 9.14
CA SER A 30 6.83 7.72 10.21
C SER A 30 8.24 7.52 9.67
N ILE A 31 8.33 6.80 8.56
CA ILE A 31 9.62 6.53 7.93
C ILE A 31 10.14 7.75 7.19
N LYS A 32 9.22 8.60 6.74
CA LYS A 32 9.58 9.81 6.03
C LYS A 32 9.98 10.91 7.01
N LYS A 33 9.48 10.81 8.24
CA LYS A 33 9.78 11.80 9.27
C LYS A 33 11.17 11.55 9.85
N LEU A 34 11.50 10.28 10.06
CA LEU A 34 12.81 9.92 10.62
C LEU A 34 13.90 10.05 9.56
N LYS A 35 13.53 9.79 8.31
CA LYS A 35 14.48 9.87 7.21
C LYS A 35 14.64 11.31 6.74
N GLN A 36 13.61 12.11 6.97
CA GLN A 36 13.63 13.52 6.58
C GLN A 36 14.36 14.36 7.62
N SER A 37 14.37 13.88 8.86
CA SER A 37 15.02 14.58 9.95
C SER A 37 16.54 14.36 9.91
N GLU A 38 16.94 13.23 9.33
CA GLU A 38 18.36 12.90 9.23
C GLU A 38 18.99 13.57 8.01
N ASP A 39 18.18 13.78 6.98
CA ASP A 39 18.65 14.41 5.75
C ASP A 39 18.53 15.92 5.83
N ASP A 40 17.61 16.40 6.67
CA ASP A 40 17.39 17.83 6.84
C ASP A 40 18.66 18.51 7.36
N ASP A 41 19.29 19.30 6.50
CA ASP A 41 20.52 20.01 6.87
C ASP A 41 20.26 21.51 6.96
N ALA B 1 25.43 7.23 7.91
CA ALA B 1 26.71 7.64 8.54
C ALA B 1 26.53 7.85 10.04
N LEU B 2 27.28 7.09 10.84
CA LEU B 2 27.20 7.19 12.29
C LEU B 2 25.78 6.98 12.77
N LYS B 3 25.62 6.78 14.07
CA LYS B 3 24.30 6.56 14.67
C LYS B 3 23.55 5.45 13.94
N LYS B 4 23.57 4.26 14.52
CA LYS B 4 22.90 3.11 13.92
C LYS B 4 21.62 2.76 14.68
N HIS B 5 21.08 3.74 15.41
CA HIS B 5 19.87 3.53 16.18
C HIS B 5 18.64 3.90 15.34
N HIS B 6 18.57 5.16 14.95
CA HIS B 6 17.46 5.63 14.13
C HIS B 6 17.43 4.90 12.80
N GLU B 7 18.60 4.57 12.28
CA GLU B 7 18.71 3.86 11.01
C GLU B 7 18.13 2.46 11.15
N ASN B 8 18.17 1.92 12.37
CA ASN B 8 17.62 0.59 12.65
C ASN B 8 16.11 0.62 12.53
N GLU B 9 15.48 1.45 13.35
CA GLU B 9 14.03 1.58 13.31
C GLU B 9 13.58 2.15 11.97
N ILE B 10 14.53 2.75 11.25
CA ILE B 10 14.25 3.34 9.95
C ILE B 10 14.26 2.24 8.87
N SER B 11 15.05 1.21 9.09
CA SER B 11 15.14 0.10 8.16
C SER B 11 13.88 -0.75 8.23
N HIS B 12 13.36 -0.89 9.44
CA HIS B 12 12.14 -1.68 9.65
C HIS B 12 10.94 -0.95 9.03
N HIS B 13 10.81 0.34 9.33
CA HIS B 13 9.71 1.12 8.78
C HIS B 13 9.76 1.12 7.26
N ALA B 14 10.98 1.08 6.72
CA ALA B 14 11.16 1.07 5.27
C ALA B 14 10.54 -0.19 4.67
N LYS B 15 10.80 -1.32 5.29
CA LYS B 15 10.25 -2.58 4.82
C LYS B 15 8.75 -2.63 5.08
N GLU B 16 8.26 -1.74 5.95
CA GLU B 16 6.85 -1.69 6.28
C GLU B 16 6.04 -0.98 5.19
N ILE B 17 6.55 0.15 4.69
CA ILE B 17 5.85 0.90 3.65
C ILE B 17 6.03 0.21 2.30
N GLU B 18 7.17 -0.44 2.12
CA GLU B 18 7.46 -1.15 0.88
C GLU B 18 6.73 -2.49 0.84
N ARG B 19 6.55 -3.09 2.01
CA ARG B 19 5.87 -4.38 2.11
C ARG B 19 4.37 -4.21 1.92
N LEU B 20 3.81 -3.14 2.49
CA LEU B 20 2.39 -2.88 2.37
C LEU B 20 2.05 -2.46 0.95
N GLN B 21 2.98 -1.74 0.32
CA GLN B 21 2.80 -1.28 -1.04
C GLN B 21 2.70 -2.47 -2.00
N LYS B 22 3.57 -3.46 -1.80
CA LYS B 22 3.56 -4.64 -2.64
C LYS B 22 2.23 -5.37 -2.53
N GLU B 23 1.75 -5.52 -1.30
CA GLU B 23 0.48 -6.20 -1.05
C GLU B 23 -0.66 -5.52 -1.79
N ILE B 24 -0.67 -4.19 -1.79
CA ILE B 24 -1.70 -3.44 -2.46
C ILE B 24 -1.64 -3.68 -3.96
N GLU B 25 -0.43 -3.93 -4.46
CA GLU B 25 -0.22 -4.19 -5.88
C GLU B 25 -0.97 -5.45 -6.29
N ARG B 26 -0.85 -6.49 -5.48
CA ARG B 26 -1.53 -7.75 -5.75
C ARG B 26 -3.02 -7.52 -5.86
N HIS B 27 -3.59 -6.84 -4.87
CA HIS B 27 -5.01 -6.54 -4.86
C HIS B 27 -5.36 -5.59 -6.01
N LYS B 28 -4.36 -4.89 -6.52
CA LYS B 28 -4.57 -3.95 -7.62
C LYS B 28 -4.63 -4.68 -8.95
N GLN B 29 -3.98 -5.84 -9.01
CA GLN B 29 -3.97 -6.65 -10.23
C GLN B 29 -5.30 -7.38 -10.39
N SER B 30 -5.84 -7.86 -9.28
CA SER B 30 -7.11 -8.57 -9.30
C SER B 30 -8.27 -7.62 -9.56
N ILE B 31 -8.22 -6.45 -8.92
CA ILE B 31 -9.27 -5.45 -9.08
C ILE B 31 -9.15 -4.74 -10.43
N LYS B 32 -7.92 -4.68 -10.95
CA LYS B 32 -7.67 -4.04 -12.22
C LYS B 32 -8.02 -4.97 -13.37
N LYS B 33 -7.97 -6.27 -13.11
CA LYS B 33 -8.30 -7.27 -14.12
C LYS B 33 -9.80 -7.39 -14.30
N LEU B 34 -10.54 -7.36 -13.21
CA LEU B 34 -11.99 -7.46 -13.26
C LEU B 34 -12.61 -6.14 -13.74
N LYS B 35 -11.96 -5.03 -13.40
CA LYS B 35 -12.45 -3.72 -13.79
C LYS B 35 -12.02 -3.40 -15.23
N GLN B 36 -10.92 -3.99 -15.65
CA GLN B 36 -10.41 -3.78 -17.01
C GLN B 36 -11.14 -4.66 -18.01
N SER B 37 -11.68 -5.78 -17.53
CA SER B 37 -12.41 -6.70 -18.39
C SER B 37 -13.83 -6.19 -18.65
N GLU B 38 -14.35 -5.40 -17.72
CA GLU B 38 -15.68 -4.85 -17.85
C GLU B 38 -15.68 -3.58 -18.71
N ASP B 39 -14.56 -2.87 -18.67
CA ASP B 39 -14.42 -1.63 -19.44
C ASP B 39 -13.90 -1.92 -20.83
N ASP B 40 -13.18 -3.03 -20.98
CA ASP B 40 -12.63 -3.43 -22.27
C ASP B 40 -13.74 -3.62 -23.30
N ASP B 41 -13.80 -2.71 -24.28
CA ASP B 41 -14.82 -2.78 -25.32
C ASP B 41 -14.18 -3.12 -26.67
N ALA A 1 -24.19 -19.82 -6.35
CA ALA A 1 -24.95 -20.06 -7.61
C ALA A 1 -24.96 -18.81 -8.48
N LEU A 2 -25.55 -17.74 -7.97
CA LEU A 2 -25.64 -16.48 -8.70
C LEU A 2 -24.26 -15.84 -8.83
N LYS A 3 -24.12 -14.93 -9.78
CA LYS A 3 -22.86 -14.25 -10.01
C LYS A 3 -22.91 -12.81 -9.47
N LYS A 4 -23.78 -12.58 -8.50
CA LYS A 4 -23.92 -11.26 -7.90
C LYS A 4 -22.80 -11.00 -6.90
N HIS A 5 -22.48 -12.02 -6.11
CA HIS A 5 -21.42 -11.89 -5.11
C HIS A 5 -20.14 -11.33 -5.73
N HIS A 6 -19.99 -11.54 -7.04
CA HIS A 6 -18.81 -11.05 -7.76
C HIS A 6 -18.70 -9.54 -7.65
N GLU A 7 -19.79 -8.84 -7.97
CA GLU A 7 -19.80 -7.38 -7.91
C GLU A 7 -19.40 -6.89 -6.52
N ASN A 8 -19.61 -7.74 -5.51
CA ASN A 8 -19.26 -7.40 -4.15
C ASN A 8 -17.75 -7.42 -3.96
N GLU A 9 -17.14 -8.56 -4.24
CA GLU A 9 -15.69 -8.70 -4.13
C GLU A 9 -14.99 -7.67 -5.02
N ILE A 10 -15.71 -7.16 -6.01
CA ILE A 10 -15.16 -6.16 -6.92
C ILE A 10 -15.04 -4.80 -6.21
N SER A 11 -16.14 -4.32 -5.65
CA SER A 11 -16.14 -3.04 -4.95
C SER A 11 -15.18 -3.08 -3.77
N HIS A 12 -14.95 -4.28 -3.24
CA HIS A 12 -14.05 -4.45 -2.11
C HIS A 12 -12.60 -4.26 -2.55
N HIS A 13 -12.20 -4.95 -3.63
CA HIS A 13 -10.85 -4.83 -4.14
C HIS A 13 -10.54 -3.38 -4.50
N ALA A 14 -11.57 -2.65 -4.91
CA ALA A 14 -11.40 -1.25 -5.29
C ALA A 14 -10.98 -0.42 -4.09
N LYS A 15 -11.78 -0.49 -3.03
CA LYS A 15 -11.46 0.25 -1.81
C LYS A 15 -10.16 -0.27 -1.19
N GLU A 16 -9.71 -1.44 -1.64
CA GLU A 16 -8.49 -2.04 -1.13
C GLU A 16 -7.27 -1.48 -1.86
N ILE A 17 -7.43 -1.17 -3.15
CA ILE A 17 -6.33 -0.63 -3.93
C ILE A 17 -6.11 0.84 -3.59
N GLU A 18 -7.20 1.55 -3.35
CA GLU A 18 -7.12 2.97 -3.01
C GLU A 18 -6.72 3.13 -1.55
N ARG A 19 -7.26 2.27 -0.69
CA ARG A 19 -6.95 2.31 0.73
C ARG A 19 -5.53 1.81 0.96
N LEU A 20 -5.04 0.95 0.07
CA LEU A 20 -3.70 0.41 0.18
C LEU A 20 -2.68 1.49 -0.14
N GLN A 21 -2.95 2.27 -1.18
CA GLN A 21 -2.06 3.34 -1.58
C GLN A 21 -1.91 4.37 -0.47
N LYS A 22 -3.03 4.76 0.13
CA LYS A 22 -3.02 5.73 1.22
C LYS A 22 -2.24 5.19 2.41
N GLU A 23 -2.32 3.87 2.62
CA GLU A 23 -1.62 3.24 3.73
C GLU A 23 -0.11 3.29 3.54
N ILE A 24 0.33 3.14 2.29
CA ILE A 24 1.76 3.18 1.98
C ILE A 24 2.33 4.56 2.29
N GLU A 25 1.57 5.60 1.95
CA GLU A 25 1.98 6.97 2.18
C GLU A 25 2.15 7.21 3.68
N ARG A 26 1.24 6.67 4.47
CA ARG A 26 1.30 6.82 5.91
C ARG A 26 2.62 6.26 6.45
N HIS A 27 3.03 5.12 5.91
CA HIS A 27 4.27 4.50 6.32
C HIS A 27 5.46 5.36 5.89
N LYS A 28 5.26 6.14 4.83
CA LYS A 28 6.29 7.02 4.32
C LYS A 28 6.49 8.20 5.24
N GLN A 29 5.41 8.63 5.90
CA GLN A 29 5.47 9.75 6.82
C GLN A 29 6.25 9.38 8.08
N SER A 30 6.01 8.17 8.57
CA SER A 30 6.69 7.69 9.78
C SER A 30 8.18 7.48 9.51
N ILE A 31 8.49 6.87 8.37
CA ILE A 31 9.88 6.61 7.99
C ILE A 31 10.61 7.91 7.64
N LYS A 32 9.84 8.92 7.23
CA LYS A 32 10.42 10.20 6.87
C LYS A 32 10.77 11.01 8.11
N LYS A 33 9.94 10.89 9.14
CA LYS A 33 10.17 11.61 10.39
C LYS A 33 11.23 10.91 11.23
N LEU A 34 11.36 9.61 11.05
CA LEU A 34 12.35 8.82 11.78
C LEU A 34 13.73 8.96 11.15
N LYS A 35 13.75 9.20 9.85
CA LYS A 35 15.00 9.34 9.12
C LYS A 35 15.58 10.75 9.32
N GLN A 36 14.69 11.74 9.38
CA GLN A 36 15.11 13.13 9.57
C GLN A 36 15.46 13.39 11.03
N SER A 37 14.81 12.66 11.93
CA SER A 37 15.05 12.80 13.36
C SER A 37 16.31 12.07 13.78
N GLU A 38 16.67 11.03 13.02
CA GLU A 38 17.85 10.24 13.31
C GLU A 38 19.12 10.96 12.84
N ASP A 39 18.95 11.84 11.85
CA ASP A 39 20.08 12.59 11.31
C ASP A 39 20.49 13.71 12.26
N ASP A 40 19.53 14.20 13.03
CA ASP A 40 19.79 15.27 13.99
C ASP A 40 19.67 14.77 15.42
N ASP A 41 20.78 14.83 16.16
CA ASP A 41 20.79 14.38 17.55
C ASP A 41 19.77 15.16 18.39
N ALA B 1 18.03 1.19 26.30
CA ALA B 1 19.04 2.19 26.74
C ALA B 1 19.69 2.87 25.55
N LEU B 2 20.38 2.09 24.73
CA LEU B 2 21.06 2.62 23.55
C LEU B 2 20.04 3.07 22.50
N LYS B 3 20.48 3.91 21.58
CA LYS B 3 19.61 4.43 20.53
C LYS B 3 19.91 3.73 19.20
N LYS B 4 20.46 2.53 19.27
CA LYS B 4 20.79 1.76 18.07
C LYS B 4 19.54 1.11 17.48
N HIS B 5 18.70 0.57 18.36
CA HIS B 5 17.46 -0.07 17.92
C HIS B 5 16.67 0.83 16.99
N HIS B 6 16.88 2.13 17.11
CA HIS B 6 16.19 3.10 16.27
C HIS B 6 16.50 2.87 14.79
N GLU B 7 17.78 2.77 14.47
CA GLU B 7 18.20 2.53 13.09
C GLU B 7 17.55 1.28 12.53
N ASN B 8 17.17 0.36 13.41
CA ASN B 8 16.53 -0.87 13.00
C ASN B 8 15.09 -0.59 12.54
N GLU B 9 14.30 -0.02 13.44
CA GLU B 9 12.91 0.31 13.12
C GLU B 9 12.87 1.23 11.90
N ILE B 10 13.98 1.90 11.62
CA ILE B 10 14.06 2.81 10.49
C ILE B 10 14.12 2.03 9.18
N SER B 11 15.08 1.13 9.08
CA SER B 11 15.24 0.31 7.88
C SER B 11 13.98 -0.53 7.63
N HIS B 12 13.26 -0.82 8.70
CA HIS B 12 12.04 -1.61 8.60
C HIS B 12 10.92 -0.79 7.95
N HIS B 13 10.71 0.43 8.46
CA HIS B 13 9.68 1.30 7.92
C HIS B 13 9.94 1.57 6.44
N ALA B 14 11.21 1.57 6.06
CA ALA B 14 11.59 1.82 4.68
C ALA B 14 11.08 0.71 3.78
N LYS B 15 11.44 -0.53 4.11
CA LYS B 15 10.99 -1.67 3.34
C LYS B 15 9.47 -1.82 3.42
N GLU B 16 8.87 -1.13 4.40
CA GLU B 16 7.42 -1.18 4.58
C GLU B 16 6.72 -0.20 3.66
N ILE B 17 7.36 0.95 3.40
CA ILE B 17 6.76 1.95 2.53
C ILE B 17 6.89 1.52 1.06
N GLU B 18 8.01 0.90 0.72
CA GLU B 18 8.25 0.42 -0.63
C GLU B 18 7.47 -0.86 -0.89
N ARG B 19 7.44 -1.73 0.11
CA ARG B 19 6.72 -2.99 0.00
C ARG B 19 5.22 -2.74 0.04
N LEU B 20 4.81 -1.66 0.68
CA LEU B 20 3.41 -1.30 0.78
C LEU B 20 2.90 -0.83 -0.57
N GLN B 21 3.70 -0.01 -1.24
CA GLN B 21 3.34 0.52 -2.55
C GLN B 21 3.15 -0.62 -3.55
N LYS B 22 4.10 -1.55 -3.56
CA LYS B 22 4.02 -2.70 -4.47
C LYS B 22 2.79 -3.54 -4.18
N GLU B 23 2.41 -3.60 -2.91
CA GLU B 23 1.24 -4.38 -2.50
C GLU B 23 -0.05 -3.76 -3.02
N ILE B 24 -0.10 -2.43 -3.04
CA ILE B 24 -1.28 -1.73 -3.53
C ILE B 24 -1.49 -2.01 -5.02
N GLU B 25 -0.39 -2.02 -5.76
CA GLU B 25 -0.43 -2.29 -7.20
C GLU B 25 -0.98 -3.68 -7.46
N ARG B 26 -0.57 -4.64 -6.65
CA ARG B 26 -1.03 -6.01 -6.78
C ARG B 26 -2.55 -6.06 -6.66
N HIS B 27 -3.09 -5.31 -5.71
CA HIS B 27 -4.52 -5.25 -5.50
C HIS B 27 -5.20 -4.60 -6.70
N LYS B 28 -4.46 -3.74 -7.39
CA LYS B 28 -4.98 -3.05 -8.56
C LYS B 28 -5.10 -4.01 -9.74
N GLN B 29 -4.21 -5.00 -9.79
CA GLN B 29 -4.22 -5.98 -10.86
C GLN B 29 -5.43 -6.91 -10.73
N SER B 30 -5.72 -7.31 -9.50
CA SER B 30 -6.85 -8.19 -9.24
C SER B 30 -8.18 -7.49 -9.51
N ILE B 31 -8.28 -6.24 -9.05
CA ILE B 31 -9.50 -5.44 -9.25
C ILE B 31 -9.66 -5.04 -10.71
N LYS B 32 -8.55 -4.99 -11.43
CA LYS B 32 -8.58 -4.63 -12.84
C LYS B 32 -9.04 -5.80 -13.70
N LYS B 33 -8.66 -7.01 -13.31
CA LYS B 33 -9.04 -8.20 -14.04
C LYS B 33 -10.47 -8.62 -13.70
N LEU B 34 -10.91 -8.25 -12.50
CA LEU B 34 -12.26 -8.57 -12.05
C LEU B 34 -13.27 -7.58 -12.63
N LYS B 35 -12.81 -6.35 -12.87
CA LYS B 35 -13.67 -5.32 -13.43
C LYS B 35 -13.85 -5.50 -14.94
N GLN B 36 -12.78 -5.93 -15.60
CA GLN B 36 -12.81 -6.15 -17.04
C GLN B 36 -13.50 -7.46 -17.37
N SER B 37 -13.41 -8.42 -16.46
CA SER B 37 -14.03 -9.73 -16.65
C SER B 37 -15.52 -9.66 -16.34
N GLU B 38 -15.90 -8.73 -15.49
CA GLU B 38 -17.30 -8.57 -15.11
C GLU B 38 -18.08 -7.84 -16.20
N ASP B 39 -17.36 -7.03 -16.99
CA ASP B 39 -17.99 -6.28 -18.07
C ASP B 39 -18.34 -7.18 -19.24
N ASP B 40 -17.57 -8.26 -19.39
CA ASP B 40 -17.79 -9.21 -20.47
C ASP B 40 -18.28 -10.55 -19.93
N ASP B 41 -19.49 -10.94 -20.33
CA ASP B 41 -20.07 -12.20 -19.88
C ASP B 41 -19.19 -13.38 -20.29
N ALA A 1 -22.81 -3.35 -22.11
CA ALA A 1 -22.28 -4.57 -21.46
C ALA A 1 -22.24 -4.40 -19.94
N LEU A 2 -23.39 -4.50 -19.30
CA LEU A 2 -23.49 -4.36 -17.85
C LEU A 2 -23.36 -5.73 -17.18
N LYS A 3 -22.43 -5.84 -16.23
CA LYS A 3 -22.21 -7.10 -15.53
C LYS A 3 -22.87 -7.07 -14.15
N LYS A 4 -22.75 -5.95 -13.45
CA LYS A 4 -23.33 -5.80 -12.11
C LYS A 4 -22.56 -6.62 -11.09
N HIS A 5 -22.84 -7.92 -11.01
CA HIS A 5 -22.16 -8.81 -10.06
C HIS A 5 -20.66 -8.54 -10.06
N HIS A 6 -20.14 -8.17 -11.22
CA HIS A 6 -18.72 -7.87 -11.36
C HIS A 6 -18.36 -6.64 -10.55
N GLU A 7 -19.12 -5.57 -10.74
CA GLU A 7 -18.90 -4.33 -10.00
C GLU A 7 -18.96 -4.59 -8.50
N ASN A 8 -19.64 -5.67 -8.12
CA ASN A 8 -19.78 -6.03 -6.72
C ASN A 8 -18.45 -6.51 -6.15
N GLU A 9 -17.94 -7.60 -6.70
CA GLU A 9 -16.65 -8.14 -6.25
C GLU A 9 -15.52 -7.20 -6.63
N ILE A 10 -15.83 -6.23 -7.49
CA ILE A 10 -14.85 -5.25 -7.95
C ILE A 10 -14.77 -4.09 -6.96
N SER A 11 -15.90 -3.82 -6.30
CA SER A 11 -15.96 -2.75 -5.33
C SER A 11 -15.33 -3.20 -4.01
N HIS A 12 -15.42 -4.50 -3.75
CA HIS A 12 -14.86 -5.09 -2.55
C HIS A 12 -13.33 -5.15 -2.68
N HIS A 13 -12.84 -5.66 -3.81
CA HIS A 13 -11.40 -5.74 -4.03
C HIS A 13 -10.81 -4.34 -4.08
N ALA A 14 -11.62 -3.38 -4.56
CA ALA A 14 -11.18 -2.00 -4.65
C ALA A 14 -10.94 -1.43 -3.27
N LYS A 15 -11.80 -1.79 -2.33
CA LYS A 15 -11.68 -1.32 -0.96
C LYS A 15 -10.50 -2.00 -0.27
N GLU A 16 -10.11 -3.18 -0.79
CA GLU A 16 -8.99 -3.93 -0.21
C GLU A 16 -7.66 -3.29 -0.60
N ILE A 17 -7.54 -2.86 -1.86
CA ILE A 17 -6.30 -2.23 -2.34
C ILE A 17 -6.18 -0.81 -1.78
N GLU A 18 -7.31 -0.14 -1.63
CA GLU A 18 -7.32 1.22 -1.11
C GLU A 18 -7.10 1.21 0.41
N ARG A 19 -7.54 0.13 1.05
CA ARG A 19 -7.39 -0.01 2.49
C ARG A 19 -5.93 -0.29 2.86
N LEU A 20 -5.30 -1.19 2.11
CA LEU A 20 -3.91 -1.53 2.35
C LEU A 20 -3.02 -0.33 2.07
N GLN A 21 -3.40 0.45 1.07
CA GLN A 21 -2.65 1.64 0.68
C GLN A 21 -2.62 2.65 1.83
N LYS A 22 -3.77 2.86 2.45
CA LYS A 22 -3.87 3.78 3.57
C LYS A 22 -2.92 3.39 4.70
N GLU A 23 -2.93 2.10 5.04
CA GLU A 23 -2.07 1.59 6.09
C GLU A 23 -0.60 1.87 5.79
N ILE A 24 -0.20 1.65 4.54
CA ILE A 24 1.18 1.89 4.14
C ILE A 24 1.52 3.38 4.28
N GLU A 25 0.51 4.22 4.10
CA GLU A 25 0.69 5.66 4.21
C GLU A 25 1.13 6.03 5.62
N ARG A 26 0.46 5.44 6.61
CA ARG A 26 0.79 5.69 8.00
C ARG A 26 2.24 5.33 8.27
N HIS A 27 2.64 4.14 7.82
CA HIS A 27 4.02 3.68 8.00
C HIS A 27 4.98 4.57 7.22
N LYS A 28 4.47 5.26 6.20
CA LYS A 28 5.27 6.14 5.37
C LYS A 28 5.54 7.46 6.10
N GLN A 29 4.59 7.86 6.93
CA GLN A 29 4.72 9.11 7.68
C GLN A 29 5.73 8.95 8.81
N SER A 30 5.73 7.77 9.42
CA SER A 30 6.65 7.50 10.53
C SER A 30 8.07 7.30 10.00
N ILE A 31 8.20 6.57 8.90
CA ILE A 31 9.51 6.30 8.32
C ILE A 31 10.02 7.53 7.56
N LYS A 32 9.11 8.41 7.16
CA LYS A 32 9.47 9.63 6.44
C LYS A 32 9.89 10.71 7.42
N LYS A 33 9.34 10.66 8.63
CA LYS A 33 9.66 11.64 9.65
C LYS A 33 11.03 11.34 10.26
N LEU A 34 11.32 10.06 10.46
CA LEU A 34 12.60 9.65 11.03
C LEU A 34 13.71 9.78 10.00
N LYS A 35 13.39 9.48 8.75
CA LYS A 35 14.36 9.57 7.66
C LYS A 35 14.58 11.02 7.24
N GLN A 36 13.56 11.85 7.47
CA GLN A 36 13.64 13.26 7.12
C GLN A 36 14.44 14.04 8.17
N SER A 37 14.38 13.58 9.42
CA SER A 37 15.09 14.23 10.50
C SER A 37 16.59 13.95 10.42
N GLU A 38 16.94 12.82 9.79
CA GLU A 38 18.33 12.43 9.64
C GLU A 38 19.03 13.29 8.59
N ASP A 39 18.24 13.83 7.67
CA ASP A 39 18.79 14.68 6.61
C ASP A 39 18.13 16.06 6.62
N ASP A 40 17.65 16.46 7.79
CA ASP A 40 17.00 17.76 7.95
C ASP A 40 18.03 18.89 8.00
N ASP A 41 17.56 20.12 7.89
CA ASP A 41 18.44 21.29 7.92
C ASP A 41 18.27 22.05 9.23
N ALA B 1 26.53 14.81 10.14
CA ALA B 1 25.43 14.36 11.04
C ALA B 1 25.02 12.92 10.73
N LEU B 2 25.70 11.97 11.37
CA LEU B 2 25.41 10.56 11.16
C LEU B 2 24.61 9.98 12.33
N LYS B 3 23.40 9.50 12.04
CA LYS B 3 22.55 8.91 13.05
C LYS B 3 22.34 7.43 12.77
N LYS B 4 23.36 6.63 13.02
CA LYS B 4 23.30 5.19 12.78
C LYS B 4 22.01 4.58 13.29
N HIS B 5 21.77 4.68 14.59
CA HIS B 5 20.58 4.11 15.20
C HIS B 5 19.32 4.52 14.44
N HIS B 6 19.32 5.73 13.91
CA HIS B 6 18.16 6.21 13.15
C HIS B 6 17.96 5.40 11.88
N GLU B 7 19.03 5.22 11.12
CA GLU B 7 18.96 4.45 9.88
C GLU B 7 18.47 3.03 10.18
N ASN B 8 18.64 2.58 11.43
CA ASN B 8 18.21 1.26 11.84
C ASN B 8 16.69 1.17 11.87
N GLU B 9 16.07 1.98 12.74
CA GLU B 9 14.62 1.99 12.85
C GLU B 9 14.00 2.58 11.59
N ILE B 10 14.83 3.19 10.75
CA ILE B 10 14.38 3.80 9.51
C ILE B 10 14.35 2.76 8.40
N SER B 11 15.24 1.76 8.50
CA SER B 11 15.29 0.69 7.52
C SER B 11 14.18 -0.30 7.78
N HIS B 12 13.80 -0.44 9.05
CA HIS B 12 12.73 -1.35 9.44
C HIS B 12 11.38 -0.77 9.01
N HIS B 13 11.14 0.50 9.33
CA HIS B 13 9.89 1.14 8.94
C HIS B 13 9.77 1.21 7.43
N ALA B 14 10.92 1.31 6.77
CA ALA B 14 10.97 1.37 5.32
C ALA B 14 10.49 0.06 4.72
N LYS B 15 10.87 -1.04 5.35
CA LYS B 15 10.46 -2.36 4.89
C LYS B 15 8.97 -2.59 5.18
N GLU B 16 8.44 -1.86 6.16
CA GLU B 16 7.05 -1.98 6.53
C GLU B 16 6.14 -1.30 5.51
N ILE B 17 6.55 -0.12 5.04
CA ILE B 17 5.76 0.62 4.06
C ILE B 17 5.89 -0.03 2.67
N GLU B 18 7.06 -0.58 2.39
CA GLU B 18 7.31 -1.23 1.11
C GLU B 18 6.64 -2.60 1.07
N ARG B 19 6.51 -3.22 2.25
CA ARG B 19 5.87 -4.53 2.36
C ARG B 19 4.37 -4.42 2.18
N LEU B 20 3.77 -3.42 2.82
CA LEU B 20 2.34 -3.21 2.71
C LEU B 20 1.97 -2.81 1.29
N GLN B 21 2.86 -2.06 0.65
CA GLN B 21 2.64 -1.62 -0.72
C GLN B 21 2.55 -2.81 -1.66
N LYS B 22 3.47 -3.76 -1.50
CA LYS B 22 3.48 -4.95 -2.33
C LYS B 22 2.16 -5.69 -2.23
N GLU B 23 1.67 -5.89 -1.01
CA GLU B 23 0.42 -6.58 -0.77
C GLU B 23 -0.73 -5.89 -1.50
N ILE B 24 -0.76 -4.57 -1.44
CA ILE B 24 -1.81 -3.80 -2.10
C ILE B 24 -1.74 -4.01 -3.62
N GLU B 25 -0.52 -4.22 -4.11
CA GLU B 25 -0.30 -4.45 -5.53
C GLU B 25 -1.04 -5.70 -5.99
N ARG B 26 -0.91 -6.77 -5.21
CA ARG B 26 -1.57 -8.02 -5.53
C ARG B 26 -3.07 -7.80 -5.64
N HIS B 27 -3.64 -7.13 -4.63
CA HIS B 27 -5.07 -6.84 -4.63
C HIS B 27 -5.44 -5.92 -5.79
N LYS B 28 -4.45 -5.18 -6.29
CA LYS B 28 -4.66 -4.26 -7.41
C LYS B 28 -4.74 -5.01 -8.72
N GLN B 29 -4.03 -6.13 -8.80
CA GLN B 29 -4.02 -6.95 -10.01
C GLN B 29 -5.33 -7.71 -10.16
N SER B 30 -5.87 -8.15 -9.03
CA SER B 30 -7.12 -8.90 -9.03
C SER B 30 -8.30 -7.97 -9.29
N ILE B 31 -8.29 -6.80 -8.66
CA ILE B 31 -9.36 -5.83 -8.84
C ILE B 31 -9.23 -5.10 -10.17
N LYS B 32 -8.02 -5.09 -10.72
CA LYS B 32 -7.78 -4.44 -12.00
C LYS B 32 -8.14 -5.37 -13.15
N LYS B 33 -8.04 -6.67 -12.91
CA LYS B 33 -8.37 -7.66 -13.92
C LYS B 33 -9.88 -7.80 -14.06
N LEU B 34 -10.58 -7.76 -12.94
CA LEU B 34 -12.03 -7.89 -12.93
C LEU B 34 -12.68 -6.59 -13.42
N LYS B 35 -12.08 -5.47 -13.05
CA LYS B 35 -12.59 -4.16 -13.46
C LYS B 35 -12.23 -3.87 -14.92
N GLN B 36 -11.14 -4.47 -15.38
CA GLN B 36 -10.69 -4.27 -16.75
C GLN B 36 -11.51 -5.12 -17.71
N SER B 37 -11.98 -6.27 -17.23
CA SER B 37 -12.78 -7.17 -18.06
C SER B 37 -14.19 -6.62 -18.26
N GLU B 38 -14.62 -5.80 -17.32
CA GLU B 38 -15.96 -5.20 -17.38
C GLU B 38 -16.00 -4.10 -18.45
N ASP B 39 -14.85 -3.50 -18.72
CA ASP B 39 -14.76 -2.45 -19.72
C ASP B 39 -13.77 -2.81 -20.82
N ASP B 40 -13.59 -4.10 -21.04
CA ASP B 40 -12.67 -4.58 -22.06
C ASP B 40 -13.30 -4.46 -23.46
N ASP B 41 -12.47 -4.63 -24.48
CA ASP B 41 -12.94 -4.54 -25.86
C ASP B 41 -12.98 -5.92 -26.52
N ALA A 1 -28.54 -9.17 -20.77
CA ALA A 1 -27.06 -9.27 -20.84
C ALA A 1 -26.40 -8.25 -19.93
N LEU A 2 -26.52 -8.45 -18.63
CA LEU A 2 -25.93 -7.54 -17.65
C LEU A 2 -25.06 -8.30 -16.65
N LYS A 3 -23.98 -7.67 -16.22
CA LYS A 3 -23.06 -8.29 -15.27
C LYS A 3 -22.90 -7.42 -14.02
N LYS A 4 -23.84 -7.54 -13.10
CA LYS A 4 -23.81 -6.76 -11.86
C LYS A 4 -22.88 -7.42 -10.84
N HIS A 5 -22.82 -8.75 -10.87
CA HIS A 5 -21.98 -9.49 -9.94
C HIS A 5 -20.54 -8.96 -9.96
N HIS A 6 -20.10 -8.52 -11.13
CA HIS A 6 -18.75 -7.98 -11.28
C HIS A 6 -18.56 -6.76 -10.39
N GLU A 7 -19.43 -5.78 -10.55
CA GLU A 7 -19.36 -4.55 -9.76
C GLU A 7 -19.33 -4.88 -8.27
N ASN A 8 -19.84 -6.06 -7.91
CA ASN A 8 -19.86 -6.48 -6.52
C ASN A 8 -18.45 -6.80 -6.03
N GLU A 9 -17.81 -7.76 -6.68
CA GLU A 9 -16.44 -8.13 -6.31
C GLU A 9 -15.46 -7.02 -6.70
N ILE A 10 -15.95 -6.04 -7.45
CA ILE A 10 -15.14 -4.91 -7.88
C ILE A 10 -15.19 -3.79 -6.84
N SER A 11 -16.30 -3.70 -6.14
CA SER A 11 -16.46 -2.68 -5.11
C SER A 11 -15.77 -3.13 -3.83
N HIS A 12 -15.68 -4.43 -3.64
CA HIS A 12 -15.02 -4.99 -2.47
C HIS A 12 -13.50 -4.95 -2.66
N HIS A 13 -13.03 -5.43 -3.82
CA HIS A 13 -11.59 -5.40 -4.09
C HIS A 13 -11.12 -3.95 -4.21
N ALA A 14 -12.03 -3.07 -4.60
CA ALA A 14 -11.70 -1.65 -4.75
C ALA A 14 -11.37 -1.04 -3.40
N LYS A 15 -12.25 -1.27 -2.43
CA LYS A 15 -12.05 -0.76 -1.08
C LYS A 15 -10.87 -1.45 -0.42
N GLU A 16 -10.49 -2.63 -0.95
CA GLU A 16 -9.38 -3.40 -0.40
C GLU A 16 -8.04 -2.82 -0.86
N ILE A 17 -7.97 -2.37 -2.10
CA ILE A 17 -6.72 -1.80 -2.62
C ILE A 17 -6.53 -0.38 -2.13
N GLU A 18 -7.64 0.31 -1.85
CA GLU A 18 -7.60 1.68 -1.37
C GLU A 18 -7.31 1.69 0.13
N ARG A 19 -7.82 0.69 0.84
CA ARG A 19 -7.61 0.59 2.28
C ARG A 19 -6.18 0.15 2.57
N LEU A 20 -5.68 -0.77 1.76
CA LEU A 20 -4.32 -1.27 1.93
C LEU A 20 -3.32 -0.16 1.63
N GLN A 21 -3.61 0.62 0.59
CA GLN A 21 -2.73 1.72 0.21
C GLN A 21 -2.60 2.73 1.35
N LYS A 22 -3.73 3.02 1.99
CA LYS A 22 -3.74 3.98 3.10
C LYS A 22 -2.84 3.50 4.22
N GLU A 23 -2.88 2.19 4.49
CA GLU A 23 -2.05 1.60 5.55
C GLU A 23 -0.57 1.80 5.26
N ILE A 24 -0.16 1.50 4.03
CA ILE A 24 1.24 1.65 3.65
C ILE A 24 1.68 3.11 3.84
N GLU A 25 0.77 4.03 3.57
CA GLU A 25 1.04 5.45 3.71
C GLU A 25 1.42 5.78 5.15
N ARG A 26 0.67 5.21 6.09
CA ARG A 26 0.93 5.44 7.51
C ARG A 26 2.37 5.06 7.84
N HIS A 27 2.77 3.87 7.39
CA HIS A 27 4.13 3.40 7.63
C HIS A 27 5.14 4.30 6.92
N LYS A 28 4.69 4.96 5.85
CA LYS A 28 5.53 5.85 5.08
C LYS A 28 5.72 7.18 5.82
N GLN A 29 4.76 7.53 6.67
CA GLN A 29 4.82 8.76 7.42
C GLN A 29 5.81 8.63 8.58
N SER A 30 5.82 7.48 9.22
CA SER A 30 6.72 7.23 10.34
C SER A 30 8.16 7.13 9.86
N ILE A 31 8.36 6.46 8.73
CA ILE A 31 9.70 6.30 8.16
C ILE A 31 10.19 7.61 7.56
N LYS A 32 9.26 8.46 7.15
CA LYS A 32 9.60 9.75 6.56
C LYS A 32 10.03 10.73 7.65
N LYS A 33 9.41 10.61 8.82
CA LYS A 33 9.73 11.49 9.94
C LYS A 33 11.08 11.12 10.53
N LEU A 34 11.39 9.82 10.50
CA LEU A 34 12.66 9.32 11.02
C LEU A 34 13.82 9.78 10.16
N LYS A 35 13.63 9.72 8.84
CA LYS A 35 14.68 10.13 7.90
C LYS A 35 14.85 11.65 7.92
N GLN A 36 13.78 12.37 8.23
CA GLN A 36 13.83 13.82 8.28
C GLN A 36 14.54 14.30 9.55
N SER A 37 14.46 13.50 10.60
CA SER A 37 15.10 13.84 11.87
C SER A 37 16.61 13.70 11.77
N GLU A 38 17.06 12.79 10.91
CA GLU A 38 18.49 12.56 10.72
C GLU A 38 19.15 13.76 10.05
N ASP A 39 18.39 14.45 9.20
CA ASP A 39 18.90 15.61 8.49
C ASP A 39 19.04 16.81 9.43
N ASP A 40 18.00 17.03 10.23
CA ASP A 40 18.00 18.15 11.18
C ASP A 40 17.24 17.77 12.45
N ASP A 41 17.64 18.38 13.57
CA ASP A 41 17.01 18.11 14.85
C ASP A 41 17.18 19.29 15.81
N ALA B 1 29.61 12.39 17.32
CA ALA B 1 28.26 12.91 16.95
C ALA B 1 27.68 12.13 15.78
N LEU B 2 27.32 10.87 16.04
CA LEU B 2 26.75 10.01 15.00
C LEU B 2 25.43 9.40 15.47
N LYS B 3 24.50 9.25 14.53
CA LYS B 3 23.19 8.68 14.85
C LYS B 3 22.91 7.44 14.00
N LYS B 4 23.43 6.30 14.42
CA LYS B 4 23.24 5.05 13.69
C LYS B 4 21.89 4.42 14.05
N HIS B 5 21.46 4.62 15.28
CA HIS B 5 20.18 4.07 15.74
C HIS B 5 19.05 4.45 14.79
N HIS B 6 19.15 5.64 14.21
CA HIS B 6 18.13 6.12 13.27
C HIS B 6 18.04 5.19 12.06
N GLU B 7 19.17 4.99 11.40
CA GLU B 7 19.22 4.11 10.23
C GLU B 7 18.63 2.74 10.56
N ASN B 8 18.62 2.38 11.85
CA ASN B 8 18.08 1.11 12.29
C ASN B 8 16.57 1.08 12.15
N GLU B 9 15.90 2.01 12.85
CA GLU B 9 14.44 2.10 12.77
C GLU B 9 14.01 2.62 11.40
N ILE B 10 14.97 3.09 10.61
CA ILE B 10 14.71 3.60 9.28
C ILE B 10 14.75 2.48 8.25
N SER B 11 15.57 1.47 8.53
CA SER B 11 15.68 0.33 7.63
C SER B 11 14.53 -0.62 7.85
N HIS B 12 14.00 -0.64 9.07
CA HIS B 12 12.88 -1.49 9.42
C HIS B 12 11.58 -0.87 8.89
N HIS B 13 11.37 0.41 9.18
CA HIS B 13 10.18 1.09 8.69
C HIS B 13 10.20 1.18 7.18
N ALA B 14 11.41 1.19 6.61
CA ALA B 14 11.57 1.27 5.17
C ALA B 14 11.04 0.01 4.50
N LYS B 15 11.46 -1.14 5.02
CA LYS B 15 11.00 -2.42 4.48
C LYS B 15 9.52 -2.62 4.79
N GLU B 16 9.01 -1.88 5.77
CA GLU B 16 7.60 -1.97 6.16
C GLU B 16 6.70 -1.22 5.19
N ILE B 17 7.16 -0.07 4.71
CA ILE B 17 6.37 0.72 3.78
C ILE B 17 6.46 0.15 2.37
N GLU B 18 7.57 -0.51 2.07
CA GLU B 18 7.78 -1.12 0.77
C GLU B 18 7.06 -2.46 0.69
N ARG B 19 7.00 -3.17 1.81
CA ARG B 19 6.33 -4.45 1.87
C ARG B 19 4.82 -4.27 1.84
N LEU B 20 4.35 -3.25 2.55
CA LEU B 20 2.92 -2.95 2.59
C LEU B 20 2.44 -2.50 1.22
N GLN B 21 3.25 -1.69 0.55
CA GLN B 21 2.90 -1.19 -0.77
C GLN B 21 2.73 -2.35 -1.75
N LYS B 22 3.63 -3.32 -1.67
CA LYS B 22 3.57 -4.50 -2.54
C LYS B 22 2.26 -5.24 -2.36
N GLU B 23 1.83 -5.36 -1.10
CA GLU B 23 0.58 -6.05 -0.78
C GLU B 23 -0.61 -5.37 -1.44
N ILE B 24 -0.68 -4.04 -1.30
CA ILE B 24 -1.78 -3.29 -1.90
C ILE B 24 -1.81 -3.51 -3.41
N GLU B 25 -0.63 -3.62 -4.01
CA GLU B 25 -0.50 -3.83 -5.44
C GLU B 25 -1.20 -5.13 -5.84
N ARG B 26 -0.99 -6.18 -5.06
CA ARG B 26 -1.60 -7.47 -5.33
C ARG B 26 -3.12 -7.32 -5.42
N HIS B 27 -3.69 -6.64 -4.42
CA HIS B 27 -5.13 -6.42 -4.39
C HIS B 27 -5.55 -5.56 -5.58
N LYS B 28 -4.61 -4.74 -6.08
CA LYS B 28 -4.87 -3.87 -7.21
C LYS B 28 -4.89 -4.66 -8.51
N GLN B 29 -4.19 -5.78 -8.53
CA GLN B 29 -4.12 -6.63 -9.71
C GLN B 29 -5.41 -7.42 -9.88
N SER B 30 -5.96 -7.90 -8.77
CA SER B 30 -7.19 -8.67 -8.79
C SER B 30 -8.38 -7.77 -9.17
N ILE B 31 -8.40 -6.57 -8.61
CA ILE B 31 -9.48 -5.62 -8.89
C ILE B 31 -9.35 -5.05 -10.30
N LYS B 32 -8.13 -5.04 -10.82
CA LYS B 32 -7.87 -4.52 -12.16
C LYS B 32 -8.31 -5.54 -13.21
N LYS B 33 -8.16 -6.82 -12.88
CA LYS B 33 -8.54 -7.89 -13.80
C LYS B 33 -10.05 -8.02 -13.85
N LEU B 34 -10.71 -7.73 -12.73
CA LEU B 34 -12.16 -7.81 -12.63
C LEU B 34 -12.80 -6.70 -13.46
N LYS B 35 -12.24 -5.50 -13.36
CA LYS B 35 -12.76 -4.35 -14.10
C LYS B 35 -12.49 -4.49 -15.59
N GLN B 36 -11.40 -5.18 -15.93
CA GLN B 36 -11.03 -5.39 -17.32
C GLN B 36 -11.93 -6.43 -17.98
N SER B 37 -12.43 -7.36 -17.17
CA SER B 37 -13.30 -8.42 -17.67
C SER B 37 -14.68 -7.87 -18.02
N GLU B 38 -15.08 -6.81 -17.32
CA GLU B 38 -16.38 -6.18 -17.55
C GLU B 38 -16.42 -5.49 -18.90
N ASP B 39 -15.26 -4.98 -19.33
CA ASP B 39 -15.16 -4.29 -20.61
C ASP B 39 -15.23 -5.28 -21.78
N ASP B 40 -14.47 -6.37 -21.65
CA ASP B 40 -14.45 -7.41 -22.69
C ASP B 40 -14.27 -8.79 -22.07
N ASP B 41 -14.81 -9.80 -22.75
CA ASP B 41 -14.71 -11.18 -22.28
C ASP B 41 -14.82 -12.15 -23.44
N ALA A 1 -23.34 -4.00 -23.53
CA ALA A 1 -23.00 -4.86 -22.36
C ALA A 1 -22.99 -4.05 -21.06
N LEU A 2 -23.79 -4.48 -20.10
CA LEU A 2 -23.87 -3.78 -18.81
C LEU A 2 -24.29 -4.74 -17.71
N LYS A 3 -23.54 -5.84 -17.57
CA LYS A 3 -23.83 -6.83 -16.54
C LYS A 3 -23.86 -6.19 -15.15
N LYS A 4 -22.90 -5.31 -14.90
CA LYS A 4 -22.81 -4.62 -13.62
C LYS A 4 -22.37 -5.58 -12.51
N HIS A 5 -21.77 -6.68 -12.89
CA HIS A 5 -21.30 -7.67 -11.92
C HIS A 5 -19.84 -7.41 -11.54
N HIS A 6 -19.07 -6.92 -12.51
CA HIS A 6 -17.66 -6.62 -12.28
C HIS A 6 -17.52 -5.50 -11.25
N GLU A 7 -18.37 -4.50 -11.36
CA GLU A 7 -18.33 -3.38 -10.41
C GLU A 7 -18.61 -3.87 -9.00
N ASN A 8 -19.34 -4.99 -8.89
CA ASN A 8 -19.67 -5.58 -7.61
C ASN A 8 -18.41 -6.13 -6.94
N GLU A 9 -17.79 -7.11 -7.59
CA GLU A 9 -16.56 -7.72 -7.06
C GLU A 9 -15.42 -6.70 -7.09
N ILE A 10 -15.62 -5.59 -7.80
CA ILE A 10 -14.63 -4.54 -7.92
C ILE A 10 -14.79 -3.55 -6.76
N SER A 11 -16.00 -3.46 -6.23
CA SER A 11 -16.27 -2.57 -5.11
C SER A 11 -15.71 -3.17 -3.83
N HIS A 12 -15.87 -4.48 -3.68
CA HIS A 12 -15.37 -5.17 -2.51
C HIS A 12 -13.83 -5.21 -2.56
N HIS A 13 -13.27 -5.62 -3.68
CA HIS A 13 -11.82 -5.66 -3.83
C HIS A 13 -11.28 -4.24 -3.74
N ALA A 14 -12.09 -3.27 -4.12
CA ALA A 14 -11.70 -1.86 -4.06
C ALA A 14 -11.50 -1.45 -2.62
N LYS A 15 -12.32 -2.00 -1.73
CA LYS A 15 -12.22 -1.70 -0.32
C LYS A 15 -11.01 -2.40 0.29
N GLU A 16 -10.59 -3.49 -0.35
CA GLU A 16 -9.44 -4.26 0.12
C GLU A 16 -8.12 -3.54 -0.17
N ILE A 17 -8.01 -2.97 -1.38
CA ILE A 17 -6.80 -2.25 -1.76
C ILE A 17 -6.74 -0.89 -1.06
N GLU A 18 -7.91 -0.35 -0.74
CA GLU A 18 -7.99 0.93 -0.07
C GLU A 18 -7.64 0.79 1.41
N ARG A 19 -8.04 -0.32 2.01
CA ARG A 19 -7.75 -0.57 3.41
C ARG A 19 -6.28 -0.90 3.61
N LEU A 20 -5.74 -1.73 2.73
CA LEU A 20 -4.34 -2.12 2.81
C LEU A 20 -3.45 -0.92 2.49
N GLN A 21 -3.93 -0.05 1.61
CA GLN A 21 -3.18 1.14 1.23
C GLN A 21 -3.02 2.07 2.43
N LYS A 22 -4.09 2.21 3.20
CA LYS A 22 -4.06 3.07 4.38
C LYS A 22 -3.01 2.57 5.37
N GLU A 23 -3.01 1.26 5.61
CA GLU A 23 -2.04 0.66 6.52
C GLU A 23 -0.62 0.99 6.10
N ILE A 24 -0.34 0.86 4.81
CA ILE A 24 0.99 1.15 4.28
C ILE A 24 1.28 2.66 4.39
N GLU A 25 0.20 3.45 4.42
CA GLU A 25 0.33 4.90 4.52
C GLU A 25 0.75 5.31 5.93
N ARG A 26 0.41 4.47 6.90
CA ARG A 26 0.77 4.74 8.29
C ARG A 26 2.24 4.43 8.54
N HIS A 27 2.68 3.27 8.05
CA HIS A 27 4.07 2.86 8.22
C HIS A 27 5.00 3.68 7.34
N LYS A 28 4.46 4.20 6.23
CA LYS A 28 5.26 5.01 5.32
C LYS A 28 5.37 6.44 5.83
N GLN A 29 4.35 6.87 6.57
CA GLN A 29 4.34 8.22 7.13
C GLN A 29 5.37 8.33 8.25
N SER A 30 5.46 7.27 9.06
CA SER A 30 6.41 7.26 10.17
C SER A 30 7.85 7.15 9.66
N ILE A 31 8.06 6.27 8.69
CA ILE A 31 9.38 6.07 8.10
C ILE A 31 9.80 7.28 7.27
N LYS A 32 8.82 8.05 6.80
CA LYS A 32 9.10 9.22 5.99
C LYS A 32 9.52 10.39 6.89
N LYS A 33 8.96 10.45 8.09
CA LYS A 33 9.28 11.50 9.03
C LYS A 33 10.69 11.32 9.59
N LEU A 34 11.07 10.07 9.82
CA LEU A 34 12.40 9.75 10.34
C LEU A 34 13.47 10.02 9.30
N LYS A 35 13.19 9.65 8.05
CA LYS A 35 14.14 9.85 6.96
C LYS A 35 14.20 11.33 6.56
N GLN A 36 13.12 12.05 6.83
CA GLN A 36 13.04 13.48 6.50
C GLN A 36 13.80 14.31 7.53
N SER A 37 13.87 13.79 8.76
CA SER A 37 14.56 14.48 9.84
C SER A 37 16.07 14.41 9.65
N GLU A 38 16.53 13.37 8.97
CA GLU A 38 17.96 13.19 8.73
C GLU A 38 18.46 14.19 7.71
N ASP A 39 17.57 14.67 6.85
CA ASP A 39 17.93 15.65 5.83
C ASP A 39 16.89 16.77 5.73
N ASP A 40 16.24 17.06 6.86
CA ASP A 40 15.22 18.10 6.91
C ASP A 40 14.16 17.86 5.83
N ASP A 41 13.21 18.78 5.74
CA ASP A 41 12.13 18.68 4.76
C ASP A 41 12.70 18.47 3.35
N ALA B 1 27.29 15.95 10.74
CA ALA B 1 26.37 15.04 11.46
C ALA B 1 26.19 13.72 10.70
N LEU B 2 26.49 12.62 11.38
CA LEU B 2 26.36 11.29 10.78
C LEU B 2 26.10 10.23 11.83
N LYS B 3 25.06 10.44 12.64
CA LYS B 3 24.70 9.50 13.69
C LYS B 3 24.48 8.11 13.11
N LYS B 4 23.81 8.04 11.97
CA LYS B 4 23.52 6.77 11.32
C LYS B 4 22.50 5.95 12.11
N HIS B 5 21.74 6.62 12.97
CA HIS B 5 20.72 5.95 13.77
C HIS B 5 19.37 5.98 13.07
N HIS B 6 19.12 7.07 12.35
CA HIS B 6 17.86 7.23 11.63
C HIS B 6 17.74 6.17 10.54
N GLU B 7 18.83 5.91 9.85
CA GLU B 7 18.83 4.89 8.79
C GLU B 7 18.50 3.52 9.37
N ASN B 8 18.79 3.34 10.65
CA ASN B 8 18.51 2.09 11.34
C ASN B 8 17.00 1.88 11.49
N GLU B 9 16.36 2.80 12.21
CA GLU B 9 14.92 2.72 12.41
C GLU B 9 14.19 2.97 11.08
N ILE B 10 14.92 3.46 10.09
CA ILE B 10 14.37 3.74 8.77
C ILE B 10 14.44 2.48 7.90
N SER B 11 15.39 1.61 8.21
CA SER B 11 15.55 0.37 7.46
C SER B 11 14.46 -0.61 7.88
N HIS B 12 14.17 -0.65 9.17
CA HIS B 12 13.15 -1.54 9.70
C HIS B 12 11.77 -1.04 9.24
N HIS B 13 11.49 0.25 9.45
CA HIS B 13 10.22 0.81 9.02
C HIS B 13 10.11 0.73 7.51
N ALA B 14 11.26 0.74 6.83
CA ALA B 14 11.30 0.64 5.38
C ALA B 14 10.79 -0.72 4.94
N LYS B 15 11.08 -1.74 5.73
CA LYS B 15 10.65 -3.09 5.44
C LYS B 15 9.15 -3.23 5.74
N GLU B 16 8.65 -2.37 6.63
CA GLU B 16 7.24 -2.39 7.01
C GLU B 16 6.36 -1.81 5.90
N ILE B 17 6.79 -0.69 5.31
CA ILE B 17 6.03 -0.06 4.23
C ILE B 17 6.16 -0.87 2.95
N GLU B 18 7.27 -1.57 2.80
CA GLU B 18 7.51 -2.39 1.62
C GLU B 18 6.69 -3.66 1.67
N ARG B 19 6.53 -4.23 2.86
CA ARG B 19 5.76 -5.45 3.03
C ARG B 19 4.27 -5.17 2.89
N LEU B 20 3.82 -4.08 3.49
CA LEU B 20 2.41 -3.69 3.42
C LEU B 20 2.06 -3.27 2.00
N GLN B 21 3.03 -2.68 1.31
CA GLN B 21 2.83 -2.23 -0.06
C GLN B 21 2.57 -3.43 -0.97
N LYS B 22 3.34 -4.49 -0.76
CA LYS B 22 3.19 -5.70 -1.56
C LYS B 22 1.79 -6.27 -1.40
N GLU B 23 1.32 -6.35 -0.16
CA GLU B 23 -0.01 -6.87 0.12
C GLU B 23 -1.07 -6.09 -0.64
N ILE B 24 -0.95 -4.76 -0.64
CA ILE B 24 -1.90 -3.90 -1.34
C ILE B 24 -1.75 -4.09 -2.86
N GLU B 25 -0.56 -4.52 -3.27
CA GLU B 25 -0.28 -4.75 -4.69
C GLU B 25 -0.98 -6.02 -5.17
N ARG B 26 -1.23 -6.94 -4.26
CA ARG B 26 -1.91 -8.19 -4.60
C ARG B 26 -3.41 -7.95 -4.76
N HIS B 27 -3.99 -7.23 -3.81
CA HIS B 27 -5.42 -6.93 -3.85
C HIS B 27 -5.74 -5.92 -4.94
N LYS B 28 -4.76 -5.08 -5.28
CA LYS B 28 -4.95 -4.08 -6.32
C LYS B 28 -4.79 -4.70 -7.70
N GLN B 29 -3.98 -5.74 -7.78
CA GLN B 29 -3.75 -6.43 -9.04
C GLN B 29 -5.00 -7.21 -9.45
N SER B 30 -5.64 -7.83 -8.47
CA SER B 30 -6.86 -8.60 -8.73
C SER B 30 -8.02 -7.69 -9.09
N ILE B 31 -8.16 -6.60 -8.34
CA ILE B 31 -9.23 -5.64 -8.57
C ILE B 31 -9.00 -4.86 -9.87
N LYS B 32 -7.74 -4.78 -10.29
CA LYS B 32 -7.39 -4.08 -11.51
C LYS B 32 -7.71 -4.92 -12.74
N LYS B 33 -7.56 -6.24 -12.59
CA LYS B 33 -7.85 -7.17 -13.68
C LYS B 33 -9.34 -7.25 -13.94
N LEU B 34 -10.12 -7.22 -12.87
CA LEU B 34 -11.58 -7.29 -12.98
C LEU B 34 -12.14 -6.02 -13.59
N LYS B 35 -11.60 -4.88 -13.17
CA LYS B 35 -12.06 -3.59 -13.68
C LYS B 35 -11.56 -3.36 -15.10
N GLN B 36 -10.45 -4.01 -15.45
CA GLN B 36 -9.87 -3.87 -16.78
C GLN B 36 -10.63 -4.74 -17.79
N SER B 37 -11.23 -5.81 -17.31
CA SER B 37 -11.99 -6.72 -18.16
C SER B 37 -13.32 -6.10 -18.57
N GLU B 38 -13.82 -5.19 -17.74
CA GLU B 38 -15.09 -4.52 -18.01
C GLU B 38 -14.93 -3.51 -19.15
N ASP B 39 -13.71 -3.02 -19.34
CA ASP B 39 -13.43 -2.06 -20.39
C ASP B 39 -12.14 -2.40 -21.12
N ASP B 40 -11.82 -3.69 -21.17
CA ASP B 40 -10.60 -4.14 -21.84
C ASP B 40 -9.38 -3.42 -21.30
N ASP B 41 -8.22 -3.71 -21.88
CA ASP B 41 -6.97 -3.08 -21.45
C ASP B 41 -7.10 -1.56 -21.47
N ALA A 1 -25.99 -20.32 -13.42
CA ALA A 1 -25.05 -19.24 -12.99
C ALA A 1 -25.09 -19.04 -11.47
N LEU A 2 -24.11 -18.33 -10.95
CA LEU A 2 -24.03 -18.07 -9.52
C LEU A 2 -22.86 -17.15 -9.20
N LYS A 3 -22.61 -16.18 -10.08
CA LYS A 3 -21.53 -15.24 -9.89
C LYS A 3 -22.05 -13.91 -9.34
N LYS A 4 -22.21 -13.85 -8.02
CA LYS A 4 -22.70 -12.65 -7.36
C LYS A 4 -21.73 -12.18 -6.26
N HIS A 5 -21.15 -13.15 -5.55
CA HIS A 5 -20.21 -12.84 -4.48
C HIS A 5 -19.02 -12.05 -5.00
N HIS A 6 -18.70 -12.22 -6.29
CA HIS A 6 -17.58 -11.53 -6.91
C HIS A 6 -17.81 -10.02 -6.91
N GLU A 7 -19.07 -9.61 -7.07
CA GLU A 7 -19.42 -8.19 -7.10
C GLU A 7 -19.05 -7.52 -5.78
N ASN A 8 -19.25 -8.24 -4.68
CA ASN A 8 -18.93 -7.71 -3.36
C ASN A 8 -17.42 -7.55 -3.22
N GLU A 9 -16.69 -8.65 -3.45
CA GLU A 9 -15.24 -8.62 -3.38
C GLU A 9 -14.68 -7.60 -4.38
N ILE A 10 -15.50 -7.23 -5.37
CA ILE A 10 -15.10 -6.27 -6.38
C ILE A 10 -15.00 -4.86 -5.79
N SER A 11 -16.08 -4.43 -5.14
CA SER A 11 -16.13 -3.10 -4.53
C SER A 11 -15.08 -2.97 -3.42
N HIS A 12 -14.75 -4.10 -2.79
CA HIS A 12 -13.77 -4.12 -1.72
C HIS A 12 -12.36 -3.93 -2.29
N HIS A 13 -12.07 -4.62 -3.40
CA HIS A 13 -10.76 -4.50 -4.02
C HIS A 13 -10.51 -3.07 -4.47
N ALA A 14 -11.57 -2.38 -4.86
CA ALA A 14 -11.46 -1.00 -5.30
C ALA A 14 -11.02 -0.10 -4.16
N LYS A 15 -11.77 -0.12 -3.07
CA LYS A 15 -11.43 0.66 -1.90
C LYS A 15 -10.11 0.17 -1.30
N GLU A 16 -9.68 -1.03 -1.71
CA GLU A 16 -8.45 -1.59 -1.22
C GLU A 16 -7.25 -1.06 -1.99
N ILE A 17 -7.43 -0.77 -3.28
CA ILE A 17 -6.35 -0.25 -4.10
C ILE A 17 -6.10 1.23 -3.77
N GLU A 18 -7.17 1.95 -3.49
CA GLU A 18 -7.08 3.36 -3.15
C GLU A 18 -6.58 3.53 -1.71
N ARG A 19 -7.09 2.69 -0.81
CA ARG A 19 -6.68 2.74 0.58
C ARG A 19 -5.25 2.23 0.74
N LEU A 20 -4.84 1.37 -0.18
CA LEU A 20 -3.49 0.82 -0.15
C LEU A 20 -2.48 1.90 -0.51
N GLN A 21 -2.79 2.67 -1.54
CA GLN A 21 -1.92 3.76 -1.98
C GLN A 21 -1.70 4.76 -0.85
N LYS A 22 -2.78 5.20 -0.23
CA LYS A 22 -2.68 6.16 0.86
C LYS A 22 -1.92 5.56 2.04
N GLU A 23 -2.09 4.26 2.25
CA GLU A 23 -1.42 3.56 3.33
C GLU A 23 0.09 3.57 3.14
N ILE A 24 0.52 3.49 1.88
CA ILE A 24 1.95 3.50 1.57
C ILE A 24 2.56 4.86 1.91
N GLU A 25 1.83 5.92 1.55
CA GLU A 25 2.28 7.28 1.80
C GLU A 25 2.46 7.49 3.31
N ARG A 26 1.52 6.97 4.08
CA ARG A 26 1.58 7.09 5.53
C ARG A 26 2.85 6.44 6.06
N HIS A 27 3.23 5.31 5.46
CA HIS A 27 4.42 4.60 5.87
C HIS A 27 5.66 5.44 5.55
N LYS A 28 5.53 6.27 4.52
CA LYS A 28 6.63 7.14 4.09
C LYS A 28 6.83 8.27 5.09
N GLN A 29 5.74 8.69 5.72
CA GLN A 29 5.79 9.77 6.70
C GLN A 29 6.49 9.31 7.97
N SER A 30 6.21 8.08 8.39
CA SER A 30 6.82 7.52 9.59
C SER A 30 8.31 7.29 9.38
N ILE A 31 8.65 6.72 8.23
CA ILE A 31 10.05 6.43 7.90
C ILE A 31 10.83 7.71 7.64
N LYS A 32 10.13 8.76 7.23
CA LYS A 32 10.76 10.05 6.96
C LYS A 32 11.03 10.81 8.24
N LYS A 33 10.16 10.64 9.23
CA LYS A 33 10.30 11.31 10.52
C LYS A 33 11.34 10.61 11.37
N LEU A 34 11.46 9.30 11.20
CA LEU A 34 12.42 8.51 11.96
C LEU A 34 13.83 8.65 11.38
N LYS A 35 13.90 8.86 10.07
CA LYS A 35 15.17 9.03 9.38
C LYS A 35 15.71 10.44 9.59
N GLN A 36 14.81 11.41 9.63
CA GLN A 36 15.20 12.80 9.83
C GLN A 36 15.56 13.06 11.28
N SER A 37 14.94 12.32 12.19
CA SER A 37 15.20 12.47 13.61
C SER A 37 16.55 11.87 13.96
N GLU A 38 16.99 10.89 13.17
CA GLU A 38 18.28 10.24 13.40
C GLU A 38 19.43 11.21 13.11
N ASP A 39 19.23 12.10 12.16
CA ASP A 39 20.25 13.08 11.79
C ASP A 39 20.54 14.01 12.96
N ASP A 40 19.56 14.19 13.83
CA ASP A 40 19.71 15.07 14.99
C ASP A 40 19.82 16.53 14.57
N ASP A 41 19.13 17.40 15.28
CA ASP A 41 19.15 18.82 14.99
C ASP A 41 18.26 19.60 15.95
N ALA B 1 21.72 7.42 27.22
CA ALA B 1 21.06 7.17 25.92
C ALA B 1 20.68 5.70 25.76
N LEU B 2 19.83 5.41 24.78
CA LEU B 2 19.39 4.04 24.53
C LEU B 2 18.51 3.98 23.30
N LYS B 3 18.84 4.78 22.30
CA LYS B 3 18.08 4.81 21.05
C LYS B 3 18.76 3.97 19.97
N LYS B 4 18.51 2.67 19.98
CA LYS B 4 19.10 1.77 19.01
C LYS B 4 18.02 0.96 18.29
N HIS B 5 16.99 0.57 19.02
CA HIS B 5 15.90 -0.21 18.46
C HIS B 5 15.22 0.55 17.32
N HIS B 6 15.29 1.87 17.37
CA HIS B 6 14.67 2.71 16.34
C HIS B 6 15.32 2.48 14.98
N GLU B 7 16.62 2.22 14.99
CA GLU B 7 17.37 1.98 13.76
C GLU B 7 16.81 0.76 13.03
N ASN B 8 16.44 -0.27 13.79
CA ASN B 8 15.89 -1.48 13.21
C ASN B 8 14.53 -1.20 12.58
N GLU B 9 13.63 -0.63 13.38
CA GLU B 9 12.30 -0.28 12.91
C GLU B 9 12.40 0.72 11.75
N ILE B 10 13.55 1.37 11.64
CA ILE B 10 13.80 2.35 10.59
C ILE B 10 13.94 1.65 9.23
N SER B 11 14.83 0.67 9.16
CA SER B 11 15.07 -0.07 7.94
C SER B 11 13.82 -0.83 7.50
N HIS B 12 13.00 -1.21 8.47
CA HIS B 12 11.77 -1.93 8.20
C HIS B 12 10.73 -1.00 7.57
N HIS B 13 10.61 0.21 8.12
CA HIS B 13 9.66 1.17 7.58
C HIS B 13 9.98 1.51 6.14
N ALA B 14 11.28 1.49 5.81
CA ALA B 14 11.72 1.79 4.45
C ALA B 14 11.22 0.73 3.49
N LYS B 15 11.55 -0.52 3.77
CA LYS B 15 11.11 -1.63 2.94
C LYS B 15 9.59 -1.75 2.99
N GLU B 16 8.98 -1.10 3.99
CA GLU B 16 7.54 -1.13 4.15
C GLU B 16 6.86 -0.12 3.24
N ILE B 17 7.51 1.03 3.02
CA ILE B 17 6.95 2.06 2.16
C ILE B 17 7.05 1.65 0.69
N GLU B 18 8.15 0.99 0.34
CA GLU B 18 8.37 0.53 -1.02
C GLU B 18 7.52 -0.70 -1.30
N ARG B 19 7.44 -1.61 -0.33
CA ARG B 19 6.67 -2.81 -0.48
C ARG B 19 5.18 -2.50 -0.44
N LEU B 20 4.83 -1.40 0.21
CA LEU B 20 3.44 -0.98 0.32
C LEU B 20 2.95 -0.48 -1.03
N GLN B 21 3.79 0.32 -1.70
CA GLN B 21 3.44 0.87 -3.00
C GLN B 21 3.21 -0.26 -4.01
N LYS B 22 4.13 -1.22 -4.04
CA LYS B 22 4.02 -2.35 -4.94
C LYS B 22 2.80 -3.19 -4.62
N GLU B 23 2.43 -3.22 -3.34
CA GLU B 23 1.28 -3.98 -2.89
C GLU B 23 -0.02 -3.35 -3.37
N ILE B 24 -0.04 -2.03 -3.45
CA ILE B 24 -1.23 -1.32 -3.91
C ILE B 24 -1.48 -1.61 -5.39
N GLU B 25 -0.40 -1.60 -6.18
CA GLU B 25 -0.49 -1.88 -7.59
C GLU B 25 -1.07 -3.26 -7.83
N ARG B 26 -0.61 -4.23 -7.02
CA ARG B 26 -1.09 -5.60 -7.13
C ARG B 26 -2.59 -5.65 -6.90
N HIS B 27 -3.08 -4.85 -5.96
CA HIS B 27 -4.49 -4.79 -5.66
C HIS B 27 -5.26 -4.22 -6.84
N LYS B 28 -4.58 -3.37 -7.61
CA LYS B 28 -5.19 -2.75 -8.79
C LYS B 28 -5.34 -3.76 -9.91
N GLN B 29 -4.44 -4.74 -9.96
CA GLN B 29 -4.47 -5.78 -10.98
C GLN B 29 -5.64 -6.72 -10.74
N SER B 30 -5.87 -7.06 -9.48
CA SER B 30 -6.97 -7.95 -9.13
C SER B 30 -8.32 -7.30 -9.37
N ILE B 31 -8.44 -6.04 -8.95
CA ILE B 31 -9.68 -5.28 -9.12
C ILE B 31 -9.93 -4.95 -10.60
N LYS B 32 -8.86 -4.89 -11.38
CA LYS B 32 -8.96 -4.58 -12.81
C LYS B 32 -9.39 -5.81 -13.60
N LYS B 33 -8.95 -6.99 -13.13
CA LYS B 33 -9.29 -8.24 -13.80
C LYS B 33 -10.71 -8.67 -13.45
N LEU B 34 -11.15 -8.32 -12.24
CA LEU B 34 -12.49 -8.68 -11.77
C LEU B 34 -13.52 -7.73 -12.37
N LYS B 35 -13.11 -6.49 -12.60
CA LYS B 35 -14.00 -5.48 -13.17
C LYS B 35 -14.15 -5.68 -14.68
N GLN B 36 -13.05 -6.10 -15.32
CA GLN B 36 -13.06 -6.33 -16.75
C GLN B 36 -13.78 -7.63 -17.10
N SER B 37 -13.71 -8.59 -16.18
CA SER B 37 -14.35 -9.88 -16.37
C SER B 37 -15.87 -9.75 -16.23
N GLU B 38 -16.29 -8.75 -15.46
CA GLU B 38 -17.72 -8.52 -15.23
C GLU B 38 -18.39 -8.03 -16.52
N ASP B 39 -17.64 -7.28 -17.32
CA ASP B 39 -18.15 -6.74 -18.57
C ASP B 39 -18.52 -7.87 -19.53
N ASP B 40 -17.85 -9.00 -19.39
CA ASP B 40 -18.10 -10.16 -20.24
C ASP B 40 -17.65 -9.89 -21.67
N ASP B 41 -16.98 -10.88 -22.26
CA ASP B 41 -16.49 -10.74 -23.63
C ASP B 41 -15.77 -12.00 -24.08
N ALA A 1 -24.76 -4.93 -21.54
CA ALA A 1 -23.76 -5.49 -20.60
C ALA A 1 -23.77 -4.74 -19.27
N LEU A 2 -24.32 -5.36 -18.24
CA LEU A 2 -24.40 -4.76 -16.92
C LEU A 2 -23.82 -5.69 -15.86
N LYS A 3 -24.58 -6.71 -15.49
CA LYS A 3 -24.14 -7.67 -14.48
C LYS A 3 -23.87 -6.98 -13.14
N LYS A 4 -24.06 -7.71 -12.05
CA LYS A 4 -23.84 -7.17 -10.72
C LYS A 4 -22.91 -8.06 -9.92
N HIS A 5 -22.14 -8.90 -10.60
CA HIS A 5 -21.20 -9.80 -9.94
C HIS A 5 -19.81 -9.18 -9.91
N HIS A 6 -19.43 -8.54 -11.01
CA HIS A 6 -18.13 -7.90 -11.10
C HIS A 6 -18.00 -6.77 -10.09
N GLU A 7 -19.08 -5.99 -9.93
CA GLU A 7 -19.09 -4.89 -8.98
C GLU A 7 -18.90 -5.42 -7.56
N ASN A 8 -19.26 -6.69 -7.36
CA ASN A 8 -19.12 -7.32 -6.05
C ASN A 8 -17.65 -7.54 -5.72
N GLU A 9 -16.99 -8.35 -6.55
CA GLU A 9 -15.57 -8.63 -6.35
C GLU A 9 -14.73 -7.38 -6.64
N ILE A 10 -15.36 -6.37 -7.22
CA ILE A 10 -14.69 -5.11 -7.55
C ILE A 10 -14.79 -4.14 -6.37
N SER A 11 -15.84 -4.30 -5.57
CA SER A 11 -16.03 -3.45 -4.41
C SER A 11 -15.16 -3.94 -3.26
N HIS A 12 -14.92 -5.25 -3.24
CA HIS A 12 -14.09 -5.85 -2.20
C HIS A 12 -12.61 -5.61 -2.51
N HIS A 13 -12.20 -5.89 -3.74
CA HIS A 13 -10.81 -5.67 -4.13
C HIS A 13 -10.51 -4.18 -4.16
N ALA A 14 -11.55 -3.37 -4.40
CA ALA A 14 -11.39 -1.92 -4.46
C ALA A 14 -11.05 -1.38 -3.08
N LYS A 15 -11.80 -1.85 -2.07
CA LYS A 15 -11.57 -1.41 -0.70
C LYS A 15 -10.27 -2.00 -0.16
N GLU A 16 -9.79 -3.07 -0.80
CA GLU A 16 -8.55 -3.71 -0.37
C GLU A 16 -7.33 -2.97 -0.88
N ILE A 17 -7.42 -2.41 -2.09
CA ILE A 17 -6.31 -1.68 -2.67
C ILE A 17 -6.24 -0.26 -2.10
N GLU A 18 -7.40 0.30 -1.79
CA GLU A 18 -7.47 1.65 -1.22
C GLU A 18 -7.18 1.60 0.27
N ARG A 19 -7.53 0.48 0.91
CA ARG A 19 -7.31 0.31 2.34
C ARG A 19 -5.85 0.01 2.62
N LEU A 20 -5.24 -0.81 1.75
CA LEU A 20 -3.85 -1.16 1.92
C LEU A 20 -2.97 0.05 1.60
N GLN A 21 -3.43 0.85 0.64
CA GLN A 21 -2.70 2.04 0.23
C GLN A 21 -2.60 3.05 1.38
N LYS A 22 -3.72 3.27 2.05
CA LYS A 22 -3.75 4.21 3.18
C LYS A 22 -2.81 3.73 4.28
N GLU A 23 -2.81 2.43 4.54
CA GLU A 23 -1.96 1.85 5.57
C GLU A 23 -0.49 2.13 5.27
N ILE A 24 -0.10 1.98 4.01
CA ILE A 24 1.28 2.22 3.60
C ILE A 24 1.64 3.68 3.82
N GLU A 25 0.64 4.55 3.68
CA GLU A 25 0.84 5.99 3.87
C GLU A 25 1.28 6.26 5.29
N ARG A 26 0.62 5.60 6.25
CA ARG A 26 0.96 5.77 7.66
C ARG A 26 2.42 5.40 7.90
N HIS A 27 2.80 4.21 7.42
CA HIS A 27 4.18 3.75 7.57
C HIS A 27 5.13 4.65 6.78
N LYS A 28 4.59 5.39 5.82
CA LYS A 28 5.39 6.28 4.99
C LYS A 28 5.72 7.56 5.74
N GLN A 29 4.80 7.99 6.61
CA GLN A 29 4.99 9.19 7.40
C GLN A 29 6.03 8.96 8.49
N SER A 30 5.98 7.78 9.10
CA SER A 30 6.93 7.43 10.16
C SER A 30 8.33 7.25 9.60
N ILE A 31 8.42 6.63 8.42
CA ILE A 31 9.70 6.39 7.78
C ILE A 31 10.27 7.67 7.17
N LYS A 32 9.37 8.59 6.82
CA LYS A 32 9.79 9.86 6.24
C LYS A 32 10.27 10.82 7.33
N LYS A 33 9.71 10.68 8.52
CA LYS A 33 10.08 11.54 9.64
C LYS A 33 11.42 11.11 10.22
N LEU A 34 11.65 9.80 10.25
CA LEU A 34 12.90 9.25 10.77
C LEU A 34 14.05 9.50 9.80
N LYS A 35 13.75 9.39 8.51
CA LYS A 35 14.77 9.61 7.49
C LYS A 35 15.03 11.10 7.29
N GLN A 36 14.01 11.91 7.57
CA GLN A 36 14.11 13.35 7.43
C GLN A 36 14.88 13.95 8.62
N SER A 37 14.82 13.27 9.74
CA SER A 37 15.51 13.73 10.95
C SER A 37 17.01 13.54 10.82
N GLU A 38 17.42 12.51 10.09
CA GLU A 38 18.83 12.22 9.89
C GLU A 38 19.46 13.23 8.94
N ASP A 39 18.65 13.80 8.07
CA ASP A 39 19.13 14.79 7.10
C ASP A 39 18.14 15.95 6.97
N ASP A 40 17.59 16.37 8.11
CA ASP A 40 16.63 17.47 8.12
C ASP A 40 17.29 18.78 7.68
N ASP A 41 16.52 19.65 7.05
CA ASP A 41 17.03 20.94 6.59
C ASP A 41 16.55 22.07 7.48
N ALA B 1 27.72 13.70 12.07
CA ALA B 1 26.35 13.17 12.30
C ALA B 1 26.16 11.83 11.62
N LEU B 2 26.15 10.75 12.41
CA LEU B 2 25.98 9.41 11.88
C LEU B 2 24.85 8.69 12.60
N LYS B 3 25.11 8.23 13.82
CA LYS B 3 24.12 7.52 14.61
C LYS B 3 23.66 6.26 13.90
N LYS B 4 23.26 5.25 14.67
CA LYS B 4 22.80 3.99 14.10
C LYS B 4 21.43 3.60 14.68
N HIS B 5 20.72 4.59 15.22
CA HIS B 5 19.39 4.35 15.78
C HIS B 5 18.31 4.64 14.76
N HIS B 6 18.51 5.73 14.01
CA HIS B 6 17.55 6.13 12.99
C HIS B 6 17.45 5.07 11.91
N GLU B 7 18.60 4.51 11.50
CA GLU B 7 18.63 3.48 10.49
C GLU B 7 17.85 2.25 10.96
N ASN B 8 17.74 2.10 12.28
CA ASN B 8 17.02 0.97 12.85
C ASN B 8 15.52 1.12 12.61
N GLU B 9 14.94 2.20 13.13
CA GLU B 9 13.52 2.47 12.96
C GLU B 9 13.22 2.84 11.50
N ILE B 10 14.27 3.08 10.72
CA ILE B 10 14.15 3.44 9.32
C ILE B 10 14.15 2.18 8.46
N SER B 11 14.80 1.13 8.95
CA SER B 11 14.85 -0.13 8.23
C SER B 11 13.56 -0.91 8.44
N HIS B 12 12.95 -0.70 9.61
CA HIS B 12 11.71 -1.37 9.94
C HIS B 12 10.54 -0.68 9.24
N HIS B 13 10.47 0.65 9.34
CA HIS B 13 9.40 1.39 8.68
C HIS B 13 9.58 1.33 7.17
N ALA B 14 10.83 1.15 6.73
CA ALA B 14 11.13 1.07 5.32
C ALA B 14 10.56 -0.21 4.72
N LYS B 15 10.76 -1.32 5.42
CA LYS B 15 10.24 -2.60 4.97
C LYS B 15 8.72 -2.65 5.13
N GLU B 16 8.18 -1.78 5.98
CA GLU B 16 6.75 -1.74 6.21
C GLU B 16 6.02 -0.97 5.11
N ILE B 17 6.65 0.08 4.58
CA ILE B 17 6.05 0.88 3.53
C ILE B 17 6.22 0.18 2.18
N GLU B 18 7.34 -0.52 2.02
CA GLU B 18 7.61 -1.23 0.78
C GLU B 18 6.86 -2.57 0.75
N ARG B 19 6.65 -3.14 1.93
CA ARG B 19 5.94 -4.40 2.05
C ARG B 19 4.44 -4.20 1.89
N LEU B 20 3.93 -3.11 2.45
CA LEU B 20 2.52 -2.80 2.34
C LEU B 20 2.19 -2.38 0.93
N GLN B 21 3.14 -1.70 0.28
CA GLN B 21 2.96 -1.24 -1.08
C GLN B 21 2.80 -2.41 -2.04
N LYS B 22 3.67 -3.42 -1.90
CA LYS B 22 3.62 -4.59 -2.76
C LYS B 22 2.28 -5.32 -2.59
N GLU B 23 1.82 -5.41 -1.34
CA GLU B 23 0.56 -6.07 -1.04
C GLU B 23 -0.59 -5.38 -1.78
N ILE B 24 -0.59 -4.05 -1.78
CA ILE B 24 -1.64 -3.29 -2.44
C ILE B 24 -1.60 -3.56 -3.95
N GLU B 25 -0.39 -3.82 -4.45
CA GLU B 25 -0.21 -4.11 -5.87
C GLU B 25 -0.97 -5.36 -6.26
N ARG B 26 -0.88 -6.39 -5.42
CA ARG B 26 -1.57 -7.64 -5.66
C ARG B 26 -3.07 -7.39 -5.77
N HIS B 27 -3.61 -6.68 -4.79
CA HIS B 27 -5.04 -6.37 -4.79
C HIS B 27 -5.40 -5.46 -5.96
N LYS B 28 -4.39 -4.75 -6.49
CA LYS B 28 -4.60 -3.85 -7.62
C LYS B 28 -4.76 -4.65 -8.92
N GLN B 29 -4.06 -5.77 -9.01
CA GLN B 29 -4.13 -6.62 -10.18
C GLN B 29 -5.47 -7.32 -10.26
N SER B 30 -5.98 -7.74 -9.10
CA SER B 30 -7.27 -8.43 -9.04
C SER B 30 -8.42 -7.47 -9.32
N ILE B 31 -8.33 -6.27 -8.75
CA ILE B 31 -9.38 -5.25 -8.94
C ILE B 31 -9.30 -4.64 -10.33
N LYS B 32 -8.12 -4.71 -10.94
CA LYS B 32 -7.92 -4.17 -12.28
C LYS B 32 -8.41 -5.16 -13.33
N LYS B 33 -8.29 -6.45 -13.02
CA LYS B 33 -8.73 -7.49 -13.94
C LYS B 33 -10.24 -7.60 -13.95
N LEU B 34 -10.84 -7.43 -12.78
CA LEU B 34 -12.29 -7.50 -12.65
C LEU B 34 -12.96 -6.27 -13.26
N LYS B 35 -12.34 -5.12 -13.09
CA LYS B 35 -12.87 -3.87 -13.63
C LYS B 35 -12.59 -3.78 -15.13
N GLN B 36 -11.53 -4.45 -15.57
CA GLN B 36 -11.16 -4.44 -16.98
C GLN B 36 -12.04 -5.41 -17.77
N SER B 37 -12.55 -6.43 -17.08
CA SER B 37 -13.42 -7.42 -17.72
C SER B 37 -14.79 -6.83 -18.01
N GLU B 38 -15.23 -5.90 -17.18
CA GLU B 38 -16.52 -5.25 -17.35
C GLU B 38 -16.50 -4.28 -18.53
N ASP B 39 -15.31 -3.77 -18.84
CA ASP B 39 -15.15 -2.83 -19.94
C ASP B 39 -13.88 -3.13 -20.73
N ASP B 40 -13.61 -4.42 -20.94
CA ASP B 40 -12.43 -4.84 -21.68
C ASP B 40 -12.51 -4.39 -23.13
N ASP B 41 -11.35 -4.12 -23.73
CA ASP B 41 -11.29 -3.67 -25.12
C ASP B 41 -10.81 -4.80 -26.02
N ALA A 1 -25.96 -5.83 -22.68
CA ALA A 1 -25.33 -6.50 -21.50
C ALA A 1 -25.93 -6.00 -20.20
N LEU A 2 -26.51 -6.92 -19.44
CA LEU A 2 -27.14 -6.58 -18.16
C LEU A 2 -26.64 -7.50 -17.05
N LYS A 3 -25.71 -6.99 -16.24
CA LYS A 3 -25.15 -7.77 -15.14
C LYS A 3 -25.03 -6.91 -13.88
N LYS A 4 -24.03 -6.05 -13.85
CA LYS A 4 -23.81 -5.17 -12.71
C LYS A 4 -23.39 -5.95 -11.48
N HIS A 5 -23.02 -7.23 -11.66
CA HIS A 5 -22.59 -8.06 -10.55
C HIS A 5 -21.07 -8.04 -10.41
N HIS A 6 -20.39 -7.95 -11.54
CA HIS A 6 -18.93 -7.90 -11.56
C HIS A 6 -18.44 -6.63 -10.89
N GLU A 7 -19.27 -5.59 -10.91
CA GLU A 7 -18.91 -4.32 -10.30
C GLU A 7 -18.92 -4.44 -8.77
N ASN A 8 -19.90 -5.16 -8.25
CA ASN A 8 -20.01 -5.37 -6.81
C ASN A 8 -18.80 -6.10 -6.27
N GLU A 9 -18.41 -7.18 -6.97
CA GLU A 9 -17.26 -7.96 -6.58
C GLU A 9 -16.00 -7.10 -6.56
N ILE A 10 -15.78 -6.35 -7.63
CA ILE A 10 -14.63 -5.47 -7.71
C ILE A 10 -14.80 -4.29 -6.76
N SER A 11 -16.02 -4.09 -6.25
CA SER A 11 -16.27 -3.01 -5.31
C SER A 11 -15.59 -3.35 -4.00
N HIS A 12 -15.68 -4.62 -3.62
CA HIS A 12 -15.04 -5.09 -2.39
C HIS A 12 -13.52 -5.07 -2.57
N HIS A 13 -13.05 -5.56 -3.71
CA HIS A 13 -11.62 -5.58 -4.00
C HIS A 13 -11.06 -4.17 -4.00
N ALA A 14 -11.92 -3.20 -4.32
CA ALA A 14 -11.51 -1.81 -4.34
C ALA A 14 -11.18 -1.34 -2.94
N LYS A 15 -12.08 -1.64 -2.01
CA LYS A 15 -11.86 -1.27 -0.62
C LYS A 15 -10.69 -2.06 -0.03
N GLU A 16 -10.32 -3.16 -0.70
CA GLU A 16 -9.22 -4.00 -0.25
C GLU A 16 -7.87 -3.38 -0.56
N ILE A 17 -7.69 -2.92 -1.80
CA ILE A 17 -6.43 -2.31 -2.22
C ILE A 17 -6.30 -0.91 -1.61
N GLU A 18 -7.43 -0.26 -1.36
CA GLU A 18 -7.44 1.07 -0.77
C GLU A 18 -7.22 0.98 0.73
N ARG A 19 -7.70 -0.11 1.32
CA ARG A 19 -7.55 -0.32 2.76
C ARG A 19 -6.10 -0.61 3.11
N LEU A 20 -5.47 -1.48 2.31
CA LEU A 20 -4.08 -1.83 2.55
C LEU A 20 -3.19 -0.62 2.31
N GLN A 21 -3.54 0.17 1.30
CA GLN A 21 -2.78 1.36 0.96
C GLN A 21 -2.81 2.36 2.12
N LYS A 22 -3.93 2.40 2.82
CA LYS A 22 -4.08 3.30 3.96
C LYS A 22 -3.09 2.93 5.06
N GLU A 23 -3.07 1.66 5.42
CA GLU A 23 -2.17 1.18 6.46
C GLU A 23 -0.71 1.51 6.11
N ILE A 24 -0.35 1.31 4.85
CA ILE A 24 1.00 1.59 4.40
C ILE A 24 1.28 3.09 4.53
N GLU A 25 0.23 3.88 4.38
CA GLU A 25 0.34 5.33 4.48
C GLU A 25 0.84 5.72 5.86
N ARG A 26 0.26 5.12 6.89
CA ARG A 26 0.67 5.40 8.26
C ARG A 26 2.15 5.07 8.44
N HIS A 27 2.55 3.91 7.93
CA HIS A 27 3.95 3.48 8.03
C HIS A 27 4.85 4.39 7.20
N LYS A 28 4.26 5.07 6.22
CA LYS A 28 5.03 5.98 5.37
C LYS A 28 5.26 7.32 6.06
N GLN A 29 4.36 7.67 6.96
CA GLN A 29 4.47 8.92 7.70
C GLN A 29 5.58 8.83 8.74
N SER A 30 5.64 7.70 9.43
CA SER A 30 6.67 7.47 10.45
C SER A 30 8.05 7.40 9.81
N ILE A 31 8.16 6.58 8.76
CA ILE A 31 9.43 6.41 8.06
C ILE A 31 9.83 7.69 7.32
N LYS A 32 8.82 8.48 6.94
CA LYS A 32 9.07 9.73 6.23
C LYS A 32 9.50 10.83 7.19
N LYS A 33 9.17 10.66 8.47
CA LYS A 33 9.52 11.65 9.49
C LYS A 33 10.96 11.47 9.96
N LEU A 34 11.40 10.22 10.08
CA LEU A 34 12.77 9.94 10.52
C LEU A 34 13.74 10.09 9.36
N LYS A 35 13.25 9.87 8.14
CA LYS A 35 14.09 9.98 6.95
C LYS A 35 14.12 11.42 6.46
N GLN A 36 13.08 12.18 6.77
CA GLN A 36 12.99 13.58 6.36
C GLN A 36 13.69 14.48 7.37
N SER A 37 13.76 14.02 8.62
CA SER A 37 14.41 14.79 9.67
C SER A 37 15.92 14.52 9.69
N GLU A 38 16.30 13.32 9.29
CA GLU A 38 17.72 12.95 9.26
C GLU A 38 18.36 13.35 7.94
N ASP A 39 17.53 13.46 6.90
CA ASP A 39 18.01 13.85 5.57
C ASP A 39 17.79 15.33 5.32
N ASP A 40 16.83 15.92 6.03
CA ASP A 40 16.53 17.33 5.89
C ASP A 40 16.19 17.67 4.45
N ASP A 41 14.90 17.84 4.16
CA ASP A 41 14.45 18.16 2.81
C ASP A 41 12.96 18.47 2.80
N ALA B 1 28.86 14.58 13.31
CA ALA B 1 27.72 13.73 13.75
C ALA B 1 28.00 12.26 13.50
N LEU B 2 28.02 11.47 14.57
CA LEU B 2 28.28 10.04 14.46
C LEU B 2 27.21 9.23 15.20
N LYS B 3 26.27 8.67 14.43
CA LYS B 3 25.19 7.88 15.02
C LYS B 3 24.94 6.63 14.19
N LYS B 4 24.28 6.80 13.05
CA LYS B 4 23.97 5.67 12.17
C LYS B 4 22.97 4.71 12.80
N HIS B 5 22.33 5.14 13.89
CA HIS B 5 21.35 4.31 14.57
C HIS B 5 19.94 4.62 14.08
N HIS B 6 19.71 5.89 13.75
CA HIS B 6 18.41 6.33 13.25
C HIS B 6 18.12 5.68 11.90
N GLU B 7 19.18 5.34 11.18
CA GLU B 7 19.04 4.72 9.87
C GLU B 7 18.54 3.29 10.00
N ASN B 8 19.05 2.58 11.01
CA ASN B 8 18.64 1.21 11.26
C ASN B 8 17.15 1.14 11.60
N GLU B 9 16.71 2.04 12.47
CA GLU B 9 15.31 2.10 12.86
C GLU B 9 14.42 2.34 11.65
N ILE B 10 14.79 3.35 10.85
CA ILE B 10 14.02 3.65 9.65
C ILE B 10 14.23 2.56 8.60
N SER B 11 15.24 1.71 8.80
CA SER B 11 15.48 0.61 7.88
C SER B 11 14.35 -0.39 8.01
N HIS B 12 13.94 -0.64 9.25
CA HIS B 12 12.85 -1.57 9.52
C HIS B 12 11.53 -0.96 9.02
N HIS B 13 11.31 0.31 9.33
CA HIS B 13 10.10 1.01 8.90
C HIS B 13 10.02 1.01 7.37
N ALA B 14 11.18 0.95 6.73
CA ALA B 14 11.23 0.95 5.27
C ALA B 14 10.63 -0.33 4.74
N LYS B 15 11.06 -1.45 5.32
CA LYS B 15 10.53 -2.75 4.92
C LYS B 15 9.06 -2.87 5.31
N GLU B 16 8.61 -2.00 6.22
CA GLU B 16 7.23 -2.02 6.69
C GLU B 16 6.29 -1.38 5.66
N ILE B 17 6.66 -0.20 5.15
CA ILE B 17 5.83 0.47 4.17
C ILE B 17 5.92 -0.21 2.81
N GLU B 18 7.06 -0.86 2.56
CA GLU B 18 7.28 -1.57 1.31
C GLU B 18 6.58 -2.92 1.34
N ARG B 19 6.51 -3.51 2.54
CA ARG B 19 5.86 -4.80 2.72
C ARG B 19 4.35 -4.67 2.55
N LEU B 20 3.78 -3.63 3.16
CA LEU B 20 2.35 -3.41 3.06
C LEU B 20 1.97 -3.06 1.63
N GLN B 21 2.84 -2.29 0.97
CA GLN B 21 2.61 -1.88 -0.40
C GLN B 21 2.57 -3.10 -1.32
N LYS B 22 3.37 -4.10 -0.99
CA LYS B 22 3.41 -5.33 -1.79
C LYS B 22 2.07 -6.05 -1.74
N GLU B 23 1.55 -6.24 -0.52
CA GLU B 23 0.27 -6.90 -0.34
C GLU B 23 -0.83 -6.18 -1.11
N ILE B 24 -0.81 -4.85 -1.05
CA ILE B 24 -1.81 -4.06 -1.75
C ILE B 24 -1.67 -4.26 -3.25
N GLU B 25 -0.45 -4.53 -3.68
CA GLU B 25 -0.16 -4.76 -5.09
C GLU B 25 -0.94 -5.96 -5.60
N ARG B 26 -0.89 -7.05 -4.83
CA ARG B 26 -1.61 -8.26 -5.19
C ARG B 26 -3.09 -7.96 -5.35
N HIS B 27 -3.64 -7.23 -4.38
CA HIS B 27 -5.05 -6.88 -4.42
C HIS B 27 -5.34 -5.92 -5.58
N LYS B 28 -4.31 -5.23 -6.06
CA LYS B 28 -4.48 -4.29 -7.15
C LYS B 28 -4.51 -5.03 -8.50
N GLN B 29 -3.88 -6.20 -8.53
CA GLN B 29 -3.85 -7.01 -9.74
C GLN B 29 -5.20 -7.66 -9.98
N SER B 30 -5.80 -8.17 -8.91
CA SER B 30 -7.10 -8.81 -9.00
C SER B 30 -8.19 -7.80 -9.37
N ILE B 31 -8.19 -6.67 -8.67
CA ILE B 31 -9.17 -5.62 -8.92
C ILE B 31 -8.92 -4.95 -10.26
N LYS B 32 -7.66 -4.96 -10.70
CA LYS B 32 -7.30 -4.36 -11.97
C LYS B 32 -7.66 -5.27 -13.13
N LYS B 33 -7.82 -6.57 -12.85
CA LYS B 33 -8.15 -7.54 -13.88
C LYS B 33 -9.65 -7.54 -14.16
N LEU B 34 -10.46 -7.39 -13.11
CA LEU B 34 -11.90 -7.38 -13.27
C LEU B 34 -12.39 -6.01 -13.73
N LYS B 35 -11.63 -4.97 -13.39
CA LYS B 35 -11.98 -3.62 -13.78
C LYS B 35 -11.43 -3.29 -15.17
N GLN B 36 -10.37 -3.97 -15.55
CA GLN B 36 -9.75 -3.77 -16.85
C GLN B 36 -10.44 -4.63 -17.92
N SER B 37 -11.03 -5.74 -17.48
CA SER B 37 -11.72 -6.64 -18.40
C SER B 37 -13.16 -6.18 -18.62
N GLU B 38 -13.74 -5.56 -17.61
CA GLU B 38 -15.11 -5.07 -17.70
C GLU B 38 -15.15 -3.67 -18.31
N ASP B 39 -14.05 -2.94 -18.17
CA ASP B 39 -13.96 -1.58 -18.70
C ASP B 39 -13.24 -1.58 -20.05
N ASP B 40 -12.43 -2.61 -20.30
CA ASP B 40 -11.69 -2.72 -21.55
C ASP B 40 -10.84 -1.48 -21.79
N ASP B 41 -9.53 -1.61 -21.54
CA ASP B 41 -8.61 -0.50 -21.73
C ASP B 41 -7.16 -0.96 -21.55
N ALA A 1 -24.95 2.69 -17.86
CA ALA A 1 -24.88 1.41 -17.12
C ALA A 1 -24.33 0.29 -18.01
N LEU A 2 -23.85 -0.77 -17.39
CA LEU A 2 -23.30 -1.91 -18.13
C LEU A 2 -22.86 -3.01 -17.17
N LYS A 3 -23.76 -3.94 -16.88
CA LYS A 3 -23.47 -5.05 -15.99
C LYS A 3 -23.08 -4.53 -14.60
N LYS A 4 -23.86 -4.90 -13.59
CA LYS A 4 -23.60 -4.48 -12.22
C LYS A 4 -23.15 -5.66 -11.35
N HIS A 5 -22.70 -6.73 -12.00
CA HIS A 5 -22.23 -7.90 -11.27
C HIS A 5 -20.73 -7.82 -11.03
N HIS A 6 -19.96 -7.78 -12.11
CA HIS A 6 -18.51 -7.69 -12.01
C HIS A 6 -18.10 -6.42 -11.25
N GLU A 7 -18.99 -5.43 -11.23
CA GLU A 7 -18.72 -4.19 -10.53
C GLU A 7 -18.76 -4.39 -9.02
N ASN A 8 -19.77 -5.14 -8.56
CA ASN A 8 -19.92 -5.42 -7.15
C ASN A 8 -18.70 -6.16 -6.62
N GLU A 9 -18.25 -7.15 -7.36
CA GLU A 9 -17.08 -7.93 -6.97
C GLU A 9 -15.86 -7.03 -6.84
N ILE A 10 -15.61 -6.23 -7.88
CA ILE A 10 -14.49 -5.31 -7.85
C ILE A 10 -14.74 -4.19 -6.84
N SER A 11 -15.98 -4.08 -6.37
CA SER A 11 -16.31 -3.08 -5.37
C SER A 11 -15.66 -3.46 -4.05
N HIS A 12 -15.73 -4.75 -3.73
CA HIS A 12 -15.15 -5.27 -2.51
C HIS A 12 -13.61 -5.25 -2.61
N HIS A 13 -13.09 -5.59 -3.79
CA HIS A 13 -11.64 -5.59 -4.00
C HIS A 13 -11.10 -4.17 -3.93
N ALA A 14 -11.96 -3.20 -4.26
CA ALA A 14 -11.56 -1.80 -4.22
C ALA A 14 -11.32 -1.37 -2.78
N LYS A 15 -12.27 -1.68 -1.91
CA LYS A 15 -12.14 -1.34 -0.50
C LYS A 15 -11.01 -2.14 0.16
N GLU A 16 -10.64 -3.26 -0.48
CA GLU A 16 -9.58 -4.11 0.03
C GLU A 16 -8.20 -3.53 -0.24
N ILE A 17 -8.00 -3.00 -1.45
CA ILE A 17 -6.71 -2.41 -1.81
C ILE A 17 -6.57 -1.02 -1.20
N GLU A 18 -7.70 -0.38 -0.93
CA GLU A 18 -7.69 0.95 -0.32
C GLU A 18 -7.48 0.84 1.18
N ARG A 19 -7.98 -0.24 1.77
CA ARG A 19 -7.84 -0.48 3.19
C ARG A 19 -6.40 -0.86 3.53
N LEU A 20 -5.86 -1.80 2.75
CA LEU A 20 -4.49 -2.24 2.96
C LEU A 20 -3.53 -1.09 2.68
N GLN A 21 -3.87 -0.30 1.66
CA GLN A 21 -3.04 0.85 1.28
C GLN A 21 -2.98 1.85 2.42
N LYS A 22 -4.09 1.98 3.15
CA LYS A 22 -4.17 2.90 4.28
C LYS A 22 -3.15 2.52 5.34
N GLU A 23 -3.16 1.25 5.73
CA GLU A 23 -2.22 0.75 6.75
C GLU A 23 -0.78 1.02 6.32
N ILE A 24 -0.48 0.75 5.05
CA ILE A 24 0.86 0.96 4.53
C ILE A 24 1.21 2.45 4.60
N GLU A 25 0.17 3.29 4.51
CA GLU A 25 0.35 4.74 4.57
C GLU A 25 0.81 5.16 5.96
N ARG A 26 0.30 4.46 6.98
CA ARG A 26 0.68 4.76 8.36
C ARG A 26 2.18 4.51 8.55
N HIS A 27 2.62 3.31 8.18
CA HIS A 27 4.02 2.97 8.29
C HIS A 27 4.86 3.84 7.36
N LYS A 28 4.21 4.35 6.32
CA LYS A 28 4.87 5.20 5.34
C LYS A 28 5.05 6.62 5.89
N GLN A 29 4.20 7.00 6.82
CA GLN A 29 4.27 8.32 7.43
C GLN A 29 5.43 8.40 8.41
N SER A 30 5.59 7.34 9.21
CA SER A 30 6.67 7.29 10.18
C SER A 30 8.03 7.22 9.49
N ILE A 31 8.12 6.39 8.46
CA ILE A 31 9.36 6.23 7.72
C ILE A 31 9.68 7.48 6.90
N LYS A 32 8.63 8.16 6.43
CA LYS A 32 8.81 9.38 5.64
C LYS A 32 9.16 10.55 6.55
N LYS A 33 8.87 10.43 7.84
CA LYS A 33 9.15 11.48 8.80
C LYS A 33 10.62 11.47 9.22
N LEU A 34 11.18 10.28 9.43
CA LEU A 34 12.57 10.16 9.84
C LEU A 34 13.49 10.29 8.62
N LYS A 35 12.96 9.99 7.45
CA LYS A 35 13.73 10.08 6.22
C LYS A 35 13.68 11.50 5.66
N GLN A 36 12.62 12.23 5.98
CA GLN A 36 12.45 13.59 5.52
C GLN A 36 13.23 14.56 6.40
N SER A 37 13.33 14.23 7.69
CA SER A 37 14.06 15.06 8.64
C SER A 37 15.56 14.90 8.46
N GLU A 38 15.96 13.75 7.94
CA GLU A 38 17.38 13.48 7.71
C GLU A 38 17.89 14.21 6.48
N ASP A 39 16.99 14.49 5.55
CA ASP A 39 17.35 15.20 4.32
C ASP A 39 16.39 16.35 4.06
N ASP A 40 15.80 16.89 5.12
CA ASP A 40 14.86 17.99 5.00
C ASP A 40 15.51 19.20 4.34
N ASP A 41 14.71 19.98 3.63
CA ASP A 41 15.21 21.17 2.95
C ASP A 41 14.07 22.12 2.59
N ALA B 1 28.91 9.37 4.99
CA ALA B 1 28.24 8.83 6.20
C ALA B 1 27.70 9.96 7.08
N LEU B 2 26.75 9.63 7.95
CA LEU B 2 26.16 10.61 8.83
C LEU B 2 25.13 9.96 9.76
N LYS B 3 25.59 9.52 10.94
CA LYS B 3 24.72 8.88 11.90
C LYS B 3 24.08 7.62 11.32
N LYS B 4 24.37 6.48 11.93
CA LYS B 4 23.83 5.21 11.47
C LYS B 4 22.81 4.64 12.45
N HIS B 5 22.28 5.51 13.32
CA HIS B 5 21.30 5.09 14.31
C HIS B 5 19.88 5.28 13.76
N HIS B 6 19.54 6.54 13.46
CA HIS B 6 18.23 6.85 12.92
C HIS B 6 17.99 6.11 11.61
N GLU B 7 19.07 5.72 10.94
CA GLU B 7 18.97 5.00 9.68
C GLU B 7 18.49 3.58 9.91
N ASN B 8 19.04 2.93 10.95
CA ASN B 8 18.65 1.56 11.28
C ASN B 8 17.17 1.50 11.60
N GLU B 9 16.70 2.46 12.40
CA GLU B 9 15.30 2.50 12.79
C GLU B 9 14.42 2.65 11.54
N ILE B 10 14.74 3.61 10.69
CA ILE B 10 13.99 3.80 9.47
C ILE B 10 14.22 2.65 8.51
N SER B 11 15.23 1.82 8.78
CA SER B 11 15.50 0.67 7.94
C SER B 11 14.40 -0.35 8.13
N HIS B 12 13.98 -0.52 9.39
CA HIS B 12 12.92 -1.46 9.72
C HIS B 12 11.58 -0.91 9.22
N HIS B 13 11.37 0.40 9.37
CA HIS B 13 10.13 1.03 8.91
C HIS B 13 10.03 0.96 7.39
N ALA B 14 11.19 0.90 6.74
CA ALA B 14 11.23 0.82 5.28
C ALA B 14 10.69 -0.52 4.81
N LYS B 15 11.19 -1.59 5.41
CA LYS B 15 10.73 -2.93 5.07
C LYS B 15 9.27 -3.12 5.49
N GLU B 16 8.81 -2.29 6.43
CA GLU B 16 7.44 -2.38 6.92
C GLU B 16 6.45 -1.78 5.92
N ILE B 17 6.80 -0.63 5.34
CA ILE B 17 5.93 0.03 4.37
C ILE B 17 6.00 -0.68 3.02
N GLU B 18 7.13 -1.33 2.76
CA GLU B 18 7.32 -2.05 1.52
C GLU B 18 6.63 -3.40 1.57
N ARG B 19 6.59 -3.99 2.76
CA ARG B 19 5.95 -5.27 2.96
C ARG B 19 4.43 -5.13 2.88
N LEU B 20 3.90 -4.13 3.58
CA LEU B 20 2.47 -3.88 3.58
C LEU B 20 2.03 -3.45 2.19
N GLN B 21 2.88 -2.68 1.52
CA GLN B 21 2.59 -2.21 0.17
C GLN B 21 2.48 -3.39 -0.78
N LYS B 22 3.29 -4.41 -0.55
CA LYS B 22 3.27 -5.61 -1.37
C LYS B 22 1.91 -6.28 -1.32
N GLU B 23 1.43 -6.52 -0.10
CA GLU B 23 0.13 -7.15 0.09
C GLU B 23 -0.97 -6.35 -0.62
N ILE B 24 -0.93 -5.03 -0.48
CA ILE B 24 -1.92 -4.17 -1.11
C ILE B 24 -1.82 -4.31 -2.63
N GLU B 25 -0.62 -4.61 -3.10
CA GLU B 25 -0.37 -4.78 -4.53
C GLU B 25 -1.10 -6.01 -5.05
N ARG B 26 -1.16 -7.04 -4.23
CA ARG B 26 -1.84 -8.28 -4.59
C ARG B 26 -3.32 -8.00 -4.83
N HIS B 27 -3.96 -7.39 -3.83
CA HIS B 27 -5.37 -7.04 -3.94
C HIS B 27 -5.57 -6.00 -5.04
N LYS B 28 -4.51 -5.26 -5.35
CA LYS B 28 -4.55 -4.23 -6.38
C LYS B 28 -4.46 -4.85 -7.77
N GLN B 29 -3.89 -6.05 -7.84
CA GLN B 29 -3.75 -6.74 -9.11
C GLN B 29 -5.09 -7.35 -9.53
N SER B 30 -5.78 -7.96 -8.58
CA SER B 30 -7.08 -8.56 -8.86
C SER B 30 -8.10 -7.49 -9.24
N ILE B 31 -8.11 -6.40 -8.48
CA ILE B 31 -9.04 -5.31 -8.74
C ILE B 31 -8.71 -4.59 -10.05
N LYS B 32 -7.42 -4.49 -10.35
CA LYS B 32 -6.98 -3.84 -11.58
C LYS B 32 -7.24 -4.73 -12.79
N LYS B 33 -7.42 -6.03 -12.54
CA LYS B 33 -7.67 -6.97 -13.63
C LYS B 33 -9.13 -6.95 -14.07
N LEU B 34 -10.05 -6.84 -13.11
CA LEU B 34 -11.47 -6.80 -13.43
C LEU B 34 -11.88 -5.40 -13.86
N LYS B 35 -11.12 -4.40 -13.43
CA LYS B 35 -11.40 -3.01 -13.78
C LYS B 35 -10.76 -2.66 -15.12
N GLN B 36 -9.69 -3.37 -15.46
CA GLN B 36 -9.00 -3.13 -16.72
C GLN B 36 -9.69 -3.84 -17.87
N SER B 37 -10.27 -5.00 -17.56
CA SER B 37 -10.99 -5.80 -18.57
C SER B 37 -12.34 -5.17 -18.88
N GLU B 38 -12.88 -4.42 -17.93
CA GLU B 38 -14.17 -3.76 -18.12
C GLU B 38 -14.02 -2.52 -19.00
N ASP B 39 -12.85 -1.93 -18.99
CA ASP B 39 -12.58 -0.74 -19.79
C ASP B 39 -11.28 -0.89 -20.59
N ASP B 40 -10.93 -2.13 -20.89
CA ASP B 40 -9.72 -2.42 -21.65
C ASP B 40 -9.75 -1.73 -23.01
N ASP B 41 -8.58 -1.39 -23.52
CA ASP B 41 -8.47 -0.72 -24.82
C ASP B 41 -7.05 -0.82 -25.37
N ALA A 1 -15.90 2.84 -22.51
CA ALA A 1 -15.94 1.75 -21.51
C ALA A 1 -16.67 2.19 -20.24
N LEU A 2 -17.39 1.26 -19.63
CA LEU A 2 -18.14 1.56 -18.41
C LEU A 2 -18.36 0.28 -17.59
N LYS A 3 -19.34 -0.51 -18.01
CA LYS A 3 -19.66 -1.75 -17.31
C LYS A 3 -20.13 -1.48 -15.89
N LYS A 4 -21.09 -2.27 -15.42
CA LYS A 4 -21.63 -2.11 -14.08
C LYS A 4 -21.24 -3.29 -13.19
N HIS A 5 -21.45 -4.50 -13.70
CA HIS A 5 -21.11 -5.71 -12.95
C HIS A 5 -19.67 -5.66 -12.47
N HIS A 6 -18.77 -5.26 -13.38
CA HIS A 6 -17.35 -5.17 -13.05
C HIS A 6 -17.12 -4.12 -11.98
N GLU A 7 -17.63 -2.91 -12.22
CA GLU A 7 -17.49 -1.82 -11.26
C GLU A 7 -18.03 -2.22 -9.89
N ASN A 8 -18.89 -3.23 -9.86
CA ASN A 8 -19.48 -3.71 -8.61
C ASN A 8 -18.44 -4.48 -7.81
N GLU A 9 -17.93 -5.56 -8.38
CA GLU A 9 -16.91 -6.36 -7.70
C GLU A 9 -15.57 -5.62 -7.66
N ILE A 10 -15.50 -4.49 -8.37
CA ILE A 10 -14.30 -3.68 -8.42
C ILE A 10 -14.35 -2.62 -7.33
N SER A 11 -15.56 -2.19 -6.98
CA SER A 11 -15.76 -1.19 -5.94
C SER A 11 -15.61 -1.84 -4.58
N HIS A 12 -15.96 -3.12 -4.51
CA HIS A 12 -15.86 -3.88 -3.27
C HIS A 12 -14.40 -4.27 -3.03
N HIS A 13 -13.78 -4.89 -4.04
CA HIS A 13 -12.39 -5.28 -3.92
C HIS A 13 -11.51 -4.05 -3.77
N ALA A 14 -11.98 -2.93 -4.33
CA ALA A 14 -11.24 -1.67 -4.25
C ALA A 14 -11.16 -1.19 -2.81
N LYS A 15 -12.30 -1.16 -2.14
CA LYS A 15 -12.36 -0.73 -0.75
C LYS A 15 -11.45 -1.62 0.10
N GLU A 16 -11.34 -2.88 -0.30
CA GLU A 16 -10.50 -3.84 0.42
C GLU A 16 -9.03 -3.43 0.34
N ILE A 17 -8.55 -3.20 -0.87
CA ILE A 17 -7.16 -2.81 -1.08
C ILE A 17 -6.85 -1.49 -0.39
N GLU A 18 -7.88 -0.70 -0.14
CA GLU A 18 -7.72 0.59 0.52
C GLU A 18 -7.49 0.40 2.01
N ARG A 19 -8.18 -0.58 2.58
CA ARG A 19 -8.05 -0.87 4.00
C ARG A 19 -6.64 -1.37 4.31
N LEU A 20 -6.19 -2.36 3.55
CA LEU A 20 -4.86 -2.91 3.74
C LEU A 20 -3.83 -1.80 3.52
N GLN A 21 -4.04 -1.01 2.47
CA GLN A 21 -3.15 0.09 2.14
C GLN A 21 -3.09 1.08 3.30
N LYS A 22 -4.18 1.18 4.04
CA LYS A 22 -4.26 2.08 5.18
C LYS A 22 -3.23 1.68 6.24
N GLU A 23 -3.20 0.39 6.55
CA GLU A 23 -2.25 -0.12 7.54
C GLU A 23 -0.81 0.16 7.10
N ILE A 24 -0.51 -0.18 5.86
CA ILE A 24 0.83 0.04 5.33
C ILE A 24 1.17 1.54 5.37
N GLU A 25 0.12 2.37 5.30
CA GLU A 25 0.29 3.81 5.34
C GLU A 25 0.76 4.24 6.73
N ARG A 26 0.27 3.54 7.75
CA ARG A 26 0.65 3.85 9.12
C ARG A 26 2.15 3.63 9.30
N HIS A 27 2.63 2.48 8.83
CA HIS A 27 4.04 2.17 8.92
C HIS A 27 4.83 3.12 8.04
N LYS A 28 4.19 3.60 6.98
CA LYS A 28 4.80 4.53 6.05
C LYS A 28 4.85 5.94 6.63
N GLN A 29 4.02 6.18 7.64
CA GLN A 29 3.96 7.49 8.28
C GLN A 29 5.12 7.64 9.26
N SER A 30 5.41 6.59 10.01
CA SER A 30 6.50 6.61 10.98
C SER A 30 7.85 6.62 10.27
N ILE A 31 7.96 5.84 9.20
CA ILE A 31 9.20 5.76 8.43
C ILE A 31 9.42 7.01 7.59
N LYS A 32 8.33 7.60 7.11
CA LYS A 32 8.43 8.82 6.30
C LYS A 32 8.66 10.03 7.20
N LYS A 33 8.26 9.92 8.46
CA LYS A 33 8.44 11.00 9.42
C LYS A 33 9.90 11.11 9.83
N LEU A 34 10.53 9.95 10.03
CA LEU A 34 11.93 9.92 10.43
C LEU A 34 12.83 10.40 9.30
N LYS A 35 12.56 9.92 8.09
CA LYS A 35 13.33 10.31 6.91
C LYS A 35 13.03 11.76 6.53
N GLN A 36 11.84 12.22 6.89
CA GLN A 36 11.43 13.58 6.59
C GLN A 36 12.18 14.57 7.48
N SER A 37 12.49 14.15 8.70
CA SER A 37 13.22 15.00 9.64
C SER A 37 14.61 15.31 9.12
N GLU A 38 15.15 14.42 8.28
CA GLU A 38 16.47 14.61 7.71
C GLU A 38 16.41 15.50 6.48
N ASP A 39 15.26 15.53 5.83
CA ASP A 39 15.08 16.34 4.64
C ASP A 39 14.73 17.78 5.01
N ASP A 40 14.20 17.98 6.20
CA ASP A 40 13.82 19.31 6.67
C ASP A 40 14.97 20.30 6.46
N ASP A 41 14.96 20.97 5.32
CA ASP A 41 15.99 21.96 5.00
C ASP A 41 15.44 23.38 5.06
N ALA B 1 22.27 16.39 1.91
CA ALA B 1 21.67 15.55 2.97
C ALA B 1 22.06 14.08 2.81
N LEU B 2 22.25 13.39 3.93
CA LEU B 2 22.62 11.99 3.90
C LEU B 2 22.20 11.29 5.19
N LYS B 3 22.97 11.47 6.25
CA LYS B 3 22.68 10.87 7.54
C LYS B 3 22.74 9.35 7.45
N LYS B 4 23.23 8.71 8.52
CA LYS B 4 23.33 7.26 8.56
C LYS B 4 22.36 6.67 9.57
N HIS B 5 22.36 7.23 10.78
CA HIS B 5 21.47 6.76 11.84
C HIS B 5 20.03 6.72 11.34
N HIS B 6 19.61 7.79 10.67
CA HIS B 6 18.26 7.89 10.15
C HIS B 6 18.02 6.83 9.08
N GLU B 7 18.91 6.76 8.10
CA GLU B 7 18.80 5.77 7.03
C GLU B 7 18.74 4.36 7.61
N ASN B 8 19.21 4.20 8.85
CA ASN B 8 19.21 2.90 9.50
C ASN B 8 17.79 2.51 9.92
N GLU B 9 17.19 3.33 10.78
CA GLU B 9 15.82 3.08 11.22
C GLU B 9 14.82 3.34 10.10
N ILE B 10 15.31 3.91 9.00
CA ILE B 10 14.49 4.22 7.85
C ILE B 10 14.50 3.05 6.86
N SER B 11 15.61 2.32 6.85
CA SER B 11 15.74 1.17 5.97
C SER B 11 15.00 -0.01 6.57
N HIS B 12 14.91 -0.03 7.90
CA HIS B 12 14.21 -1.10 8.60
C HIS B 12 12.70 -0.84 8.52
N HIS B 13 12.27 0.36 8.90
CA HIS B 13 10.86 0.71 8.84
C HIS B 13 10.38 0.67 7.40
N ALA B 14 11.31 0.94 6.47
CA ALA B 14 10.98 0.95 5.05
C ALA B 14 10.60 -0.45 4.59
N LYS B 15 11.44 -1.43 4.92
CA LYS B 15 11.18 -2.81 4.56
C LYS B 15 9.84 -3.26 5.13
N GLU B 16 9.49 -2.71 6.28
CA GLU B 16 8.22 -3.04 6.94
C GLU B 16 7.03 -2.58 6.09
N ILE B 17 7.05 -1.31 5.70
CA ILE B 17 5.96 -0.75 4.89
C ILE B 17 5.86 -1.47 3.55
N GLU B 18 6.96 -2.11 3.13
CA GLU B 18 6.99 -2.82 1.87
C GLU B 18 6.25 -4.16 2.00
N ARG B 19 6.40 -4.80 3.16
CA ARG B 19 5.75 -6.06 3.42
C ARG B 19 4.24 -5.88 3.45
N LEU B 20 3.78 -4.92 4.25
CA LEU B 20 2.36 -4.64 4.35
C LEU B 20 1.82 -4.25 2.98
N GLN B 21 2.58 -3.41 2.27
CA GLN B 21 2.19 -2.97 0.94
C GLN B 21 2.07 -4.15 -0.01
N LYS B 22 2.85 -5.20 0.27
CA LYS B 22 2.83 -6.41 -0.55
C LYS B 22 1.46 -7.05 -0.48
N GLU B 23 0.94 -7.20 0.74
CA GLU B 23 -0.37 -7.80 0.95
C GLU B 23 -1.45 -7.00 0.23
N ILE B 24 -1.43 -5.68 0.43
CA ILE B 24 -2.41 -4.82 -0.22
C ILE B 24 -2.29 -4.93 -1.73
N GLU B 25 -1.08 -5.27 -2.19
CA GLU B 25 -0.82 -5.42 -3.62
C GLU B 25 -1.56 -6.64 -4.15
N ARG B 26 -1.63 -7.68 -3.33
CA ARG B 26 -2.32 -8.90 -3.71
C ARG B 26 -3.79 -8.60 -3.97
N HIS B 27 -4.41 -7.89 -3.03
CA HIS B 27 -5.81 -7.52 -3.18
C HIS B 27 -5.97 -6.55 -4.34
N LYS B 28 -4.91 -5.81 -4.62
CA LYS B 28 -4.91 -4.84 -5.71
C LYS B 28 -4.72 -5.54 -7.05
N GLN B 29 -4.21 -6.77 -7.00
CA GLN B 29 -3.98 -7.55 -8.22
C GLN B 29 -5.29 -8.16 -8.71
N SER B 30 -6.09 -8.66 -7.78
CA SER B 30 -7.37 -9.26 -8.13
C SER B 30 -8.36 -8.20 -8.58
N ILE B 31 -8.36 -7.06 -7.88
CA ILE B 31 -9.27 -5.96 -8.21
C ILE B 31 -8.83 -5.25 -9.49
N LYS B 32 -7.52 -5.17 -9.72
CA LYS B 32 -7.00 -4.52 -10.91
C LYS B 32 -7.14 -5.44 -12.12
N LYS B 33 -7.20 -6.74 -11.87
CA LYS B 33 -7.35 -7.72 -12.93
C LYS B 33 -8.77 -7.70 -13.48
N LEU B 34 -9.74 -7.57 -12.59
CA LEU B 34 -11.14 -7.53 -12.99
C LEU B 34 -11.45 -6.24 -13.75
N LYS B 35 -10.97 -5.12 -13.23
CA LYS B 35 -11.19 -3.83 -13.86
C LYS B 35 -10.37 -3.72 -15.14
N GLN B 36 -9.27 -4.46 -15.21
CA GLN B 36 -8.41 -4.45 -16.39
C GLN B 36 -9.07 -5.18 -17.54
N SER B 37 -9.86 -6.21 -17.21
CA SER B 37 -10.56 -6.98 -18.23
C SER B 37 -11.56 -6.11 -18.98
N GLU B 38 -12.05 -5.07 -18.31
CA GLU B 38 -13.00 -4.16 -18.92
C GLU B 38 -12.31 -3.11 -19.77
N ASP B 39 -11.05 -2.83 -19.45
CA ASP B 39 -10.27 -1.85 -20.18
C ASP B 39 -9.65 -2.45 -21.43
N ASP B 40 -9.48 -3.78 -21.42
CA ASP B 40 -8.91 -4.49 -22.56
C ASP B 40 -9.59 -4.06 -23.86
N ASP B 41 -9.01 -3.06 -24.53
CA ASP B 41 -9.56 -2.57 -25.78
C ASP B 41 -8.65 -2.95 -26.95
N ALA A 1 -21.73 -2.07 -22.68
CA ALA A 1 -21.82 -3.15 -21.67
C ALA A 1 -21.99 -2.58 -20.27
N LEU A 2 -22.28 -3.45 -19.31
CA LEU A 2 -22.46 -3.04 -17.92
C LEU A 2 -22.90 -4.21 -17.05
N LYS A 3 -21.95 -4.88 -16.42
CA LYS A 3 -22.25 -6.02 -15.56
C LYS A 3 -22.49 -5.56 -14.13
N LYS A 4 -23.18 -6.40 -13.36
CA LYS A 4 -23.48 -6.08 -11.96
C LYS A 4 -22.60 -6.90 -11.02
N HIS A 5 -22.60 -8.21 -11.21
CA HIS A 5 -21.81 -9.10 -10.37
C HIS A 5 -20.36 -8.62 -10.30
N HIS A 6 -19.85 -8.16 -11.44
CA HIS A 6 -18.48 -7.67 -11.51
C HIS A 6 -18.28 -6.47 -10.60
N GLU A 7 -19.13 -5.45 -10.76
CA GLU A 7 -19.06 -4.27 -9.94
C GLU A 7 -19.11 -4.62 -8.45
N ASN A 8 -19.65 -5.80 -8.14
CA ASN A 8 -19.75 -6.25 -6.76
C ASN A 8 -18.37 -6.63 -6.23
N GLU A 9 -17.73 -7.59 -6.87
CA GLU A 9 -16.39 -8.02 -6.46
C GLU A 9 -15.36 -6.95 -6.80
N ILE A 10 -15.78 -5.93 -7.54
CA ILE A 10 -14.91 -4.84 -7.94
C ILE A 10 -14.97 -3.72 -6.91
N SER A 11 -16.11 -3.60 -6.23
CA SER A 11 -16.27 -2.59 -5.20
C SER A 11 -15.64 -3.06 -3.90
N HIS A 12 -15.62 -4.38 -3.72
CA HIS A 12 -15.03 -4.97 -2.54
C HIS A 12 -13.50 -5.00 -2.67
N HIS A 13 -13.00 -5.48 -3.82
CA HIS A 13 -11.57 -5.53 -4.04
C HIS A 13 -11.01 -4.11 -4.14
N ALA A 14 -11.85 -3.18 -4.57
CA ALA A 14 -11.44 -1.79 -4.70
C ALA A 14 -11.16 -1.18 -3.34
N LYS A 15 -12.10 -1.35 -2.42
CA LYS A 15 -11.95 -0.83 -1.08
C LYS A 15 -10.82 -1.55 -0.36
N GLU A 16 -10.50 -2.75 -0.83
CA GLU A 16 -9.42 -3.55 -0.25
C GLU A 16 -8.05 -3.02 -0.66
N ILE A 17 -7.93 -2.60 -1.92
CA ILE A 17 -6.66 -2.08 -2.42
C ILE A 17 -6.36 -0.70 -1.83
N GLU A 18 -7.42 0.10 -1.68
CA GLU A 18 -7.28 1.45 -1.12
C GLU A 18 -7.08 1.38 0.38
N ARG A 19 -7.58 0.31 0.99
CA ARG A 19 -7.46 0.11 2.43
C ARG A 19 -6.03 -0.25 2.80
N LEU A 20 -5.44 -1.18 2.04
CA LEU A 20 -4.07 -1.61 2.30
C LEU A 20 -3.11 -0.47 2.04
N GLN A 21 -3.39 0.32 1.00
CA GLN A 21 -2.56 1.46 0.64
C GLN A 21 -2.54 2.48 1.76
N LYS A 22 -3.69 2.66 2.41
CA LYS A 22 -3.80 3.61 3.51
C LYS A 22 -2.86 3.22 4.65
N GLU A 23 -2.89 1.95 5.02
CA GLU A 23 -2.04 1.44 6.09
C GLU A 23 -0.57 1.76 5.79
N ILE A 24 -0.17 1.51 4.55
CA ILE A 24 1.21 1.77 4.15
C ILE A 24 1.52 3.27 4.31
N GLU A 25 0.50 4.09 4.09
CA GLU A 25 0.64 5.54 4.22
C GLU A 25 1.08 5.90 5.63
N ARG A 26 0.46 5.27 6.62
CA ARG A 26 0.81 5.52 8.01
C ARG A 26 2.26 5.15 8.25
N HIS A 27 2.70 4.06 7.62
CA HIS A 27 4.07 3.60 7.76
C HIS A 27 5.03 4.55 7.05
N LYS A 28 4.52 5.30 6.07
CA LYS A 28 5.34 6.24 5.33
C LYS A 28 5.57 7.51 6.15
N GLN A 29 4.62 7.81 7.02
CA GLN A 29 4.71 9.00 7.86
C GLN A 29 5.75 8.79 8.95
N SER A 30 5.73 7.59 9.56
CA SER A 30 6.68 7.27 10.61
C SER A 30 8.10 7.19 10.05
N ILE A 31 8.25 6.48 8.94
CA ILE A 31 9.56 6.33 8.30
C ILE A 31 10.02 7.64 7.68
N LYS A 32 9.07 8.51 7.36
CA LYS A 32 9.38 9.81 6.76
C LYS A 32 9.84 10.79 7.84
N LYS A 33 9.40 10.56 9.07
CA LYS A 33 9.78 11.43 10.18
C LYS A 33 11.20 11.13 10.64
N LEU A 34 11.54 9.85 10.72
CA LEU A 34 12.87 9.43 11.14
C LEU A 34 13.89 9.77 10.07
N LYS A 35 13.49 9.66 8.81
CA LYS A 35 14.38 9.95 7.69
C LYS A 35 14.59 11.46 7.55
N GLN A 36 13.53 12.22 7.82
CA GLN A 36 13.59 13.67 7.73
C GLN A 36 14.47 14.25 8.84
N SER A 37 14.53 13.54 9.96
CA SER A 37 15.33 13.97 11.10
C SER A 37 16.82 13.86 10.79
N GLU A 38 17.16 12.95 9.87
CA GLU A 38 18.55 12.75 9.49
C GLU A 38 18.97 13.75 8.42
N ASP A 39 17.99 14.25 7.66
CA ASP A 39 18.26 15.21 6.60
C ASP A 39 18.27 16.63 7.14
N ASP A 40 17.59 16.83 8.27
CA ASP A 40 17.51 18.15 8.89
C ASP A 40 18.90 18.76 9.04
N ASP A 41 19.24 19.68 8.13
CA ASP A 41 20.54 20.34 8.15
C ASP A 41 20.63 21.31 9.32
N ALA B 1 26.13 15.39 8.41
CA ALA B 1 25.59 14.53 9.48
C ALA B 1 25.47 13.09 9.02
N LEU B 2 25.16 12.19 9.95
CA LEU B 2 25.01 10.77 9.64
C LEU B 2 24.81 9.95 10.90
N LYS B 3 23.54 9.71 11.25
CA LYS B 3 23.21 8.94 12.43
C LYS B 3 23.12 7.45 12.11
N LYS B 4 23.26 6.62 13.12
CA LYS B 4 23.18 5.17 12.94
C LYS B 4 21.85 4.62 13.46
N HIS B 5 21.52 4.95 14.70
CA HIS B 5 20.28 4.49 15.31
C HIS B 5 19.10 4.79 14.40
N HIS B 6 19.12 5.97 13.78
CA HIS B 6 18.05 6.38 12.89
C HIS B 6 17.94 5.43 11.71
N GLU B 7 19.06 5.23 11.01
CA GLU B 7 19.08 4.33 9.87
C GLU B 7 18.55 2.95 10.24
N ASN B 8 18.60 2.63 11.54
CA ASN B 8 18.12 1.34 12.03
C ASN B 8 16.60 1.28 11.96
N GLU B 9 15.94 2.19 12.66
CA GLU B 9 14.48 2.24 12.65
C GLU B 9 13.97 2.75 11.31
N ILE B 10 14.88 3.21 10.45
CA ILE B 10 14.55 3.71 9.14
C ILE B 10 14.60 2.59 8.12
N SER B 11 15.45 1.60 8.38
CA SER B 11 15.58 0.46 7.48
C SER B 11 14.45 -0.52 7.75
N HIS B 12 13.99 -0.55 9.00
CA HIS B 12 12.91 -1.44 9.39
C HIS B 12 11.56 -0.85 8.94
N HIS B 13 11.34 0.43 9.22
CA HIS B 13 10.09 1.07 8.82
C HIS B 13 10.04 1.17 7.29
N ALA B 14 11.21 1.22 6.66
CA ALA B 14 11.29 1.32 5.21
C ALA B 14 10.79 0.03 4.57
N LYS B 15 11.30 -1.10 5.04
CA LYS B 15 10.89 -2.39 4.53
C LYS B 15 9.43 -2.65 4.86
N GLU B 16 8.93 -1.97 5.90
CA GLU B 16 7.55 -2.12 6.33
C GLU B 16 6.60 -1.39 5.39
N ILE B 17 7.00 -0.20 4.92
CA ILE B 17 6.17 0.58 4.02
C ILE B 17 6.12 -0.05 2.63
N GLU B 18 7.26 -0.59 2.20
CA GLU B 18 7.35 -1.23 0.90
C GLU B 18 6.68 -2.59 0.92
N ARG B 19 6.63 -3.21 2.10
CA ARG B 19 6.01 -4.50 2.27
C ARG B 19 4.49 -4.40 2.18
N LEU B 20 3.93 -3.40 2.87
CA LEU B 20 2.49 -3.20 2.85
C LEU B 20 2.03 -2.78 1.45
N GLN B 21 2.84 -1.98 0.78
CA GLN B 21 2.53 -1.52 -0.57
C GLN B 21 2.47 -2.70 -1.52
N LYS B 22 3.36 -3.67 -1.33
CA LYS B 22 3.39 -4.86 -2.18
C LYS B 22 2.07 -5.61 -2.08
N GLU B 23 1.61 -5.84 -0.86
CA GLU B 23 0.35 -6.55 -0.63
C GLU B 23 -0.78 -5.86 -1.39
N ILE B 24 -0.83 -4.54 -1.31
CA ILE B 24 -1.88 -3.78 -2.00
C ILE B 24 -1.77 -4.02 -3.51
N GLU B 25 -0.53 -4.20 -3.97
CA GLU B 25 -0.28 -4.44 -5.38
C GLU B 25 -1.01 -5.70 -5.84
N ARG B 26 -0.95 -6.75 -5.03
CA ARG B 26 -1.62 -8.00 -5.37
C ARG B 26 -3.13 -7.76 -5.45
N HIS B 27 -3.64 -6.90 -4.58
CA HIS B 27 -5.05 -6.58 -4.56
C HIS B 27 -5.43 -5.74 -5.78
N LYS B 28 -4.44 -5.04 -6.34
CA LYS B 28 -4.67 -4.20 -7.51
C LYS B 28 -4.76 -5.05 -8.78
N GLN B 29 -4.08 -6.19 -8.75
CA GLN B 29 -4.08 -7.11 -9.88
C GLN B 29 -5.43 -7.82 -9.99
N SER B 30 -5.95 -8.25 -8.85
CA SER B 30 -7.23 -8.95 -8.82
C SER B 30 -8.36 -7.99 -9.19
N ILE B 31 -8.36 -6.80 -8.59
CA ILE B 31 -9.38 -5.80 -8.87
C ILE B 31 -9.22 -5.22 -10.27
N LYS B 32 -8.00 -5.29 -10.80
CA LYS B 32 -7.72 -4.79 -12.14
C LYS B 32 -8.18 -5.79 -13.20
N LYS B 33 -8.24 -7.05 -12.83
CA LYS B 33 -8.68 -8.10 -13.75
C LYS B 33 -10.19 -8.08 -13.91
N LEU B 34 -10.90 -7.92 -12.79
CA LEU B 34 -12.35 -7.87 -12.80
C LEU B 34 -12.85 -6.59 -13.47
N LYS B 35 -12.11 -5.51 -13.25
CA LYS B 35 -12.48 -4.22 -13.83
C LYS B 35 -12.18 -4.19 -15.33
N GLN B 36 -11.09 -4.84 -15.72
CA GLN B 36 -10.69 -4.90 -17.12
C GLN B 36 -11.67 -5.76 -17.92
N SER B 37 -12.28 -6.74 -17.25
CA SER B 37 -13.23 -7.64 -17.89
C SER B 37 -14.51 -6.88 -18.26
N GLU B 38 -14.80 -5.82 -17.52
CA GLU B 38 -15.99 -5.01 -17.77
C GLU B 38 -15.74 -3.99 -18.87
N ASP B 39 -14.48 -3.61 -19.05
CA ASP B 39 -14.11 -2.64 -20.06
C ASP B 39 -13.86 -3.32 -21.41
N ASP B 40 -13.54 -4.61 -21.36
CA ASP B 40 -13.29 -5.37 -22.58
C ASP B 40 -14.40 -5.18 -23.60
N ASP B 41 -14.16 -4.31 -24.58
CA ASP B 41 -15.14 -4.03 -25.62
C ASP B 41 -15.31 -5.22 -26.55
N ALA A 1 -21.77 1.66 -17.71
CA ALA A 1 -21.65 0.29 -17.15
C ALA A 1 -22.34 -0.73 -18.05
N LEU A 2 -22.13 -2.01 -17.74
CA LEU A 2 -22.73 -3.09 -18.53
C LEU A 2 -23.09 -4.27 -17.62
N LYS A 3 -22.13 -4.69 -16.81
CA LYS A 3 -22.35 -5.81 -15.91
C LYS A 3 -22.59 -5.33 -14.48
N LYS A 4 -22.98 -6.24 -13.60
CA LYS A 4 -23.24 -5.91 -12.20
C LYS A 4 -22.36 -6.73 -11.27
N HIS A 5 -22.36 -8.05 -11.46
CA HIS A 5 -21.56 -8.94 -10.63
C HIS A 5 -20.12 -8.45 -10.56
N HIS A 6 -19.65 -7.85 -11.64
CA HIS A 6 -18.28 -7.33 -11.69
C HIS A 6 -18.08 -6.25 -10.65
N GLU A 7 -18.89 -5.21 -10.72
CA GLU A 7 -18.82 -4.10 -9.77
C GLU A 7 -18.83 -4.62 -8.34
N ASN A 8 -19.40 -5.82 -8.14
CA ASN A 8 -19.47 -6.42 -6.82
C ASN A 8 -18.07 -6.83 -6.34
N GLU A 9 -17.42 -7.71 -7.10
CA GLU A 9 -16.07 -8.15 -6.75
C GLU A 9 -15.07 -7.02 -6.95
N ILE A 10 -15.52 -5.93 -7.57
CA ILE A 10 -14.67 -4.78 -7.83
C ILE A 10 -14.74 -3.80 -6.65
N SER A 11 -15.86 -3.81 -5.95
CA SER A 11 -16.05 -2.95 -4.79
C SER A 11 -15.37 -3.57 -3.58
N HIS A 12 -15.33 -4.89 -3.55
CA HIS A 12 -14.71 -5.62 -2.45
C HIS A 12 -13.18 -5.59 -2.61
N HIS A 13 -12.69 -5.87 -3.82
CA HIS A 13 -11.26 -5.85 -4.05
C HIS A 13 -10.74 -4.42 -4.02
N ALA A 14 -11.62 -3.46 -4.31
CA ALA A 14 -11.25 -2.05 -4.30
C ALA A 14 -11.00 -1.57 -2.87
N LYS A 15 -11.89 -1.94 -1.97
CA LYS A 15 -11.75 -1.54 -0.57
C LYS A 15 -10.55 -2.26 0.05
N GLU A 16 -10.25 -3.44 -0.49
CA GLU A 16 -9.12 -4.23 0.00
C GLU A 16 -7.79 -3.57 -0.35
N ILE A 17 -7.67 -3.11 -1.59
CA ILE A 17 -6.43 -2.45 -2.03
C ILE A 17 -6.24 -1.14 -1.28
N GLU A 18 -7.33 -0.40 -1.09
CA GLU A 18 -7.27 0.87 -0.38
C GLU A 18 -6.90 0.65 1.09
N ARG A 19 -7.23 -0.54 1.59
CA ARG A 19 -6.94 -0.88 2.98
C ARG A 19 -5.44 -1.04 3.21
N LEU A 20 -4.78 -1.80 2.34
CA LEU A 20 -3.35 -2.02 2.46
C LEU A 20 -2.57 -0.76 2.11
N GLN A 21 -3.18 0.09 1.30
CA GLN A 21 -2.55 1.35 0.90
C GLN A 21 -2.65 2.37 2.03
N LYS A 22 -3.71 2.28 2.82
CA LYS A 22 -3.92 3.19 3.93
C LYS A 22 -2.90 2.92 5.04
N GLU A 23 -2.68 1.63 5.30
CA GLU A 23 -1.73 1.23 6.33
C GLU A 23 -0.31 1.65 5.96
N ILE A 24 0.07 1.37 4.71
CA ILE A 24 1.40 1.75 4.24
C ILE A 24 1.55 3.26 4.25
N GLU A 25 0.45 3.97 4.11
CA GLU A 25 0.45 5.42 4.11
C GLU A 25 0.92 5.95 5.46
N ARG A 26 0.34 5.41 6.53
CA ARG A 26 0.70 5.82 7.88
C ARG A 26 2.16 5.48 8.17
N HIS A 27 2.59 4.31 7.72
CA HIS A 27 3.96 3.87 7.92
C HIS A 27 4.91 4.68 7.05
N LYS A 28 4.37 5.30 6.00
CA LYS A 28 5.16 6.11 5.09
C LYS A 28 5.47 7.47 5.71
N GLN A 29 4.54 7.97 6.51
CA GLN A 29 4.71 9.26 7.18
C GLN A 29 5.73 9.13 8.30
N SER A 30 5.69 8.02 9.02
CA SER A 30 6.62 7.78 10.12
C SER A 30 8.03 7.54 9.60
N ILE A 31 8.14 6.73 8.54
CA ILE A 31 9.44 6.41 7.95
C ILE A 31 10.00 7.61 7.19
N LYS A 32 9.10 8.50 6.76
CA LYS A 32 9.52 9.69 6.03
C LYS A 32 10.05 10.74 6.99
N LYS A 33 9.46 10.80 8.18
CA LYS A 33 9.88 11.76 9.19
C LYS A 33 11.23 11.36 9.78
N LEU A 34 11.45 10.05 9.87
CA LEU A 34 12.71 9.52 10.40
C LEU A 34 13.86 9.80 9.44
N LYS A 35 13.61 9.56 8.15
CA LYS A 35 14.63 9.78 7.13
C LYS A 35 14.86 11.27 6.90
N GLN A 36 13.84 12.07 7.20
CA GLN A 36 13.93 13.51 7.03
C GLN A 36 14.73 14.13 8.17
N SER A 37 14.69 13.49 9.32
CA SER A 37 15.40 13.99 10.49
C SER A 37 16.92 13.80 10.32
N GLU A 38 17.29 12.82 9.51
CA GLU A 38 18.70 12.54 9.26
C GLU A 38 19.30 13.55 8.30
N ASP A 39 18.45 14.13 7.46
CA ASP A 39 18.89 15.12 6.48
C ASP A 39 18.12 16.43 6.64
N ASP A 40 17.63 16.68 7.85
CA ASP A 40 16.87 17.90 8.13
C ASP A 40 15.57 17.92 7.33
N ASP A 41 14.73 18.89 7.61
CA ASP A 41 13.45 19.04 6.92
C ASP A 41 13.64 19.65 5.53
N ALA B 1 25.70 10.25 4.96
CA ALA B 1 25.02 9.90 6.23
C ALA B 1 25.63 10.67 7.40
N LEU B 2 24.96 10.59 8.56
CA LEU B 2 25.43 11.28 9.76
C LEU B 2 25.13 10.45 11.00
N LYS B 3 23.88 10.01 11.13
CA LYS B 3 23.47 9.21 12.28
C LYS B 3 23.39 7.73 11.91
N LYS B 4 23.18 6.89 12.92
CA LYS B 4 23.08 5.45 12.70
C LYS B 4 21.76 4.92 13.22
N HIS B 5 21.43 5.24 14.47
CA HIS B 5 20.18 4.79 15.08
C HIS B 5 19.00 5.08 14.17
N HIS B 6 19.10 6.18 13.42
CA HIS B 6 18.03 6.57 12.52
C HIS B 6 17.84 5.52 11.43
N GLU B 7 18.90 5.23 10.70
CA GLU B 7 18.86 4.22 9.64
C GLU B 7 18.26 2.92 10.17
N ASN B 8 18.37 2.71 11.47
CA ASN B 8 17.84 1.50 12.10
C ASN B 8 16.31 1.50 12.05
N GLU B 9 15.70 2.50 12.67
CA GLU B 9 14.24 2.63 12.67
C GLU B 9 13.73 2.97 11.28
N ILE B 10 14.65 3.31 10.38
CA ILE B 10 14.31 3.66 9.01
C ILE B 10 14.28 2.42 8.13
N SER B 11 15.07 1.43 8.50
CA SER B 11 15.14 0.18 7.76
C SER B 11 13.97 -0.71 8.15
N HIS B 12 13.52 -0.56 9.40
CA HIS B 12 12.41 -1.35 9.91
C HIS B 12 11.09 -0.76 9.41
N HIS B 13 10.95 0.57 9.49
CA HIS B 13 9.73 1.21 9.02
C HIS B 13 9.67 1.17 7.50
N ALA B 14 10.84 1.07 6.86
CA ALA B 14 10.91 1.01 5.41
C ALA B 14 10.38 -0.32 4.89
N LYS B 15 10.79 -1.41 5.54
CA LYS B 15 10.33 -2.73 5.15
C LYS B 15 8.85 -2.88 5.46
N GLU B 16 8.39 -2.16 6.47
CA GLU B 16 7.00 -2.20 6.87
C GLU B 16 6.11 -1.55 5.82
N ILE B 17 6.51 -0.38 5.33
CA ILE B 17 5.72 0.32 4.32
C ILE B 17 5.70 -0.48 3.02
N GLU B 18 6.84 -1.07 2.66
CA GLU B 18 6.94 -1.87 1.45
C GLU B 18 6.10 -3.13 1.57
N ARG B 19 5.87 -3.57 2.80
CA ARG B 19 5.08 -4.77 3.07
C ARG B 19 3.60 -4.53 2.75
N LEU B 20 3.05 -3.42 3.25
CA LEU B 20 1.66 -3.09 3.01
C LEU B 20 1.44 -2.68 1.57
N GLN B 21 2.49 -2.18 0.93
CA GLN B 21 2.42 -1.76 -0.46
C GLN B 21 2.46 -2.97 -1.39
N LYS B 22 3.13 -4.02 -0.96
CA LYS B 22 3.24 -5.24 -1.74
C LYS B 22 1.90 -5.96 -1.78
N GLU B 23 1.24 -6.00 -0.62
CA GLU B 23 -0.07 -6.66 -0.51
C GLU B 23 -1.10 -5.94 -1.36
N ILE B 24 -1.13 -4.61 -1.25
CA ILE B 24 -2.08 -3.81 -2.03
C ILE B 24 -1.78 -3.95 -3.51
N GLU B 25 -0.53 -4.22 -3.84
CA GLU B 25 -0.11 -4.38 -5.23
C GLU B 25 -0.80 -5.59 -5.84
N ARG B 26 -0.77 -6.72 -5.13
CA ARG B 26 -1.40 -7.94 -5.61
C ARG B 26 -2.91 -7.75 -5.75
N HIS B 27 -3.50 -7.06 -4.77
CA HIS B 27 -4.93 -6.80 -4.78
C HIS B 27 -5.27 -5.78 -5.86
N LYS B 28 -4.27 -5.02 -6.30
CA LYS B 28 -4.47 -4.02 -7.33
C LYS B 28 -4.55 -4.67 -8.71
N GLN B 29 -3.80 -5.76 -8.88
CA GLN B 29 -3.79 -6.49 -10.14
C GLN B 29 -5.11 -7.24 -10.34
N SER B 30 -5.62 -7.81 -9.25
CA SER B 30 -6.88 -8.55 -9.29
C SER B 30 -8.06 -7.62 -9.51
N ILE B 31 -8.06 -6.49 -8.80
CA ILE B 31 -9.13 -5.51 -8.91
C ILE B 31 -9.05 -4.76 -10.24
N LYS B 32 -7.86 -4.71 -10.81
CA LYS B 32 -7.64 -4.04 -12.09
C LYS B 32 -8.12 -4.91 -13.24
N LYS B 33 -7.94 -6.22 -13.10
CA LYS B 33 -8.36 -7.16 -14.12
C LYS B 33 -9.88 -7.28 -14.14
N LEU B 34 -10.50 -7.15 -12.97
CA LEU B 34 -11.95 -7.23 -12.85
C LEU B 34 -12.61 -6.01 -13.49
N LYS B 35 -12.05 -4.83 -13.21
CA LYS B 35 -12.59 -3.60 -13.75
C LYS B 35 -12.29 -3.47 -15.24
N GLN B 36 -11.22 -4.14 -15.68
CA GLN B 36 -10.82 -4.11 -17.08
C GLN B 36 -11.72 -5.03 -17.91
N SER B 37 -12.23 -6.08 -17.26
CA SER B 37 -13.11 -7.03 -17.94
C SER B 37 -14.47 -6.41 -18.24
N GLU B 38 -14.85 -5.41 -17.44
CA GLU B 38 -16.12 -4.74 -17.61
C GLU B 38 -16.06 -3.76 -18.78
N ASP B 39 -14.86 -3.28 -19.08
CA ASP B 39 -14.66 -2.34 -20.17
C ASP B 39 -13.64 -2.85 -21.16
N ASP B 40 -13.50 -4.17 -21.23
CA ASP B 40 -12.55 -4.80 -22.14
C ASP B 40 -11.12 -4.42 -21.78
N ASP B 41 -10.15 -5.05 -22.44
CA ASP B 41 -8.74 -4.78 -22.17
C ASP B 41 -8.31 -3.48 -22.84
N ALA A 1 -27.11 -14.01 -18.33
CA ALA A 1 -27.19 -14.01 -16.85
C ALA A 1 -26.69 -12.69 -16.27
N LEU A 2 -27.02 -12.43 -15.01
CA LEU A 2 -26.60 -11.20 -14.35
C LEU A 2 -25.62 -11.50 -13.22
N LYS A 3 -24.46 -10.87 -13.27
CA LYS A 3 -23.43 -11.07 -12.26
C LYS A 3 -23.52 -10.00 -11.17
N LYS A 4 -23.89 -10.42 -9.97
CA LYS A 4 -24.02 -9.50 -8.84
C LYS A 4 -22.93 -9.75 -7.80
N HIS A 5 -22.78 -11.02 -7.41
CA HIS A 5 -21.77 -11.39 -6.42
C HIS A 5 -20.37 -11.02 -6.89
N HIS A 6 -20.19 -10.99 -8.21
CA HIS A 6 -18.89 -10.65 -8.79
C HIS A 6 -18.58 -9.18 -8.59
N GLU A 7 -19.58 -8.32 -8.79
CA GLU A 7 -19.41 -6.88 -8.63
C GLU A 7 -19.14 -6.53 -7.17
N ASN A 8 -19.68 -7.33 -6.26
CA ASN A 8 -19.49 -7.12 -4.84
C ASN A 8 -18.05 -7.41 -4.45
N GLU A 9 -17.54 -8.53 -4.93
CA GLU A 9 -16.16 -8.93 -4.64
C GLU A 9 -15.19 -7.88 -5.13
N ILE A 10 -15.40 -7.38 -6.35
CA ILE A 10 -14.54 -6.35 -6.90
C ILE A 10 -14.74 -5.04 -6.17
N SER A 11 -15.89 -4.88 -5.53
CA SER A 11 -16.16 -3.65 -4.78
C SER A 11 -15.20 -3.57 -3.61
N HIS A 12 -14.96 -4.71 -2.96
CA HIS A 12 -14.06 -4.77 -1.83
C HIS A 12 -12.61 -4.63 -2.31
N HIS A 13 -12.32 -5.14 -3.51
CA HIS A 13 -10.98 -5.05 -4.07
C HIS A 13 -10.62 -3.61 -4.38
N ALA A 14 -11.62 -2.81 -4.74
CA ALA A 14 -11.39 -1.42 -5.06
C ALA A 14 -11.02 -0.64 -3.80
N LYS A 15 -11.86 -0.77 -2.78
CA LYS A 15 -11.60 -0.10 -1.52
C LYS A 15 -10.35 -0.68 -0.86
N GLU A 16 -9.91 -1.85 -1.35
CA GLU A 16 -8.73 -2.50 -0.81
C GLU A 16 -7.45 -1.93 -1.42
N ILE A 17 -7.50 -1.60 -2.72
CA ILE A 17 -6.35 -1.05 -3.40
C ILE A 17 -6.12 0.41 -2.98
N GLU A 18 -7.21 1.14 -2.78
CA GLU A 18 -7.14 2.53 -2.37
C GLU A 18 -6.76 2.63 -0.90
N ARG A 19 -7.28 1.69 -0.11
CA ARG A 19 -6.99 1.68 1.33
C ARG A 19 -5.55 1.27 1.59
N LEU A 20 -5.02 0.40 0.73
CA LEU A 20 -3.65 -0.06 0.88
C LEU A 20 -2.69 1.08 0.55
N GLN A 21 -3.03 1.86 -0.46
CA GLN A 21 -2.18 2.98 -0.87
C GLN A 21 -2.06 4.01 0.25
N LYS A 22 -3.18 4.34 0.88
CA LYS A 22 -3.19 5.31 1.96
C LYS A 22 -2.38 4.79 3.15
N GLU A 23 -2.41 3.48 3.36
CA GLU A 23 -1.67 2.86 4.46
C GLU A 23 -0.17 2.98 4.23
N ILE A 24 0.26 2.83 2.97
CA ILE A 24 1.68 2.91 2.65
C ILE A 24 2.20 4.33 2.93
N GLU A 25 1.38 5.33 2.59
CA GLU A 25 1.75 6.72 2.81
C GLU A 25 1.97 6.99 4.30
N ARG A 26 1.09 6.42 5.13
CA ARG A 26 1.20 6.60 6.57
C ARG A 26 2.56 6.11 7.05
N HIS A 27 2.98 4.96 6.54
CA HIS A 27 4.26 4.40 6.91
C HIS A 27 5.38 5.25 6.33
N LYS A 28 5.07 5.97 5.24
CA LYS A 28 6.04 6.82 4.59
C LYS A 28 6.31 8.08 5.42
N GLN A 29 5.32 8.47 6.22
CA GLN A 29 5.45 9.64 7.08
C GLN A 29 6.30 9.32 8.30
N SER A 30 6.07 8.15 8.88
CA SER A 30 6.81 7.72 10.06
C SER A 30 8.28 7.47 9.71
N ILE A 31 8.51 6.85 8.55
CA ILE A 31 9.87 6.55 8.11
C ILE A 31 10.60 7.82 7.70
N LYS A 32 9.87 8.76 7.11
CA LYS A 32 10.46 10.02 6.67
C LYS A 32 10.73 10.94 7.86
N LYS A 33 10.05 10.68 8.97
CA LYS A 33 10.22 11.48 10.17
C LYS A 33 11.45 11.06 10.97
N LEU A 34 11.70 9.75 11.02
CA LEU A 34 12.86 9.25 11.76
C LEU A 34 14.13 9.38 10.93
N LYS A 35 13.97 9.42 9.60
CA LYS A 35 15.10 9.55 8.70
C LYS A 35 15.48 11.02 8.54
N GLN A 36 14.49 11.90 8.64
CA GLN A 36 14.72 13.33 8.51
C GLN A 36 15.28 13.91 9.79
N SER A 37 14.89 13.33 10.92
CA SER A 37 15.35 13.79 12.23
C SER A 37 16.78 13.33 12.48
N GLU A 38 17.16 12.22 11.84
CA GLU A 38 18.51 11.68 12.01
C GLU A 38 19.52 12.53 11.25
N ASP A 39 19.07 13.20 10.19
CA ASP A 39 19.93 14.05 9.38
C ASP A 39 20.20 15.37 10.08
N ASP A 40 19.27 15.78 10.95
CA ASP A 40 19.40 17.03 11.68
C ASP A 40 19.30 18.23 10.73
N ASP A 41 19.02 19.40 11.30
CA ASP A 41 18.90 20.61 10.51
C ASP A 41 17.94 20.41 9.34
N ALA B 1 26.13 11.04 21.51
CA ALA B 1 25.74 9.62 21.56
C ALA B 1 25.49 9.07 20.15
N LEU B 2 25.47 7.74 20.03
CA LEU B 2 25.24 7.10 18.74
C LEU B 2 23.91 6.34 18.75
N LYS B 3 23.06 6.66 17.78
CA LYS B 3 21.76 6.03 17.67
C LYS B 3 21.81 4.85 16.69
N LYS B 4 21.64 3.64 17.22
CA LYS B 4 21.67 2.43 16.41
C LYS B 4 20.29 1.79 16.33
N HIS B 5 19.66 1.61 17.48
CA HIS B 5 18.34 1.01 17.55
C HIS B 5 17.33 1.82 16.74
N HIS B 6 17.58 3.13 16.64
CA HIS B 6 16.70 4.02 15.90
C HIS B 6 16.78 3.74 14.40
N GLU B 7 18.00 3.55 13.90
CA GLU B 7 18.22 3.28 12.48
C GLU B 7 17.62 1.94 12.09
N ASN B 8 17.59 1.01 13.04
CA ASN B 8 17.04 -0.32 12.79
C ASN B 8 15.52 -0.24 12.63
N GLU B 9 14.88 0.51 13.53
CA GLU B 9 13.44 0.68 13.48
C GLU B 9 13.02 1.31 12.16
N ILE B 10 13.74 2.35 11.74
CA ILE B 10 13.43 3.00 10.49
C ILE B 10 13.77 2.10 9.30
N SER B 11 14.66 1.14 9.52
CA SER B 11 15.02 0.22 8.46
C SER B 11 13.81 -0.63 8.09
N HIS B 12 13.07 -1.04 9.11
CA HIS B 12 11.88 -1.85 8.92
C HIS B 12 10.75 -0.98 8.31
N HIS B 13 10.72 0.30 8.70
CA HIS B 13 9.72 1.21 8.17
C HIS B 13 9.91 1.45 6.69
N ALA B 14 11.15 1.41 6.24
CA ALA B 14 11.45 1.62 4.83
C ALA B 14 10.96 0.45 4.00
N LYS B 15 11.36 -0.74 4.40
CA LYS B 15 10.92 -1.95 3.71
C LYS B 15 9.42 -2.14 3.88
N GLU B 16 8.83 -1.42 4.84
CA GLU B 16 7.40 -1.51 5.10
C GLU B 16 6.61 -0.61 4.15
N ILE B 17 7.16 0.57 3.83
CA ILE B 17 6.49 1.49 2.93
C ILE B 17 6.58 0.99 1.49
N GLU B 18 7.72 0.40 1.14
CA GLU B 18 7.93 -0.13 -0.20
C GLU B 18 7.16 -1.43 -0.38
N ARG B 19 7.09 -2.23 0.68
CA ARG B 19 6.39 -3.50 0.63
C ARG B 19 4.88 -3.28 0.56
N LEU B 20 4.42 -2.22 1.21
CA LEU B 20 2.99 -1.89 1.21
C LEU B 20 2.56 -1.42 -0.17
N GLN B 21 3.43 -0.65 -0.82
CA GLN B 21 3.15 -0.14 -2.16
C GLN B 21 2.98 -1.28 -3.15
N LYS B 22 3.88 -2.25 -3.10
CA LYS B 22 3.81 -3.40 -4.00
C LYS B 22 2.56 -4.22 -3.75
N GLU B 23 2.14 -4.28 -2.49
CA GLU B 23 0.95 -5.03 -2.11
C GLU B 23 -0.30 -4.39 -2.69
N ILE B 24 -0.34 -3.07 -2.72
CA ILE B 24 -1.49 -2.35 -3.25
C ILE B 24 -1.64 -2.63 -4.75
N GLU B 25 -0.50 -2.65 -5.45
CA GLU B 25 -0.49 -2.91 -6.88
C GLU B 25 -1.07 -4.29 -7.18
N ARG B 26 -0.71 -5.27 -6.36
CA ARG B 26 -1.22 -6.63 -6.52
C ARG B 26 -2.73 -6.63 -6.48
N HIS B 27 -3.29 -5.89 -5.52
CA HIS B 27 -4.73 -5.81 -5.39
C HIS B 27 -5.30 -5.03 -6.57
N LYS B 28 -4.47 -4.17 -7.17
CA LYS B 28 -4.90 -3.36 -8.30
C LYS B 28 -5.04 -4.21 -9.56
N GLN B 29 -4.27 -5.31 -9.60
CA GLN B 29 -4.32 -6.21 -10.74
C GLN B 29 -5.56 -7.09 -10.69
N SER B 30 -5.88 -7.58 -9.49
CA SER B 30 -7.05 -8.43 -9.30
C SER B 30 -8.33 -7.64 -9.52
N ILE B 31 -8.36 -6.41 -9.04
CA ILE B 31 -9.54 -5.55 -9.18
C ILE B 31 -9.70 -5.09 -10.62
N LYS B 32 -8.57 -4.85 -11.30
CA LYS B 32 -8.60 -4.41 -12.69
C LYS B 32 -8.95 -5.56 -13.62
N LYS B 33 -8.76 -6.79 -13.14
CA LYS B 33 -9.06 -7.97 -13.94
C LYS B 33 -10.54 -8.31 -13.90
N LEU B 34 -11.18 -8.15 -12.75
CA LEU B 34 -12.59 -8.45 -12.62
C LEU B 34 -13.44 -7.30 -13.15
N LYS B 35 -12.86 -6.09 -13.17
CA LYS B 35 -13.57 -4.92 -13.66
C LYS B 35 -13.43 -4.81 -15.18
N GLN B 36 -12.31 -5.31 -15.70
CA GLN B 36 -12.06 -5.27 -17.13
C GLN B 36 -12.80 -6.40 -17.84
N SER B 37 -12.97 -7.52 -17.14
CA SER B 37 -13.66 -8.68 -17.70
C SER B 37 -15.16 -8.44 -17.71
N GLU B 38 -15.64 -7.60 -16.79
CA GLU B 38 -17.06 -7.30 -16.70
C GLU B 38 -17.50 -6.38 -17.84
N ASP B 39 -16.56 -5.59 -18.34
CA ASP B 39 -16.84 -4.67 -19.43
C ASP B 39 -16.90 -5.40 -20.77
N ASP B 40 -16.22 -6.53 -20.84
CA ASP B 40 -16.19 -7.34 -22.06
C ASP B 40 -15.46 -6.61 -23.18
N ASP B 41 -15.04 -7.35 -24.20
CA ASP B 41 -14.33 -6.78 -25.33
C ASP B 41 -13.15 -5.92 -24.85
N ALA A 1 -19.24 -0.26 -17.04
CA ALA A 1 -19.92 -1.09 -16.02
C ALA A 1 -21.15 -1.79 -16.60
N LEU A 2 -21.00 -3.08 -16.88
CA LEU A 2 -22.09 -3.87 -17.45
C LEU A 2 -22.19 -5.23 -16.76
N LYS A 3 -21.73 -5.29 -15.51
CA LYS A 3 -21.77 -6.54 -14.75
C LYS A 3 -22.09 -6.26 -13.28
N LYS A 4 -22.87 -7.15 -12.67
CA LYS A 4 -23.26 -7.00 -11.27
C LYS A 4 -22.37 -7.84 -10.37
N HIS A 5 -22.53 -9.16 -10.48
CA HIS A 5 -21.73 -10.08 -9.67
C HIS A 5 -20.25 -9.76 -9.78
N HIS A 6 -19.81 -9.42 -10.98
CA HIS A 6 -18.41 -9.08 -11.23
C HIS A 6 -18.02 -7.84 -10.43
N GLU A 7 -18.92 -6.87 -10.37
CA GLU A 7 -18.66 -5.64 -9.62
C GLU A 7 -18.56 -5.92 -8.13
N ASN A 8 -19.27 -6.95 -7.67
CA ASN A 8 -19.25 -7.32 -6.28
C ASN A 8 -17.85 -7.80 -5.88
N GLU A 9 -17.28 -8.67 -6.70
CA GLU A 9 -15.96 -9.20 -6.44
C GLU A 9 -14.94 -8.05 -6.34
N ILE A 10 -14.90 -7.21 -7.36
CA ILE A 10 -13.99 -6.08 -7.36
C ILE A 10 -14.29 -5.16 -6.19
N SER A 11 -15.53 -5.20 -5.71
CA SER A 11 -15.94 -4.38 -4.58
C SER A 11 -15.09 -4.74 -3.37
N HIS A 12 -14.93 -6.04 -3.13
CA HIS A 12 -14.13 -6.51 -2.02
C HIS A 12 -12.66 -6.15 -2.25
N HIS A 13 -12.24 -6.16 -3.51
CA HIS A 13 -10.87 -5.81 -3.87
C HIS A 13 -10.64 -4.31 -3.75
N ALA A 14 -11.72 -3.54 -3.71
CA ALA A 14 -11.63 -2.10 -3.60
C ALA A 14 -11.38 -1.69 -2.16
N LYS A 15 -12.05 -2.36 -1.24
CA LYS A 15 -11.88 -2.08 0.18
C LYS A 15 -10.58 -2.68 0.70
N GLU A 16 -10.12 -3.73 0.02
CA GLU A 16 -8.88 -4.40 0.41
C GLU A 16 -7.67 -3.64 -0.10
N ILE A 17 -7.78 -3.08 -1.31
CA ILE A 17 -6.69 -2.33 -1.91
C ILE A 17 -6.59 -0.94 -1.27
N GLU A 18 -7.73 -0.37 -0.91
CA GLU A 18 -7.76 0.95 -0.29
C GLU A 18 -7.39 0.86 1.17
N ARG A 19 -7.66 -0.28 1.79
CA ARG A 19 -7.36 -0.49 3.20
C ARG A 19 -5.89 -0.82 3.40
N LEU A 20 -5.30 -1.55 2.45
CA LEU A 20 -3.91 -1.93 2.56
C LEU A 20 -3.01 -0.76 2.14
N GLN A 21 -3.54 0.11 1.29
CA GLN A 21 -2.81 1.28 0.84
C GLN A 21 -2.76 2.32 1.96
N LYS A 22 -3.88 2.45 2.67
CA LYS A 22 -3.97 3.39 3.77
C LYS A 22 -2.97 3.02 4.86
N GLU A 23 -2.93 1.75 5.21
CA GLU A 23 -1.99 1.27 6.23
C GLU A 23 -0.56 1.56 5.83
N ILE A 24 -0.20 1.17 4.61
CA ILE A 24 1.15 1.41 4.12
C ILE A 24 1.42 2.90 3.96
N GLU A 25 0.35 3.69 3.92
CA GLU A 25 0.47 5.14 3.80
C GLU A 25 1.00 5.72 5.10
N ARG A 26 0.51 5.18 6.21
CA ARG A 26 0.94 5.63 7.54
C ARG A 26 2.41 5.30 7.75
N HIS A 27 2.77 4.04 7.48
CA HIS A 27 4.15 3.61 7.62
C HIS A 27 5.05 4.32 6.62
N LYS A 28 4.45 4.78 5.53
CA LYS A 28 5.19 5.48 4.49
C LYS A 28 5.47 6.93 4.89
N GLN A 29 4.63 7.46 5.77
CA GLN A 29 4.80 8.83 6.24
C GLN A 29 5.90 8.91 7.28
N SER A 30 5.97 7.89 8.14
CA SER A 30 6.99 7.84 9.18
C SER A 30 8.36 7.52 8.59
N ILE A 31 8.39 6.57 7.67
CA ILE A 31 9.63 6.17 7.02
C ILE A 31 10.10 7.23 6.04
N LYS A 32 9.14 7.94 5.44
CA LYS A 32 9.47 8.99 4.49
C LYS A 32 9.88 10.27 5.22
N LYS A 33 9.43 10.39 6.47
CA LYS A 33 9.75 11.57 7.28
C LYS A 33 11.19 11.50 7.78
N LEU A 34 11.63 10.31 8.18
CA LEU A 34 13.00 10.14 8.67
C LEU A 34 13.98 10.10 7.51
N LYS A 35 13.51 9.59 6.37
CA LYS A 35 14.36 9.50 5.18
C LYS A 35 14.50 10.87 4.51
N GLN A 36 13.47 11.71 4.67
CA GLN A 36 13.48 13.04 4.08
C GLN A 36 14.20 14.02 5.01
N SER A 37 14.14 13.75 6.30
CA SER A 37 14.79 14.60 7.30
C SER A 37 16.25 14.24 7.43
N GLU A 38 16.59 13.00 7.10
CA GLU A 38 17.97 12.53 7.20
C GLU A 38 18.77 12.96 5.97
N ASP A 39 18.07 13.19 4.85
CA ASP A 39 18.72 13.61 3.62
C ASP A 39 17.87 14.65 2.88
N ASP A 40 17.22 15.52 3.65
CA ASP A 40 16.38 16.56 3.07
C ASP A 40 17.13 17.33 1.99
N ASP A 41 16.40 17.74 0.95
CA ASP A 41 16.99 18.48 -0.15
C ASP A 41 17.27 19.93 0.25
N ALA B 1 22.66 10.57 6.01
CA ALA B 1 22.70 9.49 7.02
C ALA B 1 23.79 9.76 8.06
N LEU B 2 23.36 10.22 9.24
CA LEU B 2 24.30 10.51 10.31
C LEU B 2 23.77 9.98 11.65
N LYS B 3 22.94 8.95 11.59
CA LYS B 3 22.38 8.35 12.79
C LYS B 3 22.29 6.84 12.65
N LYS B 4 22.55 6.14 13.75
CA LYS B 4 22.51 4.68 13.76
C LYS B 4 21.17 4.18 14.30
N HIS B 5 20.94 4.39 15.60
CA HIS B 5 19.71 3.96 16.24
C HIS B 5 18.50 4.45 15.45
N HIS B 6 18.57 5.69 14.98
CA HIS B 6 17.49 6.29 14.21
C HIS B 6 17.24 5.51 12.93
N GLU B 7 18.33 5.07 12.29
CA GLU B 7 18.22 4.31 11.05
C GLU B 7 17.58 2.95 11.31
N ASN B 8 17.78 2.43 12.51
CA ASN B 8 17.21 1.14 12.89
C ASN B 8 15.69 1.23 12.91
N GLU B 9 15.18 2.28 13.55
CA GLU B 9 13.74 2.49 13.63
C GLU B 9 13.14 2.55 12.23
N ILE B 10 13.66 3.44 11.40
CA ILE B 10 13.16 3.58 10.04
C ILE B 10 13.34 2.27 9.29
N SER B 11 14.30 1.46 9.73
CA SER B 11 14.55 0.17 9.09
C SER B 11 13.29 -0.69 9.19
N HIS B 12 12.70 -0.72 10.37
CA HIS B 12 11.48 -1.49 10.59
C HIS B 12 10.33 -0.88 9.78
N HIS B 13 10.35 0.44 9.63
CA HIS B 13 9.33 1.14 8.87
C HIS B 13 9.53 0.92 7.37
N ALA B 14 10.71 0.49 6.98
CA ALA B 14 11.02 0.24 5.58
C ALA B 14 10.46 -1.10 5.14
N LYS B 15 10.58 -2.09 6.00
CA LYS B 15 10.06 -3.42 5.71
C LYS B 15 8.55 -3.46 5.88
N GLU B 16 8.03 -2.56 6.72
CA GLU B 16 6.60 -2.49 6.97
C GLU B 16 5.89 -1.73 5.85
N ILE B 17 6.54 -0.69 5.35
CA ILE B 17 5.96 0.12 4.28
C ILE B 17 6.08 -0.61 2.93
N GLU B 18 7.16 -1.36 2.76
CA GLU B 18 7.38 -2.10 1.53
C GLU B 18 6.56 -3.39 1.51
N ARG B 19 6.27 -3.92 2.70
CA ARG B 19 5.50 -5.13 2.83
C ARG B 19 4.01 -4.86 2.69
N LEU B 20 3.56 -3.71 3.18
CA LEU B 20 2.16 -3.36 3.10
C LEU B 20 1.83 -2.84 1.70
N GLN B 21 2.83 -2.28 1.03
CA GLN B 21 2.64 -1.77 -0.33
C GLN B 21 2.56 -2.94 -1.30
N LYS B 22 3.38 -3.95 -1.06
CA LYS B 22 3.40 -5.14 -1.90
C LYS B 22 2.04 -5.83 -1.85
N GLU B 23 1.52 -6.01 -0.65
CA GLU B 23 0.22 -6.65 -0.47
C GLU B 23 -0.87 -5.88 -1.21
N ILE B 24 -0.93 -4.57 -0.98
CA ILE B 24 -1.92 -3.73 -1.63
C ILE B 24 -1.68 -3.68 -3.14
N GLU B 25 -0.46 -4.04 -3.55
CA GLU B 25 -0.12 -4.04 -4.96
C GLU B 25 -0.83 -5.20 -5.66
N ARG B 26 -0.90 -6.34 -4.97
CA ARG B 26 -1.57 -7.51 -5.52
C ARG B 26 -3.06 -7.26 -5.66
N HIS B 27 -3.67 -6.74 -4.59
CA HIS B 27 -5.09 -6.43 -4.60
C HIS B 27 -5.37 -5.30 -5.58
N LYS B 28 -4.36 -4.48 -5.84
CA LYS B 28 -4.49 -3.36 -6.76
C LYS B 28 -4.45 -3.83 -8.21
N GLN B 29 -3.81 -4.97 -8.43
CA GLN B 29 -3.71 -5.52 -9.79
C GLN B 29 -5.01 -6.21 -10.19
N SER B 30 -5.63 -6.88 -9.22
CA SER B 30 -6.89 -7.56 -9.48
C SER B 30 -8.04 -6.56 -9.61
N ILE B 31 -8.06 -5.57 -8.74
CA ILE B 31 -9.10 -4.54 -8.76
C ILE B 31 -8.90 -3.59 -9.93
N LYS B 32 -7.64 -3.38 -10.31
CA LYS B 32 -7.32 -2.51 -11.43
C LYS B 32 -7.55 -3.23 -12.76
N LYS B 33 -7.50 -4.55 -12.72
CA LYS B 33 -7.70 -5.36 -13.91
C LYS B 33 -9.18 -5.40 -14.30
N LEU B 34 -10.05 -5.53 -13.30
CA LEU B 34 -11.48 -5.57 -13.56
C LEU B 34 -12.01 -4.18 -13.85
N LYS B 35 -11.39 -3.17 -13.24
CA LYS B 35 -11.80 -1.79 -13.44
C LYS B 35 -11.32 -1.27 -14.79
N GLN B 36 -10.20 -1.81 -15.26
CA GLN B 36 -9.64 -1.40 -16.54
C GLN B 36 -10.28 -2.18 -17.68
N SER B 37 -10.72 -3.40 -17.38
CA SER B 37 -11.36 -4.25 -18.37
C SER B 37 -12.84 -3.91 -18.50
N GLU B 38 -13.41 -3.35 -17.43
CA GLU B 38 -14.82 -2.98 -17.42
C GLU B 38 -15.03 -1.63 -18.10
N ASP B 39 -13.98 -0.81 -18.11
CA ASP B 39 -14.05 0.51 -18.73
C ASP B 39 -12.75 0.84 -19.46
N ASP B 40 -12.15 -0.18 -20.07
CA ASP B 40 -10.90 0.01 -20.81
C ASP B 40 -11.01 1.17 -21.79
N ASP B 41 -9.91 1.89 -21.97
CA ASP B 41 -9.88 3.02 -22.88
C ASP B 41 -9.83 2.55 -24.34
N ALA A 1 -28.30 -18.47 -11.47
CA ALA A 1 -26.90 -18.03 -11.28
C ALA A 1 -26.75 -16.56 -11.63
N LEU A 2 -26.79 -15.70 -10.60
CA LEU A 2 -26.66 -14.27 -10.81
C LEU A 2 -25.18 -13.86 -10.89
N LYS A 3 -24.91 -12.76 -11.59
CA LYS A 3 -23.55 -12.27 -11.73
C LYS A 3 -23.32 -11.04 -10.86
N LYS A 4 -24.09 -10.93 -9.79
CA LYS A 4 -23.96 -9.81 -8.87
C LYS A 4 -22.79 -10.02 -7.91
N HIS A 5 -22.58 -11.28 -7.52
CA HIS A 5 -21.49 -11.62 -6.60
C HIS A 5 -20.16 -11.17 -7.16
N HIS A 6 -20.08 -11.02 -8.48
CA HIS A 6 -18.84 -10.60 -9.13
C HIS A 6 -18.50 -9.16 -8.76
N GLU A 7 -19.44 -8.25 -8.99
CA GLU A 7 -19.23 -6.84 -8.68
C GLU A 7 -18.95 -6.64 -7.20
N ASN A 8 -19.43 -7.57 -6.38
CA ASN A 8 -19.22 -7.51 -4.94
C ASN A 8 -17.77 -7.81 -4.60
N GLU A 9 -17.23 -8.87 -5.18
CA GLU A 9 -15.86 -9.26 -4.93
C GLU A 9 -14.90 -8.16 -5.37
N ILE A 10 -15.18 -7.56 -6.51
CA ILE A 10 -14.34 -6.48 -7.02
C ILE A 10 -14.51 -5.23 -6.17
N SER A 11 -15.66 -5.11 -5.51
CA SER A 11 -15.92 -3.96 -4.66
C SER A 11 -14.95 -3.98 -3.48
N HIS A 12 -14.71 -5.16 -2.93
CA HIS A 12 -13.80 -5.32 -1.81
C HIS A 12 -12.35 -5.13 -2.28
N HIS A 13 -12.06 -5.54 -3.51
CA HIS A 13 -10.72 -5.40 -4.06
C HIS A 13 -10.38 -3.94 -4.27
N ALA A 14 -11.40 -3.13 -4.56
CA ALA A 14 -11.20 -1.71 -4.79
C ALA A 14 -10.81 -1.01 -3.50
N LYS A 15 -11.63 -1.22 -2.47
CA LYS A 15 -11.33 -0.61 -1.17
C LYS A 15 -10.04 -1.18 -0.62
N GLU A 16 -9.65 -2.36 -1.10
CA GLU A 16 -8.42 -3.01 -0.66
C GLU A 16 -7.19 -2.33 -1.25
N ILE A 17 -7.26 -1.98 -2.54
CA ILE A 17 -6.13 -1.33 -3.19
C ILE A 17 -5.94 0.08 -2.63
N GLU A 18 -7.03 0.79 -2.39
CA GLU A 18 -6.98 2.13 -1.85
C GLU A 18 -6.54 2.11 -0.39
N ARG A 19 -6.82 1.00 0.29
CA ARG A 19 -6.45 0.85 1.69
C ARG A 19 -4.95 0.58 1.84
N LEU A 20 -4.39 -0.15 0.89
CA LEU A 20 -2.96 -0.47 0.92
C LEU A 20 -2.14 0.78 0.63
N GLN A 21 -2.64 1.63 -0.26
CA GLN A 21 -1.95 2.86 -0.62
C GLN A 21 -1.93 3.83 0.56
N LYS A 22 -3.09 3.97 1.21
CA LYS A 22 -3.20 4.86 2.37
C LYS A 22 -2.28 4.39 3.49
N GLU A 23 -2.09 3.07 3.57
CA GLU A 23 -1.24 2.50 4.60
C GLU A 23 0.22 2.90 4.39
N ILE A 24 0.70 2.76 3.16
CA ILE A 24 2.08 3.13 2.85
C ILE A 24 2.28 4.64 3.03
N GLU A 25 1.18 5.39 2.95
CA GLU A 25 1.24 6.83 3.12
C GLU A 25 1.61 7.19 4.56
N ARG A 26 0.91 6.57 5.51
CA ARG A 26 1.17 6.83 6.92
C ARG A 26 2.55 6.32 7.30
N HIS A 27 2.95 5.20 6.72
CA HIS A 27 4.25 4.62 7.00
C HIS A 27 5.34 5.43 6.32
N LYS A 28 4.96 6.18 5.28
CA LYS A 28 5.92 7.02 4.55
C LYS A 28 6.25 8.27 5.35
N GLN A 29 5.27 8.75 6.11
CA GLN A 29 5.47 9.94 6.93
C GLN A 29 6.37 9.62 8.12
N SER A 30 6.14 8.46 8.73
CA SER A 30 6.92 8.05 9.88
C SER A 30 8.37 7.73 9.48
N ILE A 31 8.53 7.06 8.35
CA ILE A 31 9.86 6.69 7.86
C ILE A 31 10.60 7.91 7.32
N LYS A 32 9.85 8.89 6.84
CA LYS A 32 10.43 10.10 6.30
C LYS A 32 10.83 11.06 7.42
N LYS A 33 10.21 10.89 8.58
CA LYS A 33 10.50 11.75 9.73
C LYS A 33 11.76 11.29 10.46
N LEU A 34 11.93 9.98 10.60
CA LEU A 34 13.09 9.44 11.27
C LEU A 34 14.29 9.39 10.32
N LYS A 35 14.00 9.32 9.03
CA LYS A 35 15.05 9.29 8.01
C LYS A 35 15.52 10.70 7.68
N GLN A 36 14.64 11.67 7.87
CA GLN A 36 14.97 13.06 7.59
C GLN A 36 15.73 13.67 8.76
N SER A 37 15.39 13.24 9.97
CA SER A 37 16.03 13.74 11.17
C SER A 37 17.42 13.13 11.34
N GLU A 38 17.59 11.91 10.83
CA GLU A 38 18.86 11.22 10.93
C GLU A 38 19.87 11.81 9.94
N ASP A 39 19.36 12.34 8.83
CA ASP A 39 20.22 12.93 7.81
C ASP A 39 20.82 14.24 8.30
N ASP A 40 20.12 14.91 9.21
CA ASP A 40 20.57 16.18 9.75
C ASP A 40 20.53 17.28 8.69
N ASP A 41 20.89 18.49 9.09
CA ASP A 41 20.91 19.62 8.17
C ASP A 41 21.89 20.69 8.63
N ALA B 1 23.73 4.71 26.24
CA ALA B 1 22.54 4.88 25.38
C ALA B 1 22.94 5.09 23.91
N LEU B 2 22.91 4.01 23.14
CA LEU B 2 23.27 4.08 21.74
C LEU B 2 22.09 4.54 20.89
N LYS B 3 22.39 5.16 19.75
CA LYS B 3 21.35 5.64 18.85
C LYS B 3 21.22 4.74 17.63
N LYS B 4 21.62 3.48 17.78
CA LYS B 4 21.55 2.51 16.69
C LYS B 4 20.12 1.97 16.54
N HIS B 5 19.45 1.81 17.67
CA HIS B 5 18.08 1.30 17.66
C HIS B 5 17.17 2.17 16.81
N HIS B 6 17.56 3.42 16.62
CA HIS B 6 16.77 4.35 15.82
C HIS B 6 16.77 3.94 14.35
N GLU B 7 17.95 3.79 13.78
CA GLU B 7 18.08 3.39 12.38
C GLU B 7 17.42 2.04 12.14
N ASN B 8 17.32 1.22 13.19
CA ASN B 8 16.70 -0.09 13.08
C ASN B 8 15.19 0.04 12.91
N GLU B 9 14.58 0.87 13.75
CA GLU B 9 13.14 1.09 13.69
C GLU B 9 12.74 1.66 12.33
N ILE B 10 13.53 2.60 11.82
CA ILE B 10 13.25 3.19 10.54
C ILE B 10 13.51 2.19 9.42
N SER B 11 14.37 1.23 9.67
CA SER B 11 14.67 0.22 8.68
C SER B 11 13.43 -0.62 8.41
N HIS B 12 12.69 -0.93 9.46
CA HIS B 12 11.47 -1.70 9.35
C HIS B 12 10.36 -0.85 8.72
N HIS B 13 10.37 0.45 9.00
CA HIS B 13 9.37 1.35 8.43
C HIS B 13 9.56 1.49 6.93
N ALA B 14 10.81 1.37 6.48
CA ALA B 14 11.11 1.49 5.06
C ALA B 14 10.56 0.29 4.30
N LYS B 15 10.91 -0.91 4.76
CA LYS B 15 10.43 -2.12 4.12
C LYS B 15 8.92 -2.21 4.25
N GLU B 16 8.37 -1.51 5.25
CA GLU B 16 6.93 -1.50 5.49
C GLU B 16 6.21 -0.66 4.44
N ILE B 17 6.76 0.51 4.12
CA ILE B 17 6.14 1.38 3.13
C ILE B 17 6.20 0.74 1.74
N GLU B 18 7.33 0.12 1.43
CA GLU B 18 7.51 -0.53 0.13
C GLU B 18 6.65 -1.78 0.04
N ARG B 19 6.35 -2.39 1.19
CA ARG B 19 5.53 -3.59 1.24
C ARG B 19 4.06 -3.26 1.03
N LEU B 20 3.63 -2.11 1.52
CA LEU B 20 2.25 -1.69 1.38
C LEU B 20 1.96 -1.32 -0.07
N GLN B 21 2.94 -0.71 -0.73
CA GLN B 21 2.80 -0.31 -2.11
C GLN B 21 2.69 -1.54 -3.01
N LYS B 22 3.57 -2.50 -2.79
CA LYS B 22 3.56 -3.74 -3.58
C LYS B 22 2.25 -4.48 -3.40
N GLU B 23 1.66 -4.36 -2.20
CA GLU B 23 0.39 -5.01 -1.90
C GLU B 23 -0.72 -4.44 -2.75
N ILE B 24 -0.83 -3.11 -2.79
CA ILE B 24 -1.86 -2.46 -3.58
C ILE B 24 -1.65 -2.74 -5.07
N GLU B 25 -0.41 -3.07 -5.44
CA GLU B 25 -0.09 -3.38 -6.82
C GLU B 25 -0.77 -4.67 -7.26
N ARG B 26 -0.62 -5.71 -6.43
CA ARG B 26 -1.23 -7.00 -6.73
C ARG B 26 -2.75 -6.90 -6.67
N HIS B 27 -3.25 -6.09 -5.75
CA HIS B 27 -4.68 -5.90 -5.60
C HIS B 27 -5.22 -5.02 -6.73
N LYS B 28 -4.33 -4.26 -7.36
CA LYS B 28 -4.70 -3.39 -8.45
C LYS B 28 -4.88 -4.18 -9.73
N GLN B 29 -4.10 -5.25 -9.88
CA GLN B 29 -4.18 -6.09 -11.05
C GLN B 29 -5.45 -6.93 -11.01
N SER B 30 -5.77 -7.46 -9.83
CA SER B 30 -6.96 -8.27 -9.67
C SER B 30 -8.24 -7.43 -9.84
N ILE B 31 -8.23 -6.24 -9.24
CA ILE B 31 -9.38 -5.34 -9.31
C ILE B 31 -9.53 -4.75 -10.71
N LYS B 32 -8.42 -4.63 -11.42
CA LYS B 32 -8.43 -4.08 -12.76
C LYS B 32 -8.87 -5.13 -13.78
N LYS B 33 -8.72 -6.40 -13.41
CA LYS B 33 -9.09 -7.50 -14.29
C LYS B 33 -10.59 -7.77 -14.24
N LEU B 34 -11.17 -7.69 -13.04
CA LEU B 34 -12.60 -7.94 -12.88
C LEU B 34 -13.39 -6.67 -13.23
N LYS B 35 -12.74 -5.52 -13.10
CA LYS B 35 -13.38 -4.26 -13.40
C LYS B 35 -13.29 -3.96 -14.90
N GLN B 36 -12.26 -4.50 -15.55
CA GLN B 36 -12.06 -4.29 -16.97
C GLN B 36 -12.94 -5.26 -17.77
N SER B 37 -13.13 -6.46 -17.24
CA SER B 37 -13.95 -7.47 -17.90
C SER B 37 -15.43 -7.16 -17.75
N GLU B 38 -15.78 -6.49 -16.65
CA GLU B 38 -17.17 -6.11 -16.39
C GLU B 38 -17.60 -4.95 -17.28
N ASP B 39 -16.64 -4.11 -17.65
CA ASP B 39 -16.92 -2.96 -18.50
C ASP B 39 -17.22 -3.40 -19.93
N ASP B 40 -16.66 -4.54 -20.32
CA ASP B 40 -16.89 -5.08 -21.66
C ASP B 40 -16.20 -4.20 -22.71
N ASP B 41 -16.29 -4.60 -23.97
CA ASP B 41 -15.69 -3.86 -25.07
C ASP B 41 -16.41 -4.13 -26.38
N ALA A 1 -24.60 -4.80 -21.42
CA ALA A 1 -23.71 -4.82 -20.24
C ALA A 1 -24.44 -5.37 -19.01
N LEU A 2 -24.20 -6.65 -18.73
CA LEU A 2 -24.83 -7.30 -17.58
C LEU A 2 -23.80 -8.11 -16.79
N LYS A 3 -23.16 -7.45 -15.83
CA LYS A 3 -22.16 -8.11 -15.00
C LYS A 3 -22.72 -8.44 -13.62
N LYS A 4 -22.77 -7.42 -12.75
CA LYS A 4 -23.29 -7.57 -11.40
C LYS A 4 -22.27 -8.27 -10.50
N HIS A 5 -22.17 -9.59 -10.61
CA HIS A 5 -21.22 -10.36 -9.81
C HIS A 5 -19.85 -9.71 -9.82
N HIS A 6 -19.54 -9.03 -10.91
CA HIS A 6 -18.26 -8.34 -11.06
C HIS A 6 -18.16 -7.17 -10.09
N GLU A 7 -19.20 -6.33 -10.07
CA GLU A 7 -19.23 -5.18 -9.19
C GLU A 7 -19.12 -5.63 -7.74
N ASN A 8 -19.47 -6.88 -7.47
CA ASN A 8 -19.40 -7.42 -6.12
C ASN A 8 -17.95 -7.64 -5.71
N GLU A 9 -17.24 -8.47 -6.46
CA GLU A 9 -15.84 -8.75 -6.19
C GLU A 9 -14.98 -7.53 -6.52
N ILE A 10 -15.59 -6.53 -7.17
CA ILE A 10 -14.90 -5.31 -7.54
C ILE A 10 -15.01 -4.27 -6.44
N SER A 11 -16.11 -4.33 -5.68
CA SER A 11 -16.32 -3.42 -4.59
C SER A 11 -15.52 -3.87 -3.37
N HIS A 12 -15.34 -5.17 -3.26
CA HIS A 12 -14.58 -5.75 -2.16
C HIS A 12 -13.08 -5.56 -2.41
N HIS A 13 -12.62 -5.92 -3.62
CA HIS A 13 -11.22 -5.74 -3.94
C HIS A 13 -10.86 -4.27 -3.98
N ALA A 14 -11.85 -3.43 -4.25
CA ALA A 14 -11.64 -1.98 -4.31
C ALA A 14 -11.29 -1.44 -2.93
N LYS A 15 -12.11 -1.79 -1.93
CA LYS A 15 -11.87 -1.33 -0.58
C LYS A 15 -10.57 -1.92 -0.04
N GLU A 16 -10.20 -3.09 -0.56
CA GLU A 16 -8.98 -3.76 -0.14
C GLU A 16 -7.74 -3.01 -0.63
N ILE A 17 -7.77 -2.54 -1.88
CA ILE A 17 -6.64 -1.82 -2.44
C ILE A 17 -6.44 -0.48 -1.72
N GLU A 18 -7.54 0.16 -1.35
CA GLU A 18 -7.48 1.44 -0.66
C GLU A 18 -6.94 1.26 0.75
N ARG A 19 -7.19 0.07 1.33
CA ARG A 19 -6.74 -0.23 2.68
C ARG A 19 -5.22 -0.42 2.74
N LEU A 20 -4.67 -1.12 1.76
CA LEU A 20 -3.24 -1.37 1.72
C LEU A 20 -2.49 -0.10 1.33
N GLN A 21 -3.15 0.76 0.55
CA GLN A 21 -2.55 2.02 0.12
C GLN A 21 -2.53 3.02 1.26
N LYS A 22 -3.48 2.88 2.18
CA LYS A 22 -3.57 3.77 3.33
C LYS A 22 -2.52 3.37 4.36
N GLU A 23 -2.23 2.07 4.43
CA GLU A 23 -1.24 1.57 5.37
C GLU A 23 0.17 1.97 4.95
N ILE A 24 0.47 1.79 3.66
CA ILE A 24 1.78 2.14 3.12
C ILE A 24 2.01 3.65 3.26
N GLU A 25 0.94 4.42 3.06
CA GLU A 25 1.02 5.88 3.17
C GLU A 25 1.43 6.32 4.58
N ARG A 26 0.77 5.75 5.59
CA ARG A 26 1.05 6.09 6.98
C ARG A 26 2.47 5.67 7.38
N HIS A 27 2.92 4.53 6.86
CA HIS A 27 4.25 4.04 7.16
C HIS A 27 5.30 4.84 6.42
N LYS A 28 4.90 5.49 5.33
CA LYS A 28 5.81 6.31 4.55
C LYS A 28 6.08 7.63 5.24
N GLN A 29 5.07 8.13 5.96
CA GLN A 29 5.20 9.39 6.68
C GLN A 29 6.09 9.21 7.91
N SER A 30 5.93 8.09 8.60
CA SER A 30 6.72 7.80 9.79
C SER A 30 8.17 7.50 9.43
N ILE A 31 8.37 6.75 8.36
CA ILE A 31 9.72 6.40 7.91
C ILE A 31 10.41 7.59 7.25
N LYS A 32 9.60 8.51 6.72
CA LYS A 32 10.13 9.70 6.06
C LYS A 32 10.55 10.74 7.09
N LYS A 33 9.84 10.76 8.22
CA LYS A 33 10.14 11.72 9.29
C LYS A 33 11.40 11.29 10.04
N LEU A 34 11.57 9.98 10.20
CA LEU A 34 12.73 9.45 10.90
C LEU A 34 13.98 9.57 10.04
N LYS A 35 13.83 9.35 8.74
CA LYS A 35 14.94 9.43 7.81
C LYS A 35 15.33 10.89 7.57
N GLN A 36 14.36 11.78 7.65
CA GLN A 36 14.60 13.21 7.44
C GLN A 36 15.29 13.82 8.65
N SER A 37 15.01 13.27 9.83
CA SER A 37 15.62 13.76 11.06
C SER A 37 17.10 13.41 11.11
N GLU A 38 17.48 12.33 10.43
CA GLU A 38 18.86 11.89 10.39
C GLU A 38 19.73 12.87 9.63
N ASP A 39 19.13 13.55 8.65
CA ASP A 39 19.84 14.53 7.85
C ASP A 39 19.92 15.88 8.56
N ASP A 40 18.96 16.12 9.45
CA ASP A 40 18.92 17.38 10.20
C ASP A 40 18.55 18.55 9.28
N ASP A 41 17.65 19.39 9.76
CA ASP A 41 17.23 20.56 8.99
C ASP A 41 17.01 21.77 9.89
N ALA B 1 27.54 13.67 11.91
CA ALA B 1 26.36 12.81 11.68
C ALA B 1 26.47 11.50 12.45
N LEU B 2 25.78 11.45 13.59
CA LEU B 2 25.80 10.25 14.42
C LEU B 2 24.40 9.89 14.89
N LYS B 3 23.70 9.09 14.07
CA LYS B 3 22.34 8.67 14.40
C LYS B 3 22.33 7.22 14.91
N LYS B 4 22.39 6.28 13.97
CA LYS B 4 22.39 4.86 14.30
C LYS B 4 20.98 4.38 14.66
N HIS B 5 20.54 4.67 15.88
CA HIS B 5 19.21 4.28 16.34
C HIS B 5 18.16 4.61 15.29
N HIS B 6 18.43 5.67 14.52
CA HIS B 6 17.51 6.09 13.47
C HIS B 6 17.48 5.08 12.34
N GLU B 7 18.65 4.67 11.87
CA GLU B 7 18.74 3.68 10.80
C GLU B 7 18.05 2.38 11.20
N ASN B 8 17.93 2.16 12.52
CA ASN B 8 17.27 0.97 13.04
C ASN B 8 15.78 1.02 12.80
N GLU B 9 15.13 2.04 13.35
CA GLU B 9 13.69 2.22 13.18
C GLU B 9 13.38 2.66 11.74
N ILE B 10 14.42 2.97 10.97
CA ILE B 10 14.28 3.40 9.59
C ILE B 10 14.34 2.19 8.66
N SER B 11 15.07 1.16 9.08
CA SER B 11 15.19 -0.05 8.30
C SER B 11 13.96 -0.92 8.49
N HIS B 12 13.38 -0.82 9.68
CA HIS B 12 12.18 -1.57 10.01
C HIS B 12 10.96 -0.93 9.35
N HIS B 13 10.82 0.39 9.53
CA HIS B 13 9.70 1.10 8.93
C HIS B 13 9.83 1.06 7.42
N ALA B 14 11.05 0.94 6.93
CA ALA B 14 11.30 0.88 5.49
C ALA B 14 10.71 -0.38 4.88
N LYS B 15 11.02 -1.52 5.48
CA LYS B 15 10.51 -2.79 4.99
C LYS B 15 8.99 -2.85 5.14
N GLU B 16 8.48 -2.13 6.13
CA GLU B 16 7.05 -2.07 6.40
C GLU B 16 6.31 -1.32 5.31
N ILE B 17 6.88 -0.21 4.85
CA ILE B 17 6.25 0.59 3.82
C ILE B 17 6.21 -0.15 2.48
N GLU B 18 7.27 -0.92 2.21
CA GLU B 18 7.36 -1.69 0.98
C GLU B 18 6.38 -2.85 1.01
N ARG B 19 6.08 -3.35 2.20
CA ARG B 19 5.15 -4.46 2.37
C ARG B 19 3.71 -4.04 2.06
N LEU B 20 3.33 -2.86 2.55
CA LEU B 20 1.97 -2.37 2.33
C LEU B 20 1.77 -1.95 0.88
N GLN B 21 2.85 -1.49 0.25
CA GLN B 21 2.79 -1.06 -1.15
C GLN B 21 2.69 -2.27 -2.07
N LYS B 22 3.31 -3.38 -1.67
CA LYS B 22 3.29 -4.60 -2.45
C LYS B 22 1.91 -5.27 -2.36
N GLU B 23 1.25 -5.09 -1.22
CA GLU B 23 -0.06 -5.67 -1.00
C GLU B 23 -1.12 -4.94 -1.83
N ILE B 24 -1.08 -3.62 -1.80
CA ILE B 24 -2.05 -2.84 -2.57
C ILE B 24 -1.82 -3.01 -4.06
N GLU B 25 -0.57 -3.24 -4.44
CA GLU B 25 -0.22 -3.43 -5.83
C GLU B 25 -0.87 -4.70 -6.38
N ARG B 26 -0.80 -5.77 -5.59
CA ARG B 26 -1.39 -7.05 -5.98
C ARG B 26 -2.91 -6.95 -6.01
N HIS B 27 -3.48 -6.19 -5.08
CA HIS B 27 -4.92 -6.01 -5.02
C HIS B 27 -5.40 -5.09 -6.13
N LYS B 28 -4.49 -4.28 -6.67
CA LYS B 28 -4.82 -3.35 -7.73
C LYS B 28 -4.89 -4.08 -9.07
N GLN B 29 -4.05 -5.10 -9.22
CA GLN B 29 -4.03 -5.90 -10.45
C GLN B 29 -5.28 -6.76 -10.54
N SER B 30 -5.67 -7.34 -9.40
CA SER B 30 -6.84 -8.20 -9.36
C SER B 30 -8.13 -7.38 -9.55
N ILE B 31 -8.20 -6.24 -8.89
CA ILE B 31 -9.37 -5.37 -8.98
C ILE B 31 -9.42 -4.67 -10.34
N LYS B 32 -8.27 -4.54 -10.98
CA LYS B 32 -8.19 -3.89 -12.29
C LYS B 32 -8.59 -4.86 -13.39
N LYS B 33 -8.30 -6.14 -13.18
CA LYS B 33 -8.64 -7.17 -14.16
C LYS B 33 -10.13 -7.47 -14.13
N LEU B 34 -10.73 -7.42 -12.94
CA LEU B 34 -12.15 -7.68 -12.78
C LEU B 34 -12.98 -6.51 -13.31
N LYS B 35 -12.49 -5.29 -13.07
CA LYS B 35 -13.18 -4.09 -13.51
C LYS B 35 -13.04 -3.91 -15.03
N GLN B 36 -11.91 -4.38 -15.56
CA GLN B 36 -11.64 -4.28 -17.00
C GLN B 36 -12.48 -5.29 -17.78
N SER B 37 -12.74 -6.43 -17.14
CA SER B 37 -13.54 -7.48 -17.78
C SER B 37 -15.00 -7.05 -17.91
N GLU B 38 -15.43 -6.17 -17.02
CA GLU B 38 -16.81 -5.68 -17.04
C GLU B 38 -17.05 -4.81 -18.26
N ASP B 39 -16.01 -4.14 -18.74
CA ASP B 39 -16.12 -3.27 -19.90
C ASP B 39 -16.02 -4.08 -21.19
N ASP B 40 -15.35 -5.23 -21.11
CA ASP B 40 -15.18 -6.09 -22.27
C ASP B 40 -14.23 -5.48 -23.28
N ASP B 41 -13.31 -6.29 -23.80
CA ASP B 41 -12.35 -5.81 -24.79
C ASP B 41 -12.08 -6.87 -25.85
N ALA A 1 -22.97 1.19 -17.20
CA ALA A 1 -22.19 1.10 -18.47
C ALA A 1 -21.83 -0.35 -18.78
N LEU A 2 -21.79 -1.18 -17.75
CA LEU A 2 -21.46 -2.60 -17.92
C LEU A 2 -22.18 -3.45 -16.89
N LYS A 3 -21.76 -4.71 -16.77
CA LYS A 3 -22.37 -5.62 -15.81
C LYS A 3 -22.45 -4.99 -14.42
N LYS A 4 -23.54 -5.26 -13.72
CA LYS A 4 -23.74 -4.73 -12.38
C LYS A 4 -23.22 -5.68 -11.32
N HIS A 5 -23.18 -6.97 -11.66
CA HIS A 5 -22.69 -8.00 -10.74
C HIS A 5 -21.17 -7.99 -10.69
N HIS A 6 -20.55 -7.81 -11.85
CA HIS A 6 -19.09 -7.77 -11.95
C HIS A 6 -18.53 -6.50 -11.34
N GLU A 7 -19.25 -5.40 -11.52
CA GLU A 7 -18.82 -4.12 -10.98
C GLU A 7 -18.92 -4.12 -9.45
N ASN A 8 -19.94 -4.79 -8.94
CA ASN A 8 -20.16 -4.88 -7.50
C ASN A 8 -19.00 -5.63 -6.84
N GLU A 9 -18.62 -6.75 -7.45
CA GLU A 9 -17.52 -7.55 -6.93
C GLU A 9 -16.23 -6.72 -6.89
N ILE A 10 -15.90 -6.09 -8.01
CA ILE A 10 -14.71 -5.26 -8.06
C ILE A 10 -14.89 -3.99 -7.22
N SER A 11 -16.12 -3.73 -6.79
CA SER A 11 -16.39 -2.57 -5.96
C SER A 11 -15.83 -2.84 -4.57
N HIS A 12 -16.00 -4.08 -4.11
CA HIS A 12 -15.49 -4.49 -2.81
C HIS A 12 -13.97 -4.62 -2.87
N HIS A 13 -13.45 -5.19 -3.95
CA HIS A 13 -12.02 -5.34 -4.11
C HIS A 13 -11.33 -3.99 -4.14
N ALA A 14 -12.03 -2.99 -4.67
CA ALA A 14 -11.47 -1.65 -4.76
C ALA A 14 -11.28 -1.08 -3.36
N LYS A 15 -12.34 -1.08 -2.56
CA LYS A 15 -12.27 -0.58 -1.21
C LYS A 15 -11.23 -1.37 -0.40
N GLU A 16 -10.92 -2.58 -0.88
CA GLU A 16 -9.95 -3.44 -0.22
C GLU A 16 -8.52 -2.98 -0.49
N ILE A 17 -8.24 -2.63 -1.75
CA ILE A 17 -6.90 -2.18 -2.12
C ILE A 17 -6.61 -0.79 -1.55
N GLU A 18 -7.66 -0.01 -1.34
CA GLU A 18 -7.52 1.33 -0.78
C GLU A 18 -7.25 1.26 0.72
N ARG A 19 -7.92 0.32 1.38
CA ARG A 19 -7.75 0.14 2.82
C ARG A 19 -6.33 -0.34 3.12
N LEU A 20 -5.86 -1.31 2.35
CA LEU A 20 -4.52 -1.84 2.54
C LEU A 20 -3.49 -0.74 2.31
N GLN A 21 -3.71 0.05 1.26
CA GLN A 21 -2.82 1.15 0.93
C GLN A 21 -2.75 2.15 2.07
N LYS A 22 -3.88 2.29 2.79
CA LYS A 22 -3.95 3.22 3.91
C LYS A 22 -2.99 2.79 5.01
N GLU A 23 -2.98 1.51 5.32
CA GLU A 23 -2.09 0.98 6.35
C GLU A 23 -0.63 1.23 6.00
N ILE A 24 -0.26 0.91 4.77
CA ILE A 24 1.11 1.12 4.32
C ILE A 24 1.49 2.59 4.48
N GLU A 25 0.51 3.47 4.23
CA GLU A 25 0.72 4.91 4.34
C GLU A 25 1.10 5.28 5.77
N ARG A 26 0.43 4.63 6.73
CA ARG A 26 0.71 4.89 8.13
C ARG A 26 2.18 4.64 8.43
N HIS A 27 2.69 3.52 7.94
CA HIS A 27 4.09 3.18 8.12
C HIS A 27 4.95 4.17 7.36
N LYS A 28 4.38 4.75 6.29
CA LYS A 28 5.09 5.72 5.48
C LYS A 28 5.25 7.04 6.21
N GLN A 29 4.34 7.31 7.13
CA GLN A 29 4.39 8.54 7.91
C GLN A 29 5.48 8.47 8.96
N SER A 30 5.56 7.33 9.65
CA SER A 30 6.57 7.12 10.69
C SER A 30 7.97 7.09 10.08
N ILE A 31 8.12 6.43 8.94
CA ILE A 31 9.41 6.33 8.27
C ILE A 31 9.80 7.66 7.64
N LYS A 32 8.81 8.42 7.20
CA LYS A 32 9.05 9.71 6.59
C LYS A 32 9.39 10.76 7.63
N LYS A 33 9.00 10.51 8.88
CA LYS A 33 9.26 11.45 9.97
C LYS A 33 10.67 11.28 10.53
N LEU A 34 11.13 10.04 10.62
CA LEU A 34 12.46 9.77 11.14
C LEU A 34 13.51 9.91 10.04
N LYS A 35 13.07 9.77 8.80
CA LYS A 35 13.96 9.90 7.65
C LYS A 35 14.04 11.35 7.19
N GLN A 36 12.98 12.10 7.45
CA GLN A 36 12.93 13.51 7.08
C GLN A 36 13.62 14.36 8.13
N SER A 37 13.54 13.93 9.38
CA SER A 37 14.16 14.65 10.49
C SER A 37 15.67 14.43 10.48
N GLU A 38 16.11 13.31 9.93
CA GLU A 38 17.53 12.98 9.86
C GLU A 38 18.23 13.84 8.82
N ASP A 39 17.50 14.22 7.79
CA ASP A 39 18.06 15.04 6.72
C ASP A 39 17.00 16.03 6.18
N ASP A 40 16.29 16.66 7.10
CA ASP A 40 15.26 17.63 6.72
C ASP A 40 15.81 18.66 5.74
N ASP A 41 14.97 19.07 4.78
CA ASP A 41 15.37 20.04 3.78
C ASP A 41 14.89 21.44 4.16
N ALA B 1 26.50 9.45 5.79
CA ALA B 1 26.17 10.89 5.61
C ALA B 1 25.52 11.46 6.87
N LEU B 2 24.91 10.59 7.66
CA LEU B 2 24.25 11.01 8.90
C LEU B 2 24.33 9.91 9.95
N LYS B 3 23.55 10.06 11.01
CA LYS B 3 23.52 9.08 12.09
C LYS B 3 23.34 7.66 11.55
N LYS B 4 24.03 6.71 12.16
CA LYS B 4 23.95 5.32 11.73
C LYS B 4 22.86 4.57 12.50
N HIS B 5 22.55 5.06 13.69
CA HIS B 5 21.52 4.44 14.53
C HIS B 5 20.13 4.85 14.05
N HIS B 6 19.99 6.11 13.66
CA HIS B 6 18.71 6.63 13.17
C HIS B 6 18.39 6.07 11.79
N GLU B 7 19.41 5.89 10.97
CA GLU B 7 19.24 5.36 9.63
C GLU B 7 18.85 3.89 9.69
N ASN B 8 19.42 3.18 10.65
CA ASN B 8 19.12 1.76 10.84
C ASN B 8 17.65 1.57 11.19
N GLU B 9 17.17 2.39 12.12
CA GLU B 9 15.79 2.30 12.55
C GLU B 9 14.85 2.54 11.36
N ILE B 10 15.09 3.62 10.64
CA ILE B 10 14.27 3.93 9.48
C ILE B 10 14.54 2.94 8.35
N SER B 11 15.60 2.14 8.49
CA SER B 11 15.92 1.14 7.49
C SER B 11 14.90 0.02 7.59
N HIS B 12 14.54 -0.32 8.83
CA HIS B 12 13.56 -1.37 9.08
C HIS B 12 12.17 -0.86 8.72
N HIS B 13 11.87 0.39 9.08
CA HIS B 13 10.57 0.99 8.78
C HIS B 13 10.36 1.06 7.27
N ALA B 14 11.45 1.24 6.54
CA ALA B 14 11.38 1.33 5.08
C ALA B 14 10.92 0.01 4.51
N LYS B 15 11.63 -1.07 4.86
CA LYS B 15 11.29 -2.40 4.38
C LYS B 15 9.87 -2.75 4.82
N GLU B 16 9.38 -2.08 5.86
CA GLU B 16 8.05 -2.33 6.38
C GLU B 16 6.98 -1.68 5.49
N ILE B 17 7.22 -0.45 5.05
CA ILE B 17 6.27 0.25 4.20
C ILE B 17 6.22 -0.38 2.81
N GLU B 18 7.33 -0.98 2.39
CA GLU B 18 7.42 -1.61 1.09
C GLU B 18 6.68 -2.94 1.09
N ARG B 19 6.79 -3.67 2.19
CA ARG B 19 6.12 -4.96 2.34
C ARG B 19 4.61 -4.77 2.36
N LEU B 20 4.16 -3.78 3.12
CA LEU B 20 2.73 -3.49 3.22
C LEU B 20 2.18 -3.06 1.86
N GLN B 21 3.00 -2.31 1.13
CA GLN B 21 2.61 -1.85 -0.20
C GLN B 21 2.49 -3.02 -1.16
N LYS B 22 3.28 -4.05 -0.92
CA LYS B 22 3.27 -5.25 -1.75
C LYS B 22 1.93 -5.96 -1.64
N GLU B 23 1.46 -6.12 -0.41
CA GLU B 23 0.18 -6.78 -0.16
C GLU B 23 -0.95 -6.04 -0.86
N ILE B 24 -0.97 -4.72 -0.70
CA ILE B 24 -2.01 -3.91 -1.32
C ILE B 24 -1.98 -4.12 -2.84
N GLU B 25 -0.77 -4.25 -3.37
CA GLU B 25 -0.57 -4.45 -4.81
C GLU B 25 -1.25 -5.75 -5.24
N ARG B 26 -1.14 -6.78 -4.42
CA ARG B 26 -1.76 -8.07 -4.72
C ARG B 26 -3.25 -7.88 -4.95
N HIS B 27 -3.89 -7.14 -4.04
CA HIS B 27 -5.31 -6.88 -4.16
C HIS B 27 -5.56 -6.00 -5.38
N LYS B 28 -4.54 -5.23 -5.76
CA LYS B 28 -4.64 -4.35 -6.92
C LYS B 28 -4.64 -5.14 -8.22
N GLN B 29 -4.02 -6.32 -8.18
CA GLN B 29 -3.94 -7.18 -9.35
C GLN B 29 -5.29 -7.86 -9.60
N SER B 30 -5.90 -8.35 -8.53
CA SER B 30 -7.19 -9.02 -8.65
C SER B 30 -8.28 -8.03 -9.07
N ILE B 31 -8.26 -6.84 -8.50
CA ILE B 31 -9.24 -5.81 -8.82
C ILE B 31 -9.01 -5.25 -10.23
N LYS B 32 -7.75 -5.21 -10.63
CA LYS B 32 -7.39 -4.70 -11.95
C LYS B 32 -7.71 -5.72 -13.04
N LYS B 33 -7.84 -6.99 -12.64
CA LYS B 33 -8.13 -8.05 -13.60
C LYS B 33 -9.63 -8.16 -13.88
N LEU B 34 -10.44 -7.97 -12.85
CA LEU B 34 -11.89 -8.04 -13.00
C LEU B 34 -12.44 -6.70 -13.47
N LYS B 35 -11.70 -5.62 -13.24
CA LYS B 35 -12.10 -4.30 -13.65
C LYS B 35 -11.61 -4.01 -15.07
N GLN B 36 -10.51 -4.65 -15.44
CA GLN B 36 -9.94 -4.46 -16.77
C GLN B 36 -10.64 -5.36 -17.77
N SER B 37 -11.09 -6.53 -17.31
CA SER B 37 -11.79 -7.46 -18.18
C SER B 37 -13.21 -7.00 -18.44
N GLU B 38 -13.76 -6.21 -17.52
CA GLU B 38 -15.12 -5.70 -17.66
C GLU B 38 -15.18 -4.59 -18.71
N ASP B 39 -14.07 -3.88 -18.87
CA ASP B 39 -13.99 -2.79 -19.84
C ASP B 39 -12.60 -2.70 -20.45
N ASP B 40 -12.05 -3.86 -20.82
CA ASP B 40 -10.72 -3.92 -21.41
C ASP B 40 -10.61 -2.93 -22.57
N ASP B 41 -9.43 -2.33 -22.73
CA ASP B 41 -9.20 -1.37 -23.80
C ASP B 41 -8.46 -2.03 -24.95
#